data_7VZA
#
_entry.id   7VZA
#
_cell.length_a   81.820
_cell.length_b   104.770
_cell.length_c   106.314
_cell.angle_alpha   74.536
_cell.angle_beta   73.051
_cell.angle_gamma   68.390
#
_symmetry.space_group_name_H-M   'P 1'
#
loop_
_entity.id
_entity.type
_entity.pdbx_description
1 polymer 'Putative UDP-N-acetylglucosamine 2-epimerase'
2 non-polymer "URIDINE-5'-DIPHOSPHATE"
3 non-polymer 'SODIUM ION'
4 water water
#
_entity_poly.entity_id   1
_entity_poly.type   'polypeptide(L)'
_entity_poly.pdbx_seq_one_letter_code
;HMALRVGIVYGTRPEAIKLAPLVLALDADPGFEPVIITTGQHRDMLDEINELFGLRPRHNLDIMRPGQRLSAMASRIVGE
LGDPLLDELVDVAVVQGDTSTAFAAAYAAACERIPVAHLEAGLRTGDRFEPFPEEINRRLITQLADLHFAPTADAAGNLL
AEGVRSDDVYVTGNTVIDAMHLVLDRPGDSANRELDAFTEGRQTVLLTMHRRESWGIPMGRVAAAVAELCRSRPTLRFVI
PLHPNPEVRRVFRSHLSSLTQVLLCEPLRYSEFIRLMHRAVLVLTDSGGVQEEAPTLGKPVLVLRDRTERPEGIAAGCAR
LVGTDPALIVKEVGRLLDDPEAYEAMRRPGIVCYGEGDAAARCLEALRERWLSSP
;
_entity_poly.pdbx_strand_id   A,B,C,D,E,F,G,H
#
loop_
_chem_comp.id
_chem_comp.type
_chem_comp.name
_chem_comp.formula
NA non-polymer 'SODIUM ION' 'Na 1'
UDP RNA linking URIDINE-5'-DIPHOSPHATE 'C9 H14 N2 O12 P2'
#
# COMPACT_ATOMS: atom_id res chain seq x y z
N HIS A 1 -2.85 -5.86 -25.21
CA HIS A 1 -1.63 -6.65 -24.82
C HIS A 1 -1.88 -7.44 -23.53
N MET A 2 -1.30 -8.64 -23.44
CA MET A 2 -1.52 -9.59 -22.32
C MET A 2 -0.91 -9.02 -21.03
N ALA A 3 -1.73 -8.85 -20.00
CA ALA A 3 -1.36 -8.49 -18.61
C ALA A 3 -1.42 -9.76 -17.76
N LEU A 4 -0.50 -9.94 -16.82
CA LEU A 4 -0.62 -10.97 -15.75
C LEU A 4 -1.81 -10.59 -14.86
N ARG A 5 -2.89 -11.38 -14.92
CA ARG A 5 -4.12 -11.14 -14.14
C ARG A 5 -3.90 -11.73 -12.75
N VAL A 6 -3.75 -10.83 -11.77
CA VAL A 6 -3.38 -11.17 -10.35
C VAL A 6 -4.66 -11.09 -9.52
N GLY A 7 -5.18 -12.24 -9.11
CA GLY A 7 -6.32 -12.35 -8.17
C GLY A 7 -5.90 -11.83 -6.80
N ILE A 8 -6.75 -11.02 -6.19
CA ILE A 8 -6.54 -10.42 -4.83
C ILE A 8 -7.77 -10.81 -4.00
N VAL A 9 -7.61 -11.70 -3.03
CA VAL A 9 -8.75 -12.27 -2.26
C VAL A 9 -8.58 -11.88 -0.79
N TYR A 10 -9.59 -11.22 -0.25
CA TYR A 10 -9.64 -10.81 1.18
C TYR A 10 -11.09 -10.75 1.66
N GLY A 11 -11.28 -10.69 2.98
CA GLY A 11 -12.62 -10.61 3.61
C GLY A 11 -12.73 -9.53 4.68
N THR A 12 -11.63 -8.88 5.07
CA THR A 12 -11.52 -8.10 6.33
C THR A 12 -10.69 -6.83 6.11
N ARG A 13 -10.92 -5.82 6.94
CA ARG A 13 -10.21 -4.52 6.97
C ARG A 13 -8.70 -4.76 6.96
N PRO A 14 -8.14 -5.53 7.94
CA PRO A 14 -6.69 -5.74 8.01
C PRO A 14 -6.08 -6.26 6.70
N GLU A 15 -6.71 -7.25 6.07
CA GLU A 15 -6.27 -7.81 4.77
C GLU A 15 -6.31 -6.69 3.72
N ALA A 16 -7.39 -5.93 3.66
CA ALA A 16 -7.63 -4.89 2.63
C ALA A 16 -6.54 -3.82 2.71
N ILE A 17 -6.26 -3.31 3.90
CA ILE A 17 -5.21 -2.27 4.16
C ILE A 17 -3.87 -2.79 3.65
N LYS A 18 -3.50 -4.02 3.99
CA LYS A 18 -2.19 -4.61 3.63
C LYS A 18 -2.13 -4.92 2.12
N LEU A 19 -3.26 -5.21 1.50
CA LEU A 19 -3.31 -5.57 0.06
C LEU A 19 -3.42 -4.32 -0.81
N ALA A 20 -3.92 -3.20 -0.27
CA ALA A 20 -4.21 -1.96 -1.02
C ALA A 20 -2.96 -1.48 -1.76
N PRO A 21 -1.79 -1.32 -1.09
CA PRO A 21 -0.58 -0.87 -1.77
C PRO A 21 -0.25 -1.73 -3.01
N LEU A 22 -0.42 -3.05 -2.89
CA LEU A 22 -0.13 -4.04 -3.95
C LEU A 22 -1.13 -3.87 -5.10
N VAL A 23 -2.42 -3.72 -4.79
CA VAL A 23 -3.47 -3.45 -5.80
C VAL A 23 -3.08 -2.18 -6.57
N LEU A 24 -2.75 -1.09 -5.85
CA LEU A 24 -2.40 0.21 -6.47
C LEU A 24 -1.20 0.03 -7.42
N ALA A 25 -0.15 -0.64 -6.96
CA ALA A 25 1.06 -0.91 -7.76
C ALA A 25 0.71 -1.72 -9.02
N LEU A 26 -0.10 -2.77 -8.85
CA LEU A 26 -0.57 -3.64 -9.96
C LEU A 26 -1.38 -2.80 -10.98
N ASP A 27 -2.18 -1.86 -10.49
CA ASP A 27 -3.04 -0.97 -11.32
C ASP A 27 -2.16 0.00 -12.11
N ALA A 28 -1.14 0.58 -11.48
CA ALA A 28 -0.19 1.56 -12.06
C ALA A 28 0.65 0.90 -13.16
N ASP A 29 1.20 -0.29 -12.92
CA ASP A 29 2.11 -0.98 -13.86
C ASP A 29 1.28 -1.63 -14.98
N PRO A 30 1.62 -1.38 -16.27
CA PRO A 30 0.82 -1.91 -17.38
C PRO A 30 0.94 -3.43 -17.61
N GLY A 31 1.97 -4.09 -17.06
CA GLY A 31 2.21 -5.54 -17.21
C GLY A 31 1.26 -6.43 -16.40
N PHE A 32 0.48 -5.84 -15.47
CA PHE A 32 -0.38 -6.56 -14.48
C PHE A 32 -1.77 -5.95 -14.45
N GLU A 33 -2.78 -6.79 -14.12
CA GLU A 33 -4.16 -6.35 -13.83
C GLU A 33 -4.61 -6.98 -12.51
N PRO A 34 -4.92 -6.17 -11.48
CA PRO A 34 -5.46 -6.71 -10.24
C PRO A 34 -6.94 -7.07 -10.43
N VAL A 35 -7.34 -8.24 -9.93
CA VAL A 35 -8.74 -8.73 -9.96
C VAL A 35 -9.14 -9.03 -8.52
N ILE A 36 -9.85 -8.11 -7.90
CA ILE A 36 -10.25 -8.22 -6.47
C ILE A 36 -11.51 -9.08 -6.39
N ILE A 37 -11.49 -10.10 -5.53
CA ILE A 37 -12.66 -10.94 -5.18
C ILE A 37 -12.74 -10.96 -3.66
N THR A 38 -13.80 -10.42 -3.07
CA THR A 38 -13.96 -10.35 -1.60
C THR A 38 -14.84 -11.51 -1.15
N THR A 39 -14.70 -11.91 0.11
CA THR A 39 -15.51 -12.99 0.76
C THR A 39 -16.35 -12.35 1.86
N GLY A 40 -16.23 -11.02 2.06
CA GLY A 40 -16.97 -10.25 3.07
C GLY A 40 -18.37 -9.95 2.60
N MET A 45 -17.36 -1.46 7.25
CA MET A 45 -15.92 -1.29 7.57
C MET A 45 -15.05 -1.41 6.31
N LEU A 46 -15.44 -2.22 5.31
CA LEU A 46 -14.65 -2.56 4.09
C LEU A 46 -14.84 -1.50 3.00
N ASP A 47 -16.09 -1.06 2.77
CA ASP A 47 -16.44 -0.04 1.75
C ASP A 47 -15.68 1.26 2.02
N GLU A 48 -15.46 1.62 3.30
CA GLU A 48 -14.67 2.80 3.71
C GLU A 48 -13.23 2.68 3.16
N ILE A 49 -12.61 1.50 3.33
CA ILE A 49 -11.19 1.25 2.95
C ILE A 49 -11.11 1.13 1.43
N ASN A 50 -12.07 0.43 0.81
CA ASN A 50 -12.17 0.30 -0.67
C ASN A 50 -12.20 1.70 -1.29
N GLU A 51 -13.04 2.60 -0.74
CA GLU A 51 -13.20 4.00 -1.23
C GLU A 51 -11.89 4.78 -1.05
N LEU A 52 -11.29 4.71 0.15
CA LEU A 52 -10.07 5.48 0.51
C LEU A 52 -8.92 5.16 -0.46
N PHE A 53 -8.74 3.90 -0.86
CA PHE A 53 -7.61 3.45 -1.71
C PHE A 53 -8.05 3.22 -3.16
N GLY A 54 -9.33 3.42 -3.46
CA GLY A 54 -9.88 3.24 -4.83
C GLY A 54 -9.87 1.80 -5.28
N LEU A 55 -10.06 0.86 -4.35
CA LEU A 55 -10.24 -0.59 -4.63
C LEU A 55 -11.66 -0.80 -5.19
N ARG A 56 -11.79 -1.47 -6.34
CA ARG A 56 -13.08 -1.81 -6.99
C ARG A 56 -13.18 -3.32 -7.14
N PRO A 57 -13.83 -4.03 -6.20
CA PRO A 57 -14.07 -5.47 -6.32
C PRO A 57 -14.81 -5.87 -7.60
N ARG A 58 -14.33 -6.89 -8.32
CA ARG A 58 -15.01 -7.47 -9.51
C ARG A 58 -16.16 -8.39 -9.04
N HIS A 59 -15.99 -9.09 -7.92
CA HIS A 59 -17.02 -9.97 -7.32
C HIS A 59 -16.95 -9.89 -5.80
N ASN A 60 -18.12 -9.98 -5.14
CA ASN A 60 -18.30 -10.07 -3.67
C ASN A 60 -19.14 -11.32 -3.38
N LEU A 61 -18.49 -12.45 -3.07
CA LEU A 61 -19.18 -13.64 -2.53
C LEU A 61 -19.71 -13.26 -1.15
N ASP A 62 -20.93 -13.65 -0.81
CA ASP A 62 -21.58 -13.18 0.45
C ASP A 62 -21.49 -14.31 1.47
N ILE A 63 -20.26 -14.71 1.80
CA ILE A 63 -19.96 -15.98 2.52
C ILE A 63 -19.81 -15.73 4.01
N MET A 64 -19.04 -14.71 4.43
CA MET A 64 -18.73 -14.44 5.85
C MET A 64 -19.86 -13.65 6.54
N ARG A 65 -20.39 -14.16 7.66
CA ARG A 65 -21.40 -13.51 8.54
C ARG A 65 -20.98 -13.77 9.98
N PRO A 66 -21.48 -13.00 10.97
CA PRO A 66 -21.09 -13.19 12.37
C PRO A 66 -21.13 -14.60 13.00
N GLY A 67 -22.29 -15.29 13.04
CA GLY A 67 -22.46 -16.57 13.74
C GLY A 67 -22.38 -17.76 12.80
N GLN A 68 -21.21 -18.02 12.19
CA GLN A 68 -21.01 -19.14 11.24
C GLN A 68 -19.88 -20.04 11.75
N ARG A 69 -20.05 -21.36 11.62
CA ARG A 69 -19.01 -22.39 11.87
C ARG A 69 -17.83 -22.19 10.90
N LEU A 70 -16.60 -22.38 11.37
CA LEU A 70 -15.38 -22.28 10.53
C LEU A 70 -15.50 -23.23 9.33
N SER A 71 -15.93 -24.49 9.56
CA SER A 71 -16.08 -25.55 8.54
C SER A 71 -17.04 -25.10 7.43
N ALA A 72 -18.17 -24.48 7.78
CA ALA A 72 -19.17 -24.01 6.80
C ALA A 72 -18.58 -22.89 5.95
N MET A 73 -17.86 -21.96 6.57
CA MET A 73 -17.25 -20.80 5.87
C MET A 73 -16.20 -21.33 4.87
N ALA A 74 -15.26 -22.15 5.34
CA ALA A 74 -14.17 -22.74 4.53
C ALA A 74 -14.78 -23.54 3.38
N SER A 75 -15.76 -24.38 3.68
CA SER A 75 -16.52 -25.21 2.71
C SER A 75 -17.05 -24.34 1.56
N ARG A 76 -17.62 -23.18 1.89
CA ARG A 76 -18.25 -22.30 0.87
C ARG A 76 -17.17 -21.68 0.00
N ILE A 77 -16.08 -21.18 0.60
CA ILE A 77 -14.97 -20.53 -0.16
C ILE A 77 -14.33 -21.56 -1.10
N VAL A 78 -13.99 -22.75 -0.58
CA VAL A 78 -13.40 -23.87 -1.36
C VAL A 78 -14.36 -24.24 -2.51
N GLY A 79 -15.66 -24.29 -2.20
CA GLY A 79 -16.71 -24.69 -3.15
C GLY A 79 -16.93 -23.69 -4.26
N GLU A 80 -16.83 -22.38 -3.97
CA GLU A 80 -17.46 -21.34 -4.83
C GLU A 80 -16.43 -20.36 -5.43
N LEU A 81 -15.17 -20.35 -4.96
CA LEU A 81 -14.22 -19.30 -5.43
C LEU A 81 -13.63 -19.69 -6.79
N GLY A 82 -13.59 -20.97 -7.13
CA GLY A 82 -13.07 -21.46 -8.41
C GLY A 82 -13.65 -20.72 -9.61
N ASP A 83 -14.99 -20.64 -9.67
CA ASP A 83 -15.73 -20.10 -10.85
C ASP A 83 -15.32 -18.65 -11.10
N PRO A 84 -15.50 -17.71 -10.14
CA PRO A 84 -15.08 -16.34 -10.36
C PRO A 84 -13.59 -16.22 -10.73
N LEU A 85 -12.72 -17.08 -10.20
CA LEU A 85 -11.27 -17.06 -10.57
C LEU A 85 -11.12 -17.44 -12.05
N LEU A 86 -11.92 -18.40 -12.52
CA LEU A 86 -11.84 -18.87 -13.94
C LEU A 86 -12.47 -17.83 -14.86
N ASP A 87 -13.69 -17.36 -14.54
CA ASP A 87 -14.45 -16.33 -15.30
C ASP A 87 -13.61 -15.05 -15.49
N GLU A 88 -12.85 -14.64 -14.46
CA GLU A 88 -12.03 -13.41 -14.50
C GLU A 88 -10.64 -13.70 -15.07
N LEU A 89 -10.39 -14.94 -15.48
CA LEU A 89 -9.17 -15.35 -16.23
C LEU A 89 -7.93 -15.03 -15.40
N VAL A 90 -7.97 -15.37 -14.11
CA VAL A 90 -6.88 -15.12 -13.13
C VAL A 90 -5.74 -16.09 -13.45
N ASP A 91 -4.52 -15.57 -13.50
CA ASP A 91 -3.30 -16.34 -13.81
C ASP A 91 -2.60 -16.73 -12.50
N VAL A 92 -2.70 -15.87 -11.49
CA VAL A 92 -2.00 -15.99 -10.17
C VAL A 92 -2.91 -15.39 -9.11
N ALA A 93 -2.98 -16.02 -7.94
CA ALA A 93 -3.81 -15.50 -6.82
C ALA A 93 -2.89 -15.09 -5.67
N VAL A 94 -3.16 -13.94 -5.07
CA VAL A 94 -2.47 -13.45 -3.86
C VAL A 94 -3.46 -13.48 -2.70
N VAL A 95 -3.05 -14.08 -1.58
CA VAL A 95 -3.80 -14.05 -0.29
C VAL A 95 -2.87 -13.41 0.74
N GLN A 96 -3.44 -12.80 1.77
CA GLN A 96 -2.67 -12.07 2.82
C GLN A 96 -2.91 -12.71 4.20
N GLY A 97 -1.84 -12.89 4.96
CA GLY A 97 -1.89 -13.08 6.42
C GLY A 97 -2.29 -14.49 6.83
N ASP A 98 -3.15 -14.56 7.86
CA ASP A 98 -3.43 -15.80 8.64
C ASP A 98 -4.92 -16.11 8.64
N THR A 99 -5.72 -15.44 7.82
CA THR A 99 -7.20 -15.54 7.85
C THR A 99 -7.61 -16.89 7.26
N SER A 100 -8.78 -17.40 7.66
CA SER A 100 -9.36 -18.65 7.11
C SER A 100 -9.73 -18.43 5.63
N THR A 101 -9.98 -17.18 5.24
CA THR A 101 -10.19 -16.80 3.81
C THR A 101 -8.91 -17.08 3.03
N ALA A 102 -7.77 -16.55 3.49
CA ALA A 102 -6.47 -16.71 2.81
C ALA A 102 -6.20 -18.19 2.58
N PHE A 103 -6.47 -19.03 3.57
CA PHE A 103 -6.24 -20.49 3.45
C PHE A 103 -7.22 -21.10 2.45
N ALA A 104 -8.52 -20.94 2.67
CA ALA A 104 -9.56 -21.56 1.82
C ALA A 104 -9.41 -21.08 0.36
N ALA A 105 -9.17 -19.78 0.16
CA ALA A 105 -8.97 -19.20 -1.19
C ALA A 105 -7.73 -19.82 -1.84
N ALA A 106 -6.64 -19.96 -1.08
CA ALA A 106 -5.38 -20.54 -1.59
C ALA A 106 -5.67 -21.98 -2.04
N TYR A 107 -6.40 -22.76 -1.24
CA TYR A 107 -6.74 -24.16 -1.58
C TYR A 107 -7.58 -24.17 -2.85
N ALA A 108 -8.60 -23.30 -2.94
CA ALA A 108 -9.49 -23.18 -4.12
C ALA A 108 -8.63 -22.89 -5.35
N ALA A 109 -7.72 -21.92 -5.26
CA ALA A 109 -6.82 -21.55 -6.38
C ALA A 109 -6.04 -22.80 -6.80
N ALA A 110 -5.48 -23.53 -5.83
CA ALA A 110 -4.61 -24.69 -6.10
C ALA A 110 -5.41 -25.78 -6.83
N CYS A 111 -6.68 -26.00 -6.46
CA CYS A 111 -7.59 -26.98 -7.13
C CYS A 111 -7.72 -26.66 -8.63
N GLU A 112 -7.70 -25.38 -9.02
CA GLU A 112 -7.79 -24.94 -10.43
C GLU A 112 -6.39 -24.76 -11.04
N ARG A 113 -5.35 -25.26 -10.37
CA ARG A 113 -3.91 -25.16 -10.81
C ARG A 113 -3.54 -23.69 -11.06
N ILE A 114 -4.17 -22.75 -10.33
CA ILE A 114 -3.78 -21.31 -10.29
C ILE A 114 -2.69 -21.13 -9.24
N PRO A 115 -1.46 -20.76 -9.65
CA PRO A 115 -0.38 -20.54 -8.67
C PRO A 115 -0.77 -19.49 -7.63
N VAL A 116 -0.28 -19.64 -6.40
CA VAL A 116 -0.60 -18.74 -5.25
C VAL A 116 0.68 -18.05 -4.77
N ALA A 117 0.55 -16.76 -4.48
CA ALA A 117 1.56 -15.97 -3.73
C ALA A 117 0.96 -15.56 -2.40
N HIS A 118 1.77 -15.55 -1.35
CA HIS A 118 1.33 -15.23 0.04
C HIS A 118 1.99 -13.92 0.47
N LEU A 119 1.17 -12.89 0.71
CA LEU A 119 1.62 -11.59 1.25
C LEU A 119 1.64 -11.68 2.77
N GLU A 120 2.77 -11.30 3.38
CA GLU A 120 3.05 -11.33 4.84
C GLU A 120 3.22 -12.77 5.28
N ALA A 121 4.30 -13.42 4.82
CA ALA A 121 4.56 -14.86 5.02
C ALA A 121 5.63 -15.05 6.10
N GLY A 122 5.47 -16.09 6.94
CA GLY A 122 6.53 -16.60 7.83
C GLY A 122 6.40 -16.17 9.29
N LEU A 123 5.45 -15.30 9.66
CA LEU A 123 5.27 -14.92 11.09
C LEU A 123 4.86 -16.17 11.86
N ARG A 124 5.54 -16.44 12.99
CA ARG A 124 5.29 -17.62 13.87
C ARG A 124 5.34 -17.17 15.33
N THR A 125 4.43 -17.68 16.16
CA THR A 125 4.47 -17.54 17.64
C THR A 125 5.45 -18.57 18.19
N GLY A 126 5.41 -19.78 17.65
CA GLY A 126 6.20 -20.94 18.12
C GLY A 126 5.38 -21.88 18.98
N ASP A 127 4.12 -21.53 19.28
CA ASP A 127 3.19 -22.33 20.12
C ASP A 127 2.07 -22.87 19.22
N ARG A 128 1.91 -24.20 19.17
CA ARG A 128 1.04 -24.93 18.20
C ARG A 128 -0.45 -24.65 18.47
N PHE A 129 -1.22 -24.34 17.41
CA PHE A 129 -2.68 -24.04 17.41
C PHE A 129 -2.99 -22.88 18.36
N GLU A 130 -2.02 -22.00 18.59
CA GLU A 130 -2.09 -20.84 19.53
C GLU A 130 -1.58 -19.60 18.81
N PRO A 131 -2.47 -18.69 18.30
CA PRO A 131 -3.93 -18.86 18.40
C PRO A 131 -4.51 -19.79 17.32
N PHE A 132 -5.76 -20.21 17.49
CA PHE A 132 -6.49 -21.06 16.51
C PHE A 132 -7.62 -20.22 15.90
N PRO A 133 -7.81 -20.22 14.56
CA PRO A 133 -7.02 -21.04 13.65
C PRO A 133 -5.82 -20.37 12.95
N GLU A 134 -5.40 -19.17 13.39
CA GLU A 134 -4.45 -18.32 12.64
C GLU A 134 -3.12 -19.07 12.39
N GLU A 135 -2.59 -19.72 13.42
CA GLU A 135 -1.25 -20.34 13.38
C GLU A 135 -1.28 -21.50 12.37
N ILE A 136 -2.33 -22.32 12.38
CA ILE A 136 -2.44 -23.48 11.44
C ILE A 136 -2.69 -22.95 10.01
N ASN A 137 -3.44 -21.86 9.86
CA ASN A 137 -3.72 -21.26 8.53
C ASN A 137 -2.41 -20.86 7.84
N ARG A 138 -1.53 -20.14 8.56
CA ARG A 138 -0.21 -19.72 8.05
C ARG A 138 0.56 -20.96 7.55
N ARG A 139 0.59 -22.03 8.34
CA ARG A 139 1.39 -23.24 7.99
C ARG A 139 0.76 -23.93 6.76
N LEU A 140 -0.56 -23.90 6.62
CA LEU A 140 -1.27 -24.52 5.46
C LEU A 140 -1.04 -23.66 4.20
N ILE A 141 -1.23 -22.35 4.31
CA ILE A 141 -0.98 -21.40 3.18
C ILE A 141 0.45 -21.58 2.72
N THR A 142 1.37 -21.75 3.66
CA THR A 142 2.84 -21.84 3.42
C THR A 142 3.12 -22.99 2.45
N GLN A 143 2.43 -24.13 2.60
CA GLN A 143 2.61 -25.32 1.74
C GLN A 143 1.91 -25.10 0.38
N LEU A 144 0.85 -24.30 0.33
CA LEU A 144 0.06 -24.09 -0.92
C LEU A 144 0.77 -23.06 -1.81
N ALA A 145 1.36 -22.01 -1.23
CA ALA A 145 1.93 -20.86 -1.97
C ALA A 145 3.18 -21.29 -2.74
N ASP A 146 3.32 -20.82 -3.99
CA ASP A 146 4.55 -20.98 -4.82
C ASP A 146 5.56 -19.89 -4.45
N LEU A 147 5.06 -18.75 -4.00
CA LEU A 147 5.84 -17.51 -3.77
C LEU A 147 5.43 -16.92 -2.42
N HIS A 148 6.40 -16.51 -1.61
CA HIS A 148 6.22 -16.00 -0.23
C HIS A 148 6.87 -14.62 -0.10
N PHE A 149 6.07 -13.56 0.14
CA PHE A 149 6.55 -12.19 0.42
C PHE A 149 6.71 -12.04 1.93
N ALA A 150 7.90 -12.38 2.45
CA ALA A 150 8.27 -12.27 3.88
C ALA A 150 8.53 -10.80 4.21
N PRO A 151 8.05 -10.30 5.37
CA PRO A 151 8.32 -8.93 5.78
C PRO A 151 9.68 -8.71 6.46
N THR A 152 10.33 -9.78 6.94
CA THR A 152 11.63 -9.69 7.65
C THR A 152 12.46 -10.93 7.34
N ALA A 153 13.74 -10.90 7.67
CA ALA A 153 14.67 -12.04 7.53
C ALA A 153 14.27 -13.16 8.49
N ASP A 154 13.82 -12.81 9.71
CA ASP A 154 13.31 -13.77 10.72
C ASP A 154 12.18 -14.61 10.10
N ALA A 155 11.19 -13.95 9.49
CA ALA A 155 10.04 -14.59 8.82
C ALA A 155 10.52 -15.52 7.70
N ALA A 156 11.47 -15.05 6.89
CA ALA A 156 12.05 -15.86 5.79
C ALA A 156 12.64 -17.15 6.37
N GLY A 157 13.34 -17.06 7.50
CA GLY A 157 13.94 -18.23 8.17
C GLY A 157 12.89 -19.26 8.55
N ASN A 158 11.75 -18.79 9.08
CA ASN A 158 10.63 -19.66 9.52
C ASN A 158 10.11 -20.47 8.32
N LEU A 159 10.05 -19.85 7.14
CA LEU A 159 9.60 -20.54 5.90
C LEU A 159 10.60 -21.64 5.52
N LEU A 160 11.91 -21.34 5.57
CA LEU A 160 12.98 -22.34 5.25
C LEU A 160 12.84 -23.54 6.18
N ALA A 161 12.50 -23.32 7.45
CA ALA A 161 12.37 -24.36 8.49
C ALA A 161 11.17 -25.28 8.20
N GLU A 162 10.21 -24.82 7.38
CA GLU A 162 9.01 -25.61 7.00
C GLU A 162 9.16 -26.14 5.58
N GLY A 163 10.36 -26.06 5.00
CA GLY A 163 10.77 -26.85 3.82
C GLY A 163 10.66 -26.04 2.54
N VAL A 164 10.34 -24.76 2.63
CA VAL A 164 10.21 -23.87 1.44
C VAL A 164 11.60 -23.63 0.86
N ARG A 165 11.73 -23.74 -0.46
CA ARG A 165 12.97 -23.44 -1.22
C ARG A 165 13.27 -21.94 -1.10
N SER A 166 14.52 -21.60 -0.81
CA SER A 166 15.01 -20.20 -0.69
C SER A 166 14.60 -19.34 -1.90
N ASP A 167 14.55 -19.88 -3.10
CA ASP A 167 14.25 -19.13 -4.36
C ASP A 167 12.77 -18.67 -4.38
N ASP A 168 11.94 -19.25 -3.52
CA ASP A 168 10.47 -18.95 -3.47
C ASP A 168 10.19 -17.88 -2.40
N VAL A 169 11.21 -17.43 -1.67
CA VAL A 169 11.06 -16.44 -0.56
C VAL A 169 11.72 -15.11 -0.96
N TYR A 170 10.94 -14.04 -1.01
CA TYR A 170 11.44 -12.66 -1.15
C TYR A 170 11.15 -11.91 0.17
N VAL A 171 12.18 -11.31 0.77
CA VAL A 171 12.03 -10.39 1.92
C VAL A 171 11.67 -9.02 1.36
N THR A 172 10.38 -8.70 1.29
CA THR A 172 9.81 -7.49 0.65
C THR A 172 9.54 -6.40 1.69
N GLY A 173 9.59 -6.73 2.99
CA GLY A 173 9.03 -5.87 4.05
C GLY A 173 7.52 -5.91 4.03
N ASN A 174 6.88 -5.16 4.93
CA ASN A 174 5.42 -5.23 5.16
C ASN A 174 4.75 -4.07 4.42
N THR A 175 3.70 -4.37 3.65
CA THR A 175 2.93 -3.41 2.83
C THR A 175 2.14 -2.48 3.75
N VAL A 176 1.96 -2.83 5.03
CA VAL A 176 1.24 -1.96 6.00
C VAL A 176 2.00 -0.63 6.13
N ILE A 177 3.33 -0.66 5.96
CA ILE A 177 4.17 0.58 6.02
C ILE A 177 3.87 1.45 4.78
N ASP A 178 3.82 0.85 3.58
CA ASP A 178 3.38 1.54 2.34
C ASP A 178 2.08 2.26 2.61
N ALA A 179 1.11 1.54 3.20
CA ALA A 179 -0.28 1.97 3.39
C ALA A 179 -0.32 3.18 4.33
N MET A 180 0.44 3.11 5.42
CA MET A 180 0.63 4.23 6.39
C MET A 180 1.06 5.48 5.63
N HIS A 181 2.10 5.37 4.81
CA HIS A 181 2.70 6.53 4.09
C HIS A 181 1.66 7.13 3.14
N LEU A 182 0.81 6.30 2.53
CA LEU A 182 -0.22 6.75 1.57
C LEU A 182 -1.33 7.56 2.27
N VAL A 183 -1.49 7.48 3.60
CA VAL A 183 -2.57 8.20 4.33
C VAL A 183 -1.98 9.33 5.18
N LEU A 184 -0.66 9.38 5.41
CA LEU A 184 -0.01 10.50 6.13
C LEU A 184 0.08 11.74 5.23
N ASP A 185 0.08 11.58 3.90
CA ASP A 185 0.12 12.68 2.89
C ASP A 185 -1.29 13.06 2.45
N ARG A 186 -2.29 12.97 3.33
CA ARG A 186 -3.74 13.13 2.97
C ARG A 186 -4.52 13.76 4.13
N PRO A 187 -4.10 14.96 4.60
CA PRO A 187 -4.68 15.59 5.79
C PRO A 187 -6.19 15.88 5.76
N GLY A 188 -6.76 16.13 4.57
CA GLY A 188 -8.19 16.46 4.40
C GLY A 188 -9.07 15.26 4.71
N ASP A 189 -8.63 14.09 4.23
CA ASP A 189 -9.33 12.77 4.37
C ASP A 189 -9.11 12.22 5.78
N SER A 190 -8.11 12.75 6.50
CA SER A 190 -7.67 12.39 7.87
C SER A 190 -8.30 13.30 8.93
N ALA A 191 -8.83 14.46 8.53
CA ALA A 191 -9.39 15.46 9.46
C ALA A 191 -10.59 14.85 10.18
N ASN A 192 -10.58 14.85 11.51
CA ASN A 192 -11.68 14.36 12.39
C ASN A 192 -11.90 15.37 13.52
N ARG A 193 -13.03 16.07 13.48
CA ARG A 193 -13.34 17.24 14.36
C ARG A 193 -13.22 16.86 15.84
N GLU A 194 -14.05 15.92 16.30
CA GLU A 194 -14.23 15.57 17.73
C GLU A 194 -12.96 14.90 18.26
N LEU A 195 -12.30 14.08 17.44
CA LEU A 195 -11.07 13.36 17.84
C LEU A 195 -9.95 14.37 18.12
N ASP A 196 -9.78 15.36 17.24
CA ASP A 196 -8.78 16.44 17.36
C ASP A 196 -9.12 17.28 18.61
N ALA A 197 -10.38 17.70 18.74
CA ALA A 197 -10.91 18.43 19.91
C ALA A 197 -10.53 17.70 21.20
N PHE A 198 -10.64 16.37 21.23
CA PHE A 198 -10.45 15.53 22.45
C PHE A 198 -8.96 15.39 22.77
N THR A 199 -8.08 15.32 21.75
CA THR A 199 -6.63 15.00 21.90
C THR A 199 -5.79 16.28 22.00
N GLU A 200 -6.08 17.29 21.17
CA GLU A 200 -5.31 18.58 21.07
C GLU A 200 -4.68 18.95 22.41
N GLY A 201 -3.35 18.98 22.47
CA GLY A 201 -2.57 19.44 23.64
C GLY A 201 -2.82 18.64 24.90
N ARG A 202 -3.13 17.34 24.78
CA ARG A 202 -3.31 16.39 25.92
C ARG A 202 -2.54 15.10 25.62
N GLN A 203 -2.00 14.47 26.66
CA GLN A 203 -1.31 13.15 26.56
C GLN A 203 -2.37 12.06 26.36
N THR A 204 -2.41 11.48 25.16
CA THR A 204 -3.46 10.53 24.69
C THR A 204 -2.86 9.13 24.49
N VAL A 205 -3.37 8.13 25.20
CA VAL A 205 -3.04 6.69 24.96
C VAL A 205 -4.03 6.14 23.92
N LEU A 206 -3.53 5.46 22.89
CA LEU A 206 -4.36 4.74 21.90
C LEU A 206 -4.43 3.26 22.30
N LEU A 207 -5.65 2.73 22.45
CA LEU A 207 -5.88 1.31 22.81
C LEU A 207 -6.86 0.70 21.80
N THR A 208 -6.46 -0.43 21.20
CA THR A 208 -7.32 -1.33 20.40
C THR A 208 -7.11 -2.74 20.95
N MET A 209 -8.19 -3.49 21.11
CA MET A 209 -8.16 -4.88 21.63
C MET A 209 -9.33 -5.64 21.01
N HIS A 210 -9.05 -6.79 20.38
CA HIS A 210 -10.06 -7.49 19.52
C HIS A 210 -9.88 -9.00 19.53
N ARG A 211 -8.74 -9.55 19.94
CA ARG A 211 -8.48 -11.01 19.82
C ARG A 211 -9.57 -11.78 20.59
N ARG A 212 -10.14 -12.81 19.95
CA ARG A 212 -11.29 -13.61 20.46
C ARG A 212 -10.92 -14.26 21.80
N GLU A 213 -9.69 -14.76 21.95
CA GLU A 213 -9.24 -15.46 23.17
C GLU A 213 -9.21 -14.51 24.38
N SER A 214 -9.43 -13.21 24.20
CA SER A 214 -9.37 -12.17 25.26
C SER A 214 -10.76 -11.63 25.60
N TRP A 215 -11.79 -12.02 24.83
CA TRP A 215 -13.19 -11.59 25.05
C TRP A 215 -13.63 -11.93 26.48
N GLY A 216 -14.44 -11.06 27.08
CA GLY A 216 -15.00 -11.26 28.44
C GLY A 216 -14.06 -10.79 29.52
N ILE A 217 -13.65 -11.69 30.39
CA ILE A 217 -12.93 -11.36 31.66
C ILE A 217 -11.66 -10.57 31.31
N PRO A 218 -10.77 -11.09 30.42
CA PRO A 218 -9.48 -10.45 30.16
C PRO A 218 -9.63 -9.00 29.67
N MET A 219 -10.56 -8.73 28.76
CA MET A 219 -10.89 -7.35 28.32
C MET A 219 -11.34 -6.49 29.51
N GLY A 220 -12.17 -7.06 30.39
CA GLY A 220 -12.60 -6.42 31.66
C GLY A 220 -11.40 -5.98 32.47
N ARG A 221 -10.40 -6.86 32.61
CA ARG A 221 -9.15 -6.56 33.35
C ARG A 221 -8.44 -5.36 32.69
N VAL A 222 -8.36 -5.32 31.36
CA VAL A 222 -7.68 -4.23 30.62
C VAL A 222 -8.49 -2.93 30.80
N ALA A 223 -9.82 -3.01 30.76
CA ALA A 223 -10.72 -1.84 30.98
C ALA A 223 -10.54 -1.32 32.42
N ALA A 224 -10.38 -2.22 33.40
CA ALA A 224 -10.11 -1.89 34.81
C ALA A 224 -8.80 -1.08 34.91
N ALA A 225 -7.74 -1.55 34.22
CA ALA A 225 -6.42 -0.90 34.16
C ALA A 225 -6.57 0.52 33.61
N VAL A 226 -7.36 0.71 32.57
CA VAL A 226 -7.60 2.05 31.94
C VAL A 226 -8.30 2.95 32.97
N ALA A 227 -9.22 2.39 33.75
CA ALA A 227 -9.99 3.10 34.80
C ALA A 227 -9.03 3.58 35.90
N GLU A 228 -8.21 2.66 36.45
CA GLU A 228 -7.25 2.99 37.54
C GLU A 228 -6.32 4.13 37.06
N LEU A 229 -5.68 3.97 35.89
CA LEU A 229 -4.78 4.97 35.28
C LEU A 229 -5.49 6.32 35.15
N CYS A 230 -6.77 6.32 34.73
CA CYS A 230 -7.55 7.56 34.45
C CYS A 230 -7.76 8.36 35.73
N ARG A 231 -8.22 7.70 36.81
CA ARG A 231 -8.52 8.35 38.11
C ARG A 231 -7.21 8.86 38.72
N SER A 232 -6.13 8.07 38.63
CA SER A 232 -4.78 8.38 39.17
C SER A 232 -4.14 9.57 38.45
N ARG A 233 -4.51 9.84 37.19
CA ARG A 233 -3.78 10.81 36.31
C ARG A 233 -4.76 11.69 35.54
N PRO A 234 -5.40 12.67 36.21
CA PRO A 234 -6.46 13.49 35.61
C PRO A 234 -6.19 14.10 34.23
N THR A 235 -4.92 14.35 33.86
CA THR A 235 -4.56 14.98 32.56
C THR A 235 -4.47 13.91 31.45
N LEU A 236 -4.43 12.62 31.82
CA LEU A 236 -4.30 11.49 30.87
C LEU A 236 -5.63 11.29 30.13
N ARG A 237 -5.54 11.04 28.84
CA ARG A 237 -6.70 10.71 27.96
C ARG A 237 -6.45 9.36 27.28
N PHE A 238 -7.52 8.62 27.02
CA PHE A 238 -7.54 7.39 26.19
C PHE A 238 -8.54 7.56 25.05
N VAL A 239 -8.15 7.15 23.84
CA VAL A 239 -9.05 6.93 22.69
C VAL A 239 -9.07 5.42 22.43
N ILE A 240 -10.26 4.82 22.42
CA ILE A 240 -10.46 3.35 22.22
C ILE A 240 -11.45 3.14 21.08
N PRO A 241 -10.95 2.93 19.85
CA PRO A 241 -11.78 2.49 18.73
C PRO A 241 -12.16 1.02 18.98
N LEU A 242 -13.46 0.76 19.04
CA LEU A 242 -14.03 -0.55 19.46
C LEU A 242 -14.20 -1.43 18.21
N HIS A 243 -13.67 -2.64 18.28
CA HIS A 243 -13.91 -3.73 17.29
C HIS A 243 -15.42 -3.91 17.14
N PRO A 244 -15.96 -4.04 15.91
CA PRO A 244 -17.41 -4.13 15.71
C PRO A 244 -17.92 -5.53 16.06
N ASN A 245 -18.04 -5.79 17.35
CA ASN A 245 -18.71 -6.97 17.95
C ASN A 245 -19.41 -6.48 19.20
N PRO A 246 -20.71 -6.78 19.42
CA PRO A 246 -21.45 -6.22 20.54
C PRO A 246 -20.93 -6.65 21.92
N GLU A 247 -20.29 -7.83 22.02
CA GLU A 247 -19.73 -8.36 23.30
C GLU A 247 -18.46 -7.58 23.67
N VAL A 248 -17.66 -7.17 22.68
CA VAL A 248 -16.43 -6.35 22.88
C VAL A 248 -16.86 -4.94 23.28
N ARG A 249 -17.84 -4.37 22.57
CA ARG A 249 -18.34 -2.99 22.82
C ARG A 249 -18.93 -2.92 24.23
N ARG A 250 -19.57 -3.98 24.71
CA ARG A 250 -20.32 -3.95 25.99
C ARG A 250 -19.33 -3.94 27.15
N VAL A 251 -18.26 -4.72 27.07
CA VAL A 251 -17.26 -4.81 28.18
C VAL A 251 -16.61 -3.43 28.36
N PHE A 252 -16.21 -2.75 27.27
CA PHE A 252 -15.55 -1.42 27.34
C PHE A 252 -16.58 -0.37 27.77
N ARG A 253 -17.77 -0.37 27.15
CA ARG A 253 -18.84 0.62 27.41
C ARG A 253 -19.24 0.56 28.88
N SER A 254 -19.46 -0.64 29.41
CA SER A 254 -19.95 -0.88 30.80
C SER A 254 -18.87 -0.50 31.83
N HIS A 255 -17.60 -0.48 31.45
CA HIS A 255 -16.46 -0.17 32.36
C HIS A 255 -16.05 1.31 32.25
N LEU A 256 -16.20 1.98 31.10
CA LEU A 256 -15.48 3.26 30.81
C LEU A 256 -16.38 4.39 30.26
N SER A 257 -17.65 4.15 29.94
CA SER A 257 -18.47 5.12 29.16
C SER A 257 -18.75 6.41 29.96
N SER A 258 -18.61 6.38 31.29
CA SER A 258 -18.87 7.52 32.20
C SER A 258 -17.63 8.39 32.41
N LEU A 259 -16.43 7.83 32.26
CA LEU A 259 -15.13 8.57 32.39
C LEU A 259 -14.96 9.48 31.17
N THR A 260 -14.93 10.81 31.36
CA THR A 260 -14.78 11.78 30.24
C THR A 260 -13.31 11.86 29.80
N GLN A 261 -12.40 11.17 30.51
CA GLN A 261 -10.97 10.99 30.10
C GLN A 261 -10.85 9.96 28.97
N VAL A 262 -11.83 9.07 28.81
CA VAL A 262 -11.88 8.01 27.75
C VAL A 262 -12.86 8.45 26.66
N LEU A 263 -12.42 8.40 25.41
CA LEU A 263 -13.31 8.54 24.22
C LEU A 263 -13.43 7.18 23.53
N LEU A 264 -14.52 6.46 23.78
CA LEU A 264 -14.85 5.21 23.04
C LEU A 264 -15.31 5.62 21.64
N CYS A 265 -14.80 4.95 20.61
CA CYS A 265 -15.05 5.30 19.18
C CYS A 265 -15.63 4.11 18.42
N GLU A 266 -16.35 4.39 17.34
CA GLU A 266 -16.59 3.40 16.24
C GLU A 266 -15.24 3.14 15.58
N PRO A 267 -15.06 2.02 14.85
CA PRO A 267 -13.86 1.84 14.05
C PRO A 267 -13.61 3.12 13.23
N LEU A 268 -12.36 3.58 13.19
CA LEU A 268 -11.96 4.82 12.50
C LEU A 268 -11.45 4.47 11.11
N ARG A 269 -11.74 5.34 10.13
CA ARG A 269 -11.20 5.19 8.76
C ARG A 269 -9.68 5.26 8.89
N TYR A 270 -8.96 4.53 8.03
CA TYR A 270 -7.52 4.22 8.23
C TYR A 270 -6.74 5.53 8.38
N SER A 271 -7.07 6.56 7.60
CA SER A 271 -6.43 7.91 7.66
C SER A 271 -6.59 8.50 9.06
N GLU A 272 -7.84 8.65 9.53
CA GLU A 272 -8.18 9.16 10.88
C GLU A 272 -7.42 8.37 11.94
N PHE A 273 -7.32 7.04 11.76
CA PHE A 273 -6.73 6.14 12.77
C PHE A 273 -5.21 6.35 12.84
N ILE A 274 -4.55 6.43 11.69
CA ILE A 274 -3.07 6.61 11.61
C ILE A 274 -2.70 8.01 12.14
N ARG A 275 -3.50 9.02 11.81
CA ARG A 275 -3.35 10.40 12.33
C ARG A 275 -3.39 10.35 13.86
N LEU A 276 -4.41 9.70 14.44
CA LEU A 276 -4.56 9.56 15.91
C LEU A 276 -3.34 8.87 16.50
N MET A 277 -2.82 7.83 15.84
CA MET A 277 -1.68 7.04 16.36
C MET A 277 -0.46 7.96 16.41
N HIS A 278 -0.34 8.88 15.45
CA HIS A 278 0.76 9.87 15.31
C HIS A 278 0.74 10.83 16.51
N ARG A 279 -0.45 11.20 17.01
CA ARG A 279 -0.66 12.16 18.12
C ARG A 279 -0.59 11.46 19.48
N ALA A 280 -0.73 10.13 19.51
CA ALA A 280 -0.77 9.33 20.75
C ALA A 280 0.61 9.37 21.40
N VAL A 281 0.69 9.35 22.72
CA VAL A 281 1.99 9.29 23.45
C VAL A 281 2.47 7.83 23.45
N LEU A 282 1.54 6.88 23.56
CA LEU A 282 1.89 5.44 23.43
C LEU A 282 0.66 4.62 23.02
N VAL A 283 0.87 3.34 22.70
CA VAL A 283 -0.15 2.44 22.10
C VAL A 283 -0.24 1.15 22.91
N LEU A 284 -1.44 0.81 23.37
CA LEU A 284 -1.80 -0.53 23.93
C LEU A 284 -2.64 -1.25 22.88
N THR A 285 -2.28 -2.46 22.49
CA THR A 285 -2.97 -3.19 21.40
C THR A 285 -2.69 -4.69 21.49
N ASP A 286 -3.62 -5.51 20.96
CA ASP A 286 -3.36 -6.93 20.63
C ASP A 286 -3.37 -7.09 19.10
N SER A 287 -3.48 -5.98 18.36
CA SER A 287 -3.47 -5.95 16.88
C SER A 287 -2.08 -6.28 16.34
N GLY A 288 -2.01 -7.10 15.28
CA GLY A 288 -0.76 -7.37 14.54
C GLY A 288 -0.34 -6.16 13.73
N GLY A 289 -1.28 -5.57 13.00
CA GLY A 289 -1.07 -4.36 12.18
C GLY A 289 -0.52 -3.22 13.02
N VAL A 290 -1.17 -2.92 14.14
CA VAL A 290 -0.80 -1.75 14.99
C VAL A 290 0.61 -2.00 15.54
N GLN A 291 0.96 -3.26 15.88
CA GLN A 291 2.32 -3.61 16.37
C GLN A 291 3.40 -3.29 15.32
N GLU A 292 3.01 -3.20 14.05
CA GLU A 292 3.93 -2.92 12.90
C GLU A 292 3.93 -1.40 12.63
N GLU A 293 2.76 -0.76 12.74
CA GLU A 293 2.55 0.67 12.40
C GLU A 293 3.14 1.56 13.49
N ALA A 294 2.79 1.33 14.75
CA ALA A 294 3.13 2.22 15.89
C ALA A 294 4.64 2.38 16.03
N PRO A 295 5.46 1.30 16.05
CA PRO A 295 6.91 1.46 16.15
C PRO A 295 7.48 2.36 15.04
N THR A 296 6.91 2.27 13.84
CA THR A 296 7.34 3.04 12.65
C THR A 296 7.05 4.54 12.83
N LEU A 297 6.10 4.93 13.70
CA LEU A 297 5.83 6.35 14.08
C LEU A 297 6.54 6.70 15.40
N GLY A 298 7.46 5.84 15.85
CA GLY A 298 8.20 6.01 17.11
C GLY A 298 7.29 6.09 18.33
N LYS A 299 6.18 5.35 18.34
CA LYS A 299 5.31 5.21 19.53
C LYS A 299 5.64 3.88 20.21
N PRO A 300 6.03 3.90 21.51
CA PRO A 300 6.16 2.67 22.28
C PRO A 300 4.85 1.88 22.24
N VAL A 301 4.97 0.55 22.16
CA VAL A 301 3.80 -0.38 22.09
C VAL A 301 3.86 -1.32 23.28
N LEU A 302 2.78 -1.36 24.05
CA LEU A 302 2.54 -2.41 25.07
C LEU A 302 1.54 -3.38 24.46
N VAL A 303 1.96 -4.63 24.27
CA VAL A 303 1.16 -5.68 23.57
C VAL A 303 0.32 -6.42 24.61
N LEU A 304 -1.00 -6.38 24.42
CA LEU A 304 -2.01 -6.94 25.35
C LEU A 304 -2.20 -8.43 25.04
N ARG A 305 -1.10 -9.19 25.07
CA ARG A 305 -1.06 -10.63 24.72
C ARG A 305 0.08 -11.31 25.47
N ASP A 306 0.05 -12.65 25.52
CA ASP A 306 1.03 -13.50 26.25
C ASP A 306 2.14 -13.95 25.26
N ARG A 307 1.94 -13.69 23.97
CA ARG A 307 2.84 -14.12 22.87
C ARG A 307 2.61 -13.16 21.70
N THR A 308 3.54 -13.12 20.73
CA THR A 308 3.38 -12.34 19.48
C THR A 308 4.05 -13.10 18.33
N GLU A 309 3.57 -12.91 17.11
CA GLU A 309 4.22 -13.44 15.88
C GLU A 309 5.22 -12.38 15.39
N ARG A 310 5.33 -11.26 16.13
CA ARG A 310 6.18 -10.09 15.81
C ARG A 310 7.28 -9.93 16.86
N PRO A 311 8.28 -10.85 16.92
CA PRO A 311 9.33 -10.77 17.95
C PRO A 311 10.40 -9.68 17.67
N GLU A 312 10.44 -9.17 16.44
CA GLU A 312 11.43 -8.15 15.98
C GLU A 312 11.31 -6.90 16.87
N GLY A 313 10.09 -6.40 17.07
CA GLY A 313 9.82 -5.24 17.94
C GLY A 313 10.16 -5.54 19.40
N ILE A 314 9.97 -6.78 19.84
CA ILE A 314 10.31 -7.23 21.22
C ILE A 314 11.85 -7.11 21.37
N ALA A 315 12.59 -7.76 20.45
CA ALA A 315 14.06 -7.86 20.47
C ALA A 315 14.69 -6.46 20.41
N ALA A 316 14.15 -5.56 19.57
CA ALA A 316 14.68 -4.20 19.34
C ALA A 316 14.28 -3.28 20.50
N GLY A 317 13.37 -3.71 21.38
CA GLY A 317 12.87 -2.93 22.53
C GLY A 317 11.79 -1.93 22.17
N CYS A 318 11.29 -1.91 20.92
CA CYS A 318 10.16 -1.06 20.43
C CYS A 318 8.85 -1.40 21.16
N ALA A 319 8.72 -2.64 21.64
CA ALA A 319 7.45 -3.24 22.09
C ALA A 319 7.71 -4.25 23.22
N ARG A 320 6.77 -4.35 24.16
CA ARG A 320 6.89 -5.25 25.32
C ARG A 320 5.56 -5.99 25.49
N LEU A 321 5.64 -7.30 25.74
CA LEU A 321 4.48 -8.13 26.19
C LEU A 321 4.07 -7.66 27.58
N VAL A 322 2.76 -7.58 27.79
CA VAL A 322 2.10 -7.00 29.00
C VAL A 322 0.90 -7.88 29.38
N GLY A 323 0.39 -8.67 28.43
CA GLY A 323 -0.76 -9.58 28.65
C GLY A 323 -1.99 -8.78 29.06
N THR A 324 -2.80 -9.35 29.96
CA THR A 324 -4.11 -8.79 30.39
C THR A 324 -4.11 -8.65 31.92
N ASP A 325 -2.92 -8.50 32.52
CA ASP A 325 -2.73 -8.28 33.99
C ASP A 325 -2.84 -6.77 34.26
N PRO A 326 -3.86 -6.32 35.02
CA PRO A 326 -4.07 -4.89 35.24
C PRO A 326 -2.92 -4.21 36.00
N ALA A 327 -2.39 -4.86 37.04
CA ALA A 327 -1.24 -4.35 37.84
C ALA A 327 -0.08 -4.01 36.90
N LEU A 328 0.30 -4.94 36.03
CA LEU A 328 1.45 -4.81 35.08
C LEU A 328 1.16 -3.71 34.05
N ILE A 329 -0.06 -3.63 33.50
CA ILE A 329 -0.45 -2.58 32.51
C ILE A 329 -0.29 -1.21 33.18
N VAL A 330 -0.83 -1.05 34.39
CA VAL A 330 -0.76 0.22 35.19
C VAL A 330 0.71 0.59 35.39
N LYS A 331 1.52 -0.33 35.92
CA LYS A 331 2.97 -0.12 36.18
C LYS A 331 3.66 0.32 34.88
N GLU A 332 3.47 -0.46 33.81
CA GLU A 332 4.20 -0.32 32.52
C GLU A 332 3.83 1.01 31.85
N VAL A 333 2.56 1.40 31.89
CA VAL A 333 2.07 2.68 31.29
C VAL A 333 2.63 3.84 32.12
N GLY A 334 2.60 3.72 33.45
CA GLY A 334 3.15 4.72 34.39
C GLY A 334 4.63 4.96 34.13
N ARG A 335 5.42 3.89 34.22
CA ARG A 335 6.88 3.89 33.86
C ARG A 335 7.09 4.81 32.65
N LEU A 336 6.41 4.54 31.54
CA LEU A 336 6.62 5.26 30.24
C LEU A 336 6.15 6.72 30.32
N LEU A 337 5.19 7.03 31.18
CA LEU A 337 4.60 8.41 31.27
C LEU A 337 5.47 9.30 32.16
N ASP A 338 6.05 8.72 33.22
CA ASP A 338 6.82 9.45 34.26
C ASP A 338 8.29 9.56 33.82
N ASP A 339 8.94 8.42 33.57
CA ASP A 339 10.39 8.23 33.40
C ASP A 339 10.78 8.37 31.93
N PRO A 340 11.26 9.55 31.45
CA PRO A 340 11.57 9.74 30.04
C PRO A 340 12.72 8.86 29.50
N GLU A 341 13.49 8.22 30.38
CA GLU A 341 14.60 7.32 30.01
C GLU A 341 14.01 6.00 29.49
N ALA A 342 13.03 5.42 30.22
CA ALA A 342 12.30 4.20 29.83
C ALA A 342 11.53 4.45 28.52
N TYR A 343 10.95 5.65 28.37
CA TYR A 343 10.19 6.07 27.17
C TYR A 343 11.11 6.05 25.95
N GLU A 344 12.29 6.68 26.04
CA GLU A 344 13.23 6.83 24.90
C GLU A 344 13.87 5.48 24.59
N ALA A 345 13.95 4.59 25.58
CA ALA A 345 14.47 3.21 25.41
C ALA A 345 13.58 2.39 24.48
N MET A 346 12.33 2.82 24.24
CA MET A 346 11.35 2.11 23.37
C MET A 346 11.15 2.85 22.03
N ARG A 347 12.05 3.78 21.69
CA ARG A 347 12.04 4.52 20.39
C ARG A 347 13.44 4.45 19.76
N ARG A 348 13.54 4.42 18.43
CA ARG A 348 14.77 4.71 17.65
C ARG A 348 14.36 5.65 16.50
N VAL A 352 14.38 0.41 11.29
CA VAL A 352 13.05 -0.07 10.80
C VAL A 352 13.01 -1.59 10.96
N CYS A 353 12.07 -2.09 11.77
CA CYS A 353 11.89 -3.53 12.07
C CYS A 353 11.16 -4.22 10.89
N TYR A 354 10.24 -3.54 10.18
CA TYR A 354 9.21 -4.19 9.32
C TYR A 354 9.19 -3.65 7.87
N GLY A 355 10.29 -3.03 7.41
CA GLY A 355 10.44 -2.57 6.02
C GLY A 355 10.32 -1.06 5.85
N GLU A 356 10.64 -0.55 4.65
CA GLU A 356 10.92 0.89 4.38
C GLU A 356 9.67 1.58 3.80
N GLY A 357 8.70 0.81 3.30
CA GLY A 357 7.46 1.37 2.71
C GLY A 357 7.43 1.28 1.20
N ASP A 358 8.25 0.39 0.63
CA ASP A 358 8.38 0.14 -0.83
C ASP A 358 8.12 -1.35 -1.13
N ALA A 359 7.35 -2.01 -0.26
CA ALA A 359 7.11 -3.47 -0.30
C ALA A 359 6.25 -3.84 -1.51
N ALA A 360 5.25 -3.02 -1.85
CA ALA A 360 4.40 -3.22 -3.03
C ALA A 360 5.28 -3.43 -4.27
N ALA A 361 6.24 -2.52 -4.48
CA ALA A 361 7.16 -2.55 -5.64
C ALA A 361 7.98 -3.85 -5.62
N ARG A 362 8.53 -4.22 -4.46
CA ARG A 362 9.40 -5.42 -4.32
C ARG A 362 8.56 -6.67 -4.62
N CYS A 363 7.28 -6.68 -4.23
CA CYS A 363 6.32 -7.78 -4.56
C CYS A 363 6.16 -7.87 -6.07
N LEU A 364 5.98 -6.73 -6.75
CA LEU A 364 5.76 -6.66 -8.21
C LEU A 364 6.96 -7.30 -8.94
N GLU A 365 8.18 -6.93 -8.54
CA GLU A 365 9.42 -7.43 -9.17
C GLU A 365 9.53 -8.94 -8.97
N ALA A 366 9.07 -9.47 -7.83
CA ALA A 366 9.05 -10.92 -7.56
C ALA A 366 8.05 -11.59 -8.52
N LEU A 367 6.84 -11.02 -8.67
CA LEU A 367 5.80 -11.55 -9.57
C LEU A 367 6.31 -11.54 -11.01
N ARG A 368 6.84 -10.39 -11.46
CA ARG A 368 7.43 -10.19 -12.82
C ARG A 368 8.51 -11.25 -13.05
N GLU A 369 9.48 -11.34 -12.14
CA GLU A 369 10.59 -12.31 -12.23
C GLU A 369 10.05 -13.72 -12.41
N ARG A 370 9.03 -14.11 -11.64
CA ARG A 370 8.58 -15.53 -11.54
C ARG A 370 7.65 -15.88 -12.69
N TRP A 371 6.68 -15.02 -13.03
CA TRP A 371 5.56 -15.37 -13.94
C TRP A 371 5.49 -14.47 -15.19
N LEU A 372 6.46 -13.56 -15.40
CA LEU A 372 6.53 -12.73 -16.63
C LEU A 372 7.95 -12.80 -17.20
N SER A 373 8.51 -14.00 -17.20
CA SER A 373 9.84 -14.30 -17.79
C SER A 373 9.86 -15.72 -18.37
N SER A 374 10.76 -15.96 -19.32
CA SER A 374 10.82 -17.19 -20.15
C SER A 374 12.28 -17.58 -20.32
N PRO A 375 12.59 -18.90 -20.43
CA PRO A 375 13.98 -19.35 -20.63
C PRO A 375 14.48 -19.05 -22.05
N HIS B 1 -17.16 8.14 16.30
CA HIS B 1 -17.93 8.49 17.61
C HIS B 1 -19.01 7.44 18.01
N MET B 2 -18.86 6.70 19.12
CA MET B 2 -19.54 5.42 19.37
C MET B 2 -21.03 5.65 19.60
N ALA B 3 -21.87 5.03 18.77
CA ALA B 3 -23.35 5.10 18.88
C ALA B 3 -23.84 3.76 19.40
N LEU B 4 -24.72 3.75 20.41
CA LEU B 4 -25.52 2.57 20.81
C LEU B 4 -26.47 2.23 19.66
N ARG B 5 -26.23 1.10 18.98
CA ARG B 5 -27.08 0.62 17.86
C ARG B 5 -28.32 -0.06 18.46
N VAL B 6 -29.47 0.60 18.35
CA VAL B 6 -30.77 0.20 18.99
C VAL B 6 -31.64 -0.42 17.90
N GLY B 7 -31.79 -1.75 17.95
CA GLY B 7 -32.74 -2.50 17.12
C GLY B 7 -34.16 -2.10 17.45
N ILE B 8 -34.97 -1.88 16.42
CA ILE B 8 -36.42 -1.54 16.52
C ILE B 8 -37.16 -2.56 15.68
N VAL B 9 -37.92 -3.46 16.30
CA VAL B 9 -38.59 -4.58 15.61
C VAL B 9 -40.10 -4.44 15.79
N TYR B 10 -40.83 -4.39 14.68
CA TYR B 10 -42.31 -4.31 14.66
C TYR B 10 -42.85 -4.94 13.39
N GLY B 11 -44.17 -5.20 13.35
CA GLY B 11 -44.84 -5.81 12.19
C GLY B 11 -46.16 -5.16 11.82
N THR B 12 -46.65 -4.20 12.59
CA THR B 12 -48.03 -3.68 12.52
C THR B 12 -48.06 -2.16 12.71
N ARG B 13 -49.10 -1.51 12.20
CA ARG B 13 -49.39 -0.06 12.32
C ARG B 13 -49.28 0.36 13.79
N PRO B 14 -50.05 -0.26 14.72
CA PRO B 14 -50.03 0.14 16.13
C PRO B 14 -48.63 0.19 16.74
N GLU B 15 -47.82 -0.85 16.50
CA GLU B 15 -46.41 -0.90 16.97
C GLU B 15 -45.64 0.27 16.37
N ALA B 16 -45.78 0.50 15.07
CA ALA B 16 -45.02 1.53 14.31
C ALA B 16 -45.31 2.92 14.88
N ILE B 17 -46.58 3.26 15.08
CA ILE B 17 -47.03 4.57 15.65
C ILE B 17 -46.36 4.77 17.01
N LYS B 18 -46.40 3.76 17.88
CA LYS B 18 -45.88 3.87 19.26
C LYS B 18 -44.34 3.91 19.24
N LEU B 19 -43.70 3.29 18.25
CA LEU B 19 -42.23 3.22 18.17
C LEU B 19 -41.67 4.44 17.45
N ALA B 20 -42.46 5.12 16.63
CA ALA B 20 -42.01 6.25 15.77
C ALA B 20 -41.37 7.34 16.62
N PRO B 21 -42.01 7.84 17.70
CA PRO B 21 -41.41 8.89 18.53
C PRO B 21 -40.01 8.51 19.01
N LEU B 22 -39.83 7.24 19.40
CA LEU B 22 -38.57 6.69 19.93
C LEU B 22 -37.52 6.64 18.81
N VAL B 23 -37.91 6.14 17.63
CA VAL B 23 -37.01 6.15 16.44
C VAL B 23 -36.54 7.57 16.18
N LEU B 24 -37.46 8.54 16.14
CA LEU B 24 -37.12 9.96 15.83
C LEU B 24 -36.13 10.49 16.86
N ALA B 25 -36.39 10.26 18.16
CA ALA B 25 -35.51 10.70 19.26
C ALA B 25 -34.14 10.05 19.12
N LEU B 26 -34.08 8.75 18.84
CA LEU B 26 -32.82 7.99 18.64
C LEU B 26 -32.04 8.57 17.45
N ASP B 27 -32.75 8.98 16.39
CA ASP B 27 -32.15 9.55 15.15
C ASP B 27 -31.57 10.93 15.45
N ALA B 28 -32.30 11.76 16.21
CA ALA B 28 -31.91 13.14 16.60
C ALA B 28 -30.67 13.12 17.51
N ASP B 29 -30.64 12.25 18.52
CA ASP B 29 -29.54 12.21 19.52
C ASP B 29 -28.34 11.49 18.90
N PRO B 30 -27.12 12.09 18.96
CA PRO B 30 -25.93 11.49 18.33
C PRO B 30 -25.39 10.23 19.03
N GLY B 31 -25.77 9.98 20.29
CA GLY B 31 -25.31 8.83 21.10
C GLY B 31 -25.93 7.49 20.69
N PHE B 32 -26.97 7.49 19.84
CA PHE B 32 -27.78 6.31 19.45
C PHE B 32 -27.98 6.27 17.93
N GLU B 33 -28.12 5.05 17.39
CA GLU B 33 -28.54 4.81 15.98
C GLU B 33 -29.66 3.79 15.95
N PRO B 34 -30.88 4.18 15.48
CA PRO B 34 -31.97 3.23 15.35
C PRO B 34 -31.76 2.35 14.12
N VAL B 35 -31.99 1.05 14.27
CA VAL B 35 -31.90 0.03 13.19
C VAL B 35 -33.23 -0.71 13.14
N ILE B 36 -34.07 -0.33 12.19
CA ILE B 36 -35.46 -0.85 12.07
C ILE B 36 -35.38 -2.16 11.28
N ILE B 37 -36.01 -3.22 11.82
CA ILE B 37 -36.22 -4.52 11.14
C ILE B 37 -37.70 -4.85 11.28
N THR B 38 -38.43 -4.94 10.18
CA THR B 38 -39.89 -5.21 10.20
C THR B 38 -40.10 -6.72 9.94
N THR B 39 -41.23 -7.23 10.40
CA THR B 39 -41.67 -8.63 10.17
C THR B 39 -42.92 -8.62 9.30
N GLY B 40 -43.39 -7.43 8.89
CA GLY B 40 -44.58 -7.23 8.04
C GLY B 40 -44.26 -7.50 6.57
N LEU B 46 -48.55 0.14 6.57
CA LEU B 46 -47.22 0.33 7.19
C LEU B 46 -46.38 1.36 6.41
N ASP B 47 -46.36 1.28 5.08
CA ASP B 47 -45.59 2.21 4.20
C ASP B 47 -46.09 3.66 4.42
N GLU B 48 -47.41 3.82 4.65
CA GLU B 48 -48.07 5.12 4.95
C GLU B 48 -47.46 5.70 6.23
N ILE B 49 -47.33 4.89 7.28
CA ILE B 49 -46.85 5.31 8.63
C ILE B 49 -45.34 5.54 8.57
N ASN B 50 -44.60 4.64 7.89
CA ASN B 50 -43.14 4.77 7.66
C ASN B 50 -42.87 6.12 6.99
N GLU B 51 -43.64 6.48 5.95
CA GLU B 51 -43.50 7.76 5.19
C GLU B 51 -43.81 8.94 6.11
N LEU B 52 -44.94 8.90 6.83
CA LEU B 52 -45.43 9.99 7.70
C LEU B 52 -44.38 10.40 8.74
N PHE B 53 -43.68 9.43 9.34
CA PHE B 53 -42.71 9.65 10.45
C PHE B 53 -41.26 9.55 9.96
N GLY B 54 -41.05 9.25 8.68
CA GLY B 54 -39.71 9.15 8.06
C GLY B 54 -38.93 7.95 8.57
N LEU B 55 -39.63 6.85 8.89
CA LEU B 55 -39.02 5.54 9.27
C LEU B 55 -38.50 4.86 8.01
N ARG B 56 -37.23 4.42 8.01
CA ARG B 56 -36.57 3.73 6.86
C ARG B 56 -36.07 2.36 7.32
N PRO B 57 -36.86 1.27 7.13
CA PRO B 57 -36.42 -0.08 7.50
C PRO B 57 -35.13 -0.53 6.82
N ARG B 58 -34.17 -1.08 7.58
CA ARG B 58 -32.90 -1.65 7.05
C ARG B 58 -33.19 -3.04 6.47
N HIS B 59 -34.11 -3.80 7.06
CA HIS B 59 -34.53 -5.15 6.59
C HIS B 59 -36.02 -5.35 6.79
N ASN B 60 -36.67 -6.05 5.85
CA ASN B 60 -38.10 -6.46 5.89
C ASN B 60 -38.16 -7.98 5.69
N LEU B 61 -38.20 -8.76 6.77
CA LEU B 61 -38.51 -10.22 6.69
C LEU B 61 -39.97 -10.34 6.26
N ASP B 62 -40.29 -11.25 5.35
CA ASP B 62 -41.65 -11.34 4.75
C ASP B 62 -42.39 -12.47 5.45
N ILE B 63 -42.56 -12.37 6.77
CA ILE B 63 -42.97 -13.50 7.65
C ILE B 63 -44.48 -13.47 7.91
N MET B 64 -45.04 -12.31 8.25
CA MET B 64 -46.47 -12.18 8.64
C MET B 64 -47.38 -12.04 7.41
N ARG B 65 -48.41 -12.88 7.32
CA ARG B 65 -49.54 -12.75 6.34
C ARG B 65 -50.86 -13.03 7.06
N GLN B 68 -52.24 -17.17 9.09
CA GLN B 68 -51.06 -18.03 9.38
C GLN B 68 -51.16 -18.52 10.84
N ARG B 69 -50.77 -19.77 11.09
CA ARG B 69 -50.67 -20.38 12.44
C ARG B 69 -49.64 -19.61 13.27
N LEU B 70 -49.94 -19.39 14.55
CA LEU B 70 -49.07 -18.64 15.47
C LEU B 70 -47.70 -19.34 15.54
N SER B 71 -47.69 -20.68 15.67
CA SER B 71 -46.47 -21.52 15.78
C SER B 71 -45.55 -21.31 14.57
N ALA B 72 -46.10 -21.27 13.36
CA ALA B 72 -45.30 -21.08 12.12
C ALA B 72 -44.67 -19.70 12.12
N MET B 73 -45.45 -18.68 12.48
CA MET B 73 -44.97 -17.27 12.49
C MET B 73 -43.83 -17.13 13.51
N ALA B 74 -44.07 -17.57 14.75
CA ALA B 74 -43.09 -17.49 15.87
C ALA B 74 -41.82 -18.24 15.47
N SER B 75 -41.98 -19.46 14.94
CA SER B 75 -40.89 -20.34 14.48
C SER B 75 -39.99 -19.57 13.50
N ARG B 76 -40.60 -18.84 12.56
CA ARG B 76 -39.84 -18.12 11.50
C ARG B 76 -39.09 -16.95 12.11
N ILE B 77 -39.73 -16.15 12.99
CA ILE B 77 -39.08 -14.96 13.62
C ILE B 77 -37.92 -15.42 14.50
N VAL B 78 -38.14 -16.44 15.34
CA VAL B 78 -37.09 -17.04 16.22
C VAL B 78 -35.95 -17.54 15.35
N GLY B 79 -36.28 -18.20 14.23
CA GLY B 79 -35.31 -18.82 13.32
C GLY B 79 -34.46 -17.79 12.57
N GLU B 80 -35.04 -16.66 12.18
CA GLU B 80 -34.47 -15.83 11.08
C GLU B 80 -34.10 -14.41 11.52
N LEU B 81 -34.53 -13.93 12.70
CA LEU B 81 -34.30 -12.51 13.08
C LEU B 81 -32.88 -12.34 13.61
N GLY B 82 -32.27 -13.39 14.16
CA GLY B 82 -30.89 -13.34 14.69
C GLY B 82 -29.91 -12.75 13.69
N ASP B 83 -29.93 -13.24 12.44
CA ASP B 83 -28.93 -12.89 11.38
C ASP B 83 -28.95 -11.37 11.14
N PRO B 84 -30.09 -10.78 10.71
CA PRO B 84 -30.15 -9.33 10.51
C PRO B 84 -29.74 -8.54 11.77
N LEU B 85 -30.05 -9.03 12.97
CA LEU B 85 -29.63 -8.34 14.22
C LEU B 85 -28.10 -8.37 14.34
N LEU B 86 -27.48 -9.48 13.95
CA LEU B 86 -26.01 -9.64 14.05
C LEU B 86 -25.33 -8.83 12.94
N ASP B 87 -25.79 -8.95 11.69
CA ASP B 87 -25.26 -8.23 10.49
C ASP B 87 -25.28 -6.71 10.73
N GLU B 88 -26.33 -6.19 11.37
CA GLU B 88 -26.51 -4.75 11.62
C GLU B 88 -25.82 -4.33 12.92
N LEU B 89 -25.17 -5.28 13.61
CA LEU B 89 -24.29 -4.99 14.77
C LEU B 89 -25.12 -4.30 15.86
N VAL B 90 -26.31 -4.83 16.13
CA VAL B 90 -27.27 -4.29 17.13
C VAL B 90 -26.71 -4.57 18.52
N ASP B 91 -26.74 -3.57 19.39
CA ASP B 91 -26.25 -3.65 20.80
C ASP B 91 -27.41 -3.95 21.73
N VAL B 92 -28.60 -3.43 21.40
CA VAL B 92 -29.83 -3.44 22.24
C VAL B 92 -31.02 -3.52 21.30
N ALA B 93 -32.03 -4.31 21.63
CA ALA B 93 -33.28 -4.43 20.83
C ALA B 93 -34.44 -3.89 21.65
N VAL B 94 -35.30 -3.11 21.01
CA VAL B 94 -36.57 -2.60 21.58
C VAL B 94 -37.72 -3.27 20.86
N VAL B 95 -38.67 -3.83 21.60
CA VAL B 95 -39.95 -4.37 21.07
C VAL B 95 -41.07 -3.60 21.78
N GLN B 96 -42.23 -3.51 21.15
CA GLN B 96 -43.38 -2.75 21.71
C GLN B 96 -44.59 -3.68 21.93
N GLY B 97 -45.24 -3.55 23.07
CA GLY B 97 -46.62 -4.01 23.30
C GLY B 97 -46.70 -5.49 23.56
N ASP B 98 -47.72 -6.13 22.96
CA ASP B 98 -48.21 -7.49 23.30
C ASP B 98 -48.20 -8.38 22.06
N THR B 99 -47.59 -7.97 20.97
CA THR B 99 -47.64 -8.71 19.67
C THR B 99 -46.78 -9.97 19.77
N SER B 100 -47.10 -10.99 18.99
CA SER B 100 -46.30 -12.24 18.90
C SER B 100 -44.93 -11.92 18.27
N THR B 101 -44.83 -10.84 17.49
CA THR B 101 -43.54 -10.34 16.96
C THR B 101 -42.66 -9.88 18.13
N ALA B 102 -43.19 -9.03 19.00
CA ALA B 102 -42.46 -8.47 20.16
C ALA B 102 -41.89 -9.63 20.97
N PHE B 103 -42.67 -10.68 21.20
CA PHE B 103 -42.21 -11.85 21.98
C PHE B 103 -41.14 -12.61 21.22
N ALA B 104 -41.43 -13.07 20.00
CA ALA B 104 -40.51 -13.91 19.22
C ALA B 104 -39.22 -13.15 18.95
N ALA B 105 -39.30 -11.86 18.61
CA ALA B 105 -38.11 -10.99 18.37
C ALA B 105 -37.29 -10.89 19.64
N ALA B 106 -37.94 -10.68 20.79
CA ALA B 106 -37.25 -10.57 22.08
C ALA B 106 -36.51 -11.89 22.36
N TYR B 107 -37.14 -13.04 22.14
CA TYR B 107 -36.50 -14.36 22.35
C TYR B 107 -35.30 -14.50 21.41
N ALA B 108 -35.45 -14.13 20.13
CA ALA B 108 -34.36 -14.17 19.14
C ALA B 108 -33.19 -13.31 19.62
N ALA B 109 -33.48 -12.09 20.06
CA ALA B 109 -32.45 -11.16 20.59
C ALA B 109 -31.73 -11.85 21.76
N ALA B 110 -32.48 -12.45 22.68
CA ALA B 110 -31.94 -13.08 23.91
C ALA B 110 -31.01 -14.23 23.54
N CYS B 111 -31.36 -15.02 22.52
CA CYS B 111 -30.50 -16.14 22.00
C CYS B 111 -29.12 -15.61 21.58
N GLU B 112 -29.05 -14.39 21.03
CA GLU B 112 -27.78 -13.76 20.58
C GLU B 112 -27.18 -12.90 21.70
N ARG B 113 -27.67 -13.03 22.94
CA ARG B 113 -27.21 -12.25 24.12
C ARG B 113 -27.30 -10.74 23.84
N ILE B 114 -28.26 -10.32 23.00
CA ILE B 114 -28.61 -8.89 22.77
C ILE B 114 -29.62 -8.48 23.83
N PRO B 115 -29.27 -7.54 24.75
CA PRO B 115 -30.22 -7.07 25.75
C PRO B 115 -31.47 -6.48 25.09
N VAL B 116 -32.63 -6.64 25.76
CA VAL B 116 -33.96 -6.21 25.24
C VAL B 116 -34.53 -5.15 26.19
N ALA B 117 -35.12 -4.12 25.58
CA ALA B 117 -35.97 -3.13 26.28
C ALA B 117 -37.38 -3.26 25.74
N HIS B 118 -38.37 -3.13 26.61
CA HIS B 118 -39.80 -3.31 26.28
C HIS B 118 -40.52 -1.97 26.40
N LEU B 119 -41.02 -1.46 25.27
CA LEU B 119 -41.82 -0.21 25.23
C LEU B 119 -43.28 -0.58 25.49
N GLU B 120 -43.90 0.11 26.46
CA GLU B 120 -45.31 -0.08 26.90
C GLU B 120 -45.39 -1.38 27.71
N ALA B 121 -44.75 -1.43 28.87
CA ALA B 121 -44.60 -2.63 29.72
C ALA B 121 -45.54 -2.55 30.92
N GLY B 122 -46.13 -3.69 31.32
CA GLY B 122 -46.85 -3.87 32.60
C GLY B 122 -48.35 -3.82 32.49
N LEU B 123 -48.93 -3.55 31.31
CA LEU B 123 -50.42 -3.55 31.18
C LEU B 123 -50.92 -4.98 31.42
N ARG B 124 -51.92 -5.15 32.28
CA ARG B 124 -52.51 -6.47 32.64
C ARG B 124 -54.02 -6.32 32.74
N THR B 125 -54.77 -7.29 32.23
CA THR B 125 -56.24 -7.46 32.42
C THR B 125 -56.47 -8.08 33.80
N GLY B 126 -55.65 -9.06 34.16
CA GLY B 126 -55.77 -9.85 35.39
C GLY B 126 -56.44 -11.20 35.15
N ASP B 127 -56.88 -11.48 33.92
CA ASP B 127 -57.55 -12.75 33.51
C ASP B 127 -56.59 -13.51 32.59
N ARG B 128 -56.24 -14.75 32.96
CA ARG B 128 -55.17 -15.57 32.33
C ARG B 128 -55.56 -15.99 30.90
N PHE B 129 -54.64 -15.82 29.94
CA PHE B 129 -54.79 -16.18 28.49
C PHE B 129 -55.99 -15.45 27.87
N GLU B 130 -56.36 -14.31 28.45
CA GLU B 130 -57.55 -13.50 28.05
C GLU B 130 -57.12 -12.04 27.91
N PRO B 131 -56.89 -11.51 26.69
CA PRO B 131 -57.00 -12.28 25.44
C PRO B 131 -55.76 -13.13 25.13
N PHE B 132 -55.87 -14.06 24.19
CA PHE B 132 -54.76 -14.92 23.72
C PHE B 132 -54.42 -14.54 22.29
N PRO B 133 -53.12 -14.36 21.94
CA PRO B 133 -52.01 -14.59 22.87
C PRO B 133 -51.42 -13.36 23.58
N GLU B 134 -52.11 -12.21 23.55
CA GLU B 134 -51.54 -10.90 23.97
C GLU B 134 -51.08 -10.97 25.43
N GLU B 135 -51.89 -11.54 26.32
CA GLU B 135 -51.65 -11.50 27.78
C GLU B 135 -50.41 -12.35 28.08
N ILE B 136 -50.27 -13.52 27.45
CA ILE B 136 -49.09 -14.41 27.69
C ILE B 136 -47.85 -13.76 27.07
N ASN B 137 -47.97 -13.09 25.94
CA ASN B 137 -46.83 -12.41 25.27
C ASN B 137 -46.20 -11.39 26.22
N ARG B 138 -47.02 -10.53 26.81
CA ARG B 138 -46.58 -9.50 27.78
C ARG B 138 -45.79 -10.17 28.92
N ARG B 139 -46.31 -11.25 29.48
CA ARG B 139 -45.65 -11.91 30.64
C ARG B 139 -44.33 -12.55 30.20
N LEU B 140 -44.24 -13.05 28.96
CA LEU B 140 -43.00 -13.67 28.42
C LEU B 140 -41.97 -12.56 28.13
N ILE B 141 -42.38 -11.51 27.43
CA ILE B 141 -41.49 -10.35 27.12
C ILE B 141 -40.94 -9.81 28.43
N THR B 142 -41.79 -9.75 29.46
CA THR B 142 -41.48 -9.16 30.79
C THR B 142 -40.27 -9.88 31.39
N GLN B 143 -40.16 -11.21 31.24
CA GLN B 143 -39.03 -12.01 31.79
C GLN B 143 -37.81 -11.84 30.88
N LEU B 144 -37.98 -11.60 29.57
CA LEU B 144 -36.86 -11.50 28.60
C LEU B 144 -36.20 -10.12 28.69
N ALA B 145 -36.99 -9.05 28.86
CA ALA B 145 -36.52 -7.65 28.84
C ALA B 145 -35.62 -7.36 30.03
N ASP B 146 -34.51 -6.64 29.80
CA ASP B 146 -33.62 -6.11 30.87
C ASP B 146 -34.20 -4.78 31.38
N LEU B 147 -34.93 -4.07 30.53
CA LEU B 147 -35.40 -2.69 30.78
C LEU B 147 -36.87 -2.60 30.35
N HIS B 148 -37.71 -1.97 31.19
CA HIS B 148 -39.17 -1.88 31.00
C HIS B 148 -39.59 -0.42 31.05
N PHE B 149 -40.10 0.13 29.94
CA PHE B 149 -40.68 1.49 29.86
C PHE B 149 -42.18 1.39 30.15
N ALA B 150 -42.55 1.50 31.42
CA ALA B 150 -43.95 1.45 31.90
C ALA B 150 -44.61 2.79 31.60
N PRO B 151 -45.88 2.80 31.13
CA PRO B 151 -46.56 4.05 30.83
C PRO B 151 -47.25 4.70 32.05
N THR B 152 -47.45 3.96 33.13
CA THR B 152 -48.11 4.45 34.36
C THR B 152 -47.49 3.77 35.58
N ALA B 153 -47.78 4.30 36.77
CA ALA B 153 -47.37 3.74 38.07
C ALA B 153 -48.01 2.36 38.27
N ASP B 154 -49.28 2.23 37.89
CA ASP B 154 -50.05 0.96 37.95
C ASP B 154 -49.29 -0.14 37.19
N ALA B 155 -48.88 0.14 35.94
CA ALA B 155 -48.13 -0.79 35.07
C ALA B 155 -46.80 -1.17 35.73
N ALA B 156 -46.10 -0.20 36.32
CA ALA B 156 -44.83 -0.45 37.03
C ALA B 156 -45.06 -1.45 38.17
N GLY B 157 -46.17 -1.29 38.90
CA GLY B 157 -46.54 -2.20 40.00
C GLY B 157 -46.70 -3.63 39.51
N ASN B 158 -47.37 -3.80 38.38
CA ASN B 158 -47.62 -5.13 37.78
C ASN B 158 -46.29 -5.84 37.48
N LEU B 159 -45.29 -5.09 37.01
CA LEU B 159 -43.94 -5.64 36.72
C LEU B 159 -43.29 -6.13 38.03
N LEU B 160 -43.35 -5.32 39.10
CA LEU B 160 -42.75 -5.68 40.43
C LEU B 160 -43.38 -6.99 40.93
N ALA B 161 -44.68 -7.18 40.69
CA ALA B 161 -45.45 -8.35 41.14
C ALA B 161 -45.02 -9.62 40.38
N GLU B 162 -44.36 -9.47 39.22
CA GLU B 162 -43.87 -10.62 38.41
C GLU B 162 -42.36 -10.76 38.58
N GLY B 163 -41.78 -10.04 39.55
CA GLY B 163 -40.43 -10.33 40.06
C GLY B 163 -39.36 -9.46 39.42
N VAL B 164 -39.77 -8.45 38.65
CA VAL B 164 -38.83 -7.50 38.00
C VAL B 164 -38.23 -6.61 39.10
N ARG B 165 -36.91 -6.43 39.07
CA ARG B 165 -36.15 -5.52 39.96
C ARG B 165 -36.58 -4.08 39.67
N SER B 166 -36.86 -3.30 40.71
CA SER B 166 -37.27 -1.88 40.65
C SER B 166 -36.36 -1.05 39.73
N ASP B 167 -35.06 -1.31 39.72
CA ASP B 167 -34.03 -0.54 38.96
C ASP B 167 -34.22 -0.74 37.45
N ASP B 168 -34.97 -1.76 37.03
CA ASP B 168 -35.16 -2.12 35.60
C ASP B 168 -36.47 -1.47 35.08
N VAL B 169 -37.23 -0.78 35.94
CA VAL B 169 -38.55 -0.19 35.57
C VAL B 169 -38.46 1.33 35.59
N TYR B 170 -38.71 1.97 34.44
CA TYR B 170 -38.88 3.44 34.34
C TYR B 170 -40.34 3.71 33.95
N VAL B 171 -41.04 4.56 34.70
CA VAL B 171 -42.36 5.10 34.33
C VAL B 171 -42.14 6.26 33.35
N THR B 172 -42.18 5.99 32.04
CA THR B 172 -41.86 6.95 30.95
C THR B 172 -43.13 7.60 30.38
N GLY B 173 -44.31 7.06 30.72
CA GLY B 173 -45.55 7.39 30.01
C GLY B 173 -45.58 6.73 28.64
N ASN B 174 -46.66 6.93 27.88
CA ASN B 174 -46.92 6.22 26.61
C ASN B 174 -46.49 7.11 25.44
N THR B 175 -45.72 6.55 24.51
CA THR B 175 -45.19 7.25 23.32
C THR B 175 -46.33 7.55 22.35
N VAL B 176 -47.49 6.91 22.50
CA VAL B 176 -48.67 7.17 21.63
C VAL B 176 -49.07 8.65 21.80
N ILE B 177 -48.86 9.23 22.99
CA ILE B 177 -49.18 10.66 23.26
C ILE B 177 -48.19 11.53 22.48
N ASP B 178 -46.88 11.23 22.52
CA ASP B 178 -45.86 11.90 21.68
C ASP B 178 -46.33 11.92 20.24
N ALA B 179 -46.77 10.77 19.73
CA ALA B 179 -47.11 10.52 18.32
C ALA B 179 -48.31 11.39 17.92
N MET B 180 -49.33 11.44 18.78
CA MET B 180 -50.51 12.33 18.63
C MET B 180 -50.04 13.76 18.39
N HIS B 181 -49.17 14.27 19.27
CA HIS B 181 -48.70 15.68 19.24
C HIS B 181 -47.94 15.93 17.95
N LEU B 182 -47.21 14.94 17.43
CA LEU B 182 -46.39 15.07 16.20
C LEU B 182 -47.28 15.17 14.96
N VAL B 183 -48.57 14.80 15.01
CA VAL B 183 -49.48 14.84 13.82
C VAL B 183 -50.52 15.94 13.99
N LEU B 184 -50.68 16.53 15.18
CA LEU B 184 -51.54 17.72 15.39
C LEU B 184 -50.82 18.96 14.86
N ASP B 185 -49.48 18.94 14.71
CA ASP B 185 -48.70 19.90 13.87
C ASP B 185 -49.11 19.80 12.39
N ASN B 192 -58.87 16.97 5.80
CA ASN B 192 -59.58 15.93 5.01
C ASN B 192 -60.94 16.48 4.58
N ARG B 193 -61.11 16.73 3.28
CA ARG B 193 -62.27 17.45 2.70
C ARG B 193 -63.60 16.76 3.07
N GLU B 194 -63.76 15.50 2.66
CA GLU B 194 -65.04 14.74 2.78
C GLU B 194 -65.38 14.48 4.25
N LEU B 195 -64.37 14.21 5.07
CA LEU B 195 -64.55 13.90 6.51
C LEU B 195 -65.09 15.14 7.23
N ASP B 196 -64.50 16.31 6.95
CA ASP B 196 -64.92 17.63 7.48
C ASP B 196 -66.34 17.94 6.99
N ALA B 197 -66.60 17.81 5.69
CA ALA B 197 -67.93 17.97 5.06
C ALA B 197 -68.97 17.13 5.81
N PHE B 198 -68.63 15.90 6.22
CA PHE B 198 -69.57 14.93 6.84
C PHE B 198 -69.83 15.30 8.31
N THR B 199 -68.83 15.82 9.01
CA THR B 199 -68.86 16.08 10.48
C THR B 199 -69.32 17.52 10.80
N GLU B 200 -68.83 18.51 10.04
CA GLU B 200 -69.17 19.97 10.12
C GLU B 200 -70.57 20.17 10.74
N GLY B 201 -70.62 20.78 11.93
CA GLY B 201 -71.87 21.18 12.62
C GLY B 201 -72.79 20.02 12.94
N ARG B 202 -72.25 18.83 13.20
CA ARG B 202 -73.01 17.63 13.63
C ARG B 202 -72.30 16.97 14.81
N GLN B 203 -73.09 16.38 15.71
CA GLN B 203 -72.59 15.48 16.79
C GLN B 203 -72.15 14.16 16.15
N THR B 204 -70.84 13.90 16.10
CA THR B 204 -70.20 12.75 15.42
C THR B 204 -69.58 11.78 16.42
N VAL B 205 -70.06 10.53 16.45
CA VAL B 205 -69.43 9.42 17.23
C VAL B 205 -68.34 8.76 16.37
N LEU B 206 -67.14 8.59 16.92
CA LEU B 206 -66.03 7.82 16.28
C LEU B 206 -66.07 6.39 16.84
N LEU B 207 -66.16 5.39 15.96
CA LEU B 207 -66.17 3.97 16.35
C LEU B 207 -65.09 3.23 15.56
N THR B 208 -64.20 2.53 16.28
CA THR B 208 -63.25 1.53 15.72
C THR B 208 -63.43 0.24 16.54
N MET B 209 -63.45 -0.89 15.86
CA MET B 209 -63.62 -2.21 16.51
C MET B 209 -62.87 -3.24 15.66
N HIS B 210 -61.98 -4.02 16.26
CA HIS B 210 -61.03 -4.89 15.53
C HIS B 210 -60.71 -6.19 16.28
N ARG B 211 -60.94 -6.30 17.58
CA ARG B 211 -60.46 -7.45 18.38
C ARG B 211 -61.05 -8.74 17.79
N ARG B 212 -60.20 -9.75 17.58
CA ARG B 212 -60.55 -11.04 16.91
C ARG B 212 -61.67 -11.74 17.70
N GLU B 213 -61.63 -11.71 19.03
CA GLU B 213 -62.63 -12.41 19.88
C GLU B 213 -64.03 -11.80 19.72
N SER B 214 -64.17 -10.68 18.99
CA SER B 214 -65.46 -9.95 18.79
C SER B 214 -65.98 -10.12 17.36
N TRP B 215 -65.19 -10.70 16.46
CA TRP B 215 -65.56 -10.94 15.03
C TRP B 215 -66.88 -11.72 14.97
N GLY B 216 -67.72 -11.41 13.98
CA GLY B 216 -69.01 -12.10 13.76
C GLY B 216 -70.14 -11.53 14.60
N ILE B 217 -70.73 -12.34 15.47
CA ILE B 217 -72.00 -12.00 16.17
C ILE B 217 -71.79 -10.70 16.95
N PRO B 218 -70.76 -10.61 17.84
CA PRO B 218 -70.61 -9.45 18.72
C PRO B 218 -70.48 -8.13 17.95
N MET B 219 -69.72 -8.10 16.85
CA MET B 219 -69.64 -6.92 15.97
C MET B 219 -71.02 -6.58 15.39
N GLY B 220 -71.77 -7.60 14.97
CA GLY B 220 -73.17 -7.47 14.52
C GLY B 220 -74.00 -6.74 15.56
N ARG B 221 -73.88 -7.15 16.83
CA ARG B 221 -74.61 -6.51 17.96
C ARG B 221 -74.23 -5.03 18.04
N VAL B 222 -72.94 -4.70 17.92
CA VAL B 222 -72.45 -3.29 18.00
C VAL B 222 -72.99 -2.50 16.81
N ALA B 223 -73.00 -3.10 15.61
CA ALA B 223 -73.54 -2.47 14.38
C ALA B 223 -75.04 -2.24 14.53
N ALA B 224 -75.76 -3.18 15.16
CA ALA B 224 -77.20 -3.07 15.49
C ALA B 224 -77.42 -1.84 16.39
N ALA B 225 -76.61 -1.68 17.44
CA ALA B 225 -76.65 -0.56 18.39
C ALA B 225 -76.46 0.76 17.63
N VAL B 226 -75.53 0.82 16.68
CA VAL B 226 -75.28 2.05 15.87
C VAL B 226 -76.53 2.35 15.03
N ALA B 227 -77.19 1.31 14.51
CA ALA B 227 -78.43 1.42 13.70
C ALA B 227 -79.57 2.00 14.55
N GLU B 228 -79.82 1.40 15.72
CA GLU B 228 -80.90 1.85 16.65
C GLU B 228 -80.67 3.33 17.00
N LEU B 229 -79.47 3.69 17.46
CA LEU B 229 -79.10 5.08 17.83
C LEU B 229 -79.33 6.01 16.64
N CYS B 230 -79.00 5.60 15.42
CA CYS B 230 -79.09 6.43 14.19
C CYS B 230 -80.54 6.79 13.89
N ARG B 231 -81.44 5.80 13.89
CA ARG B 231 -82.88 5.96 13.57
C ARG B 231 -83.52 6.82 14.67
N SER B 232 -83.18 6.57 15.94
CA SER B 232 -83.71 7.29 17.14
C SER B 232 -83.28 8.76 17.15
N ARG B 233 -82.14 9.11 16.52
CA ARG B 233 -81.50 10.45 16.70
C ARG B 233 -81.03 10.98 15.35
N PRO B 234 -81.95 11.47 14.50
CA PRO B 234 -81.63 11.90 13.13
C PRO B 234 -80.43 12.85 12.95
N THR B 235 -80.06 13.64 13.96
CA THR B 235 -78.93 14.61 13.89
C THR B 235 -77.60 13.92 14.19
N LEU B 236 -77.64 12.70 14.76
CA LEU B 236 -76.44 11.93 15.16
C LEU B 236 -75.74 11.38 13.92
N ARG B 237 -74.42 11.46 13.90
CA ARG B 237 -73.55 10.92 12.83
C ARG B 237 -72.53 9.96 13.45
N PHE B 238 -72.14 8.92 12.70
CA PHE B 238 -71.03 7.99 13.02
C PHE B 238 -70.01 8.01 11.88
N VAL B 239 -68.73 8.08 12.22
CA VAL B 239 -67.60 7.78 11.30
C VAL B 239 -66.96 6.50 11.82
N ILE B 240 -66.86 5.47 10.96
CA ILE B 240 -66.35 4.12 11.32
C ILE B 240 -65.24 3.75 10.33
N PRO B 241 -63.96 4.03 10.67
CA PRO B 241 -62.82 3.51 9.94
C PRO B 241 -62.71 2.01 10.22
N LEU B 242 -62.74 1.21 9.15
CA LEU B 242 -62.85 -0.26 9.24
C LEU B 242 -61.45 -0.87 9.28
N HIS B 243 -61.20 -1.73 10.24
CA HIS B 243 -60.00 -2.62 10.32
C HIS B 243 -59.85 -3.36 8.98
N PRO B 244 -58.63 -3.46 8.42
CA PRO B 244 -58.41 -4.10 7.13
C PRO B 244 -58.49 -5.63 7.25
N ASN B 245 -59.71 -6.14 7.32
CA ASN B 245 -60.06 -7.57 7.25
C ASN B 245 -61.43 -7.67 6.58
N PRO B 246 -61.62 -8.52 5.54
CA PRO B 246 -62.88 -8.54 4.80
C PRO B 246 -64.09 -9.00 5.63
N GLU B 247 -63.88 -9.80 6.68
CA GLU B 247 -64.95 -10.29 7.59
C GLU B 247 -65.46 -9.14 8.48
N VAL B 248 -64.56 -8.26 8.91
CA VAL B 248 -64.90 -7.06 9.73
C VAL B 248 -65.64 -6.06 8.83
N ARG B 249 -65.14 -5.83 7.62
CA ARG B 249 -65.74 -4.87 6.66
C ARG B 249 -67.16 -5.33 6.28
N ARG B 250 -67.38 -6.64 6.19
CA ARG B 250 -68.68 -7.19 5.69
C ARG B 250 -69.74 -7.00 6.77
N VAL B 251 -69.43 -7.23 8.04
CA VAL B 251 -70.42 -7.12 9.15
C VAL B 251 -70.91 -5.68 9.23
N PHE B 252 -70.02 -4.69 9.15
CA PHE B 252 -70.38 -3.25 9.23
C PHE B 252 -71.11 -2.83 7.95
N ARG B 253 -70.57 -3.20 6.78
CA ARG B 253 -71.14 -2.83 5.46
C ARG B 253 -72.57 -3.36 5.35
N SER B 254 -72.78 -4.62 5.70
CA SER B 254 -74.09 -5.33 5.56
C SER B 254 -75.11 -4.77 6.55
N HIS B 255 -74.68 -4.13 7.64
CA HIS B 255 -75.58 -3.59 8.69
C HIS B 255 -75.84 -2.08 8.47
N LEU B 256 -74.91 -1.31 7.88
CA LEU B 256 -74.93 0.18 8.00
C LEU B 256 -74.70 0.91 6.66
N SER B 257 -74.42 0.23 5.55
CA SER B 257 -74.00 0.90 4.28
C SER B 257 -75.14 1.75 3.68
N SER B 258 -76.40 1.52 4.08
CA SER B 258 -77.59 2.24 3.55
C SER B 258 -77.88 3.51 4.37
N LEU B 259 -77.49 3.55 5.65
CA LEU B 259 -77.71 4.70 6.57
C LEU B 259 -76.75 5.82 6.19
N THR B 260 -77.25 6.98 5.74
CA THR B 260 -76.38 8.14 5.35
C THR B 260 -75.95 8.90 6.61
N GLN B 261 -76.42 8.50 7.79
CA GLN B 261 -75.91 9.01 9.11
C GLN B 261 -74.54 8.38 9.45
N VAL B 262 -74.21 7.23 8.85
CA VAL B 262 -72.94 6.49 9.05
C VAL B 262 -72.05 6.73 7.83
N LEU B 263 -70.79 7.12 8.06
CA LEU B 263 -69.73 7.13 7.02
C LEU B 263 -68.73 6.01 7.33
N LEU B 264 -68.83 4.88 6.64
CA LEU B 264 -67.83 3.79 6.72
C LEU B 264 -66.59 4.28 5.97
N CYS B 265 -65.40 4.10 6.53
CA CYS B 265 -64.11 4.56 5.95
C CYS B 265 -63.15 3.39 5.78
N GLU B 266 -62.23 3.54 4.83
CA GLU B 266 -60.96 2.75 4.76
C GLU B 266 -60.14 3.15 5.98
N PRO B 267 -59.15 2.34 6.40
CA PRO B 267 -58.19 2.76 7.42
C PRO B 267 -57.70 4.17 7.07
N LEU B 268 -57.66 5.08 8.05
CA LEU B 268 -57.26 6.49 7.86
C LEU B 268 -55.78 6.63 8.22
N ARG B 269 -55.06 7.48 7.50
CA ARG B 269 -53.66 7.87 7.85
C ARG B 269 -53.73 8.50 9.26
N TYR B 270 -52.68 8.30 10.06
CA TYR B 270 -52.71 8.58 11.52
C TYR B 270 -53.15 10.03 11.78
N SER B 271 -52.64 10.96 10.97
CA SER B 271 -52.97 12.41 11.00
C SER B 271 -54.47 12.61 10.84
N GLU B 272 -55.03 12.14 9.72
CA GLU B 272 -56.49 12.22 9.40
C GLU B 272 -57.29 11.63 10.56
N PHE B 273 -56.82 10.53 11.14
CA PHE B 273 -57.55 9.78 12.18
C PHE B 273 -57.59 10.58 13.49
N ILE B 274 -56.44 11.15 13.88
CA ILE B 274 -56.32 11.95 15.13
C ILE B 274 -57.15 13.23 15.01
N ARG B 275 -57.12 13.86 13.84
CA ARG B 275 -57.95 15.04 13.51
C ARG B 275 -59.44 14.68 13.73
N LEU B 276 -59.89 13.58 13.15
CA LEU B 276 -61.29 13.10 13.27
C LEU B 276 -61.65 12.88 14.74
N MET B 277 -60.73 12.29 15.52
CA MET B 277 -61.00 11.97 16.93
C MET B 277 -61.21 13.28 17.70
N HIS B 278 -60.47 14.33 17.30
CA HIS B 278 -60.53 15.69 17.88
C HIS B 278 -61.92 16.32 17.68
N ARG B 279 -62.56 16.04 16.54
CA ARG B 279 -63.90 16.58 16.14
C ARG B 279 -65.03 15.73 16.70
N ALA B 280 -64.76 14.49 17.10
CA ALA B 280 -65.79 13.54 17.57
C ALA B 280 -66.35 14.03 18.92
N VAL B 281 -67.63 13.80 19.20
CA VAL B 281 -68.25 14.15 20.51
C VAL B 281 -67.89 13.08 21.52
N LEU B 282 -67.82 11.82 21.09
CA LEU B 282 -67.33 10.70 21.93
C LEU B 282 -66.83 9.54 21.06
N VAL B 283 -66.19 8.56 21.69
CA VAL B 283 -65.44 7.46 21.02
C VAL B 283 -65.93 6.11 21.56
N LEU B 284 -66.37 5.23 20.66
CA LEU B 284 -66.60 3.77 20.93
C LEU B 284 -65.45 2.99 20.30
N THR B 285 -64.75 2.16 21.05
CA THR B 285 -63.55 1.45 20.55
C THR B 285 -63.26 0.21 21.40
N ASP B 286 -62.62 -0.79 20.80
CA ASP B 286 -61.94 -1.88 21.54
C ASP B 286 -60.43 -1.74 21.36
N SER B 287 -59.99 -0.66 20.71
CA SER B 287 -58.55 -0.34 20.49
C SER B 287 -57.87 0.04 21.80
N GLY B 288 -56.65 -0.47 22.03
CA GLY B 288 -55.80 -0.04 23.16
C GLY B 288 -55.27 1.36 22.94
N GLY B 289 -54.74 1.64 21.75
CA GLY B 289 -54.21 2.96 21.35
C GLY B 289 -55.28 4.05 21.51
N VAL B 290 -56.48 3.84 20.97
CA VAL B 290 -57.55 4.87 20.98
C VAL B 290 -57.96 5.11 22.43
N GLN B 291 -57.98 4.09 23.28
CA GLN B 291 -58.32 4.25 24.72
C GLN B 291 -57.32 5.17 25.43
N GLU B 292 -56.12 5.34 24.87
CA GLU B 292 -55.03 6.18 25.43
C GLU B 292 -55.12 7.58 24.80
N GLU B 293 -55.44 7.65 23.50
CA GLU B 293 -55.44 8.91 22.70
C GLU B 293 -56.69 9.73 23.04
N ALA B 294 -57.88 9.14 23.00
CA ALA B 294 -59.18 9.85 23.13
C ALA B 294 -59.28 10.58 24.47
N PRO B 295 -59.00 9.95 25.64
CA PRO B 295 -59.06 10.66 26.91
C PRO B 295 -58.16 11.92 26.93
N THR B 296 -57.01 11.84 26.26
CA THR B 296 -56.01 12.95 26.19
C THR B 296 -56.57 14.13 25.38
N LEU B 297 -57.56 13.92 24.50
CA LEU B 297 -58.27 15.00 23.76
C LEU B 297 -59.60 15.33 24.46
N GLY B 298 -59.79 14.86 25.69
CA GLY B 298 -61.01 15.06 26.48
C GLY B 298 -62.26 14.53 25.79
N LYS B 299 -62.15 13.40 25.07
CA LYS B 299 -63.33 12.68 24.52
C LYS B 299 -63.66 11.51 25.43
N PRO B 300 -64.90 11.44 25.95
CA PRO B 300 -65.35 10.23 26.65
C PRO B 300 -65.19 8.99 25.77
N VAL B 301 -64.77 7.88 26.36
CA VAL B 301 -64.54 6.59 25.66
C VAL B 301 -65.47 5.54 26.27
N LEU B 302 -66.27 4.91 25.43
CA LEU B 302 -67.02 3.68 25.75
C LEU B 302 -66.25 2.50 25.14
N VAL B 303 -65.75 1.61 25.99
CA VAL B 303 -64.85 0.50 25.59
C VAL B 303 -65.70 -0.72 25.26
N LEU B 304 -65.59 -1.20 24.02
CA LEU B 304 -66.40 -2.30 23.45
C LEU B 304 -65.76 -3.64 23.84
N ARG B 305 -65.57 -3.87 25.14
CA ARG B 305 -64.89 -5.07 25.69
C ARG B 305 -65.44 -5.36 27.09
N ASP B 306 -65.19 -6.55 27.61
CA ASP B 306 -65.63 -7.01 28.96
C ASP B 306 -64.52 -6.77 29.99
N ARG B 307 -63.33 -6.38 29.53
CA ARG B 307 -62.12 -6.16 30.34
C ARG B 307 -61.23 -5.16 29.57
N THR B 308 -60.27 -4.54 30.24
CA THR B 308 -59.24 -3.68 29.61
C THR B 308 -57.92 -3.83 30.37
N GLU B 309 -56.79 -3.63 29.69
CA GLU B 309 -55.45 -3.58 30.31
C GLU B 309 -55.17 -2.13 30.71
N ARG B 310 -56.15 -1.23 30.47
CA ARG B 310 -56.07 0.22 30.75
C ARG B 310 -57.08 0.61 31.83
N PRO B 311 -56.90 0.18 33.11
CA PRO B 311 -57.87 0.48 34.17
C PRO B 311 -57.80 1.92 34.70
N GLU B 312 -56.72 2.63 34.37
CA GLU B 312 -56.45 4.03 34.80
C GLU B 312 -57.62 4.91 34.34
N GLY B 313 -57.99 4.84 33.06
CA GLY B 313 -59.13 5.57 32.48
C GLY B 313 -60.45 5.17 33.12
N ILE B 314 -60.61 3.90 33.49
CA ILE B 314 -61.82 3.38 34.17
C ILE B 314 -61.91 4.08 35.53
N ALA B 315 -60.85 3.99 36.33
CA ALA B 315 -60.76 4.53 37.71
C ALA B 315 -61.00 6.04 37.72
N ALA B 316 -60.42 6.78 36.75
CA ALA B 316 -60.49 8.25 36.67
C ALA B 316 -61.85 8.68 36.11
N GLY B 317 -62.64 7.75 35.58
CA GLY B 317 -63.97 8.02 34.97
C GLY B 317 -63.90 8.50 33.53
N CYS B 318 -62.71 8.58 32.91
CA CYS B 318 -62.49 8.94 31.47
C CYS B 318 -63.17 7.94 30.52
N ALA B 319 -63.36 6.70 30.96
CA ALA B 319 -63.71 5.55 30.11
C ALA B 319 -64.59 4.57 30.91
N ARG B 320 -65.53 3.91 30.24
CA ARG B 320 -66.42 2.91 30.87
C ARG B 320 -66.46 1.67 29.97
N LEU B 321 -66.38 0.50 30.59
CA LEU B 321 -66.67 -0.81 29.95
C LEU B 321 -68.15 -0.85 29.57
N VAL B 322 -68.41 -1.36 28.37
CA VAL B 322 -69.74 -1.35 27.70
C VAL B 322 -69.96 -2.70 27.01
N GLY B 323 -68.89 -3.44 26.74
CA GLY B 323 -68.95 -4.77 26.09
C GLY B 323 -69.56 -4.67 24.71
N THR B 324 -70.33 -5.68 24.32
CA THR B 324 -70.95 -5.81 22.98
C THR B 324 -72.47 -6.01 23.15
N ASP B 325 -73.02 -5.52 24.27
CA ASP B 325 -74.49 -5.56 24.57
C ASP B 325 -75.12 -4.32 23.95
N PRO B 326 -76.03 -4.48 22.96
CA PRO B 326 -76.60 -3.33 22.25
C PRO B 326 -77.43 -2.43 23.16
N ALA B 327 -78.25 -3.00 24.05
CA ALA B 327 -79.09 -2.24 25.02
C ALA B 327 -78.20 -1.28 25.81
N LEU B 328 -77.10 -1.77 26.38
CA LEU B 328 -76.16 -0.99 27.23
C LEU B 328 -75.44 0.08 26.40
N ILE B 329 -75.01 -0.24 25.17
CA ILE B 329 -74.32 0.75 24.28
C ILE B 329 -75.29 1.90 23.99
N VAL B 330 -76.54 1.56 23.63
CA VAL B 330 -77.62 2.54 23.32
C VAL B 330 -77.83 3.44 24.54
N LYS B 331 -78.08 2.84 25.71
CA LYS B 331 -78.30 3.56 27.00
C LYS B 331 -77.12 4.51 27.25
N GLU B 332 -75.90 3.97 27.23
CA GLU B 332 -74.66 4.66 27.64
C GLU B 332 -74.36 5.83 26.69
N VAL B 333 -74.55 5.64 25.39
CA VAL B 333 -74.33 6.70 24.35
C VAL B 333 -75.39 7.79 24.54
N GLY B 334 -76.65 7.40 24.77
CA GLY B 334 -77.78 8.31 25.04
C GLY B 334 -77.52 9.17 26.25
N ARG B 335 -77.29 8.53 27.40
CA ARG B 335 -76.89 9.20 28.66
C ARG B 335 -75.94 10.36 28.32
N LEU B 336 -74.82 10.09 27.63
CA LEU B 336 -73.75 11.08 27.35
C LEU B 336 -74.24 12.18 26.39
N LEU B 337 -75.20 11.88 25.51
CA LEU B 337 -75.65 12.83 24.46
C LEU B 337 -76.71 13.77 25.03
N ASP B 338 -77.55 13.28 25.95
CA ASP B 338 -78.70 14.01 26.54
C ASP B 338 -78.22 14.81 27.76
N ASP B 339 -77.62 14.13 28.74
CA ASP B 339 -77.30 14.63 30.10
C ASP B 339 -75.88 15.22 30.12
N PRO B 340 -75.68 16.54 30.00
CA PRO B 340 -74.34 17.14 29.99
C PRO B 340 -73.54 16.98 31.29
N GLU B 341 -74.18 16.56 32.37
CA GLU B 341 -73.53 16.33 33.69
C GLU B 341 -72.74 15.01 33.62
N ALA B 342 -73.36 13.95 33.07
CA ALA B 342 -72.73 12.63 32.83
C ALA B 342 -71.58 12.79 31.83
N TYR B 343 -71.77 13.62 30.80
CA TYR B 343 -70.76 13.92 29.75
C TYR B 343 -69.51 14.53 30.40
N GLU B 344 -69.69 15.56 31.23
CA GLU B 344 -68.56 16.31 31.85
C GLU B 344 -67.89 15.45 32.91
N ALA B 345 -68.61 14.50 33.48
CA ALA B 345 -68.09 13.52 34.48
C ALA B 345 -67.04 12.61 33.83
N MET B 346 -67.00 12.52 32.50
CA MET B 346 -66.06 11.63 31.74
C MET B 346 -64.97 12.46 31.05
N ARG B 347 -64.81 13.74 31.43
CA ARG B 347 -63.73 14.62 30.92
C ARG B 347 -62.97 15.23 32.09
N ARG B 348 -61.65 15.11 32.02
CA ARG B 348 -60.67 15.42 33.10
C ARG B 348 -59.51 16.18 32.43
N PRO B 349 -59.83 17.12 31.52
CA PRO B 349 -58.83 17.65 30.58
C PRO B 349 -57.64 18.31 31.30
N GLY B 350 -57.73 18.52 32.61
CA GLY B 350 -56.57 18.84 33.47
C GLY B 350 -55.63 17.65 33.64
N ILE B 351 -56.16 16.49 34.03
CA ILE B 351 -55.43 15.26 34.46
C ILE B 351 -55.02 14.45 33.23
N VAL B 352 -53.82 13.85 33.25
CA VAL B 352 -53.29 12.95 32.19
C VAL B 352 -53.11 11.56 32.81
N CYS B 353 -53.81 10.57 32.27
CA CYS B 353 -53.72 9.15 32.73
C CYS B 353 -52.44 8.48 32.17
N TYR B 354 -51.96 8.83 30.97
CA TYR B 354 -51.03 7.98 30.17
C TYR B 354 -49.76 8.71 29.71
N GLY B 355 -49.37 9.80 30.37
CA GLY B 355 -48.13 10.55 30.08
C GLY B 355 -48.37 11.89 29.40
N GLU B 356 -47.35 12.73 29.35
CA GLU B 356 -47.41 14.19 28.99
C GLU B 356 -47.05 14.40 27.50
N GLY B 357 -46.42 13.41 26.86
CA GLY B 357 -46.03 13.45 25.45
C GLY B 357 -44.53 13.62 25.28
N ASP B 358 -43.76 13.29 26.31
CA ASP B 358 -42.27 13.40 26.37
C ASP B 358 -41.67 12.03 26.71
N ALA B 359 -42.37 10.95 26.38
CA ALA B 359 -42.01 9.57 26.75
C ALA B 359 -40.78 9.11 25.97
N ALA B 360 -40.67 9.48 24.69
CA ALA B 360 -39.50 9.14 23.84
C ALA B 360 -38.23 9.60 24.56
N ALA B 361 -38.21 10.85 25.04
CA ALA B 361 -37.05 11.45 25.75
C ALA B 361 -36.73 10.63 27.01
N ARG B 362 -37.74 10.32 27.81
CA ARG B 362 -37.58 9.59 29.10
C ARG B 362 -37.04 8.18 28.81
N CYS B 363 -37.45 7.56 27.71
CA CYS B 363 -36.92 6.25 27.24
C CYS B 363 -35.42 6.40 26.94
N LEU B 364 -35.04 7.46 26.24
CA LEU B 364 -33.63 7.72 25.82
C LEU B 364 -32.75 7.82 27.07
N GLU B 365 -33.19 8.57 28.07
CA GLU B 365 -32.42 8.79 29.32
C GLU B 365 -32.27 7.44 30.05
N ALA B 366 -33.27 6.57 30.00
CA ALA B 366 -33.21 5.22 30.59
C ALA B 366 -32.17 4.39 29.84
N LEU B 367 -32.19 4.40 28.50
CA LEU B 367 -31.22 3.65 27.66
C LEU B 367 -29.80 4.17 27.96
N ARG B 368 -29.61 5.49 27.92
CA ARG B 368 -28.31 6.16 28.21
C ARG B 368 -27.84 5.74 29.60
N GLU B 369 -28.67 5.90 30.61
CA GLU B 369 -28.34 5.53 32.01
C GLU B 369 -27.88 4.06 32.06
N ARG B 370 -28.56 3.14 31.38
CA ARG B 370 -28.35 1.68 31.53
C ARG B 370 -27.15 1.21 30.69
N TRP B 371 -27.04 1.64 29.44
CA TRP B 371 -26.07 1.06 28.47
C TRP B 371 -25.04 2.08 27.97
N LEU B 372 -25.04 3.31 28.48
CA LEU B 372 -24.03 4.35 28.10
C LEU B 372 -23.50 4.99 29.38
N SER B 373 -23.27 4.19 30.43
CA SER B 373 -22.62 4.66 31.69
C SER B 373 -21.80 3.52 32.31
N SER B 374 -20.89 3.84 33.23
CA SER B 374 -20.05 2.88 33.98
C SER B 374 -20.03 3.24 35.46
N PRO B 375 -20.00 2.24 36.37
CA PRO B 375 -20.11 2.49 37.81
C PRO B 375 -18.84 3.12 38.40
N HIS C 1 19.64 18.77 0.56
CA HIS C 1 20.94 19.54 0.58
C HIS C 1 21.14 20.25 -0.77
N MET C 2 21.77 21.44 -0.71
CA MET C 2 21.91 22.39 -1.84
C MET C 2 22.77 21.77 -2.94
N ALA C 3 22.20 21.68 -4.16
CA ALA C 3 22.95 21.34 -5.40
C ALA C 3 23.24 22.63 -6.17
N LEU C 4 24.48 22.80 -6.63
CA LEU C 4 24.84 23.82 -7.65
C LEU C 4 24.12 23.47 -8.95
N ARG C 5 23.13 24.28 -9.34
CA ARG C 5 22.34 24.09 -10.59
C ARG C 5 23.16 24.62 -11.77
N VAL C 6 23.70 23.70 -12.58
CA VAL C 6 24.65 23.98 -13.69
C VAL C 6 23.88 23.93 -15.01
N GLY C 7 23.64 25.10 -15.59
CA GLY C 7 23.05 25.24 -16.94
C GLY C 7 23.98 24.66 -17.98
N ILE C 8 23.43 23.89 -18.91
CA ILE C 8 24.16 23.24 -20.04
C ILE C 8 23.45 23.68 -21.31
N VAL C 9 24.07 24.52 -22.13
CA VAL C 9 23.40 25.12 -23.31
C VAL C 9 24.17 24.69 -24.57
N TYR C 10 23.47 24.08 -25.51
CA TYR C 10 24.02 23.64 -26.82
C TYR C 10 22.93 23.62 -27.88
N GLY C 11 23.31 23.52 -29.15
CA GLY C 11 22.38 23.47 -30.29
C GLY C 11 22.68 22.35 -31.29
N THR C 12 23.80 21.64 -31.15
CA THR C 12 24.37 20.81 -32.24
C THR C 12 24.95 19.51 -31.67
N ARG C 13 25.05 18.48 -32.52
CA ARG C 13 25.64 17.15 -32.22
C ARG C 13 27.02 17.34 -31.57
N PRO C 14 27.97 18.05 -32.23
CA PRO C 14 29.32 18.21 -31.69
C PRO C 14 29.35 18.73 -30.25
N GLU C 15 28.57 19.78 -29.96
CA GLU C 15 28.46 20.35 -28.59
C GLU C 15 27.93 19.27 -27.65
N ALA C 16 26.88 18.55 -28.04
CA ALA C 16 26.19 17.56 -27.20
C ALA C 16 27.17 16.44 -26.79
N ILE C 17 27.89 15.89 -27.76
CA ILE C 17 28.89 14.80 -27.54
C ILE C 17 29.92 15.28 -26.51
N LYS C 18 30.46 16.48 -26.68
CA LYS C 18 31.54 17.01 -25.81
C LYS C 18 30.97 17.36 -24.42
N LEU C 19 29.70 17.73 -24.34
CA LEU C 19 29.07 18.13 -23.06
C LEU C 19 28.54 16.90 -22.30
N ALA C 20 28.25 15.80 -22.99
CA ALA C 20 27.62 14.59 -22.42
C ALA C 20 28.42 14.06 -21.23
N PRO C 21 29.75 13.85 -21.34
CA PRO C 21 30.54 13.37 -20.19
C PRO C 21 30.36 14.25 -18.94
N LEU C 22 30.31 15.57 -19.14
CA LEU C 22 30.17 16.58 -18.06
C LEU C 22 28.77 16.49 -17.45
N VAL C 23 27.73 16.39 -18.29
CA VAL C 23 26.33 16.19 -17.82
C VAL C 23 26.29 14.92 -16.96
N LEU C 24 26.84 13.81 -17.45
CA LEU C 24 26.82 12.51 -16.72
C LEU C 24 27.50 12.66 -15.35
N ALA C 25 28.68 13.28 -15.32
CA ALA C 25 29.45 13.52 -14.07
C ALA C 25 28.63 14.38 -13.11
N LEU C 26 28.03 15.47 -13.61
CA LEU C 26 27.17 16.38 -12.83
C LEU C 26 25.96 15.62 -12.26
N ASP C 27 25.40 14.68 -13.03
CA ASP C 27 24.21 13.87 -12.64
C ASP C 27 24.63 12.88 -11.54
N ALA C 28 25.79 12.25 -11.66
CA ALA C 28 26.33 11.25 -10.72
C ALA C 28 26.65 11.91 -9.37
N ASP C 29 27.32 13.07 -9.37
CA ASP C 29 27.79 13.74 -8.14
C ASP C 29 26.60 14.45 -7.48
N PRO C 30 26.34 14.23 -6.17
CA PRO C 30 25.19 14.83 -5.50
C PRO C 30 25.27 16.35 -5.27
N GLY C 31 26.47 16.96 -5.34
CA GLY C 31 26.70 18.40 -5.13
C GLY C 31 26.22 19.29 -6.28
N PHE C 32 25.87 18.71 -7.45
CA PHE C 32 25.53 19.44 -8.70
C PHE C 32 24.24 18.86 -9.33
N GLU C 33 23.50 19.69 -10.05
CA GLU C 33 22.34 19.28 -10.89
C GLU C 33 22.47 19.90 -12.28
N PRO C 34 22.63 19.09 -13.35
CA PRO C 34 22.68 19.64 -14.70
C PRO C 34 21.28 20.02 -15.18
N VAL C 35 21.16 21.20 -15.80
CA VAL C 35 19.90 21.73 -16.37
C VAL C 35 20.16 22.05 -17.84
N ILE C 36 19.71 21.17 -18.72
CA ILE C 36 19.99 21.27 -20.19
C ILE C 36 18.94 22.20 -20.80
N ILE C 37 19.40 23.19 -21.57
CA ILE C 37 18.54 24.06 -22.42
C ILE C 37 19.13 24.05 -23.83
N THR C 38 18.41 23.57 -24.82
CA THR C 38 18.90 23.47 -26.22
C THR C 38 18.38 24.68 -27.00
N THR C 39 19.09 25.03 -28.08
CA THR C 39 18.70 26.10 -29.02
C THR C 39 18.39 25.47 -30.39
N GLY C 40 18.49 24.14 -30.50
CA GLY C 40 18.23 23.38 -31.74
C GLY C 40 16.75 23.15 -31.94
N LEU C 46 20.12 15.13 -32.97
CA LEU C 46 20.30 15.46 -31.53
C LEU C 46 19.62 14.43 -30.64
N ASP C 47 18.38 14.03 -30.97
CA ASP C 47 17.57 13.06 -30.17
C ASP C 47 18.31 11.72 -30.06
N GLU C 48 19.04 11.32 -31.12
CA GLU C 48 19.88 10.08 -31.15
C GLU C 48 20.93 10.17 -30.05
N ILE C 49 21.64 11.31 -29.95
CA ILE C 49 22.77 11.53 -29.01
C ILE C 49 22.21 11.72 -27.59
N ASN C 50 21.11 12.48 -27.46
CA ASN C 50 20.40 12.67 -26.17
C ASN C 50 20.03 11.29 -25.61
N GLU C 51 19.48 10.40 -26.43
CA GLU C 51 19.06 9.02 -26.03
C GLU C 51 20.29 8.20 -25.62
N LEU C 52 21.33 8.20 -26.44
CA LEU C 52 22.58 7.40 -26.25
C LEU C 52 23.21 7.71 -24.89
N PHE C 53 23.26 8.98 -24.48
CA PHE C 53 23.96 9.43 -23.24
C PHE C 53 22.95 9.74 -22.11
N GLY C 54 21.64 9.60 -22.37
CA GLY C 54 20.58 9.84 -21.39
C GLY C 54 20.44 11.31 -21.01
N LEU C 55 20.71 12.21 -21.95
CA LEU C 55 20.48 13.68 -21.81
C LEU C 55 18.99 13.98 -21.93
N ARG C 56 18.41 14.70 -20.97
CA ARG C 56 16.96 15.06 -20.95
C ARG C 56 16.80 16.58 -20.89
N PRO C 57 16.65 17.27 -22.05
CA PRO C 57 16.47 18.73 -22.07
C PRO C 57 15.25 19.22 -21.27
N ARG C 58 15.44 20.23 -20.40
CA ARG C 58 14.34 20.85 -19.60
C ARG C 58 13.58 21.83 -20.51
N HIS C 59 14.26 22.52 -21.43
CA HIS C 59 13.63 23.42 -22.43
C HIS C 59 14.36 23.31 -23.78
N ASN C 60 13.61 23.44 -24.87
CA ASN C 60 14.08 23.50 -26.27
C ASN C 60 13.53 24.78 -26.91
N LEU C 61 14.31 25.86 -26.93
CA LEU C 61 14.01 27.06 -27.77
C LEU C 61 14.12 26.62 -29.23
N ASP C 62 13.21 27.04 -30.10
CA ASP C 62 13.18 26.60 -31.51
C ASP C 62 13.77 27.73 -32.35
N ILE C 63 15.04 28.04 -32.10
CA ILE C 63 15.69 29.27 -32.63
C ILE C 63 16.49 28.94 -33.91
N MET C 64 17.28 27.88 -33.91
CA MET C 64 18.21 27.55 -35.04
C MET C 64 17.48 26.80 -36.18
N ARG C 65 17.60 27.31 -37.40
CA ARG C 65 17.06 26.76 -38.66
C ARG C 65 18.16 26.85 -39.73
N GLN C 68 19.31 30.93 -41.81
CA GLN C 68 19.00 32.09 -40.93
C GLN C 68 20.24 32.99 -40.85
N ARG C 69 20.04 34.32 -40.85
CA ARG C 69 21.10 35.34 -40.61
C ARG C 69 21.66 35.17 -39.19
N LEU C 70 22.97 35.32 -39.04
CA LEU C 70 23.65 35.17 -37.73
C LEU C 70 23.06 36.19 -36.75
N SER C 71 22.85 37.44 -37.17
CA SER C 71 22.29 38.55 -36.34
C SER C 71 20.91 38.17 -35.77
N ALA C 72 20.04 37.57 -36.58
CA ALA C 72 18.69 37.17 -36.15
C ALA C 72 18.79 36.06 -35.09
N MET C 73 19.66 35.08 -35.33
CA MET C 73 19.84 33.93 -34.42
C MET C 73 20.37 34.43 -33.06
N ALA C 74 21.45 35.22 -33.08
CA ALA C 74 22.11 35.77 -31.87
C ALA C 74 21.09 36.62 -31.10
N SER C 75 20.38 37.49 -31.82
CA SER C 75 19.32 38.38 -31.28
C SER C 75 18.30 37.55 -30.48
N ARG C 76 17.88 36.41 -31.03
CA ARG C 76 16.82 35.58 -30.41
C ARG C 76 17.37 34.93 -29.14
N ILE C 77 18.58 34.37 -29.17
CA ILE C 77 19.20 33.67 -28.00
C ILE C 77 19.42 34.70 -26.88
N VAL C 78 20.00 35.86 -27.20
CA VAL C 78 20.23 36.98 -26.24
C VAL C 78 18.89 37.41 -25.64
N GLY C 79 17.87 37.51 -26.49
CA GLY C 79 16.52 37.97 -26.11
C GLY C 79 15.80 36.99 -25.20
N GLU C 80 15.95 35.67 -25.40
CA GLU C 80 14.97 34.67 -24.93
C GLU C 80 15.57 33.65 -23.98
N LEU C 81 16.89 33.53 -23.85
CA LEU C 81 17.50 32.44 -23.03
C LEU C 81 17.46 32.83 -21.56
N GLY C 82 17.44 34.13 -21.24
CA GLY C 82 17.36 34.62 -19.84
C GLY C 82 16.25 33.94 -19.05
N ASP C 83 15.03 33.90 -19.61
CA ASP C 83 13.80 33.42 -18.90
C ASP C 83 14.00 31.97 -18.45
N PRO C 84 14.23 31.00 -19.37
CA PRO C 84 14.46 29.62 -18.97
C PRO C 84 15.61 29.48 -17.96
N LEU C 85 16.66 30.29 -18.05
CA LEU C 85 17.79 30.23 -17.07
C LEU C 85 17.28 30.67 -15.70
N LEU C 86 16.39 31.67 -15.65
CA LEU C 86 15.86 32.20 -14.38
C LEU C 86 14.83 31.21 -13.80
N ASP C 87 13.87 30.75 -14.63
CA ASP C 87 12.81 29.76 -14.26
C ASP C 87 13.42 28.49 -13.67
N GLU C 88 14.53 28.02 -14.24
CA GLU C 88 15.20 26.77 -13.81
C GLU C 88 16.20 27.05 -12.68
N LEU C 89 16.30 28.29 -12.23
CA LEU C 89 17.06 28.69 -11.01
C LEU C 89 18.54 28.26 -11.18
N VAL C 90 19.10 28.57 -12.36
CA VAL C 90 20.49 28.19 -12.73
C VAL C 90 21.44 29.08 -11.93
N ASP C 91 22.48 28.49 -11.35
CA ASP C 91 23.52 29.20 -10.55
C ASP C 91 24.73 29.51 -11.42
N VAL C 92 25.01 28.63 -12.38
CA VAL C 92 26.24 28.65 -13.23
C VAL C 92 25.88 28.08 -14.60
N ALA C 93 26.38 28.67 -15.69
CA ALA C 93 26.11 28.18 -17.05
C ALA C 93 27.42 27.69 -17.66
N VAL C 94 27.37 26.55 -18.34
CA VAL C 94 28.49 25.99 -19.13
C VAL C 94 28.11 26.05 -20.61
N VAL C 95 28.99 26.60 -21.44
CA VAL C 95 28.87 26.58 -22.93
C VAL C 95 30.12 25.89 -23.45
N GLN C 96 30.02 25.28 -24.63
CA GLN C 96 31.13 24.50 -25.23
C GLN C 96 31.53 25.10 -26.59
N GLY C 97 32.83 25.23 -26.82
CA GLY C 97 33.41 25.38 -28.17
C GLY C 97 33.30 26.79 -28.70
N ASP C 98 32.99 26.90 -29.99
CA ASP C 98 33.13 28.13 -30.81
C ASP C 98 31.79 28.51 -31.46
N THR C 99 30.68 27.88 -31.06
CA THR C 99 29.38 28.06 -31.74
C THR C 99 28.81 29.44 -31.38
N SER C 100 27.97 30.00 -32.26
CA SER C 100 27.27 31.28 -32.02
C SER C 100 26.30 31.12 -30.83
N THR C 101 25.83 29.89 -30.58
CA THR C 101 25.00 29.56 -29.39
C THR C 101 25.84 29.79 -28.13
N ALA C 102 27.03 29.20 -28.06
CA ALA C 102 27.92 29.30 -26.88
C ALA C 102 28.15 30.78 -26.55
N PHE C 103 28.37 31.60 -27.57
CA PHE C 103 28.60 33.05 -27.37
C PHE C 103 27.31 33.73 -26.87
N ALA C 104 26.23 33.63 -27.64
CA ALA C 104 24.97 34.34 -27.33
C ALA C 104 24.44 33.87 -25.97
N ALA C 105 24.48 32.57 -25.69
CA ALA C 105 24.05 32.00 -24.39
C ALA C 105 24.91 32.56 -23.25
N ALA C 106 26.23 32.63 -23.45
CA ALA C 106 27.16 33.16 -22.43
C ALA C 106 26.79 34.62 -22.16
N TYR C 107 26.53 35.42 -23.20
CA TYR C 107 26.15 36.84 -23.04
C TYR C 107 24.82 36.92 -22.26
N ALA C 108 23.83 36.10 -22.62
CA ALA C 108 22.51 36.04 -21.94
C ALA C 108 22.73 35.72 -20.47
N ALA C 109 23.54 34.71 -20.16
CA ALA C 109 23.87 34.33 -18.77
C ALA C 109 24.44 35.55 -18.04
N ALA C 110 25.39 36.24 -18.67
CA ALA C 110 26.11 37.38 -18.05
C ALA C 110 25.12 38.51 -17.74
N CYS C 111 24.16 38.77 -18.62
CA CYS C 111 23.09 39.79 -18.41
C CYS C 111 22.30 39.49 -17.12
N GLU C 112 22.08 38.22 -16.77
CA GLU C 112 21.37 37.80 -15.53
C GLU C 112 22.36 37.58 -14.39
N ARG C 113 23.59 38.03 -14.51
CA ARG C 113 24.67 37.87 -13.48
C ARG C 113 24.86 36.39 -13.11
N ILE C 114 24.60 35.48 -14.05
CA ILE C 114 24.89 34.02 -13.93
C ILE C 114 26.34 33.80 -14.38
N PRO C 115 27.26 33.39 -13.48
CA PRO C 115 28.64 33.08 -13.87
C PRO C 115 28.69 32.01 -14.97
N VAL C 116 29.68 32.11 -15.87
CA VAL C 116 29.84 31.22 -17.04
C VAL C 116 31.17 30.47 -16.95
N ALA C 117 31.13 29.17 -17.27
CA ALA C 117 32.33 28.35 -17.50
C ALA C 117 32.34 27.93 -18.96
N HIS C 118 33.52 27.86 -19.56
CA HIS C 118 33.71 27.55 -21.01
C HIS C 118 34.42 26.21 -21.13
N LEU C 119 33.74 25.21 -21.69
CA LEU C 119 34.31 23.87 -21.98
C LEU C 119 35.01 23.94 -23.34
N GLU C 120 36.27 23.50 -23.40
CA GLU C 120 37.15 23.49 -24.60
C GLU C 120 37.57 24.93 -24.93
N ALA C 121 38.34 25.55 -24.06
CA ALA C 121 38.75 26.97 -24.14
C ALA C 121 40.18 27.10 -24.64
N GLY C 122 40.47 28.13 -25.44
CA GLY C 122 41.84 28.57 -25.79
C GLY C 122 42.33 28.13 -27.17
N LEU C 123 41.57 27.30 -27.91
CA LEU C 123 41.99 26.89 -29.28
C LEU C 123 42.05 28.15 -30.16
N ARG C 124 43.15 28.38 -30.86
CA ARG C 124 43.36 29.55 -31.76
C ARG C 124 44.04 29.09 -33.06
N THR C 125 43.57 29.61 -34.19
CA THR C 125 44.21 29.45 -35.53
C THR C 125 45.37 30.45 -35.61
N GLY C 126 45.14 31.67 -35.12
CA GLY C 126 46.08 32.80 -35.20
C GLY C 126 45.75 33.75 -36.34
N ASP C 127 44.74 33.43 -37.16
CA ASP C 127 44.29 34.23 -38.33
C ASP C 127 42.92 34.83 -38.01
N ARG C 128 42.79 36.16 -38.05
CA ARG C 128 41.63 36.93 -37.51
C ARG C 128 40.38 36.69 -38.37
N PHE C 129 39.24 36.41 -37.73
CA PHE C 129 37.89 36.13 -38.34
C PHE C 129 37.98 35.01 -39.38
N GLU C 130 38.94 34.10 -39.18
CA GLU C 130 39.22 32.93 -40.06
C GLU C 130 39.32 31.67 -39.19
N PRO C 131 38.29 30.82 -39.10
CA PRO C 131 37.02 31.01 -39.82
C PRO C 131 36.06 31.98 -39.11
N PHE C 132 35.03 32.44 -39.81
CA PHE C 132 33.98 33.33 -39.24
C PHE C 132 32.67 32.56 -39.17
N PRO C 133 31.94 32.62 -38.03
CA PRO C 133 32.32 33.43 -36.88
C PRO C 133 33.04 32.72 -35.73
N GLU C 134 33.55 31.51 -35.94
CA GLU C 134 34.06 30.63 -34.84
C GLU C 134 35.18 31.33 -34.06
N GLU C 135 36.12 31.95 -34.75
CA GLU C 135 37.34 32.51 -34.14
C GLU C 135 36.95 33.69 -33.25
N ILE C 136 36.05 34.56 -33.71
CA ILE C 136 35.59 35.73 -32.91
C ILE C 136 34.74 35.23 -31.72
N ASN C 137 33.95 34.18 -31.90
CA ASN C 137 33.11 33.61 -30.83
C ASN C 137 33.99 33.18 -29.65
N ARG C 138 35.04 32.41 -29.91
CA ARG C 138 36.01 31.95 -28.89
C ARG C 138 36.55 33.15 -28.11
N ARG C 139 36.96 34.21 -28.81
CA ARG C 139 37.57 35.39 -28.15
C ARG C 139 36.53 36.14 -27.31
N LEU C 140 35.27 36.14 -27.73
CA LEU C 140 34.16 36.82 -27.01
C LEU C 140 33.80 35.97 -25.76
N ILE C 141 33.60 34.68 -25.94
CA ILE C 141 33.29 33.74 -24.82
C ILE C 141 34.40 33.86 -23.79
N THR C 142 35.65 33.98 -24.25
CA THR C 142 36.86 34.01 -23.39
C THR C 142 36.75 35.17 -22.40
N GLN C 143 36.24 36.34 -22.82
CA GLN C 143 36.09 37.53 -21.95
C GLN C 143 34.87 37.36 -21.03
N LEU C 144 33.84 36.61 -21.46
CA LEU C 144 32.58 36.44 -20.69
C LEU C 144 32.77 35.40 -19.58
N ALA C 145 33.50 34.31 -19.86
CA ALA C 145 33.65 33.15 -18.94
C ALA C 145 34.47 33.55 -17.71
N ASP C 146 34.03 33.11 -16.52
CA ASP C 146 34.78 33.25 -15.24
C ASP C 146 35.80 32.11 -15.13
N LEU C 147 35.49 30.98 -15.75
CA LEU C 147 36.26 29.71 -15.63
C LEU C 147 36.44 29.12 -17.03
N HIS C 148 37.65 28.67 -17.32
CA HIS C 148 38.06 28.15 -18.66
C HIS C 148 38.64 26.74 -18.52
N PHE C 149 37.97 25.73 -19.08
CA PHE C 149 38.47 24.33 -19.12
C PHE C 149 39.27 24.14 -20.42
N ALA C 150 40.57 24.42 -20.36
CA ALA C 150 41.51 24.27 -21.49
C ALA C 150 41.83 22.80 -21.68
N PRO C 151 41.90 22.30 -22.94
CA PRO C 151 42.24 20.90 -23.19
C PRO C 151 43.76 20.60 -23.22
N THR C 152 44.60 21.61 -23.36
CA THR C 152 46.07 21.47 -23.44
C THR C 152 46.75 22.68 -22.80
N ALA C 153 48.05 22.59 -22.55
CA ALA C 153 48.86 23.69 -22.01
C ALA C 153 48.96 24.81 -23.05
N ASP C 154 49.07 24.46 -24.33
CA ASP C 154 49.09 25.42 -25.48
C ASP C 154 47.84 26.32 -25.41
N ALA C 155 46.66 25.71 -25.27
CA ALA C 155 45.35 26.41 -25.18
C ALA C 155 45.35 27.35 -23.97
N ALA C 156 45.83 26.88 -22.82
CA ALA C 156 45.92 27.68 -21.58
C ALA C 156 46.77 28.92 -21.86
N GLY C 157 47.87 28.77 -22.59
CA GLY C 157 48.78 29.90 -22.94
C GLY C 157 48.05 30.96 -23.73
N ASN C 158 47.24 30.54 -24.70
CA ASN C 158 46.46 31.45 -25.58
C ASN C 158 45.51 32.30 -24.72
N LEU C 159 44.91 31.72 -23.68
CA LEU C 159 44.00 32.45 -22.76
C LEU C 159 44.79 33.51 -21.99
N LEU C 160 45.98 33.17 -21.47
CA LEU C 160 46.83 34.12 -20.70
C LEU C 160 47.18 35.32 -21.61
N ALA C 161 47.41 35.07 -22.89
CA ALA C 161 47.80 36.10 -23.89
C ALA C 161 46.64 37.07 -24.16
N GLU C 162 45.40 36.69 -23.83
CA GLU C 162 44.19 37.54 -24.02
C GLU C 162 43.73 38.10 -22.67
N GLY C 163 44.57 37.96 -21.64
CA GLY C 163 44.45 38.74 -20.38
C GLY C 163 43.74 37.97 -19.29
N VAL C 164 43.45 36.69 -19.51
CA VAL C 164 42.78 35.85 -18.49
C VAL C 164 43.77 35.58 -17.35
N ARG C 165 43.29 35.72 -16.11
CA ARG C 165 44.05 35.37 -14.87
C ARG C 165 44.31 33.87 -14.86
N SER C 166 45.55 33.46 -14.56
CA SER C 166 45.99 32.05 -14.47
C SER C 166 45.07 31.20 -13.58
N ASP C 167 44.54 31.76 -12.50
CA ASP C 167 43.70 31.06 -11.50
C ASP C 167 42.33 30.68 -12.11
N ASP C 168 41.96 31.26 -13.25
CA ASP C 168 40.65 31.00 -13.91
C ASP C 168 40.80 29.93 -14.99
N VAL C 169 42.02 29.43 -15.22
CA VAL C 169 42.31 28.42 -16.30
C VAL C 169 42.69 27.09 -15.67
N TYR C 170 41.91 26.05 -15.94
CA TYR C 170 42.24 24.64 -15.60
C TYR C 170 42.52 23.89 -16.91
N VAL C 171 43.68 23.24 -17.00
CA VAL C 171 44.00 22.29 -18.11
C VAL C 171 43.36 20.94 -17.76
N THR C 172 42.15 20.69 -18.26
CA THR C 172 41.30 19.51 -17.92
C THR C 172 41.43 18.41 -18.98
N GLY C 173 42.04 18.72 -20.13
CA GLY C 173 41.96 17.87 -21.33
C GLY C 173 40.58 17.95 -21.96
N ASN C 174 40.36 17.22 -23.05
CA ASN C 174 39.14 17.33 -23.88
C ASN C 174 38.16 16.23 -23.49
N THR C 175 36.89 16.59 -23.26
CA THR C 175 35.80 15.66 -22.85
C THR C 175 35.46 14.74 -24.02
N VAL C 176 35.86 15.07 -25.24
CA VAL C 176 35.57 14.21 -26.42
C VAL C 176 36.25 12.85 -26.22
N ILE C 177 37.39 12.82 -25.49
CA ILE C 177 38.11 11.56 -25.18
C ILE C 177 37.26 10.74 -24.19
N ASP C 178 36.74 11.36 -23.13
CA ASP C 178 35.78 10.72 -22.18
C ASP C 178 34.67 10.05 -22.98
N ALA C 179 34.09 10.80 -23.94
CA ALA C 179 32.90 10.42 -24.71
C ALA C 179 33.21 9.17 -25.56
N MET C 180 34.37 9.18 -26.22
CA MET C 180 34.91 8.03 -27.00
C MET C 180 34.90 6.78 -26.10
N HIS C 181 35.50 6.87 -24.91
CA HIS C 181 35.66 5.73 -23.97
C HIS C 181 34.27 5.21 -23.57
N LEU C 182 33.29 6.09 -23.42
CA LEU C 182 31.92 5.71 -22.97
C LEU C 182 31.18 4.95 -24.07
N VAL C 183 31.62 4.97 -25.33
CA VAL C 183 30.91 4.26 -26.45
C VAL C 183 31.74 3.06 -26.92
N LEU C 184 33.00 2.94 -26.52
CA LEU C 184 33.83 1.74 -26.86
C LEU C 184 33.39 0.50 -26.03
N GLU C 194 26.18 -4.03 -42.17
CA GLU C 194 26.53 -3.67 -43.57
C GLU C 194 27.87 -2.92 -43.61
N LEU C 195 28.12 -2.09 -42.59
CA LEU C 195 29.40 -1.36 -42.43
C LEU C 195 30.54 -2.37 -42.22
N ASP C 196 30.33 -3.37 -41.37
CA ASP C 196 31.29 -4.47 -41.09
C ASP C 196 31.51 -5.27 -42.37
N ALA C 197 30.44 -5.70 -43.04
CA ALA C 197 30.47 -6.42 -44.34
C ALA C 197 31.35 -5.65 -45.34
N PHE C 198 31.25 -4.31 -45.37
CA PHE C 198 31.93 -3.45 -46.37
C PHE C 198 33.42 -3.30 -46.03
N THR C 199 33.78 -3.26 -44.73
CA THR C 199 35.16 -2.95 -44.25
C THR C 199 35.96 -4.24 -44.00
N GLU C 200 35.34 -5.27 -43.40
CA GLU C 200 35.91 -6.63 -43.14
C GLU C 200 37.04 -6.95 -44.14
N GLY C 201 38.28 -7.09 -43.65
CA GLY C 201 39.44 -7.54 -44.43
C GLY C 201 39.78 -6.64 -45.61
N ARG C 202 39.51 -5.33 -45.49
CA ARG C 202 39.88 -4.30 -46.49
C ARG C 202 40.52 -3.11 -45.78
N GLN C 203 41.48 -2.46 -46.44
CA GLN C 203 42.04 -1.14 -46.05
C GLN C 203 40.96 -0.07 -46.33
N THR C 204 40.41 0.50 -45.26
CA THR C 204 39.27 1.46 -45.29
C THR C 204 39.72 2.85 -44.83
N VAL C 205 39.58 3.85 -45.70
CA VAL C 205 39.78 5.29 -45.33
C VAL C 205 38.46 5.86 -44.84
N LEU C 206 38.46 6.53 -43.68
CA LEU C 206 37.28 7.27 -43.14
C LEU C 206 37.43 8.74 -43.54
N LEU C 207 36.40 9.29 -44.21
CA LEU C 207 36.36 10.72 -44.62
C LEU C 207 35.07 11.36 -44.12
N THR C 208 35.20 12.48 -43.40
CA THR C 208 34.11 13.42 -43.05
C THR C 208 34.58 14.81 -43.47
N MET C 209 33.69 15.59 -44.08
CA MET C 209 33.97 16.97 -44.52
C MET C 209 32.66 17.76 -44.45
N HIS C 210 32.67 18.91 -43.77
CA HIS C 210 31.42 19.64 -43.43
C HIS C 210 31.62 21.16 -43.37
N ARG C 211 32.84 21.67 -43.25
CA ARG C 211 33.06 23.13 -43.03
C ARG C 211 32.43 23.92 -44.18
N ARG C 212 31.66 24.97 -43.85
CA ARG C 212 30.86 25.77 -44.81
C ARG C 212 31.79 26.41 -45.85
N GLU C 213 32.97 26.87 -45.46
CA GLU C 213 33.92 27.56 -46.37
C GLU C 213 34.46 26.60 -47.44
N SER C 214 34.16 25.30 -47.35
CA SER C 214 34.65 24.25 -48.30
C SER C 214 33.52 23.75 -49.22
N TRP C 215 32.27 24.14 -48.95
CA TRP C 215 31.09 23.74 -49.76
C TRP C 215 31.32 24.08 -51.23
N GLY C 216 30.84 23.23 -52.14
CA GLY C 216 30.90 23.45 -53.60
C GLY C 216 32.21 22.96 -54.19
N ILE C 217 32.99 23.86 -54.79
CA ILE C 217 34.17 23.49 -55.61
C ILE C 217 35.13 22.66 -54.76
N PRO C 218 35.58 23.16 -53.57
CA PRO C 218 36.60 22.48 -52.78
C PRO C 218 36.21 21.04 -52.40
N MET C 219 34.97 20.82 -51.99
CA MET C 219 34.45 19.45 -51.73
C MET C 219 34.53 18.59 -53.00
N GLY C 220 34.18 19.15 -54.15
CA GLY C 220 34.32 18.51 -55.47
C GLY C 220 35.73 18.03 -55.69
N ARG C 221 36.72 18.90 -55.39
CA ARG C 221 38.16 18.55 -55.53
C ARG C 221 38.49 17.35 -54.62
N VAL C 222 37.99 17.33 -53.38
CA VAL C 222 38.25 16.22 -52.42
C VAL C 222 37.58 14.95 -52.94
N ALA C 223 36.36 15.04 -53.47
CA ALA C 223 35.63 13.90 -54.06
C ALA C 223 36.39 13.36 -55.28
N ALA C 224 36.97 14.25 -56.09
CA ALA C 224 37.82 13.90 -57.26
C ALA C 224 39.03 13.09 -56.77
N ALA C 225 39.69 13.54 -55.71
CA ALA C 225 40.86 12.86 -55.09
C ALA C 225 40.47 11.45 -54.65
N VAL C 226 39.29 11.28 -54.04
CA VAL C 226 38.79 9.95 -53.60
C VAL C 226 38.60 9.05 -54.83
N ALA C 227 38.11 9.62 -55.93
CA ALA C 227 37.87 8.92 -57.22
C ALA C 227 39.21 8.44 -57.80
N GLU C 228 40.19 9.34 -57.93
CA GLU C 228 41.54 9.00 -58.48
C GLU C 228 42.16 7.87 -57.65
N LEU C 229 42.21 8.01 -56.33
CA LEU C 229 42.76 6.99 -55.39
C LEU C 229 42.03 5.65 -55.59
N CYS C 230 40.71 5.68 -55.77
CA CYS C 230 39.85 4.46 -55.89
C CYS C 230 40.23 3.65 -57.15
N ARG C 231 40.32 4.32 -58.29
CA ARG C 231 40.62 3.70 -59.61
C ARG C 231 42.06 3.16 -59.56
N SER C 232 43.00 3.93 -58.99
CA SER C 232 44.44 3.59 -58.86
C SER C 232 44.67 2.38 -57.95
N ARG C 233 43.76 2.12 -57.00
CA ARG C 233 44.00 1.13 -55.90
C ARG C 233 42.75 0.30 -55.65
N PRO C 234 42.44 -0.66 -56.55
CA PRO C 234 41.21 -1.46 -56.48
C PRO C 234 40.82 -2.08 -55.13
N THR C 235 41.79 -2.34 -54.25
CA THR C 235 41.56 -2.98 -52.93
C THR C 235 41.18 -1.93 -51.88
N LEU C 236 41.40 -0.65 -52.19
CA LEU C 236 41.13 0.48 -51.25
C LEU C 236 39.62 0.71 -51.17
N ARG C 237 39.14 0.96 -49.94
CA ARG C 237 37.72 1.30 -49.65
C ARG C 237 37.68 2.64 -48.92
N PHE C 238 36.61 3.41 -49.16
CA PHE C 238 36.25 4.64 -48.41
C PHE C 238 34.85 4.48 -47.81
N VAL C 239 34.71 4.89 -46.56
CA VAL C 239 33.38 5.12 -45.91
C VAL C 239 33.28 6.62 -45.66
N ILE C 240 32.21 7.24 -46.17
CA ILE C 240 31.97 8.71 -46.06
C ILE C 240 30.59 8.93 -45.47
N PRO C 241 30.50 9.12 -44.13
CA PRO C 241 29.27 9.58 -43.50
C PRO C 241 29.08 11.06 -43.86
N LEU C 242 27.94 11.37 -44.48
CA LEU C 242 27.65 12.68 -45.09
C LEU C 242 27.00 13.59 -44.05
N HIS C 243 27.56 14.80 -43.90
CA HIS C 243 26.96 15.91 -43.12
C HIS C 243 25.52 16.12 -43.62
N PRO C 244 24.54 16.30 -42.71
CA PRO C 244 23.14 16.42 -43.13
C PRO C 244 22.86 17.83 -43.68
N ASN C 245 23.27 18.05 -44.91
CA ASN C 245 22.96 19.23 -45.74
C ASN C 245 22.84 18.74 -47.19
N PRO C 246 21.78 19.08 -47.93
CA PRO C 246 21.58 18.52 -49.27
C PRO C 246 22.66 18.94 -50.29
N GLU C 247 23.32 20.09 -50.10
CA GLU C 247 24.40 20.60 -50.99
C GLU C 247 25.67 19.76 -50.80
N VAL C 248 25.94 19.35 -49.56
CA VAL C 248 27.11 18.49 -49.21
C VAL C 248 26.86 17.08 -49.77
N ARG C 249 25.66 16.55 -49.56
CA ARG C 249 25.27 15.19 -50.03
C ARG C 249 25.33 15.12 -51.55
N ARG C 250 24.98 16.21 -52.25
CA ARG C 250 24.88 16.21 -53.73
C ARG C 250 26.27 16.15 -54.34
N VAL C 251 27.22 16.91 -53.80
CA VAL C 251 28.61 16.95 -54.36
C VAL C 251 29.24 15.56 -54.25
N PHE C 252 29.11 14.88 -53.11
CA PHE C 252 29.67 13.53 -52.90
C PHE C 252 28.91 12.50 -53.74
N ARG C 253 27.58 12.54 -53.73
CA ARG C 253 26.70 11.58 -54.44
C ARG C 253 26.99 11.66 -55.94
N SER C 254 27.06 12.87 -56.50
CA SER C 254 27.23 13.11 -57.95
C SER C 254 28.64 12.71 -58.41
N HIS C 255 29.62 12.66 -57.50
CA HIS C 255 31.03 12.32 -57.82
C HIS C 255 31.33 10.82 -57.57
N LEU C 256 30.66 10.16 -56.62
CA LEU C 256 31.16 8.85 -56.07
C LEU C 256 30.07 7.76 -55.98
N SER C 257 28.80 8.03 -56.26
CA SER C 257 27.70 7.09 -55.92
C SER C 257 27.76 5.80 -56.77
N SER C 258 28.48 5.81 -57.89
CA SER C 258 28.62 4.64 -58.81
C SER C 258 29.79 3.74 -58.42
N LEU C 259 30.82 4.28 -57.76
CA LEU C 259 32.04 3.53 -57.33
C LEU C 259 31.67 2.64 -56.14
N THR C 260 31.75 1.31 -56.28
CA THR C 260 31.39 0.35 -55.20
C THR C 260 32.55 0.25 -54.19
N GLN C 261 33.68 0.92 -54.44
CA GLN C 261 34.80 1.09 -53.46
C GLN C 261 34.44 2.12 -52.38
N VAL C 262 33.49 3.02 -52.66
CA VAL C 262 33.00 4.09 -51.73
C VAL C 262 31.65 3.67 -51.17
N LEU C 263 31.50 3.71 -49.85
CA LEU C 263 30.18 3.60 -49.18
C LEU C 263 29.80 4.97 -48.60
N LEU C 264 28.94 5.71 -49.29
CA LEU C 264 28.35 6.96 -48.76
C LEU C 264 27.34 6.55 -47.70
N CYS C 265 27.35 7.21 -46.53
CA CYS C 265 26.47 6.86 -45.38
C CYS C 265 25.65 8.08 -44.96
N GLU C 266 24.51 7.82 -44.31
CA GLU C 266 23.79 8.81 -43.46
C GLU C 266 24.69 9.09 -42.26
N PRO C 267 24.51 10.21 -41.55
CA PRO C 267 25.22 10.43 -40.29
C PRO C 267 25.11 9.17 -39.44
N LEU C 268 26.23 8.73 -38.84
CA LEU C 268 26.27 7.49 -38.01
C LEU C 268 26.12 7.88 -36.55
N ARG C 269 25.41 7.05 -35.77
CA ARG C 269 25.31 7.19 -34.30
C ARG C 269 26.75 7.13 -33.75
N TYR C 270 27.04 7.87 -32.68
CA TYR C 270 28.41 8.16 -32.22
C TYR C 270 29.17 6.85 -32.00
N SER C 271 28.52 5.83 -31.43
CA SER C 271 29.07 4.48 -31.19
C SER C 271 29.53 3.86 -32.51
N GLU C 272 28.62 3.71 -33.47
CA GLU C 272 28.88 3.17 -34.83
C GLU C 272 30.05 3.94 -35.46
N PHE C 273 30.10 5.25 -35.27
CA PHE C 273 31.09 6.13 -35.94
C PHE C 273 32.48 5.90 -35.34
N ILE C 274 32.57 5.82 -34.00
CA ILE C 274 33.86 5.62 -33.29
C ILE C 274 34.39 4.22 -33.60
N ARG C 275 33.50 3.22 -33.64
CA ARG C 275 33.84 1.83 -34.04
C ARG C 275 34.48 1.86 -35.43
N LEU C 276 33.83 2.52 -36.40
CA LEU C 276 34.33 2.64 -37.79
C LEU C 276 35.71 3.30 -37.80
N MET C 277 35.90 4.34 -36.99
CA MET C 277 37.18 5.09 -36.95
C MET C 277 38.29 4.14 -36.47
N HIS C 278 37.94 3.24 -35.55
CA HIS C 278 38.84 2.21 -34.95
C HIS C 278 39.33 1.23 -36.02
N ARG C 279 38.46 0.88 -36.99
CA ARG C 279 38.74 -0.08 -38.09
C ARG C 279 39.43 0.60 -39.28
N ALA C 280 39.36 1.94 -39.37
CA ALA C 280 39.91 2.70 -40.51
C ALA C 280 41.44 2.63 -40.48
N VAL C 281 42.09 2.62 -41.64
CA VAL C 281 43.58 2.64 -41.73
C VAL C 281 44.05 4.09 -41.52
N LEU C 282 43.29 5.06 -42.02
CA LEU C 282 43.57 6.49 -41.75
C LEU C 282 42.30 7.33 -41.94
N VAL C 283 42.37 8.61 -41.57
CA VAL C 283 41.20 9.52 -41.47
C VAL C 283 41.51 10.80 -42.25
N LEU C 284 40.61 11.15 -43.20
CA LEU C 284 40.56 12.49 -43.85
C LEU C 284 39.37 13.23 -43.28
N THR C 285 39.58 14.45 -42.75
CA THR C 285 38.50 15.20 -42.05
C THR C 285 38.82 16.68 -42.03
N ASP C 286 37.79 17.53 -41.97
CA ASP C 286 37.91 18.95 -41.56
C ASP C 286 37.24 19.14 -40.20
N SER C 287 36.79 18.05 -39.58
CA SER C 287 36.16 18.04 -38.23
C SER C 287 37.19 18.35 -37.15
N GLY C 288 36.82 19.19 -36.17
CA GLY C 288 37.65 19.46 -34.98
C GLY C 288 37.63 18.26 -34.05
N GLY C 289 36.45 17.69 -33.79
CA GLY C 289 36.27 16.51 -32.94
C GLY C 289 37.07 15.34 -33.46
N VAL C 290 36.96 15.03 -34.74
CA VAL C 290 37.63 13.84 -35.34
C VAL C 290 39.15 14.04 -35.24
N GLN C 291 39.65 15.27 -35.40
CA GLN C 291 41.10 15.60 -35.26
C GLN C 291 41.60 15.26 -33.85
N GLU C 292 40.71 15.21 -32.86
CA GLU C 292 41.04 14.92 -31.44
C GLU C 292 40.87 13.42 -31.18
N GLU C 293 39.85 12.81 -31.76
CA GLU C 293 39.46 11.39 -31.53
C GLU C 293 40.43 10.46 -32.27
N ALA C 294 40.68 10.68 -33.55
CA ALA C 294 41.44 9.76 -34.43
C ALA C 294 42.87 9.56 -33.90
N PRO C 295 43.64 10.62 -33.56
CA PRO C 295 44.99 10.43 -33.02
C PRO C 295 44.99 9.55 -31.77
N THR C 296 43.96 9.64 -30.94
CA THR C 296 43.79 8.87 -29.68
C THR C 296 43.61 7.38 -29.98
N LEU C 297 43.13 7.00 -31.17
CA LEU C 297 43.04 5.58 -31.63
C LEU C 297 44.25 5.23 -32.51
N GLY C 298 45.27 6.06 -32.52
CA GLY C 298 46.50 5.90 -33.34
C GLY C 298 46.20 5.81 -34.83
N LYS C 299 45.21 6.56 -35.33
CA LYS C 299 44.96 6.71 -36.78
C LYS C 299 45.56 8.02 -37.25
N PRO C 300 46.47 7.99 -38.24
CA PRO C 300 46.97 9.21 -38.86
C PRO C 300 45.78 10.03 -39.41
N VAL C 301 45.87 11.35 -39.28
CA VAL C 301 44.81 12.29 -39.75
C VAL C 301 45.42 13.20 -40.81
N LEU C 302 44.77 13.23 -41.97
CA LEU C 302 45.01 14.26 -43.00
C LEU C 302 43.87 15.28 -42.90
N VAL C 303 44.19 16.52 -42.54
CA VAL C 303 43.21 17.59 -42.25
C VAL C 303 42.91 18.34 -43.55
N LEU C 304 41.63 18.32 -43.95
CA LEU C 304 41.12 18.89 -45.22
C LEU C 304 40.86 20.39 -45.02
N ARG C 305 41.89 21.12 -44.60
CA ARG C 305 41.81 22.57 -44.27
C ARG C 305 43.17 23.21 -44.49
N ASP C 306 43.21 24.54 -44.57
CA ASP C 306 44.43 25.36 -44.82
C ASP C 306 45.00 25.83 -43.48
N ARG C 307 44.28 25.60 -42.39
CA ARG C 307 44.64 26.01 -41.00
C ARG C 307 43.90 25.09 -40.03
N THR C 308 44.32 25.05 -38.77
CA THR C 308 43.63 24.31 -37.69
C THR C 308 43.81 25.05 -36.37
N GLU C 309 42.85 24.92 -35.46
CA GLU C 309 42.95 25.45 -34.08
C GLU C 309 43.55 24.35 -33.22
N ARG C 310 43.93 23.23 -33.83
CA ARG C 310 44.57 22.05 -33.17
C ARG C 310 46.00 21.87 -33.67
N PRO C 311 46.95 22.79 -33.36
CA PRO C 311 48.32 22.69 -33.85
C PRO C 311 49.16 21.63 -33.12
N GLU C 312 48.68 21.14 -31.96
CA GLU C 312 49.35 20.13 -31.12
C GLU C 312 49.59 18.87 -31.97
N GLY C 313 48.56 18.36 -32.64
CA GLY C 313 48.66 17.19 -33.52
C GLY C 313 49.58 17.44 -34.71
N ILE C 314 49.62 18.66 -35.22
CA ILE C 314 50.52 19.06 -36.34
C ILE C 314 51.97 18.93 -35.83
N ALA C 315 52.28 19.60 -34.72
CA ALA C 315 53.63 19.68 -34.12
C ALA C 315 54.12 18.27 -33.75
N ALA C 316 53.26 17.42 -33.19
CA ALA C 316 53.60 16.06 -32.71
C ALA C 316 53.70 15.10 -33.90
N GLY C 317 53.27 15.52 -35.10
CA GLY C 317 53.28 14.70 -36.32
C GLY C 317 52.11 13.71 -36.43
N CYS C 318 51.13 13.74 -35.50
CA CYS C 318 49.87 12.93 -35.54
C CYS C 318 49.02 13.26 -36.77
N ALA C 319 49.15 14.49 -37.29
CA ALA C 319 48.21 15.10 -38.25
C ALA C 319 48.96 16.04 -39.19
N ARG C 320 48.52 16.13 -40.44
CA ARG C 320 49.14 17.04 -41.45
C ARG C 320 48.02 17.80 -42.16
N LEU C 321 48.22 19.09 -42.35
CA LEU C 321 47.40 19.94 -43.25
C LEU C 321 47.60 19.46 -44.68
N VAL C 322 46.50 19.39 -45.42
CA VAL C 322 46.39 18.79 -46.77
C VAL C 322 45.49 19.69 -47.64
N GLY C 323 44.64 20.51 -47.01
CA GLY C 323 43.73 21.44 -47.69
C GLY C 323 42.77 20.68 -48.57
N THR C 324 42.44 21.25 -49.74
CA THR C 324 41.45 20.71 -50.70
C THR C 324 42.12 20.54 -52.07
N ASP C 325 43.45 20.37 -52.10
CA ASP C 325 44.24 20.13 -53.33
C ASP C 325 44.25 18.63 -53.63
N PRO C 326 43.65 18.19 -54.75
CA PRO C 326 43.54 16.76 -55.04
C PRO C 326 44.89 16.06 -55.23
N ALA C 327 45.83 16.70 -55.93
CA ALA C 327 47.20 16.16 -56.16
C ALA C 327 47.84 15.80 -54.81
N LEU C 328 47.81 16.75 -53.85
CA LEU C 328 48.43 16.59 -52.51
C LEU C 328 47.70 15.52 -51.69
N ILE C 329 46.37 15.46 -51.74
CA ILE C 329 45.57 14.42 -51.01
C ILE C 329 45.97 13.05 -51.54
N VAL C 330 46.02 12.89 -52.86
CA VAL C 330 46.41 11.61 -53.55
C VAL C 330 47.81 11.20 -53.08
N LYS C 331 48.78 12.12 -53.22
CA LYS C 331 50.19 11.89 -52.81
C LYS C 331 50.24 11.45 -51.35
N GLU C 332 49.63 12.23 -50.47
CA GLU C 332 49.71 12.09 -48.99
C GLU C 332 49.06 10.77 -48.54
N VAL C 333 47.91 10.41 -49.12
CA VAL C 333 47.20 9.14 -48.81
C VAL C 333 48.06 7.96 -49.30
N GLY C 334 48.62 8.07 -50.51
CA GLY C 334 49.51 7.07 -51.11
C GLY C 334 50.73 6.83 -50.23
N ARG C 335 51.49 7.88 -49.97
CA ARG C 335 52.66 7.89 -49.04
C ARG C 335 52.31 6.97 -47.85
N LEU C 336 51.22 7.24 -47.13
CA LEU C 336 50.84 6.52 -45.89
C LEU C 336 50.45 5.07 -46.16
N LEU C 337 49.94 4.76 -47.36
CA LEU C 337 49.44 3.40 -47.70
C LEU C 337 50.61 2.51 -48.13
N ASP C 338 51.60 3.07 -48.82
CA ASP C 338 52.75 2.35 -49.44
C ASP C 338 53.88 2.22 -48.42
N ASP C 339 54.35 3.36 -47.89
CA ASP C 339 55.59 3.50 -47.07
C ASP C 339 55.25 3.37 -45.59
N PRO C 340 55.44 2.18 -44.96
CA PRO C 340 55.09 1.99 -43.54
C PRO C 340 55.89 2.83 -42.54
N GLU C 341 57.00 3.44 -42.99
CA GLU C 341 57.86 4.30 -42.15
C GLU C 341 57.17 5.65 -41.95
N ALA C 342 56.64 6.24 -43.02
CA ALA C 342 55.83 7.49 -43.00
C ALA C 342 54.56 7.28 -42.18
N TYR C 343 53.93 6.10 -42.32
CA TYR C 343 52.71 5.72 -41.57
C TYR C 343 52.99 5.73 -40.06
N GLU C 344 54.07 5.07 -39.63
CA GLU C 344 54.41 4.91 -38.19
C GLU C 344 54.89 6.24 -37.62
N ALA C 345 55.42 7.13 -38.47
CA ALA C 345 55.84 8.50 -38.10
C ALA C 345 54.64 9.34 -37.64
N MET C 346 53.42 8.94 -37.98
CA MET C 346 52.16 9.67 -37.64
C MET C 346 51.38 8.95 -36.52
N ARG C 347 52.01 8.00 -35.84
CA ARG C 347 51.40 7.27 -34.68
C ARG C 347 52.35 7.29 -33.49
N ARG C 348 51.80 7.45 -32.27
CA ARG C 348 52.45 7.10 -30.99
C ARG C 348 51.41 6.43 -30.09
N CYS C 353 47.89 13.87 -27.00
CA CYS C 353 47.89 15.32 -27.28
C CYS C 353 46.75 16.04 -26.53
N TYR C 354 45.58 15.41 -26.32
CA TYR C 354 44.31 16.12 -25.98
C TYR C 354 43.64 15.56 -24.72
N GLY C 355 44.39 14.88 -23.82
CA GLY C 355 43.88 14.43 -22.50
C GLY C 355 43.67 12.93 -22.42
N GLU C 356 43.44 12.42 -21.20
CA GLU C 356 43.49 10.98 -20.82
C GLU C 356 42.10 10.36 -20.82
N GLY C 357 41.04 11.17 -20.77
CA GLY C 357 39.64 10.69 -20.79
C GLY C 357 38.97 10.83 -19.43
N ASP C 358 39.51 11.70 -18.58
CA ASP C 358 39.02 11.98 -17.20
C ASP C 358 38.75 13.49 -17.05
N ALA C 359 38.44 14.16 -18.17
CA ALA C 359 38.28 15.63 -18.24
C ALA C 359 37.00 16.06 -17.51
N ALA C 360 35.92 15.29 -17.62
CA ALA C 360 34.64 15.57 -16.94
C ALA C 360 34.92 15.75 -15.45
N ALA C 361 35.66 14.81 -14.84
CA ALA C 361 36.00 14.82 -13.40
C ALA C 361 36.80 16.08 -13.06
N ARG C 362 37.82 16.41 -13.87
CA ARG C 362 38.71 17.57 -13.63
C ARG C 362 37.89 18.87 -13.73
N CYS C 363 36.89 18.92 -14.62
CA CYS C 363 35.95 20.05 -14.74
C CYS C 363 35.16 20.19 -13.44
N LEU C 364 34.65 19.06 -12.91
CA LEU C 364 33.82 19.03 -11.67
C LEU C 364 34.63 19.62 -10.51
N GLU C 365 35.88 19.20 -10.35
CA GLU C 365 36.75 19.65 -9.24
C GLU C 365 37.01 21.15 -9.38
N ALA C 366 37.11 21.67 -10.60
CA ALA C 366 37.28 23.13 -10.87
C ALA C 366 36.00 23.85 -10.43
N LEU C 367 34.82 23.35 -10.82
CA LEU C 367 33.51 23.95 -10.44
C LEU C 367 33.38 23.95 -8.91
N ARG C 368 33.60 22.79 -8.28
CA ARG C 368 33.54 22.61 -6.81
C ARG C 368 34.47 23.61 -6.14
N GLU C 369 35.74 23.63 -6.54
CA GLU C 369 36.75 24.56 -5.99
C GLU C 369 36.26 26.00 -6.08
N ARG C 370 35.68 26.41 -7.21
CA ARG C 370 35.37 27.83 -7.50
C ARG C 370 34.05 28.25 -6.83
N TRP C 371 33.00 27.43 -6.93
CA TRP C 371 31.61 27.85 -6.56
C TRP C 371 31.01 26.98 -5.44
N LEU C 372 31.75 26.04 -4.86
CA LEU C 372 31.28 25.23 -3.71
C LEU C 372 32.34 25.24 -2.62
N SER C 373 32.96 26.39 -2.38
CA SER C 373 33.96 26.56 -1.27
C SER C 373 33.88 28.00 -0.72
N SER C 374 34.40 28.19 0.49
CA SER C 374 34.50 29.49 1.19
C SER C 374 35.89 29.61 1.82
N PRO C 375 36.47 30.82 1.90
CA PRO C 375 37.81 31.00 2.43
C PRO C 375 37.87 30.83 3.96
N HIS D 1 -9.65 28.34 53.33
CA HIS D 1 -9.25 28.63 51.91
C HIS D 1 -10.15 29.74 51.33
N MET D 2 -9.59 30.58 50.45
CA MET D 2 -10.27 31.77 49.89
C MET D 2 -11.42 31.32 48.98
N ALA D 3 -12.64 31.75 49.30
CA ALA D 3 -13.87 31.64 48.47
C ALA D 3 -14.12 33.01 47.84
N LEU D 4 -14.52 33.05 46.56
CA LEU D 4 -15.10 34.27 45.93
C LEU D 4 -16.43 34.58 46.63
N ARG D 5 -16.47 35.67 47.40
CA ARG D 5 -17.68 36.11 48.14
C ARG D 5 -18.57 36.88 47.13
N VAL D 6 -19.67 36.24 46.74
CA VAL D 6 -20.61 36.72 45.69
C VAL D 6 -21.83 37.32 46.39
N GLY D 7 -21.92 38.66 46.37
CA GLY D 7 -23.10 39.41 46.84
C GLY D 7 -24.30 39.10 45.96
N ILE D 8 -25.45 38.86 46.58
CA ILE D 8 -26.74 38.55 45.91
C ILE D 8 -27.76 39.56 46.46
N VAL D 9 -28.19 40.53 45.65
CA VAL D 9 -29.04 41.66 46.12
C VAL D 9 -30.36 41.60 45.34
N TYR D 10 -31.46 41.54 46.09
CA TYR D 10 -32.84 41.49 45.53
C TYR D 10 -33.81 42.10 46.54
N GLY D 11 -35.03 42.41 46.08
CA GLY D 11 -36.09 43.03 46.91
C GLY D 11 -37.45 42.36 46.75
N THR D 12 -37.61 41.45 45.78
CA THR D 12 -38.93 41.00 45.29
C THR D 12 -38.90 39.49 45.01
N ARG D 13 -40.08 38.86 45.05
CA ARG D 13 -40.33 37.43 44.73
C ARG D 13 -39.66 37.07 43.41
N PRO D 14 -39.98 37.76 42.29
CA PRO D 14 -39.43 37.42 40.98
C PRO D 14 -37.90 37.34 40.97
N GLU D 15 -37.22 38.32 41.56
CA GLU D 15 -35.74 38.35 41.68
C GLU D 15 -35.28 37.13 42.46
N ALA D 16 -35.93 36.85 43.60
CA ALA D 16 -35.53 35.77 44.54
C ALA D 16 -35.60 34.41 43.83
N ILE D 17 -36.71 34.12 43.14
CA ILE D 17 -36.93 32.86 42.39
C ILE D 17 -35.80 32.69 41.37
N LYS D 18 -35.48 33.73 40.60
CA LYS D 18 -34.48 33.64 39.52
C LYS D 18 -33.07 33.55 40.12
N LEU D 19 -32.84 34.10 41.30
CA LEU D 19 -31.49 34.11 41.93
C LEU D 19 -31.28 32.84 42.75
N ALA D 20 -32.35 32.16 43.19
CA ALA D 20 -32.29 30.99 44.09
C ALA D 20 -31.39 29.89 43.49
N PRO D 21 -31.59 29.47 42.22
CA PRO D 21 -30.73 28.43 41.64
C PRO D 21 -29.23 28.78 41.74
N LEU D 22 -28.91 30.06 41.51
CA LEU D 22 -27.52 30.58 41.53
C LEU D 22 -26.98 30.55 42.96
N VAL D 23 -27.78 31.00 43.94
CA VAL D 23 -27.41 30.91 45.38
C VAL D 23 -27.10 29.45 45.72
N LEU D 24 -27.98 28.52 45.35
CA LEU D 24 -27.82 27.08 45.69
C LEU D 24 -26.52 26.56 45.08
N ALA D 25 -26.25 26.85 43.80
CA ALA D 25 -25.02 26.43 43.09
C ALA D 25 -23.79 27.01 43.79
N LEU D 26 -23.83 28.30 44.14
CA LEU D 26 -22.74 29.01 44.85
C LEU D 26 -22.49 28.35 46.22
N ASP D 27 -23.55 27.91 46.90
CA ASP D 27 -23.49 27.26 48.24
C ASP D 27 -22.86 25.87 48.10
N ALA D 28 -23.24 25.11 47.07
CA ALA D 28 -22.76 23.74 46.79
C ALA D 28 -21.26 23.76 46.44
N ASP D 29 -20.83 24.68 45.56
CA ASP D 29 -19.42 24.72 45.07
C ASP D 29 -18.54 25.36 46.15
N PRO D 30 -17.42 24.72 46.54
CA PRO D 30 -16.56 25.25 47.62
C PRO D 30 -15.75 26.52 47.26
N GLY D 31 -15.60 26.84 45.96
CA GLY D 31 -14.84 28.00 45.47
C GLY D 31 -15.55 29.35 45.69
N PHE D 32 -16.84 29.34 46.06
CA PHE D 32 -17.73 30.53 46.16
C PHE D 32 -18.51 30.52 47.48
N GLU D 33 -18.84 31.71 47.98
CA GLU D 33 -19.76 31.90 49.13
C GLU D 33 -20.81 32.96 48.75
N PRO D 34 -22.11 32.59 48.69
CA PRO D 34 -23.15 33.57 48.44
C PRO D 34 -23.42 34.40 49.69
N VAL D 35 -23.55 35.70 49.52
CA VAL D 35 -23.88 36.67 50.61
C VAL D 35 -25.14 37.43 50.18
N ILE D 36 -26.29 37.03 50.71
CA ILE D 36 -27.60 37.62 50.36
C ILE D 36 -27.79 38.89 51.18
N ILE D 37 -28.14 39.99 50.51
CA ILE D 37 -28.58 41.27 51.14
C ILE D 37 -29.88 41.67 50.45
N THR D 38 -30.99 41.74 51.18
CA THR D 38 -32.30 42.10 50.61
C THR D 38 -32.56 43.58 50.86
N THR D 39 -33.42 44.18 50.05
CA THR D 39 -33.87 45.60 50.16
C THR D 39 -35.37 45.60 50.49
N GLY D 40 -35.98 44.41 50.61
CA GLY D 40 -37.41 44.23 50.92
C GLY D 40 -37.68 44.39 52.39
N LEU D 46 -41.80 36.93 50.42
CA LEU D 46 -40.33 36.68 50.30
C LEU D 46 -39.89 35.58 51.26
N ASP D 47 -40.34 35.60 52.51
CA ASP D 47 -39.99 34.60 53.55
C ASP D 47 -40.41 33.19 53.09
N GLU D 48 -41.53 33.09 52.37
CA GLU D 48 -42.06 31.82 51.78
C GLU D 48 -41.01 31.27 50.80
N ILE D 49 -40.47 32.11 49.92
CA ILE D 49 -39.51 31.71 48.84
C ILE D 49 -38.15 31.44 49.48
N ASN D 50 -37.72 32.28 50.42
CA ASN D 50 -36.46 32.11 51.18
C ASN D 50 -36.49 30.72 51.85
N GLU D 51 -37.61 30.35 52.49
CA GLU D 51 -37.78 29.05 53.19
C GLU D 51 -37.74 27.90 52.18
N LEU D 52 -38.49 28.01 51.08
CA LEU D 52 -38.63 26.95 50.04
C LEU D 52 -37.26 26.57 49.46
N PHE D 53 -36.38 27.55 49.22
CA PHE D 53 -35.06 27.33 48.56
C PHE D 53 -33.91 27.36 49.57
N GLY D 54 -34.21 27.60 50.86
CA GLY D 54 -33.21 27.64 51.94
C GLY D 54 -32.26 28.83 51.82
N LEU D 55 -32.77 29.96 51.32
CA LEU D 55 -32.05 31.27 51.27
C LEU D 55 -32.04 31.87 52.68
N ARG D 56 -30.87 32.26 53.18
CA ARG D 56 -30.69 32.87 54.52
C ARG D 56 -30.01 34.22 54.37
N PRO D 57 -30.79 35.33 54.29
CA PRO D 57 -30.23 36.68 54.17
C PRO D 57 -29.26 37.05 55.32
N ARG D 58 -28.09 37.60 55.01
CA ARG D 58 -27.11 38.12 56.01
C ARG D 58 -27.58 39.49 56.51
N HIS D 59 -28.20 40.30 55.65
CA HIS D 59 -28.78 41.61 56.01
C HIS D 59 -30.09 41.84 55.26
N ASN D 60 -31.04 42.52 55.92
CA ASN D 60 -32.31 43.03 55.34
C ASN D 60 -32.39 44.53 55.61
N LEU D 61 -31.98 45.37 54.66
CA LEU D 61 -32.26 46.83 54.71
C LEU D 61 -33.79 46.99 54.59
N ASP D 62 -34.40 47.87 55.37
CA ASP D 62 -35.88 48.00 55.38
C ASP D 62 -36.23 49.23 54.56
N ILE D 63 -35.91 49.18 53.26
CA ILE D 63 -35.95 50.37 52.36
C ILE D 63 -37.27 50.41 51.58
N MET D 64 -37.69 49.28 50.98
CA MET D 64 -38.88 49.23 50.07
C MET D 64 -40.20 49.11 50.86
N ARG D 65 -41.15 50.02 50.63
CA ARG D 65 -42.52 49.97 51.21
C ARG D 65 -43.53 50.39 50.13
N GLN D 68 -43.84 54.74 48.09
CA GLN D 68 -42.56 55.48 48.18
C GLN D 68 -42.17 55.98 46.78
N ARG D 69 -41.63 57.19 46.70
CA ARG D 69 -41.08 57.79 45.45
C ARG D 69 -39.86 56.95 44.99
N LEU D 70 -39.72 56.75 43.68
CA LEU D 70 -38.57 56.03 43.09
C LEU D 70 -37.25 56.67 43.55
N SER D 71 -37.15 58.01 43.51
CA SER D 71 -35.94 58.79 43.90
C SER D 71 -35.54 58.49 45.35
N ALA D 72 -36.49 58.43 46.26
CA ALA D 72 -36.23 58.16 47.70
C ALA D 72 -35.70 56.74 47.86
N MET D 73 -36.31 55.78 47.18
CA MET D 73 -35.90 54.35 47.27
C MET D 73 -34.47 54.20 46.74
N ALA D 74 -34.21 54.70 45.53
CA ALA D 74 -32.88 54.62 44.87
C ALA D 74 -31.82 55.30 45.75
N SER D 75 -32.15 56.49 46.24
CA SER D 75 -31.30 57.31 47.14
C SER D 75 -30.86 56.46 48.34
N ARG D 76 -31.79 55.72 48.95
CA ARG D 76 -31.51 54.94 50.18
C ARG D 76 -30.60 53.76 49.83
N ILE D 77 -30.87 53.04 48.75
CA ILE D 77 -30.07 51.85 48.33
C ILE D 77 -28.64 52.30 47.99
N VAL D 78 -28.50 53.37 47.18
CA VAL D 78 -27.19 53.97 46.80
C VAL D 78 -26.45 54.39 48.09
N GLY D 79 -27.17 54.99 49.02
CA GLY D 79 -26.63 55.53 50.28
C GLY D 79 -26.14 54.43 51.23
N GLU D 80 -26.85 53.30 51.30
CA GLU D 80 -26.77 52.41 52.48
C GLU D 80 -26.29 51.00 52.13
N LEU D 81 -26.22 50.59 50.86
CA LEU D 81 -25.88 49.19 50.52
C LEU D 81 -24.35 49.01 50.57
N GLY D 82 -23.57 50.07 50.37
CA GLY D 82 -22.10 50.00 50.41
C GLY D 82 -21.59 49.31 51.68
N ASP D 83 -22.07 49.73 52.85
CA ASP D 83 -21.57 49.31 54.18
C ASP D 83 -21.72 47.79 54.31
N PRO D 84 -22.95 47.22 54.24
CA PRO D 84 -23.11 45.78 54.31
C PRO D 84 -22.27 45.02 53.28
N LEU D 85 -22.06 45.57 52.08
CA LEU D 85 -21.20 44.93 51.04
C LEU D 85 -19.75 44.89 51.54
N LEU D 86 -19.30 45.96 52.21
CA LEU D 86 -17.90 46.05 52.72
C LEU D 86 -17.75 45.15 53.95
N ASP D 87 -18.66 45.25 54.92
CA ASP D 87 -18.70 44.45 56.18
C ASP D 87 -18.67 42.95 55.87
N GLU D 88 -19.39 42.52 54.84
CA GLU D 88 -19.50 41.08 54.45
C GLU D 88 -18.37 40.69 53.51
N LEU D 89 -17.47 41.62 53.19
CA LEU D 89 -16.22 41.35 52.43
C LEU D 89 -16.60 40.76 51.06
N VAL D 90 -17.58 41.36 50.40
CA VAL D 90 -18.08 40.95 49.06
C VAL D 90 -17.02 41.31 48.02
N ASP D 91 -16.71 40.36 47.14
CA ASP D 91 -15.69 40.51 46.07
C ASP D 91 -16.38 40.90 44.77
N VAL D 92 -17.61 40.39 44.55
CA VAL D 92 -18.40 40.51 43.31
C VAL D 92 -19.87 40.58 43.70
N ALA D 93 -20.66 41.44 43.05
CA ALA D 93 -22.11 41.56 43.32
C ALA D 93 -22.89 41.10 42.10
N VAL D 94 -23.94 40.33 42.31
CA VAL D 94 -24.89 39.88 41.25
C VAL D 94 -26.23 40.55 41.53
N VAL D 95 -26.80 41.18 40.51
CA VAL D 95 -28.18 41.74 40.52
C VAL D 95 -28.93 41.05 39.39
N GLN D 96 -30.25 40.98 39.50
CA GLN D 96 -31.12 40.29 38.52
C GLN D 96 -32.13 41.27 37.92
N GLY D 97 -32.31 41.19 36.59
CA GLY D 97 -33.48 41.72 35.90
C GLY D 97 -33.44 43.22 35.70
N ASP D 98 -34.59 43.86 35.89
CA ASP D 98 -34.88 45.25 35.45
C ASP D 98 -35.33 46.11 36.64
N THR D 99 -35.20 45.62 37.87
CA THR D 99 -35.75 46.30 39.07
C THR D 99 -34.90 47.53 39.40
N SER D 100 -35.48 48.52 40.06
CA SER D 100 -34.77 49.72 40.52
C SER D 100 -33.75 49.33 41.59
N THR D 101 -33.97 48.21 42.29
CA THR D 101 -33.00 47.63 43.26
C THR D 101 -31.75 47.21 42.49
N ALA D 102 -31.91 46.41 41.44
CA ALA D 102 -30.78 45.88 40.65
C ALA D 102 -29.92 47.04 40.16
N PHE D 103 -30.54 48.13 39.72
CA PHE D 103 -29.80 49.33 39.25
C PHE D 103 -29.09 50.01 40.41
N ALA D 104 -29.82 50.42 41.44
CA ALA D 104 -29.27 51.18 42.57
C ALA D 104 -28.18 50.36 43.27
N ALA D 105 -28.40 49.05 43.47
CA ALA D 105 -27.41 48.13 44.09
C ALA D 105 -26.16 48.07 43.22
N ALA D 106 -26.33 47.95 41.90
CA ALA D 106 -25.19 47.86 40.96
C ALA D 106 -24.37 49.16 41.07
N TYR D 107 -25.04 50.33 41.11
CA TYR D 107 -24.34 51.62 41.25
C TYR D 107 -23.59 51.67 42.59
N ALA D 108 -24.22 51.25 43.68
CA ALA D 108 -23.61 51.19 45.04
C ALA D 108 -22.36 50.31 44.98
N ALA D 109 -22.47 49.12 44.38
CA ALA D 109 -21.32 48.20 44.24
C ALA D 109 -20.20 48.93 43.50
N ALA D 110 -20.53 49.61 42.40
CA ALA D 110 -19.54 50.27 41.52
C ALA D 110 -18.82 51.38 42.30
N CYS D 111 -19.53 52.12 43.15
CA CYS D 111 -18.95 53.18 44.03
C CYS D 111 -17.84 52.59 44.92
N GLU D 112 -17.99 51.35 45.38
CA GLU D 112 -17.01 50.64 46.24
C GLU D 112 -16.03 49.83 45.39
N ARG D 113 -16.00 50.04 44.08
CA ARG D 113 -15.11 49.31 43.12
C ARG D 113 -15.32 47.79 43.25
N ILE D 114 -16.52 47.37 43.62
CA ILE D 114 -16.96 45.93 43.61
C ILE D 114 -17.48 45.61 42.21
N PRO D 115 -16.82 44.71 41.46
CA PRO D 115 -17.31 44.31 40.15
C PRO D 115 -18.73 43.74 40.23
N VAL D 116 -19.53 43.97 39.18
CA VAL D 116 -20.97 43.56 39.12
C VAL D 116 -21.17 42.57 37.97
N ALA D 117 -21.96 41.53 38.23
CA ALA D 117 -22.50 40.62 37.22
C ALA D 117 -24.01 40.77 37.19
N HIS D 118 -24.61 40.67 36.00
CA HIS D 118 -26.04 40.91 35.76
C HIS D 118 -26.68 39.61 35.31
N LEU D 119 -27.58 39.05 36.12
CA LEU D 119 -28.35 37.84 35.79
C LEU D 119 -29.59 38.25 35.00
N GLU D 120 -29.82 37.62 33.85
CA GLU D 120 -30.93 37.89 32.90
C GLU D 120 -30.69 39.23 32.19
N ALA D 121 -29.64 39.30 31.37
CA ALA D 121 -29.16 40.54 30.71
C ALA D 121 -29.58 40.54 29.24
N GLY D 122 -29.94 41.71 28.70
CA GLY D 122 -30.09 41.97 27.26
C GLY D 122 -31.53 41.97 26.75
N LEU D 123 -32.52 41.65 27.58
CA LEU D 123 -33.94 41.71 27.14
C LEU D 123 -34.27 43.17 26.80
N ARG D 124 -34.85 43.42 25.62
CA ARG D 124 -35.23 44.77 25.13
C ARG D 124 -36.60 44.69 24.45
N THR D 125 -37.46 45.67 24.70
CA THR D 125 -38.74 45.89 23.98
C THR D 125 -38.43 46.56 22.65
N GLY D 126 -37.51 47.54 22.68
CA GLY D 126 -37.14 48.38 21.53
C GLY D 126 -37.84 49.74 21.54
N ASP D 127 -38.72 49.98 22.54
CA ASP D 127 -39.47 51.25 22.72
C ASP D 127 -38.93 51.95 23.97
N ARG D 128 -38.45 53.19 23.83
CA ARG D 128 -37.69 53.95 24.86
C ARG D 128 -38.59 54.32 26.05
N PHE D 129 -38.11 54.09 27.29
CA PHE D 129 -38.78 54.37 28.59
C PHE D 129 -40.16 53.69 28.66
N GLU D 130 -40.32 52.59 27.92
CA GLU D 130 -41.56 51.80 27.79
C GLU D 130 -41.24 50.33 28.00
N PRO D 131 -41.48 49.73 29.19
CA PRO D 131 -42.05 50.45 30.34
C PRO D 131 -41.02 51.25 31.14
N PHE D 132 -41.49 52.14 32.02
CA PHE D 132 -40.63 52.96 32.92
C PHE D 132 -40.88 52.51 34.35
N PRO D 133 -39.83 52.27 35.16
CA PRO D 133 -38.44 52.50 34.76
C PRO D 133 -37.65 51.26 34.28
N GLU D 134 -38.32 50.14 33.98
CA GLU D 134 -37.64 48.83 33.75
C GLU D 134 -36.65 48.94 32.58
N GLU D 135 -37.05 49.56 31.49
CA GLU D 135 -36.26 49.56 30.22
C GLU D 135 -35.00 50.39 30.47
N ILE D 136 -35.10 51.53 31.15
CA ILE D 136 -33.90 52.39 31.43
C ILE D 136 -33.01 51.68 32.46
N ASN D 137 -33.58 50.96 33.43
CA ASN D 137 -32.80 50.21 34.45
C ASN D 137 -31.88 49.21 33.76
N ARG D 138 -32.42 48.40 32.85
CA ARG D 138 -31.63 47.40 32.08
C ARG D 138 -30.46 48.10 31.39
N ARG D 139 -30.70 49.22 30.73
CA ARG D 139 -29.64 49.92 29.95
C ARG D 139 -28.58 50.49 30.91
N LEU D 140 -28.97 50.94 32.11
CA LEU D 140 -28.04 51.48 33.13
C LEU D 140 -27.22 50.33 33.73
N ILE D 141 -27.88 49.26 34.16
CA ILE D 141 -27.21 48.05 34.74
C ILE D 141 -26.20 47.54 33.71
N THR D 142 -26.59 47.57 32.44
CA THR D 142 -25.78 47.03 31.31
C THR D 142 -24.41 47.74 31.26
N GLN D 143 -24.37 49.05 31.52
CA GLN D 143 -23.10 49.83 31.51
C GLN D 143 -22.33 49.59 32.81
N LEU D 144 -23.00 49.29 33.92
CA LEU D 144 -22.33 49.10 35.24
C LEU D 144 -21.70 47.70 35.34
N ALA D 145 -22.37 46.68 34.80
CA ALA D 145 -21.97 45.26 34.92
C ALA D 145 -20.68 44.99 34.14
N ASP D 146 -19.75 44.23 34.73
CA ASP D 146 -18.53 43.71 34.05
C ASP D 146 -18.88 42.43 33.29
N LEU D 147 -19.90 41.71 33.75
CA LEU D 147 -20.26 40.35 33.28
C LEU D 147 -21.78 40.29 33.10
N HIS D 148 -22.24 39.73 31.99
CA HIS D 148 -23.67 39.69 31.59
C HIS D 148 -24.07 38.24 31.29
N PHE D 149 -24.97 37.66 32.09
CA PHE D 149 -25.55 36.31 31.86
C PHE D 149 -26.82 36.47 31.04
N ALA D 150 -26.67 36.42 29.71
CA ALA D 150 -27.77 36.53 28.72
C ALA D 150 -28.52 35.21 28.66
N PRO D 151 -29.87 35.23 28.60
CA PRO D 151 -30.64 33.99 28.53
C PRO D 151 -30.80 33.42 27.11
N THR D 152 -30.54 34.22 26.08
CA THR D 152 -30.65 33.81 24.66
C THR D 152 -29.59 34.52 23.83
N ALA D 153 -29.37 34.07 22.60
CA ALA D 153 -28.43 34.71 21.64
C ALA D 153 -28.98 36.08 21.24
N ASP D 154 -30.29 36.22 21.08
CA ASP D 154 -30.98 37.51 20.79
C ASP D 154 -30.57 38.55 21.85
N ALA D 155 -30.69 38.20 23.14
CA ALA D 155 -30.34 39.06 24.29
C ALA D 155 -28.85 39.45 24.23
N ALA D 156 -27.97 38.50 23.92
CA ALA D 156 -26.53 38.74 23.78
C ALA D 156 -26.29 39.79 22.69
N GLY D 157 -27.02 39.71 21.58
CA GLY D 157 -26.92 40.67 20.47
C GLY D 157 -27.24 42.08 20.94
N ASN D 158 -28.30 42.22 21.73
CA ASN D 158 -28.77 43.54 22.26
C ASN D 158 -27.66 44.17 23.10
N LEU D 159 -26.91 43.38 23.86
CA LEU D 159 -25.78 43.88 24.68
C LEU D 159 -24.67 44.40 23.76
N LEU D 160 -24.32 43.65 22.72
CA LEU D 160 -23.27 44.06 21.74
C LEU D 160 -23.64 45.41 21.11
N ALA D 161 -24.93 45.63 20.84
CA ALA D 161 -25.46 46.85 20.20
C ALA D 161 -25.33 48.06 21.15
N GLU D 162 -25.18 47.83 22.45
CA GLU D 162 -25.02 48.92 23.47
C GLU D 162 -23.55 49.01 23.90
N GLY D 163 -22.65 48.32 23.18
CA GLY D 163 -21.20 48.58 23.26
C GLY D 163 -20.47 47.61 24.17
N VAL D 164 -21.16 46.60 24.67
CA VAL D 164 -20.55 45.59 25.57
C VAL D 164 -19.61 44.69 24.74
N ARG D 165 -18.40 44.45 25.25
CA ARG D 165 -17.40 43.53 24.66
C ARG D 165 -17.96 42.10 24.69
N SER D 166 -17.86 41.38 23.57
CA SER D 166 -18.29 39.97 23.44
C SER D 166 -17.75 39.08 24.57
N ASP D 167 -16.54 39.30 25.08
CA ASP D 167 -15.92 38.44 26.13
C ASP D 167 -16.63 38.61 27.48
N ASP D 168 -17.47 39.64 27.62
CA ASP D 168 -18.18 39.95 28.89
C ASP D 168 -19.59 39.33 28.86
N VAL D 169 -19.99 38.71 27.74
CA VAL D 169 -21.36 38.16 27.56
C VAL D 169 -21.30 36.63 27.49
N TYR D 170 -21.97 35.96 28.41
CA TYR D 170 -22.19 34.49 28.38
C TYR D 170 -23.69 34.25 28.15
N VAL D 171 -24.05 33.45 27.15
CA VAL D 171 -25.43 32.96 26.93
C VAL D 171 -25.63 31.74 27.84
N THR D 172 -26.17 31.96 29.05
CA THR D 172 -26.31 30.94 30.11
C THR D 172 -27.71 30.31 30.12
N GLY D 173 -28.66 30.90 29.37
CA GLY D 173 -30.09 30.60 29.53
C GLY D 173 -30.64 31.20 30.82
N ASN D 174 -31.93 31.00 31.10
CA ASN D 174 -32.64 31.67 32.20
C ASN D 174 -32.71 30.71 33.40
N THR D 175 -32.35 31.21 34.59
CA THR D 175 -32.34 30.43 35.85
C THR D 175 -33.77 30.12 36.29
N VAL D 176 -34.77 30.82 35.74
CA VAL D 176 -36.19 30.55 36.09
C VAL D 176 -36.53 29.10 35.70
N ILE D 177 -35.87 28.57 34.66
CA ILE D 177 -36.09 27.16 34.23
C ILE D 177 -35.51 26.21 35.29
N ASP D 178 -34.28 26.48 35.76
CA ASP D 178 -33.65 25.72 36.90
C ASP D 178 -34.66 25.68 38.05
N ALA D 179 -35.24 26.84 38.40
CA ALA D 179 -36.08 27.04 39.59
C ALA D 179 -37.37 26.21 39.47
N MET D 180 -37.98 26.23 38.27
CA MET D 180 -39.16 25.39 37.94
C MET D 180 -38.84 23.93 38.24
N HIS D 181 -37.72 23.42 37.73
CA HIS D 181 -37.32 22.00 37.85
C HIS D 181 -37.15 21.65 39.33
N LEU D 182 -36.65 22.58 40.14
CA LEU D 182 -36.41 22.34 41.59
C LEU D 182 -37.72 22.23 42.38
N VAL D 183 -38.87 22.66 41.84
CA VAL D 183 -40.18 22.61 42.56
C VAL D 183 -41.09 21.54 41.92
N LEU D 184 -40.80 21.04 40.72
CA LEU D 184 -41.61 19.97 40.07
C LEU D 184 -41.31 18.60 40.71
N ALA D 191 -49.68 19.43 45.87
CA ALA D 191 -50.78 19.31 46.84
C ALA D 191 -51.33 20.68 47.21
N ASN D 192 -52.64 20.87 47.08
CA ASN D 192 -53.42 22.07 47.50
C ASN D 192 -54.92 21.72 47.44
N ARG D 193 -55.57 21.59 48.61
CA ARG D 193 -56.95 21.05 48.79
C ARG D 193 -57.94 21.82 47.90
N GLU D 194 -58.11 23.13 48.16
CA GLU D 194 -59.21 23.94 47.58
C GLU D 194 -58.96 24.16 46.09
N LEU D 195 -57.68 24.31 45.71
CA LEU D 195 -57.27 24.54 44.29
C LEU D 195 -57.63 23.31 43.45
N ASP D 196 -57.32 22.11 43.97
CA ASP D 196 -57.63 20.80 43.32
C ASP D 196 -59.15 20.63 43.23
N ALA D 197 -59.85 20.86 44.37
CA ALA D 197 -61.32 20.83 44.45
C ALA D 197 -61.93 21.69 43.34
N PHE D 198 -61.35 22.87 43.07
CA PHE D 198 -61.90 23.88 42.13
C PHE D 198 -61.62 23.46 40.67
N THR D 199 -60.46 22.83 40.40
CA THR D 199 -59.94 22.58 39.02
C THR D 199 -60.34 21.16 38.56
N GLU D 200 -60.26 20.15 39.44
CA GLU D 200 -60.72 18.74 39.25
C GLU D 200 -61.73 18.63 38.10
N GLY D 201 -61.30 17.97 37.01
CA GLY D 201 -62.16 17.62 35.86
C GLY D 201 -62.76 18.81 35.15
N ARG D 202 -62.08 19.97 35.15
CA ARG D 202 -62.49 21.19 34.42
C ARG D 202 -61.31 21.79 33.67
N GLN D 203 -61.59 22.38 32.51
CA GLN D 203 -60.63 23.21 31.73
C GLN D 203 -60.40 24.54 32.47
N THR D 204 -59.19 24.72 33.00
CA THR D 204 -58.80 25.85 33.88
C THR D 204 -57.80 26.78 33.18
N VAL D 205 -58.17 28.05 33.02
CA VAL D 205 -57.25 29.12 32.51
C VAL D 205 -56.54 29.75 33.72
N LEU D 206 -55.22 29.88 33.67
CA LEU D 206 -54.42 30.62 34.69
C LEU D 206 -54.19 32.05 34.19
N LEU D 207 -54.57 33.04 34.99
CA LEU D 207 -54.39 34.48 34.68
C LEU D 207 -53.66 35.17 35.84
N THR D 208 -52.55 35.85 35.54
CA THR D 208 -51.85 36.80 36.44
C THR D 208 -51.67 38.10 35.66
N MET D 209 -51.92 39.23 36.32
CA MET D 209 -51.77 40.56 35.70
C MET D 209 -51.37 41.53 36.80
N HIS D 210 -50.28 42.27 36.61
CA HIS D 210 -49.67 43.10 37.69
C HIS D 210 -49.04 44.39 37.16
N ARG D 211 -48.74 44.52 35.88
CA ARG D 211 -47.96 45.67 35.36
C ARG D 211 -48.70 46.98 35.70
N ARG D 212 -47.96 47.96 36.25
CA ARG D 212 -48.49 49.25 36.77
C ARG D 212 -49.21 50.00 35.65
N GLU D 213 -48.68 50.00 34.43
CA GLU D 213 -49.24 50.75 33.29
C GLU D 213 -50.61 50.19 32.88
N SER D 214 -51.05 49.07 33.47
CA SER D 214 -52.35 48.39 33.14
C SER D 214 -53.37 48.58 34.27
N TRP D 215 -52.96 49.11 35.42
CA TRP D 215 -53.85 49.35 36.58
C TRP D 215 -55.06 50.20 36.15
N GLY D 216 -56.22 49.93 36.74
CA GLY D 216 -57.47 50.66 36.47
C GLY D 216 -58.21 50.14 35.25
N ILE D 217 -58.40 50.98 34.24
CA ILE D 217 -59.31 50.71 33.09
C ILE D 217 -58.85 49.42 32.40
N PRO D 218 -57.57 49.31 31.98
CA PRO D 218 -57.12 48.16 31.18
C PRO D 218 -57.35 46.82 31.90
N MET D 219 -57.06 46.74 33.21
CA MET D 219 -57.38 45.54 34.02
C MET D 219 -58.88 45.26 34.01
N GLY D 220 -59.69 46.30 34.13
CA GLY D 220 -61.16 46.23 34.01
C GLY D 220 -61.56 45.55 32.71
N ARG D 221 -60.95 45.96 31.60
CA ARG D 221 -61.21 45.36 30.26
C ARG D 221 -60.87 43.87 30.29
N VAL D 222 -59.74 43.48 30.89
CA VAL D 222 -59.32 42.04 30.97
C VAL D 222 -60.29 41.28 31.85
N ALA D 223 -60.75 41.87 32.97
CA ALA D 223 -61.74 41.26 33.88
C ALA D 223 -63.07 41.08 33.14
N ALA D 224 -63.46 42.05 32.31
CA ALA D 224 -64.66 41.99 31.43
C ALA D 224 -64.55 40.79 30.49
N ALA D 225 -63.39 40.61 29.85
CA ALA D 225 -63.09 39.48 28.92
C ALA D 225 -63.25 38.16 29.66
N VAL D 226 -62.77 38.05 30.89
CA VAL D 226 -62.90 36.81 31.72
C VAL D 226 -64.38 36.55 31.99
N ALA D 227 -65.16 37.61 32.24
CA ALA D 227 -66.61 37.54 32.50
C ALA D 227 -67.35 37.02 31.26
N GLU D 228 -67.11 37.64 30.10
CA GLU D 228 -67.75 37.25 28.81
C GLU D 228 -67.46 35.76 28.54
N LEU D 229 -66.20 35.35 28.57
CA LEU D 229 -65.75 33.94 28.36
C LEU D 229 -66.49 33.02 29.34
N CYS D 230 -66.62 33.42 30.60
CA CYS D 230 -67.22 32.60 31.69
C CYS D 230 -68.69 32.29 31.39
N ARG D 231 -69.48 33.32 31.06
CA ARG D 231 -70.93 33.20 30.80
C ARG D 231 -71.13 32.38 29.52
N SER D 232 -70.32 32.62 28.49
CA SER D 232 -70.36 31.93 27.16
C SER D 232 -70.01 30.44 27.29
N ARG D 233 -69.24 30.03 28.30
CA ARG D 233 -68.63 28.68 28.36
C ARG D 233 -68.73 28.13 29.78
N PRO D 234 -69.95 27.68 30.20
CA PRO D 234 -70.20 27.25 31.58
C PRO D 234 -69.20 26.25 32.20
N THR D 235 -68.50 25.45 31.39
CA THR D 235 -67.53 24.42 31.88
C THR D 235 -66.16 25.06 32.13
N LEU D 236 -65.92 26.27 31.62
CA LEU D 236 -64.63 26.98 31.72
C LEU D 236 -64.45 27.50 33.15
N ARG D 237 -63.23 27.36 33.68
CA ARG D 237 -62.83 27.88 35.00
C ARG D 237 -61.59 28.78 34.82
N PHE D 238 -61.48 29.80 35.67
CA PHE D 238 -60.29 30.67 35.80
C PHE D 238 -59.80 30.63 37.25
N VAL D 239 -58.49 30.50 37.42
CA VAL D 239 -57.79 30.77 38.71
C VAL D 239 -56.94 32.02 38.50
N ILE D 240 -57.13 33.03 39.35
CA ILE D 240 -56.46 34.36 39.24
C ILE D 240 -55.80 34.66 40.59
N PRO D 241 -54.50 34.33 40.74
CA PRO D 241 -53.70 34.79 41.87
C PRO D 241 -53.47 36.29 41.69
N LEU D 242 -53.88 37.07 42.68
CA LEU D 242 -53.92 38.55 42.63
C LEU D 242 -52.60 39.09 43.18
N HIS D 243 -51.96 39.97 42.41
CA HIS D 243 -50.79 40.78 42.83
C HIS D 243 -51.17 41.51 44.13
N PRO D 244 -50.27 41.54 45.14
CA PRO D 244 -50.60 42.14 46.44
C PRO D 244 -50.54 43.68 46.35
N ASN D 245 -51.58 44.26 45.79
CA ASN D 245 -51.85 45.72 45.75
C ASN D 245 -53.36 45.88 45.85
N PRO D 246 -53.91 46.74 46.74
CA PRO D 246 -55.35 46.82 46.93
C PRO D 246 -56.12 47.34 45.69
N GLU D 247 -55.48 48.12 44.81
CA GLU D 247 -56.10 48.68 43.58
C GLU D 247 -56.25 47.56 42.54
N VAL D 248 -55.30 46.62 42.47
CA VAL D 248 -55.36 45.44 41.58
C VAL D 248 -56.44 44.48 42.08
N ARG D 249 -56.46 44.22 43.39
CA ARG D 249 -57.44 43.29 44.02
C ARG D 249 -58.85 43.83 43.83
N ARG D 250 -59.05 45.15 43.87
CA ARG D 250 -60.39 45.77 43.84
C ARG D 250 -60.99 45.63 42.43
N VAL D 251 -60.19 45.85 41.40
CA VAL D 251 -60.70 45.80 40.00
C VAL D 251 -61.18 44.36 39.70
N PHE D 252 -60.41 43.34 40.09
CA PHE D 252 -60.77 41.92 39.84
C PHE D 252 -61.95 41.52 40.73
N ARG D 253 -61.89 41.86 42.03
CA ARG D 253 -62.93 41.49 43.02
C ARG D 253 -64.27 42.08 42.59
N SER D 254 -64.29 43.36 42.22
CA SER D 254 -65.53 44.11 41.87
C SER D 254 -66.12 43.60 40.56
N HIS D 255 -65.32 42.97 39.69
CA HIS D 255 -65.78 42.46 38.37
C HIS D 255 -66.14 40.96 38.44
N LEU D 256 -65.54 40.15 39.31
CA LEU D 256 -65.55 38.67 39.16
C LEU D 256 -65.88 37.91 40.45
N SER D 257 -66.02 38.56 41.61
CA SER D 257 -66.10 37.84 42.92
C SER D 257 -67.41 37.04 43.05
N SER D 258 -68.43 37.34 42.22
CA SER D 258 -69.75 36.66 42.25
C SER D 258 -69.77 35.42 41.35
N LEU D 259 -68.95 35.38 40.29
CA LEU D 259 -68.86 34.26 39.32
C LEU D 259 -68.16 33.07 40.01
N THR D 260 -68.85 31.94 40.18
CA THR D 260 -68.27 30.73 40.81
C THR D 260 -67.37 29.99 39.81
N GLN D 261 -67.31 30.44 38.55
CA GLN D 261 -66.36 29.93 37.52
C GLN D 261 -64.94 30.50 37.76
N VAL D 262 -64.83 31.63 38.47
CA VAL D 262 -63.54 32.32 38.78
C VAL D 262 -63.17 32.05 40.23
N LEU D 263 -61.94 31.62 40.49
CA LEU D 263 -61.36 31.56 41.85
C LEU D 263 -60.26 32.61 41.98
N LEU D 264 -60.57 33.76 42.57
CA LEU D 264 -59.56 34.79 42.93
C LEU D 264 -58.74 34.23 44.11
N CYS D 265 -57.42 34.33 44.05
CA CYS D 265 -56.47 33.76 45.05
C CYS D 265 -55.56 34.84 45.61
N GLU D 266 -55.02 34.59 46.81
CA GLU D 266 -53.81 35.27 47.32
C GLU D 266 -52.65 34.79 46.46
N PRO D 267 -51.52 35.54 46.39
CA PRO D 267 -50.31 35.03 45.76
C PRO D 267 -50.04 33.60 46.25
N LEU D 268 -49.70 32.70 45.33
CA LEU D 268 -49.44 31.27 45.62
C LEU D 268 -47.93 31.06 45.81
N ARG D 269 -47.55 30.18 46.74
CA ARG D 269 -46.15 29.72 46.94
C ARG D 269 -45.67 29.13 45.61
N TYR D 270 -44.40 29.29 45.28
CA TYR D 270 -43.84 29.03 43.93
C TYR D 270 -44.21 27.61 43.49
N SER D 271 -44.10 26.63 44.39
CA SER D 271 -44.41 25.20 44.11
C SER D 271 -45.89 25.08 43.72
N GLU D 272 -46.80 25.54 44.58
CA GLU D 272 -48.27 25.54 44.32
C GLU D 272 -48.57 26.21 42.97
N PHE D 273 -47.87 27.30 42.65
CA PHE D 273 -48.13 28.14 41.44
C PHE D 273 -47.70 27.37 40.20
N ILE D 274 -46.52 26.75 40.22
CA ILE D 274 -45.96 25.98 39.07
C ILE D 274 -46.84 24.74 38.84
N ARG D 275 -47.26 24.08 39.91
CA ARG D 275 -48.20 22.93 39.87
C ARG D 275 -49.47 23.36 39.15
N LEU D 276 -50.08 24.47 39.57
CA LEU D 276 -51.32 25.03 38.96
C LEU D 276 -51.09 25.29 37.47
N MET D 277 -49.93 25.84 37.10
CA MET D 277 -49.63 26.20 35.70
C MET D 277 -49.58 24.93 34.87
N HIS D 278 -49.09 23.84 35.48
CA HIS D 278 -48.98 22.48 34.86
C HIS D 278 -50.38 21.92 34.54
N ARG D 279 -51.38 22.19 35.37
CA ARG D 279 -52.78 21.69 35.27
C ARG D 279 -53.60 22.61 34.35
N ALA D 280 -53.16 23.85 34.13
CA ALA D 280 -53.92 24.86 33.37
C ALA D 280 -53.94 24.44 31.90
N VAL D 281 -55.01 24.75 31.18
CA VAL D 281 -55.09 24.47 29.72
C VAL D 281 -54.31 25.56 28.97
N LEU D 282 -54.37 26.80 29.46
CA LEU D 282 -53.53 27.90 28.89
C LEU D 282 -53.34 29.02 29.92
N VAL D 283 -52.49 29.98 29.60
CA VAL D 283 -52.02 31.03 30.55
C VAL D 283 -52.20 32.40 29.90
N LEU D 284 -52.93 33.30 30.58
CA LEU D 284 -52.99 34.76 30.28
C LEU D 284 -52.16 35.48 31.33
N THR D 285 -51.20 36.30 30.93
CA THR D 285 -50.26 36.95 31.88
C THR D 285 -49.62 38.19 31.24
N ASP D 286 -49.23 39.14 32.07
CA ASP D 286 -48.28 40.23 31.68
C ASP D 286 -46.97 40.01 32.43
N SER D 287 -46.82 38.90 33.14
CA SER D 287 -45.59 38.50 33.86
C SER D 287 -44.48 38.12 32.88
N GLY D 288 -43.25 38.56 33.13
CA GLY D 288 -42.04 38.15 32.40
C GLY D 288 -41.68 36.72 32.72
N GLY D 289 -41.65 36.38 34.01
CA GLY D 289 -41.35 35.03 34.51
C GLY D 289 -42.30 34.00 33.93
N VAL D 290 -43.60 34.25 34.00
CA VAL D 290 -44.64 33.28 33.55
C VAL D 290 -44.48 33.07 32.04
N GLN D 291 -44.13 34.12 31.28
CA GLN D 291 -43.90 34.02 29.81
C GLN D 291 -42.75 33.05 29.50
N GLU D 292 -41.85 32.81 30.47
CA GLU D 292 -40.66 31.95 30.33
C GLU D 292 -41.02 30.53 30.83
N GLU D 293 -41.80 30.46 31.90
CA GLU D 293 -42.15 29.19 32.60
C GLU D 293 -43.19 28.42 31.80
N ALA D 294 -44.29 29.06 31.40
CA ALA D 294 -45.46 28.40 30.79
C ALA D 294 -45.07 27.68 29.49
N PRO D 295 -44.35 28.32 28.53
CA PRO D 295 -43.93 27.64 27.31
C PRO D 295 -43.16 26.34 27.60
N THR D 296 -42.34 26.34 28.65
CA THR D 296 -41.47 25.21 29.06
C THR D 296 -42.34 24.04 29.57
N LEU D 297 -43.58 24.28 30.03
CA LEU D 297 -44.56 23.21 30.38
C LEU D 297 -45.54 22.95 29.24
N GLY D 298 -45.22 23.45 28.04
CA GLY D 298 -46.07 23.33 26.84
C GLY D 298 -47.46 23.92 27.03
N LYS D 299 -47.59 25.02 27.78
CA LYS D 299 -48.87 25.77 27.88
C LYS D 299 -48.78 26.99 26.97
N PRO D 300 -49.72 27.14 26.01
CA PRO D 300 -49.81 28.36 25.23
C PRO D 300 -49.96 29.58 26.15
N VAL D 301 -49.33 30.69 25.79
CA VAL D 301 -49.35 31.95 26.57
C VAL D 301 -49.95 33.04 25.71
N LEU D 302 -50.99 33.70 26.22
CA LEU D 302 -51.51 34.96 25.67
C LEU D 302 -51.00 36.09 26.57
N VAL D 303 -50.18 36.97 26.01
CA VAL D 303 -49.48 38.05 26.76
C VAL D 303 -50.36 39.30 26.78
N LEU D 304 -50.74 39.73 27.98
CA LEU D 304 -51.68 40.85 28.22
C LEU D 304 -50.91 42.17 28.18
N ARG D 305 -50.22 42.41 27.06
CA ARG D 305 -49.35 43.59 26.85
C ARG D 305 -49.30 43.91 25.36
N ASP D 306 -48.84 45.11 25.01
CA ASP D 306 -48.74 45.64 23.62
C ASP D 306 -47.34 45.40 23.08
N ARG D 307 -46.42 44.94 23.93
CA ARG D 307 -44.99 44.71 23.63
C ARG D 307 -44.48 43.67 24.63
N THR D 308 -43.33 43.05 24.34
CA THR D 308 -42.64 42.13 25.27
C THR D 308 -41.14 42.26 25.06
N GLU D 309 -40.35 42.01 26.10
CA GLU D 309 -38.88 41.92 26.05
C GLU D 309 -38.51 40.47 25.70
N ARG D 310 -39.52 39.61 25.52
CA ARG D 310 -39.40 38.17 25.21
C ARG D 310 -39.93 37.85 23.82
N PRO D 311 -39.29 38.31 22.72
CA PRO D 311 -39.80 38.08 21.37
C PRO D 311 -39.57 36.65 20.85
N GLU D 312 -38.70 35.89 21.52
CA GLU D 312 -38.33 34.50 21.16
C GLU D 312 -39.61 33.63 21.13
N GLY D 313 -40.42 33.69 22.21
CA GLY D 313 -41.70 32.96 22.29
C GLY D 313 -42.70 33.43 21.24
N ILE D 314 -42.67 34.71 20.88
CA ILE D 314 -43.55 35.28 19.82
C ILE D 314 -43.16 34.63 18.49
N ALA D 315 -41.88 34.71 18.15
CA ALA D 315 -41.31 34.22 16.87
C ALA D 315 -41.54 32.70 16.71
N ALA D 316 -41.36 31.94 17.79
CA ALA D 316 -41.47 30.46 17.80
C ALA D 316 -42.95 30.04 17.82
N GLY D 317 -43.87 30.99 18.06
CA GLY D 317 -45.32 30.73 18.12
C GLY D 317 -45.81 30.18 19.46
N CYS D 318 -44.94 30.09 20.49
CA CYS D 318 -45.26 29.68 21.89
C CYS D 318 -46.25 30.66 22.54
N ALA D 319 -46.24 31.92 22.10
CA ALA D 319 -46.88 33.06 22.78
C ALA D 319 -47.36 34.07 21.75
N ARG D 320 -48.47 34.74 22.05
CA ARG D 320 -49.04 35.80 21.18
C ARG D 320 -49.36 37.03 22.03
N LEU D 321 -49.02 38.21 21.52
CA LEU D 321 -49.48 39.50 22.08
C LEU D 321 -50.98 39.60 21.87
N VAL D 322 -51.67 40.09 22.90
CA VAL D 322 -53.16 40.13 23.00
C VAL D 322 -53.58 41.48 23.59
N GLY D 323 -52.68 42.15 24.29
CA GLY D 323 -52.94 43.46 24.91
C GLY D 323 -54.05 43.37 25.94
N THR D 324 -54.85 44.42 26.03
CA THR D 324 -55.95 44.57 27.03
C THR D 324 -57.27 44.84 26.27
N ASP D 325 -57.36 44.38 25.02
CA ASP D 325 -58.60 44.46 24.17
C ASP D 325 -59.46 43.25 24.48
N PRO D 326 -60.67 43.43 25.06
CA PRO D 326 -61.49 42.29 25.47
C PRO D 326 -61.95 41.41 24.29
N ALA D 327 -62.35 42.02 23.17
CA ALA D 327 -62.77 41.31 21.95
C ALA D 327 -61.67 40.31 21.53
N LEU D 328 -60.43 40.79 21.43
CA LEU D 328 -59.27 39.98 20.98
C LEU D 328 -58.95 38.87 21.99
N ILE D 329 -59.00 39.16 23.31
CA ILE D 329 -58.74 38.15 24.36
C ILE D 329 -59.79 37.02 24.24
N VAL D 330 -61.07 37.39 24.11
CA VAL D 330 -62.20 36.44 23.96
C VAL D 330 -61.96 35.55 22.72
N LYS D 331 -61.71 36.18 21.56
CA LYS D 331 -61.46 35.48 20.27
C LYS D 331 -60.29 34.50 20.46
N GLU D 332 -59.16 35.00 20.97
CA GLU D 332 -57.87 34.28 21.03
C GLU D 332 -57.99 33.09 21.99
N VAL D 333 -58.67 33.27 23.13
CA VAL D 333 -58.88 32.18 24.14
C VAL D 333 -59.81 31.13 23.53
N GLY D 334 -60.88 31.57 22.85
CA GLY D 334 -61.83 30.69 22.13
C GLY D 334 -61.14 29.84 21.10
N ARG D 335 -60.45 30.48 20.14
CA ARG D 335 -59.62 29.82 19.12
C ARG D 335 -58.91 28.63 19.77
N LEU D 336 -58.14 28.86 20.85
CA LEU D 336 -57.28 27.82 21.49
C LEU D 336 -58.12 26.74 22.18
N LEU D 337 -59.32 27.05 22.62
CA LEU D 337 -60.18 26.11 23.39
C LEU D 337 -60.94 25.18 22.43
N ASP D 338 -61.36 25.72 21.29
CA ASP D 338 -62.23 25.04 20.28
C ASP D 338 -61.35 24.24 19.32
N ASP D 339 -60.39 24.91 18.66
CA ASP D 339 -59.59 24.38 17.52
C ASP D 339 -58.29 23.76 18.04
N PRO D 340 -58.20 22.42 18.22
CA PRO D 340 -56.99 21.79 18.75
C PRO D 340 -55.74 21.91 17.88
N GLU D 341 -55.90 22.33 16.62
CA GLU D 341 -54.78 22.52 15.66
C GLU D 341 -54.04 23.81 16.04
N ALA D 342 -54.78 24.90 16.29
CA ALA D 342 -54.25 26.19 16.77
C ALA D 342 -53.57 26.02 18.13
N TYR D 343 -54.16 25.19 19.01
CA TYR D 343 -53.63 24.87 20.36
C TYR D 343 -52.25 24.21 20.23
N GLU D 344 -52.13 23.18 19.39
CA GLU D 344 -50.88 22.37 19.25
C GLU D 344 -49.82 23.22 18.53
N ALA D 345 -50.26 24.19 17.70
CA ALA D 345 -49.37 25.14 17.00
C ALA D 345 -48.62 26.05 17.99
N MET D 346 -49.07 26.14 19.25
CA MET D 346 -48.47 27.00 20.30
C MET D 346 -47.71 26.14 21.33
N ARG D 347 -47.42 24.88 21.01
CA ARG D 347 -46.55 23.98 21.81
C ARG D 347 -45.47 23.37 20.92
N ARG D 348 -44.27 23.09 21.46
CA ARG D 348 -43.26 22.19 20.85
C ARG D 348 -42.76 21.21 21.92
N VAL D 352 -36.80 24.61 23.12
CA VAL D 352 -36.66 25.43 24.35
C VAL D 352 -36.20 26.83 23.94
N CYS D 353 -37.01 27.85 24.22
CA CYS D 353 -36.71 29.26 23.87
C CYS D 353 -35.72 29.87 24.88
N TYR D 354 -35.71 29.47 26.17
CA TYR D 354 -35.11 30.26 27.28
C TYR D 354 -34.11 29.43 28.11
N GLY D 355 -33.53 28.35 27.57
CA GLY D 355 -32.50 27.55 28.25
C GLY D 355 -33.00 26.20 28.75
N GLU D 356 -32.08 25.32 29.18
CA GLU D 356 -32.31 23.87 29.41
C GLU D 356 -32.55 23.58 30.89
N GLY D 357 -32.20 24.52 31.79
CA GLY D 357 -32.38 24.38 33.24
C GLY D 357 -31.06 24.14 33.96
N ASP D 358 -29.95 24.49 33.32
CA ASP D 358 -28.55 24.32 33.84
C ASP D 358 -27.84 25.69 33.84
N ALA D 359 -28.61 26.77 33.92
CA ALA D 359 -28.10 28.16 33.79
C ALA D 359 -27.25 28.52 35.02
N ALA D 360 -27.65 28.09 36.22
CA ALA D 360 -26.90 28.35 37.46
C ALA D 360 -25.44 27.89 37.26
N ALA D 361 -25.25 26.67 36.76
CA ALA D 361 -23.92 26.05 36.53
C ALA D 361 -23.13 26.91 35.53
N ARG D 362 -23.76 27.30 34.42
CA ARG D 362 -23.10 28.07 33.33
C ARG D 362 -22.68 29.45 33.88
N CYS D 363 -23.48 30.03 34.78
CA CYS D 363 -23.13 31.30 35.48
C CYS D 363 -21.87 31.09 36.32
N LEU D 364 -21.81 29.98 37.06
CA LEU D 364 -20.68 29.65 37.96
C LEU D 364 -19.37 29.59 37.15
N GLU D 365 -19.41 28.89 36.02
CA GLU D 365 -18.21 28.70 35.16
C GLU D 365 -17.76 30.06 34.60
N ALA D 366 -18.70 30.97 34.31
CA ALA D 366 -18.38 32.34 33.86
C ALA D 366 -17.69 33.11 35.00
N LEU D 367 -18.23 33.03 36.22
CA LEU D 367 -17.66 33.70 37.42
C LEU D 367 -16.24 33.16 37.67
N ARG D 368 -16.10 31.83 37.70
CA ARG D 368 -14.80 31.11 37.92
C ARG D 368 -13.80 31.60 36.87
N GLU D 369 -14.18 31.51 35.60
CA GLU D 369 -13.32 31.94 34.47
C GLU D 369 -12.85 33.38 34.68
N ARG D 370 -13.73 34.29 35.08
CA ARG D 370 -13.46 35.75 35.09
C ARG D 370 -12.68 36.14 36.36
N TRP D 371 -13.09 35.66 37.54
CA TRP D 371 -12.60 36.18 38.84
C TRP D 371 -11.91 35.10 39.70
N LEU D 372 -11.71 33.88 39.19
CA LEU D 372 -10.93 32.82 39.89
C LEU D 372 -9.91 32.22 38.92
N SER D 373 -9.25 33.09 38.16
CA SER D 373 -8.15 32.71 37.24
C SER D 373 -7.11 33.84 37.16
N SER D 374 -5.89 33.49 36.75
CA SER D 374 -4.73 34.41 36.66
C SER D 374 -3.99 34.16 35.36
N PRO D 375 -3.45 35.21 34.70
CA PRO D 375 -2.77 35.05 33.41
C PRO D 375 -1.40 34.40 33.56
N HIS E 1 -13.24 59.05 -70.86
CA HIS E 1 -13.01 57.88 -71.77
C HIS E 1 -12.10 56.84 -71.10
N MET E 2 -12.35 55.55 -71.37
CA MET E 2 -11.71 54.39 -70.71
C MET E 2 -10.22 54.36 -71.09
N ALA E 3 -9.35 54.39 -70.08
CA ALA E 3 -7.90 54.13 -70.19
C ALA E 3 -7.62 52.69 -69.76
N LEU E 4 -6.82 51.96 -70.54
CA LEU E 4 -6.21 50.67 -70.11
C LEU E 4 -5.26 50.96 -68.94
N ARG E 5 -5.63 50.52 -67.73
CA ARG E 5 -4.82 50.70 -66.50
C ARG E 5 -3.72 49.63 -66.50
N VAL E 6 -2.47 50.07 -66.76
CA VAL E 6 -1.29 49.20 -66.96
C VAL E 6 -0.47 49.23 -65.67
N GLY E 7 -0.51 48.13 -64.91
CA GLY E 7 0.35 47.92 -63.73
C GLY E 7 1.81 47.83 -64.13
N ILE E 8 2.68 48.52 -63.41
CA ILE E 8 4.15 48.55 -63.62
C ILE E 8 4.78 48.14 -62.30
N VAL E 9 5.40 46.96 -62.23
CA VAL E 9 5.92 46.40 -60.94
C VAL E 9 7.42 46.21 -61.08
N TYR E 10 8.18 46.80 -60.16
CA TYR E 10 9.66 46.68 -60.10
C TYR E 10 10.14 46.86 -58.67
N GLY E 11 11.39 46.51 -58.39
CA GLY E 11 12.01 46.60 -57.06
C GLY E 11 13.41 47.19 -57.06
N THR E 12 14.00 47.46 -58.24
CA THR E 12 15.44 47.74 -58.38
C THR E 12 15.66 48.84 -59.44
N ARG E 13 16.79 49.54 -59.34
CA ARG E 13 17.26 50.59 -60.27
C ARG E 13 17.20 50.06 -61.71
N PRO E 14 17.86 48.93 -62.03
CA PRO E 14 17.87 48.40 -63.40
C PRO E 14 16.48 48.22 -64.02
N GLU E 15 15.53 47.65 -63.26
CA GLU E 15 14.12 47.49 -63.70
C GLU E 15 13.53 48.87 -63.97
N ALA E 16 13.73 49.83 -63.06
CA ALA E 16 13.12 51.17 -63.11
C ALA E 16 13.59 51.90 -64.38
N ILE E 17 14.89 51.89 -64.65
CA ILE E 17 15.50 52.53 -65.86
C ILE E 17 14.84 51.96 -67.12
N LYS E 18 14.74 50.62 -67.21
CA LYS E 18 14.20 49.95 -68.43
C LYS E 18 12.69 50.18 -68.54
N LEU E 19 11.99 50.36 -67.41
CA LEU E 19 10.51 50.53 -67.42
C LEU E 19 10.15 52.01 -67.62
N ALA E 20 11.04 52.95 -67.30
CA ALA E 20 10.78 54.40 -67.33
C ALA E 20 10.29 54.83 -68.70
N PRO E 21 10.96 54.49 -69.83
CA PRO E 21 10.48 54.88 -71.16
C PRO E 21 9.03 54.47 -71.41
N LEU E 22 8.66 53.27 -70.97
CA LEU E 22 7.31 52.66 -71.14
C LEU E 22 6.31 53.43 -70.27
N VAL E 23 6.66 53.71 -69.01
CA VAL E 23 5.81 54.54 -68.10
C VAL E 23 5.55 55.89 -68.78
N LEU E 24 6.59 56.56 -69.28
CA LEU E 24 6.47 57.91 -69.90
C LEU E 24 5.54 57.83 -71.10
N ALA E 25 5.72 56.85 -71.99
CA ALA E 25 4.88 56.63 -73.18
C ALA E 25 3.43 56.39 -72.76
N LEU E 26 3.21 55.54 -71.75
CA LEU E 26 1.85 55.23 -71.20
C LEU E 26 1.21 56.51 -70.64
N ASP E 27 2.01 57.38 -70.01
CA ASP E 27 1.55 58.65 -69.39
C ASP E 27 1.16 59.64 -70.51
N ALA E 28 1.96 59.72 -71.57
CA ALA E 28 1.77 60.63 -72.73
C ALA E 28 0.50 60.25 -73.51
N ASP E 29 0.31 58.96 -73.79
CA ASP E 29 -0.81 58.48 -74.63
C ASP E 29 -2.08 58.44 -73.78
N PRO E 30 -3.20 59.05 -74.25
CA PRO E 30 -4.43 59.11 -73.46
C PRO E 30 -5.17 57.77 -73.28
N GLY E 31 -4.88 56.77 -74.13
CA GLY E 31 -5.54 55.44 -74.11
C GLY E 31 -5.10 54.54 -72.95
N PHE E 32 -4.04 54.92 -72.22
CA PHE E 32 -3.39 54.12 -71.15
C PHE E 32 -3.15 54.97 -69.90
N GLU E 33 -3.16 54.34 -68.73
CA GLU E 33 -2.74 54.94 -67.44
C GLU E 33 -1.76 54.00 -66.72
N PRO E 34 -0.49 54.42 -66.51
CA PRO E 34 0.45 53.61 -65.77
C PRO E 34 0.17 53.67 -64.26
N VAL E 35 0.20 52.51 -63.61
CA VAL E 35 0.01 52.36 -62.15
C VAL E 35 1.23 51.62 -61.58
N ILE E 36 2.13 52.38 -60.98
CA ILE E 36 3.42 51.86 -60.47
C ILE E 36 3.18 51.29 -59.07
N ILE E 37 3.65 50.05 -58.86
CA ILE E 37 3.69 49.39 -57.52
C ILE E 37 5.11 48.85 -57.35
N THR E 38 5.85 49.33 -56.35
CA THR E 38 7.25 48.91 -56.12
C THR E 38 7.26 47.86 -55.01
N THR E 39 8.29 47.02 -55.01
CA THR E 39 8.53 45.99 -53.96
C THR E 39 9.81 46.35 -53.19
N GLY E 40 10.45 47.48 -53.53
CA GLY E 40 11.67 47.99 -52.89
C GLY E 40 11.38 48.67 -51.56
N ASP E 47 14.61 56.28 -55.67
CA ASP E 47 14.03 57.64 -55.50
C ASP E 47 14.74 58.65 -56.42
N GLU E 48 16.04 58.46 -56.63
CA GLU E 48 16.87 59.23 -57.60
C GLU E 48 16.30 59.03 -59.02
N ILE E 49 16.02 57.77 -59.37
CA ILE E 49 15.55 57.35 -60.74
C ILE E 49 14.08 57.79 -60.89
N ASN E 50 13.26 57.57 -59.85
CA ASN E 50 11.84 57.98 -59.82
C ASN E 50 11.76 59.50 -60.10
N GLU E 51 12.61 60.30 -59.43
CA GLU E 51 12.66 61.78 -59.59
C GLU E 51 13.09 62.14 -61.02
N LEU E 52 14.18 61.54 -61.51
CA LEU E 52 14.78 61.84 -62.83
C LEU E 52 13.76 61.66 -63.96
N PHE E 53 12.93 60.62 -63.91
CA PHE E 53 11.98 60.24 -64.99
C PHE E 53 10.54 60.61 -64.61
N GLY E 54 10.33 61.17 -63.42
CA GLY E 54 9.00 61.61 -62.95
C GLY E 54 8.05 60.45 -62.69
N LEU E 55 8.60 59.31 -62.25
CA LEU E 55 7.82 58.13 -61.81
C LEU E 55 7.24 58.41 -60.43
N ARG E 56 5.93 58.19 -60.25
CA ARG E 56 5.20 58.39 -58.96
C ARG E 56 4.54 57.07 -58.54
N PRO E 57 5.21 56.25 -57.68
CA PRO E 57 4.61 55.03 -57.16
C PRO E 57 3.27 55.24 -56.43
N ARG E 58 2.23 54.46 -56.76
CA ARG E 58 0.92 54.49 -56.07
C ARG E 58 1.03 53.70 -54.77
N HIS E 59 1.82 52.62 -54.74
CA HIS E 59 2.08 51.80 -53.53
C HIS E 59 3.53 51.32 -53.50
N ASN E 60 4.10 51.23 -52.31
CA ASN E 60 5.44 50.68 -52.00
C ASN E 60 5.28 49.59 -50.95
N LEU E 61 5.18 48.32 -51.35
CA LEU E 61 5.34 47.18 -50.41
C LEU E 61 6.78 47.17 -49.90
N ASP E 62 7.00 46.94 -48.61
CA ASP E 62 8.34 47.04 -48.00
C ASP E 62 8.89 45.63 -47.84
N ILE E 63 9.03 44.91 -48.95
CA ILE E 63 9.24 43.43 -48.96
C ILE E 63 10.74 43.12 -49.11
N MET E 64 11.44 43.76 -50.06
CA MET E 64 12.86 43.45 -50.38
C MET E 64 13.83 44.15 -49.43
N ARG E 65 14.76 43.39 -48.82
CA ARG E 65 15.96 43.91 -48.12
C ARG E 65 17.20 43.13 -48.58
N GLN E 68 17.82 38.46 -47.41
CA GLN E 68 16.51 37.78 -47.19
C GLN E 68 16.47 36.48 -47.99
N ARG E 69 15.84 35.43 -47.45
CA ARG E 69 15.60 34.12 -48.14
C ARG E 69 14.71 34.35 -49.37
N LEU E 70 15.03 33.70 -50.49
CA LEU E 70 14.26 33.87 -51.75
C LEU E 70 12.80 33.47 -51.49
N SER E 71 12.58 32.32 -50.81
CA SER E 71 11.25 31.76 -50.48
C SER E 71 10.41 32.78 -49.70
N ALA E 72 10.98 33.45 -48.72
CA ALA E 72 10.26 34.45 -47.89
C ALA E 72 9.85 35.65 -48.76
N MET E 73 10.76 36.13 -49.61
CA MET E 73 10.49 37.29 -50.49
C MET E 73 9.36 36.95 -51.46
N ALA E 74 9.48 35.82 -52.17
CA ALA E 74 8.50 35.34 -53.18
C ALA E 74 7.14 35.17 -52.50
N SER E 75 7.14 34.50 -51.35
CA SER E 75 5.94 34.24 -50.51
C SER E 75 5.21 35.55 -50.24
N ARG E 76 5.93 36.61 -49.89
CA ARG E 76 5.33 37.90 -49.49
C ARG E 76 4.72 38.56 -50.73
N ILE E 77 5.42 38.59 -51.86
CA ILE E 77 4.94 39.25 -53.10
C ILE E 77 3.69 38.50 -53.60
N VAL E 78 3.74 37.17 -53.67
CA VAL E 78 2.60 36.31 -54.07
C VAL E 78 1.42 36.57 -53.13
N GLY E 79 1.69 36.68 -51.84
CA GLY E 79 0.68 36.88 -50.78
C GLY E 79 0.01 38.25 -50.85
N GLU E 80 0.75 39.31 -51.18
CA GLU E 80 0.35 40.69 -50.80
C GLU E 80 0.17 41.61 -52.02
N LEU E 81 0.62 41.24 -53.21
CA LEU E 81 0.58 42.18 -54.37
C LEU E 81 -0.83 42.20 -54.98
N GLY E 82 -1.60 41.11 -54.82
CA GLY E 82 -2.99 41.05 -55.34
C GLY E 82 -3.82 42.26 -54.95
N ASP E 83 -3.83 42.62 -53.66
CA ASP E 83 -4.72 43.68 -53.11
C ASP E 83 -4.46 45.01 -53.80
N PRO E 84 -3.23 45.57 -53.74
CA PRO E 84 -2.93 46.82 -54.45
C PRO E 84 -3.27 46.75 -55.94
N LEU E 85 -3.10 45.60 -56.60
CA LEU E 85 -3.46 45.46 -58.04
C LEU E 85 -4.98 45.59 -58.19
N LEU E 86 -5.75 45.05 -57.25
CA LEU E 86 -7.24 45.07 -57.31
C LEU E 86 -7.72 46.47 -56.96
N ASP E 87 -7.23 47.06 -55.86
CA ASP E 87 -7.58 48.42 -55.37
C ASP E 87 -7.33 49.47 -56.47
N GLU E 88 -6.26 49.34 -57.24
CA GLU E 88 -5.87 50.30 -58.29
C GLU E 88 -6.55 49.95 -59.63
N LEU E 89 -7.37 48.90 -59.65
CA LEU E 89 -8.23 48.55 -60.81
C LEU E 89 -7.35 48.32 -62.04
N VAL E 90 -6.26 47.55 -61.87
CA VAL E 90 -5.29 47.25 -62.95
C VAL E 90 -5.96 46.27 -63.94
N ASP E 91 -5.83 46.54 -65.23
CA ASP E 91 -6.39 45.71 -66.33
C ASP E 91 -5.31 44.75 -66.85
N VAL E 92 -4.05 45.20 -66.85
CA VAL E 92 -2.88 44.51 -67.44
C VAL E 92 -1.65 44.84 -66.60
N ALA E 93 -0.78 43.88 -66.34
CA ALA E 93 0.45 44.11 -65.56
C ALA E 93 1.65 43.88 -66.47
N VAL E 94 2.64 44.77 -66.36
CA VAL E 94 3.96 44.63 -67.06
C VAL E 94 5.01 44.37 -65.99
N VAL E 95 5.84 43.36 -66.20
CA VAL E 95 7.06 43.09 -65.38
C VAL E 95 8.24 43.12 -66.34
N GLN E 96 9.43 43.43 -65.83
CA GLN E 96 10.67 43.56 -66.64
C GLN E 96 11.72 42.55 -66.16
N GLY E 97 12.36 41.88 -67.10
CA GLY E 97 13.65 41.20 -66.89
C GLY E 97 13.50 39.85 -66.18
N ASP E 98 14.42 39.57 -65.27
CA ASP E 98 14.69 38.22 -64.71
C ASP E 98 14.59 38.23 -63.19
N THR E 99 14.09 39.31 -62.59
CA THR E 99 14.10 39.49 -61.10
C THR E 99 13.05 38.56 -60.49
N SER E 100 13.23 38.19 -59.24
CA SER E 100 12.27 37.38 -58.46
C SER E 100 10.97 38.16 -58.27
N THR E 101 11.05 39.49 -58.30
CA THR E 101 9.87 40.39 -58.27
C THR E 101 9.04 40.17 -59.54
N ALA E 102 9.67 40.24 -60.71
CA ALA E 102 8.99 40.09 -62.02
C ALA E 102 8.23 38.77 -62.02
N PHE E 103 8.84 37.70 -61.52
CA PHE E 103 8.20 36.37 -61.48
C PHE E 103 7.04 36.37 -60.48
N ALA E 104 7.31 36.69 -59.22
CA ALA E 104 6.29 36.62 -58.14
C ALA E 104 5.13 37.56 -58.47
N ALA E 105 5.41 38.77 -58.95
CA ALA E 105 4.37 39.75 -59.34
C ALA E 105 3.53 39.17 -60.49
N ALA E 106 4.17 38.56 -61.50
CA ALA E 106 3.47 37.97 -62.65
C ALA E 106 2.53 36.87 -62.13
N TYR E 107 3.00 36.01 -61.22
CA TYR E 107 2.17 34.93 -60.64
C TYR E 107 0.99 35.55 -59.88
N ALA E 108 1.23 36.58 -59.07
CA ALA E 108 0.18 37.30 -58.30
C ALA E 108 -0.87 37.84 -59.29
N ALA E 109 -0.43 38.50 -60.35
CA ALA E 109 -1.32 39.05 -61.39
C ALA E 109 -2.18 37.90 -61.96
N ALA E 110 -1.56 36.78 -62.28
CA ALA E 110 -2.23 35.62 -62.92
C ALA E 110 -3.30 35.06 -61.99
N CYS E 111 -3.03 35.00 -60.68
CA CYS E 111 -4.00 34.54 -59.65
C CYS E 111 -5.28 35.41 -59.70
N GLU E 112 -5.16 36.70 -59.99
CA GLU E 112 -6.31 37.65 -60.06
C GLU E 112 -6.81 37.74 -61.52
N ARG E 113 -6.40 36.83 -62.41
CA ARG E 113 -6.81 36.79 -63.84
C ARG E 113 -6.49 38.13 -64.52
N ILE E 114 -5.44 38.83 -64.05
CA ILE E 114 -4.87 40.05 -64.70
C ILE E 114 -3.85 39.60 -65.75
N PRO E 115 -4.10 39.82 -67.05
CA PRO E 115 -3.12 39.49 -68.08
C PRO E 115 -1.77 40.17 -67.84
N VAL E 116 -0.68 39.49 -68.21
CA VAL E 116 0.72 39.95 -67.99
C VAL E 116 1.42 40.13 -69.34
N ALA E 117 2.17 41.23 -69.44
CA ALA E 117 3.14 41.45 -70.54
C ALA E 117 4.54 41.49 -69.92
N HIS E 118 5.52 40.95 -70.65
CA HIS E 118 6.91 40.83 -70.18
C HIS E 118 7.81 41.72 -71.02
N LEU E 119 8.40 42.75 -70.41
CA LEU E 119 9.38 43.65 -71.06
C LEU E 119 10.77 43.01 -70.96
N GLU E 120 11.47 42.90 -72.09
CA GLU E 120 12.83 42.31 -72.24
C GLU E 120 12.72 40.79 -72.10
N ALA E 121 12.04 40.13 -73.04
CA ALA E 121 11.70 38.70 -72.99
C ALA E 121 12.62 37.90 -73.92
N GLY E 122 13.03 36.69 -73.50
CA GLY E 122 13.69 35.68 -74.38
C GLY E 122 15.20 35.60 -74.20
N LEU E 123 15.84 36.46 -73.40
CA LEU E 123 17.31 36.35 -73.18
C LEU E 123 17.59 35.01 -72.48
N ARG E 124 18.53 34.23 -73.00
CA ARG E 124 18.93 32.90 -72.47
C ARG E 124 20.46 32.79 -72.53
N THR E 125 21.05 32.24 -71.48
CA THR E 125 22.47 31.78 -71.44
C THR E 125 22.55 30.42 -72.14
N GLY E 126 21.55 29.56 -71.90
CA GLY E 126 21.47 28.18 -72.41
C GLY E 126 21.97 27.16 -71.38
N ASP E 127 22.40 27.62 -70.20
CA ASP E 127 22.94 26.78 -69.09
C ASP E 127 21.91 26.85 -67.94
N ARG E 128 21.39 25.68 -67.51
CA ARG E 128 20.22 25.55 -66.61
C ARG E 128 20.57 26.02 -65.19
N PHE E 129 19.71 26.84 -64.57
CA PHE E 129 19.82 27.40 -63.20
C PHE E 129 21.14 28.18 -63.04
N GLU E 130 21.67 28.69 -64.16
CA GLU E 130 22.95 29.44 -64.25
C GLU E 130 22.72 30.73 -65.04
N PRO E 131 22.59 31.91 -64.40
CA PRO E 131 22.64 32.03 -62.93
C PRO E 131 21.29 31.70 -62.26
N PHE E 132 21.30 31.50 -60.94
CA PHE E 132 20.09 31.22 -60.12
C PHE E 132 19.83 32.42 -59.23
N PRO E 133 18.57 32.92 -59.14
CA PRO E 133 17.43 32.33 -59.83
C PRO E 133 17.01 32.97 -61.17
N GLU E 134 17.85 33.81 -61.77
CA GLU E 134 17.47 34.66 -62.94
C GLU E 134 16.97 33.79 -64.11
N GLU E 135 17.67 32.71 -64.41
CA GLU E 135 17.41 31.88 -65.61
C GLU E 135 16.06 31.19 -65.44
N ILE E 136 15.76 30.66 -64.25
CA ILE E 136 14.45 29.98 -63.99
C ILE E 136 13.33 31.03 -63.98
N ASN E 137 13.58 32.23 -63.45
CA ASN E 137 12.58 33.31 -63.40
C ASN E 137 12.09 33.63 -64.83
N ARG E 138 13.01 33.85 -65.76
CA ARG E 138 12.71 34.14 -67.18
C ARG E 138 11.80 33.04 -67.74
N ARG E 139 12.13 31.78 -67.51
CA ARG E 139 11.35 30.65 -68.08
C ARG E 139 9.96 30.58 -67.44
N LEU E 140 9.83 30.95 -66.17
CA LEU E 140 8.53 30.95 -65.45
C LEU E 140 7.69 32.14 -65.94
N ILE E 141 8.26 33.33 -65.99
CA ILE E 141 7.56 34.55 -66.50
C ILE E 141 7.08 34.26 -67.92
N THR E 142 7.90 33.56 -68.70
CA THR E 142 7.63 33.25 -70.14
C THR E 142 6.30 32.49 -70.27
N GLN E 143 6.03 31.56 -69.35
CA GLN E 143 4.77 30.74 -69.37
C GLN E 143 3.60 31.58 -68.83
N LEU E 144 3.84 32.54 -67.94
CA LEU E 144 2.77 33.36 -67.30
C LEU E 144 2.32 34.47 -68.26
N ALA E 145 3.25 35.10 -68.99
CA ALA E 145 2.97 36.30 -69.82
C ALA E 145 2.10 35.93 -71.02
N ASP E 146 1.12 36.79 -71.34
CA ASP E 146 0.27 36.68 -72.57
C ASP E 146 1.03 37.31 -73.74
N LEU E 147 1.88 38.30 -73.44
CA LEU E 147 2.54 39.17 -74.44
C LEU E 147 4.01 39.31 -74.06
N HIS E 148 4.91 39.18 -75.03
CA HIS E 148 6.38 39.17 -74.83
C HIS E 148 7.02 40.23 -75.72
N PHE E 149 7.63 41.26 -75.13
CA PHE E 149 8.40 42.31 -75.85
C PHE E 149 9.86 41.86 -75.92
N ALA E 150 10.22 41.14 -76.96
CA ALA E 150 11.59 40.64 -77.24
C ALA E 150 12.44 41.80 -77.74
N PRO E 151 13.70 41.95 -77.29
CA PRO E 151 14.58 42.99 -77.78
C PRO E 151 15.29 42.67 -79.11
N THR E 152 15.35 41.42 -79.51
CA THR E 152 16.06 40.96 -80.74
C THR E 152 15.31 39.76 -81.33
N ALA E 153 15.64 39.40 -82.56
CA ALA E 153 15.09 38.22 -83.26
C ALA E 153 15.59 36.95 -82.56
N ASP E 154 16.84 36.93 -82.10
CA ASP E 154 17.43 35.82 -81.33
C ASP E 154 16.54 35.49 -80.11
N ALA E 155 16.20 36.53 -79.33
CA ALA E 155 15.36 36.41 -78.11
C ALA E 155 13.97 35.86 -78.50
N ALA E 156 13.38 36.36 -79.59
CA ALA E 156 12.07 35.91 -80.09
C ALA E 156 12.14 34.41 -80.38
N GLY E 157 13.23 33.94 -80.98
CA GLY E 157 13.44 32.51 -81.29
C GLY E 157 13.41 31.68 -80.03
N ASN E 158 14.07 32.13 -78.97
CA ASN E 158 14.14 31.42 -77.67
C ASN E 158 12.72 31.23 -77.11
N LEU E 159 11.85 32.23 -77.26
CA LEU E 159 10.45 32.15 -76.78
C LEU E 159 9.69 31.08 -77.58
N LEU E 160 9.84 31.06 -78.92
CA LEU E 160 9.17 30.05 -79.80
C LEU E 160 9.59 28.65 -79.35
N ALA E 161 10.84 28.46 -78.97
CA ALA E 161 11.42 27.16 -78.57
C ALA E 161 10.83 26.68 -77.24
N GLU E 162 10.22 27.58 -76.45
CA GLU E 162 9.59 27.24 -75.15
C GLU E 162 8.07 27.23 -75.30
N GLY E 163 7.57 27.26 -76.54
CA GLY E 163 6.19 26.90 -76.90
C GLY E 163 5.29 28.11 -77.02
N VAL E 164 5.83 29.32 -76.96
CA VAL E 164 5.05 30.58 -77.08
C VAL E 164 4.59 30.70 -78.53
N ARG E 165 3.31 31.03 -78.72
CA ARG E 165 2.70 31.32 -80.05
C ARG E 165 3.36 32.57 -80.63
N SER E 166 3.76 32.52 -81.90
CA SER E 166 4.38 33.63 -82.66
C SER E 166 3.61 34.95 -82.51
N ASP E 167 2.27 34.92 -82.46
CA ASP E 167 1.42 36.14 -82.40
C ASP E 167 1.54 36.84 -81.04
N ASP E 168 2.13 36.18 -80.04
CA ASP E 168 2.28 36.74 -78.67
C ASP E 168 3.68 37.39 -78.52
N VAL E 169 4.53 37.31 -79.55
CA VAL E 169 5.92 37.84 -79.51
C VAL E 169 6.06 39.04 -80.45
N TYR E 170 6.40 40.20 -79.91
CA TYR E 170 6.78 41.41 -80.68
C TYR E 170 8.27 41.67 -80.44
N VAL E 171 9.05 41.80 -81.51
CA VAL E 171 10.47 42.26 -81.45
C VAL E 171 10.44 43.79 -81.39
N THR E 172 10.47 44.37 -80.19
CA THR E 172 10.32 45.81 -79.91
C THR E 172 11.68 46.51 -79.76
N GLY E 173 12.76 45.74 -79.64
CA GLY E 173 14.06 46.25 -79.18
C GLY E 173 14.03 46.56 -77.70
N ASN E 174 15.14 47.05 -77.15
CA ASN E 174 15.34 47.24 -75.70
C ASN E 174 15.05 48.70 -75.32
N THR E 175 14.24 48.89 -74.29
CA THR E 175 13.82 50.24 -73.79
C THR E 175 15.02 50.92 -73.14
N VAL E 176 16.08 50.20 -72.80
CA VAL E 176 17.29 50.80 -72.18
C VAL E 176 17.89 51.81 -73.17
N ILE E 177 17.72 51.59 -74.48
CA ILE E 177 18.23 52.52 -75.52
C ILE E 177 17.38 53.82 -75.49
N ASP E 178 16.05 53.69 -75.42
CA ASP E 178 15.12 54.84 -75.22
C ASP E 178 15.60 55.66 -74.01
N ALA E 179 15.91 54.98 -72.91
CA ALA E 179 16.24 55.59 -71.60
C ALA E 179 17.53 56.40 -71.72
N MET E 180 18.53 55.82 -72.37
CA MET E 180 19.81 56.51 -72.70
C MET E 180 19.51 57.83 -73.41
N HIS E 181 18.70 57.80 -74.47
CA HIS E 181 18.38 58.97 -75.31
C HIS E 181 17.69 60.05 -74.46
N LEU E 182 16.87 59.64 -73.50
CA LEU E 182 16.11 60.58 -72.61
C LEU E 182 17.06 61.31 -71.64
N VAL E 183 18.28 60.84 -71.41
CA VAL E 183 19.23 61.48 -70.45
C VAL E 183 20.40 62.13 -71.20
N LEU E 184 20.58 61.85 -72.50
CA LEU E 184 21.62 62.54 -73.33
C LEU E 184 21.14 63.95 -73.67
N ASP E 185 19.80 64.20 -73.65
CA ASP E 185 19.20 65.56 -73.64
C ASP E 185 19.64 66.32 -72.38
N ARG E 193 31.36 67.59 -62.82
CA ARG E 193 32.45 68.59 -62.57
C ARG E 193 33.77 67.89 -62.20
N GLU E 194 33.81 67.12 -61.13
CA GLU E 194 35.00 66.34 -60.71
C GLU E 194 35.26 65.20 -61.72
N LEU E 195 34.19 64.63 -62.26
CA LEU E 195 34.26 63.52 -63.24
C LEU E 195 34.92 64.04 -64.52
N ASP E 196 34.50 65.22 -64.99
CA ASP E 196 35.05 65.92 -66.19
C ASP E 196 36.52 66.26 -65.93
N ALA E 197 36.81 66.88 -64.79
CA ALA E 197 38.18 67.21 -64.34
C ALA E 197 39.07 65.97 -64.42
N PHE E 198 38.57 64.80 -64.03
CA PHE E 198 39.36 63.54 -63.93
C PHE E 198 39.60 62.95 -65.33
N THR E 199 38.62 63.06 -66.24
CA THR E 199 38.61 62.40 -67.58
C THR E 199 39.20 63.30 -68.67
N GLU E 200 38.84 64.60 -68.67
CA GLU E 200 39.29 65.64 -69.64
C GLU E 200 40.68 65.31 -70.20
N GLY E 201 40.75 65.05 -71.52
CA GLY E 201 42.01 64.86 -72.26
C GLY E 201 42.80 63.66 -71.78
N ARG E 202 42.14 62.61 -71.29
CA ARG E 202 42.77 61.32 -70.89
C ARG E 202 41.93 60.17 -71.47
N GLN E 203 42.60 59.08 -71.84
CA GLN E 203 41.97 57.78 -72.18
C GLN E 203 41.42 57.14 -70.89
N THR E 204 40.10 57.11 -70.75
CA THR E 204 39.37 56.66 -69.54
C THR E 204 38.63 55.34 -69.80
N VAL E 205 38.96 54.29 -69.05
CA VAL E 205 38.19 53.01 -69.03
C VAL E 205 37.08 53.10 -67.98
N LEU E 206 35.84 52.76 -68.36
CA LEU E 206 34.69 52.65 -67.43
C LEU E 206 34.55 51.18 -67.03
N LEU E 207 34.55 50.91 -65.72
CA LEU E 207 34.37 49.54 -65.18
C LEU E 207 33.25 49.54 -64.13
N THR E 208 32.27 48.65 -64.32
CA THR E 208 31.23 48.28 -63.32
C THR E 208 31.24 46.77 -63.21
N MET E 209 31.14 46.25 -61.99
CA MET E 209 31.14 44.80 -61.71
C MET E 209 30.33 44.57 -60.44
N HIS E 210 29.33 43.68 -60.50
CA HIS E 210 28.31 43.55 -59.41
C HIS E 210 27.81 42.12 -59.25
N ARG E 211 27.97 41.23 -60.21
CA ARG E 211 27.33 39.88 -60.16
C ARG E 211 27.81 39.14 -58.89
N ARG E 212 26.87 38.56 -58.15
CA ARG E 212 27.11 37.91 -56.82
C ARG E 212 28.11 36.76 -56.98
N GLU E 213 28.04 35.98 -58.06
CA GLU E 213 28.93 34.81 -58.26
C GLU E 213 30.39 35.24 -58.46
N SER E 214 30.67 36.54 -58.55
CA SER E 214 32.03 37.11 -58.79
C SER E 214 32.58 37.79 -57.53
N TRP E 215 31.76 37.95 -56.49
CA TRP E 215 32.17 38.59 -55.21
C TRP E 215 33.40 37.85 -54.65
N GLY E 216 34.30 38.60 -54.01
CA GLY E 216 35.51 38.04 -53.37
C GLY E 216 36.65 37.88 -54.34
N ILE E 217 37.13 36.64 -54.52
CA ILE E 217 38.40 36.36 -55.25
C ILE E 217 38.31 36.94 -56.66
N PRO E 218 37.28 36.59 -57.46
CA PRO E 218 37.22 36.99 -58.87
C PRO E 218 37.26 38.51 -59.04
N MET E 219 36.53 39.28 -58.22
CA MET E 219 36.62 40.76 -58.22
C MET E 219 38.05 41.23 -57.92
N GLY E 220 38.70 40.58 -56.94
CA GLY E 220 40.11 40.82 -56.61
C GLY E 220 40.98 40.68 -57.85
N ARG E 221 40.78 39.60 -58.62
CA ARG E 221 41.54 39.36 -59.87
C ARG E 221 41.31 40.52 -60.86
N VAL E 222 40.07 41.00 -61.01
CA VAL E 222 39.74 42.11 -61.93
C VAL E 222 40.41 43.40 -61.42
N ALA E 223 40.40 43.64 -60.11
CA ALA E 223 41.05 44.83 -59.49
C ALA E 223 42.57 44.74 -59.71
N ALA E 224 43.16 43.55 -59.62
CA ALA E 224 44.58 43.29 -59.91
C ALA E 224 44.91 43.69 -61.36
N ALA E 225 44.06 43.26 -62.31
CA ALA E 225 44.19 43.59 -63.75
C ALA E 225 44.18 45.11 -63.95
N VAL E 226 43.31 45.84 -63.25
CA VAL E 226 43.22 47.32 -63.34
C VAL E 226 44.54 47.92 -62.82
N ALA E 227 45.10 47.33 -61.76
CA ALA E 227 46.37 47.76 -61.13
C ALA E 227 47.52 47.58 -62.13
N GLU E 228 47.66 46.39 -62.70
CA GLU E 228 48.74 46.08 -63.68
C GLU E 228 48.67 47.07 -64.85
N LEU E 229 47.50 47.21 -65.48
CA LEU E 229 47.25 48.15 -66.61
C LEU E 229 47.65 49.57 -66.21
N CYS E 230 47.32 49.99 -64.98
CA CYS E 230 47.55 51.38 -64.49
C CYS E 230 49.05 51.68 -64.41
N ARG E 231 49.82 50.79 -63.79
CA ARG E 231 51.30 50.96 -63.59
C ARG E 231 51.97 50.91 -64.97
N SER E 232 51.55 50.00 -65.85
CA SER E 232 52.11 49.80 -67.22
C SER E 232 51.84 51.02 -68.12
N ARG E 233 50.79 51.80 -67.86
CA ARG E 233 50.30 52.84 -68.81
C ARG E 233 49.93 54.12 -68.06
N PRO E 234 50.94 54.90 -67.61
CA PRO E 234 50.72 56.09 -66.78
C PRO E 234 49.64 57.09 -67.23
N THR E 235 49.33 57.16 -68.53
CA THR E 235 48.33 58.12 -69.09
C THR E 235 46.92 57.53 -68.99
N LEU E 236 46.80 56.23 -68.73
CA LEU E 236 45.50 55.49 -68.65
C LEU E 236 44.80 55.89 -67.34
N ARG E 237 43.48 56.10 -67.42
CA ARG E 237 42.60 56.39 -66.26
C ARG E 237 41.47 55.36 -66.23
N PHE E 238 41.02 55.01 -65.03
CA PHE E 238 39.80 54.20 -64.76
C PHE E 238 38.85 54.98 -63.87
N VAL E 239 37.56 54.96 -64.23
CA VAL E 239 36.43 55.40 -63.36
C VAL E 239 35.64 54.14 -63.02
N ILE E 240 35.46 53.84 -61.73
CA ILE E 240 34.77 52.62 -61.23
C ILE E 240 33.67 53.05 -60.26
N PRO E 241 32.42 53.23 -60.76
CA PRO E 241 31.26 53.39 -59.90
C PRO E 241 30.97 52.05 -59.23
N LEU E 242 30.95 52.05 -57.90
CA LEU E 242 30.88 50.82 -57.07
C LEU E 242 29.42 50.48 -56.81
N HIS E 243 29.07 49.22 -57.06
CA HIS E 243 27.78 48.60 -56.62
C HIS E 243 27.60 48.84 -55.13
N PRO E 244 26.38 49.24 -54.67
CA PRO E 244 26.15 49.55 -53.26
C PRO E 244 26.04 48.26 -52.45
N ASN E 245 27.19 47.67 -52.14
CA ASN E 245 27.36 46.53 -51.20
C ASN E 245 28.73 46.71 -50.56
N PRO E 246 28.86 46.62 -49.21
CA PRO E 246 30.14 46.90 -48.56
C PRO E 246 31.26 45.90 -48.91
N GLU E 247 30.92 44.67 -49.29
CA GLU E 247 31.90 43.60 -49.68
C GLU E 247 32.49 43.94 -51.05
N VAL E 248 31.68 44.49 -51.96
CA VAL E 248 32.12 44.91 -53.32
C VAL E 248 33.00 46.15 -53.17
N ARG E 249 32.58 47.13 -52.37
CA ARG E 249 33.33 48.38 -52.14
C ARG E 249 34.70 48.07 -51.52
N ARG E 250 34.78 47.07 -50.64
CA ARG E 250 36.01 46.76 -49.87
C ARG E 250 37.06 46.15 -50.81
N VAL E 251 36.66 45.24 -51.69
CA VAL E 251 37.61 44.55 -52.60
C VAL E 251 38.26 45.60 -53.52
N PHE E 252 37.49 46.52 -54.10
CA PHE E 252 38.01 47.58 -55.01
C PHE E 252 38.83 48.60 -54.21
N ARG E 253 38.30 49.07 -53.07
CA ARG E 253 38.97 50.09 -52.22
C ARG E 253 40.34 49.57 -51.76
N SER E 254 40.39 48.32 -51.28
CA SER E 254 41.61 47.71 -50.70
C SER E 254 42.66 47.44 -51.79
N HIS E 255 42.25 47.33 -53.06
CA HIS E 255 43.16 47.05 -54.19
C HIS E 255 43.59 48.34 -54.91
N LEU E 256 42.78 49.41 -54.94
CA LEU E 256 42.95 50.51 -55.92
C LEU E 256 42.89 51.92 -55.31
N SER E 257 42.56 52.09 -54.03
CA SER E 257 42.23 53.42 -53.44
C SER E 257 43.46 54.34 -53.41
N SER E 258 44.69 53.79 -53.51
CA SER E 258 45.96 54.56 -53.46
C SER E 258 46.37 55.06 -54.85
N LEU E 259 45.98 54.34 -55.92
CA LEU E 259 46.33 54.65 -57.33
C LEU E 259 45.51 55.87 -57.78
N THR E 260 46.14 57.00 -58.09
CA THR E 260 45.43 58.25 -58.47
C THR E 260 45.01 58.18 -59.95
N GLN E 261 45.40 57.12 -60.67
CA GLN E 261 44.89 56.81 -62.05
C GLN E 261 43.46 56.24 -61.99
N VAL E 262 43.03 55.70 -60.84
CA VAL E 262 41.67 55.13 -60.60
C VAL E 262 40.86 56.14 -59.80
N LEU E 263 39.65 56.46 -60.25
CA LEU E 263 38.64 57.21 -59.45
C LEU E 263 37.50 56.24 -59.08
N LEU E 264 37.52 55.72 -57.86
CA LEU E 264 36.39 54.92 -57.31
C LEU E 264 35.25 55.90 -57.02
N CYS E 265 34.02 55.57 -57.42
CA CYS E 265 32.83 56.44 -57.27
C CYS E 265 31.74 55.74 -56.47
N GLU E 266 30.86 56.52 -55.84
CA GLU E 266 29.52 56.09 -55.38
C GLU E 266 28.72 55.79 -56.63
N PRO E 267 27.62 55.00 -56.54
CA PRO E 267 26.69 54.86 -57.65
C PRO E 267 26.39 56.23 -58.24
N LEU E 268 26.41 56.35 -59.57
CA LEU E 268 26.17 57.64 -60.28
C LEU E 268 24.70 57.69 -60.72
N ARG E 269 24.12 58.88 -60.70
CA ARG E 269 22.76 59.14 -61.27
C ARG E 269 22.83 58.76 -62.76
N TYR E 270 21.74 58.24 -63.32
CA TYR E 270 21.74 57.59 -64.66
C TYR E 270 22.33 58.54 -65.71
N SER E 271 21.97 59.83 -65.63
CA SER E 271 22.47 60.90 -66.53
C SER E 271 23.99 61.00 -66.45
N GLU E 272 24.52 61.23 -65.25
CA GLU E 272 25.99 61.30 -64.98
C GLU E 272 26.67 60.05 -65.52
N PHE E 273 26.06 58.88 -65.35
CA PHE E 273 26.68 57.58 -65.69
C PHE E 273 26.75 57.43 -67.22
N ILE E 274 25.68 57.78 -67.92
CA ILE E 274 25.61 57.66 -69.41
C ILE E 274 26.57 58.67 -70.03
N ARG E 275 26.64 59.88 -69.48
CA ARG E 275 27.61 60.93 -69.88
C ARG E 275 29.04 60.36 -69.79
N LEU E 276 29.39 59.78 -68.64
CA LEU E 276 30.71 59.16 -68.40
C LEU E 276 30.98 58.07 -69.45
N MET E 277 29.98 57.25 -69.75
CA MET E 277 30.15 56.12 -70.71
C MET E 277 30.46 56.69 -72.09
N HIS E 278 29.89 57.84 -72.41
CA HIS E 278 30.07 58.58 -73.69
C HIS E 278 31.53 59.04 -73.83
N ARG E 279 32.18 59.43 -72.73
CA ARG E 279 33.58 59.95 -72.68
C ARG E 279 34.59 58.81 -72.56
N ALA E 280 34.15 57.62 -72.17
CA ALA E 280 35.05 56.45 -71.95
C ALA E 280 35.59 55.98 -73.29
N VAL E 281 36.82 55.46 -73.32
CA VAL E 281 37.41 54.89 -74.57
C VAL E 281 36.86 53.48 -74.74
N LEU E 282 36.66 52.75 -73.64
CA LEU E 282 36.05 51.41 -73.66
C LEU E 282 35.47 51.06 -72.28
N VAL E 283 34.72 49.96 -72.21
CA VAL E 283 33.87 49.60 -71.04
C VAL E 283 34.16 48.15 -70.65
N LEU E 284 34.52 47.93 -69.39
CA LEU E 284 34.59 46.60 -68.73
C LEU E 284 33.40 46.48 -67.79
N THR E 285 32.59 45.44 -67.93
CA THR E 285 31.33 45.30 -67.14
C THR E 285 30.90 43.85 -67.09
N ASP E 286 30.15 43.47 -66.03
CA ASP E 286 29.34 42.23 -66.00
C ASP E 286 27.86 42.62 -65.99
N SER E 287 27.56 43.92 -66.14
CA SER E 287 26.18 44.47 -66.19
C SER E 287 25.50 44.05 -67.50
N GLY E 288 24.22 43.66 -67.42
CA GLY E 288 23.39 43.38 -68.60
C GLY E 288 23.04 44.68 -69.32
N GLY E 289 22.58 45.67 -68.57
CA GLY E 289 22.23 47.01 -69.09
C GLY E 289 23.40 47.64 -69.82
N VAL E 290 24.57 47.68 -69.19
CA VAL E 290 25.76 48.38 -69.77
C VAL E 290 26.17 47.65 -71.06
N GLN E 291 26.04 46.32 -71.12
CA GLN E 291 26.35 45.53 -72.34
C GLN E 291 25.45 45.96 -73.51
N GLU E 292 24.30 46.55 -73.22
CA GLU E 292 23.29 46.99 -74.23
C GLU E 292 23.56 48.47 -74.57
N GLU E 293 23.90 49.27 -73.56
CA GLU E 293 24.07 50.74 -73.65
C GLU E 293 25.39 51.07 -74.37
N ALA E 294 26.51 50.50 -73.93
CA ALA E 294 27.86 50.87 -74.40
C ALA E 294 28.00 50.66 -75.92
N PRO E 295 27.60 49.49 -76.49
CA PRO E 295 27.68 49.30 -77.94
C PRO E 295 26.95 50.39 -78.72
N THR E 296 25.83 50.86 -78.19
CA THR E 296 24.95 51.89 -78.80
C THR E 296 25.66 53.26 -78.84
N LEU E 297 26.65 53.50 -77.96
CA LEU E 297 27.51 54.71 -78.01
C LEU E 297 28.83 54.42 -78.72
N GLY E 298 28.91 53.29 -79.43
CA GLY E 298 30.12 52.82 -80.13
C GLY E 298 31.32 52.66 -79.22
N LYS E 299 31.13 52.23 -77.97
CA LYS E 299 32.24 51.86 -77.06
C LYS E 299 32.39 50.35 -77.05
N PRO E 300 33.57 49.80 -77.41
CA PRO E 300 33.83 48.39 -77.27
C PRO E 300 33.59 47.96 -75.81
N VAL E 301 33.04 46.76 -75.63
CA VAL E 301 32.70 46.18 -74.29
C VAL E 301 33.50 44.90 -74.10
N LEU E 302 34.25 44.83 -73.01
CA LEU E 302 34.84 43.58 -72.51
C LEU E 302 33.97 43.09 -71.35
N VAL E 303 33.35 41.93 -71.51
CA VAL E 303 32.36 41.39 -70.54
C VAL E 303 33.09 40.52 -69.52
N LEU E 304 33.00 40.92 -68.25
CA LEU E 304 33.70 40.30 -67.10
C LEU E 304 32.88 39.08 -66.62
N ARG E 305 32.63 38.13 -67.51
CA ARG E 305 31.80 36.93 -67.25
C ARG E 305 32.25 35.79 -68.16
N ASP E 306 31.86 34.56 -67.83
CA ASP E 306 32.21 33.32 -68.60
C ASP E 306 31.07 32.97 -69.55
N ARG E 307 29.95 33.67 -69.46
CA ARG E 307 28.73 33.48 -70.29
C ARG E 307 27.96 34.80 -70.32
N THR E 308 27.03 34.98 -71.25
CA THR E 308 26.14 36.16 -71.33
C THR E 308 24.77 35.72 -71.87
N GLU E 309 23.70 36.41 -71.49
CA GLU E 309 22.34 36.24 -72.08
C GLU E 309 22.24 37.18 -73.28
N ARG E 310 23.33 37.92 -73.57
CA ARG E 310 23.44 38.89 -74.69
C ARG E 310 24.45 38.44 -75.73
N PRO E 311 24.21 37.34 -76.48
CA PRO E 311 25.17 36.83 -77.47
C PRO E 311 25.22 37.66 -78.77
N GLU E 312 24.25 38.52 -78.98
CA GLU E 312 24.11 39.39 -80.19
C GLU E 312 25.36 40.26 -80.32
N GLY E 313 25.76 40.93 -79.23
CA GLY E 313 26.97 41.77 -79.21
C GLY E 313 28.24 40.95 -79.43
N ILE E 314 28.25 39.71 -78.93
CA ILE E 314 29.40 38.77 -79.11
C ILE E 314 29.51 38.47 -80.60
N ALA E 315 28.41 38.01 -81.20
CA ALA E 315 28.32 37.56 -82.63
C ALA E 315 28.69 38.71 -83.57
N ALA E 316 28.23 39.93 -83.28
CA ALA E 316 28.45 41.12 -84.14
C ALA E 316 29.85 41.70 -83.91
N GLY E 317 30.56 41.22 -82.89
CA GLY E 317 31.92 41.69 -82.54
C GLY E 317 31.94 43.00 -81.74
N CYS E 318 30.79 43.54 -81.31
CA CYS E 318 30.65 44.73 -80.41
C CYS E 318 31.29 44.48 -79.04
N ALA E 319 31.35 43.21 -78.62
CA ALA E 319 31.64 42.78 -77.23
C ALA E 319 32.38 41.43 -77.24
N ARG E 320 33.27 41.23 -76.27
CA ARG E 320 34.03 39.96 -76.13
C ARG E 320 33.99 39.50 -74.68
N LEU E 321 33.76 38.19 -74.49
CA LEU E 321 33.89 37.52 -73.17
C LEU E 321 35.36 37.55 -72.78
N VAL E 322 35.61 37.84 -71.51
CA VAL E 322 36.95 38.11 -70.92
C VAL E 322 37.04 37.41 -69.55
N GLY E 323 35.90 37.12 -68.93
CA GLY E 323 35.84 36.48 -67.60
C GLY E 323 36.52 37.33 -66.55
N THR E 324 37.18 36.68 -65.60
CA THR E 324 37.84 37.30 -64.42
C THR E 324 39.30 36.87 -64.39
N ASP E 325 39.88 36.52 -65.56
CA ASP E 325 41.31 36.17 -65.73
C ASP E 325 42.09 37.47 -65.96
N PRO E 326 43.01 37.83 -65.03
CA PRO E 326 43.72 39.11 -65.14
C PRO E 326 44.61 39.20 -66.39
N ALA E 327 45.34 38.13 -66.73
CA ALA E 327 46.22 38.06 -67.92
C ALA E 327 45.40 38.45 -69.17
N LEU E 328 44.24 37.81 -69.35
CA LEU E 328 43.36 38.01 -70.53
C LEU E 328 42.77 39.44 -70.54
N ILE E 329 42.35 39.97 -69.40
CA ILE E 329 41.81 41.36 -69.29
C ILE E 329 42.92 42.35 -69.73
N VAL E 330 44.13 42.17 -69.20
CA VAL E 330 45.32 43.01 -69.51
C VAL E 330 45.58 42.97 -71.03
N LYS E 331 45.71 41.77 -71.59
CA LYS E 331 45.97 41.54 -73.04
C LYS E 331 44.88 42.25 -73.85
N GLU E 332 43.60 41.97 -73.54
CA GLU E 332 42.43 42.39 -74.33
C GLU E 332 42.29 43.92 -74.29
N VAL E 333 42.51 44.54 -73.13
CA VAL E 333 42.43 46.03 -72.96
C VAL E 333 43.59 46.66 -73.73
N GLY E 334 44.79 46.08 -73.64
CA GLY E 334 45.99 46.53 -74.36
C GLY E 334 45.77 46.50 -75.87
N ARG E 335 45.43 45.32 -76.40
CA ARG E 335 45.04 45.14 -77.83
C ARG E 335 44.23 46.36 -78.28
N LEU E 336 43.13 46.67 -77.59
CA LEU E 336 42.17 47.74 -78.00
C LEU E 336 42.79 49.14 -77.87
N LEU E 337 43.74 49.33 -76.97
CA LEU E 337 44.34 50.67 -76.69
C LEU E 337 45.46 50.97 -77.70
N ASP E 338 46.21 49.93 -78.10
CA ASP E 338 47.41 50.04 -78.97
C ASP E 338 46.97 49.99 -80.45
N ASP E 339 46.27 48.92 -80.83
CA ASP E 339 45.96 48.53 -82.23
C ASP E 339 44.61 49.13 -82.66
N PRO E 340 44.58 50.28 -83.38
CA PRO E 340 43.32 50.92 -83.77
C PRO E 340 42.44 50.11 -84.73
N GLU E 341 42.99 49.06 -85.34
CA GLU E 341 42.26 48.17 -86.28
C GLU E 341 41.33 47.26 -85.46
N ALA E 342 41.85 46.66 -84.38
CA ALA E 342 41.07 45.82 -83.42
C ALA E 342 39.99 46.69 -82.74
N TYR E 343 40.32 47.93 -82.41
CA TYR E 343 39.39 48.89 -81.78
C TYR E 343 38.20 49.16 -82.71
N GLU E 344 38.45 49.47 -83.98
CA GLU E 344 37.39 49.84 -84.96
C GLU E 344 36.58 48.59 -85.32
N ALA E 345 37.18 47.40 -85.21
CA ALA E 345 36.50 46.10 -85.44
C ALA E 345 35.38 45.87 -84.42
N MET E 346 35.37 46.60 -83.29
CA MET E 346 34.38 46.45 -82.19
C MET E 346 33.41 47.63 -82.19
N ARG E 347 33.38 48.43 -83.26
CA ARG E 347 32.41 49.55 -83.44
C ARG E 347 31.72 49.45 -84.79
N ARG E 348 32.34 48.82 -85.78
CA ARG E 348 31.71 48.43 -87.06
C ARG E 348 30.27 48.98 -87.12
N PRO E 349 30.01 50.12 -87.79
CA PRO E 349 28.66 50.66 -87.88
C PRO E 349 27.95 49.82 -88.95
N GLY E 350 26.67 49.48 -88.74
CA GLY E 350 25.84 48.78 -89.73
C GLY E 350 24.86 47.83 -89.10
N ILE E 351 25.34 46.90 -88.28
CA ILE E 351 24.48 45.95 -87.50
C ILE E 351 23.98 46.67 -86.25
N VAL E 352 22.68 46.57 -85.93
CA VAL E 352 22.08 47.16 -84.69
C VAL E 352 21.60 46.01 -83.82
N CYS E 353 22.22 45.82 -82.65
CA CYS E 353 22.06 44.55 -81.87
C CYS E 353 20.76 44.64 -81.04
N TYR E 354 20.42 45.78 -80.44
CA TYR E 354 19.44 45.84 -79.32
C TYR E 354 18.36 46.92 -79.55
N GLY E 355 18.19 47.43 -80.78
CA GLY E 355 17.06 48.35 -81.11
C GLY E 355 17.50 49.80 -81.31
N GLU E 356 16.58 50.63 -81.81
CA GLU E 356 16.85 51.99 -82.35
C GLU E 356 16.56 53.08 -81.31
N GLY E 357 15.83 52.76 -80.25
CA GLY E 357 15.46 53.71 -79.17
C GLY E 357 14.02 54.15 -79.25
N ASP E 358 13.18 53.35 -79.92
CA ASP E 358 11.72 53.59 -80.13
C ASP E 358 10.93 52.38 -79.61
N ALA E 359 11.48 51.65 -78.65
CA ALA E 359 10.93 50.38 -78.13
C ALA E 359 9.65 50.65 -77.32
N ALA E 360 9.64 51.72 -76.53
CA ALA E 360 8.46 52.11 -75.71
C ALA E 360 7.26 52.22 -76.64
N ALA E 361 7.40 52.92 -77.77
CA ALA E 361 6.31 53.12 -78.76
C ALA E 361 5.83 51.77 -79.31
N ARG E 362 6.78 50.90 -79.70
CA ARG E 362 6.47 49.58 -80.31
C ARG E 362 5.75 48.72 -79.27
N CYS E 363 6.10 48.83 -77.99
CA CYS E 363 5.40 48.15 -76.87
C CYS E 363 3.95 48.64 -76.81
N LEU E 364 3.75 49.96 -76.89
CA LEU E 364 2.40 50.60 -76.79
C LEU E 364 1.51 50.05 -77.90
N GLU E 365 2.01 49.99 -79.14
CA GLU E 365 1.23 49.51 -80.31
C GLU E 365 0.86 48.03 -80.12
N ALA E 366 1.74 47.24 -79.50
CA ALA E 366 1.46 45.82 -79.17
C ALA E 366 0.33 45.77 -78.12
N LEU E 367 0.40 46.57 -77.06
CA LEU E 367 -0.63 46.64 -76.00
C LEU E 367 -1.97 47.06 -76.61
N ARG E 368 -1.98 48.15 -77.39
CA ARG E 368 -3.17 48.70 -78.09
C ARG E 368 -3.77 47.59 -78.96
N GLU E 369 -2.95 47.00 -79.83
CA GLU E 369 -3.39 45.91 -80.73
C GLU E 369 -4.06 44.79 -79.94
N ARG E 370 -3.49 44.38 -78.80
CA ARG E 370 -3.90 43.17 -78.07
C ARG E 370 -5.12 43.46 -77.19
N TRP E 371 -5.12 44.56 -76.43
CA TRP E 371 -6.11 44.81 -75.35
C TRP E 371 -6.95 46.08 -75.57
N LEU E 372 -6.81 46.76 -76.72
CA LEU E 372 -7.66 47.93 -77.07
C LEU E 372 -8.15 47.76 -78.50
N SER E 373 -8.55 46.54 -78.87
CA SER E 373 -9.18 46.24 -80.18
C SER E 373 -10.22 45.12 -80.02
N SER E 374 -11.15 45.04 -80.97
CA SER E 374 -12.30 44.10 -80.96
C SER E 374 -12.47 43.48 -82.35
N PRO E 375 -12.87 42.20 -82.43
CA PRO E 375 -12.85 41.47 -83.71
C PRO E 375 -13.99 41.91 -84.65
N HIS F 1 41.42 2.68 9.15
CA HIS F 1 40.06 2.04 9.21
C HIS F 1 40.12 0.61 8.63
N MET F 2 39.31 -0.30 9.19
CA MET F 2 39.34 -1.76 8.85
C MET F 2 38.84 -1.94 7.41
N ALA F 3 39.69 -2.53 6.56
CA ALA F 3 39.39 -3.01 5.20
C ALA F 3 39.26 -4.52 5.27
N LEU F 4 38.29 -5.11 4.57
CA LEU F 4 38.23 -6.57 4.30
C LEU F 4 39.44 -6.94 3.42
N ARG F 5 40.40 -7.67 4.00
CA ARG F 5 41.64 -8.11 3.31
C ARG F 5 41.28 -9.36 2.50
N VAL F 6 41.22 -9.20 1.17
CA VAL F 6 40.77 -10.23 0.21
C VAL F 6 42.01 -10.82 -0.46
N GLY F 7 42.34 -12.06 -0.09
CA GLY F 7 43.40 -12.85 -0.73
C GLY F 7 43.01 -13.18 -2.15
N ILE F 8 43.95 -13.04 -3.07
CA ILE F 8 43.79 -13.31 -4.53
C ILE F 8 44.89 -14.28 -4.91
N VAL F 9 44.57 -15.54 -5.19
CA VAL F 9 45.57 -16.62 -5.41
C VAL F 9 45.42 -17.16 -6.83
N TYR F 10 46.48 -17.12 -7.61
CA TYR F 10 46.52 -17.62 -9.00
C TYR F 10 47.94 -18.05 -9.37
N GLY F 11 48.07 -18.80 -10.47
CA GLY F 11 49.36 -19.31 -10.96
C GLY F 11 49.58 -19.13 -12.45
N THR F 12 48.58 -18.67 -13.19
CA THR F 12 48.54 -18.76 -14.68
C THR F 12 47.91 -17.48 -15.27
N ARG F 13 48.25 -17.19 -16.52
CA ARG F 13 47.74 -16.05 -17.33
C ARG F 13 46.20 -16.04 -17.26
N PRO F 14 45.50 -17.12 -17.62
CA PRO F 14 44.04 -17.14 -17.64
C PRO F 14 43.41 -16.69 -16.32
N GLU F 15 43.91 -17.22 -15.19
CA GLU F 15 43.44 -16.84 -13.84
C GLU F 15 43.68 -15.34 -13.62
N ALA F 16 44.87 -14.85 -13.97
CA ALA F 16 45.30 -13.45 -13.72
C ALA F 16 44.37 -12.48 -14.46
N ILE F 17 44.12 -12.74 -15.75
CA ILE F 17 43.23 -11.90 -16.60
C ILE F 17 41.85 -11.82 -15.96
N LYS F 18 41.29 -12.96 -15.53
CA LYS F 18 39.92 -13.01 -14.98
C LYS F 18 39.88 -12.37 -13.58
N LEU F 19 40.99 -12.41 -12.84
CA LEU F 19 41.04 -11.87 -11.46
C LEU F 19 41.37 -10.38 -11.47
N ALA F 20 42.01 -9.88 -12.54
CA ALA F 20 42.51 -8.48 -12.63
C ALA F 20 41.38 -7.48 -12.39
N PRO F 21 40.22 -7.58 -13.09
CA PRO F 21 39.12 -6.65 -12.85
C PRO F 21 38.69 -6.57 -11.38
N LEU F 22 38.67 -7.73 -10.70
CA LEU F 22 38.29 -7.85 -9.27
C LEU F 22 39.35 -7.18 -8.40
N VAL F 23 40.63 -7.44 -8.66
CA VAL F 23 41.76 -6.77 -7.95
C VAL F 23 41.58 -5.25 -8.08
N LEU F 24 41.37 -4.75 -9.30
CA LEU F 24 41.26 -3.30 -9.57
C LEU F 24 40.07 -2.71 -8.79
N ALA F 25 38.91 -3.36 -8.83
CA ALA F 25 37.70 -2.94 -8.09
C ALA F 25 37.98 -2.91 -6.58
N LEU F 26 38.63 -3.96 -6.05
CA LEU F 26 39.00 -4.08 -4.62
C LEU F 26 39.95 -2.93 -4.25
N ASP F 27 40.87 -2.56 -5.15
CA ASP F 27 41.87 -1.49 -4.94
C ASP F 27 41.16 -0.13 -4.90
N ALA F 28 40.20 0.11 -5.81
CA ALA F 28 39.43 1.36 -5.95
C ALA F 28 38.54 1.58 -4.72
N ASP F 29 37.82 0.56 -4.27
CA ASP F 29 36.84 0.68 -3.15
C ASP F 29 37.60 0.69 -1.83
N PRO F 30 37.33 1.69 -0.94
CA PRO F 30 38.08 1.81 0.32
C PRO F 30 37.76 0.73 1.39
N GLY F 31 36.64 0.02 1.26
CA GLY F 31 36.19 -1.03 2.20
C GLY F 31 36.98 -2.33 2.11
N PHE F 32 37.82 -2.51 1.07
CA PHE F 32 38.54 -3.76 0.72
C PHE F 32 40.01 -3.48 0.41
N GLU F 33 40.88 -4.46 0.66
CA GLU F 33 42.31 -4.45 0.25
C GLU F 33 42.64 -5.79 -0.40
N PRO F 34 43.03 -5.80 -1.70
CA PRO F 34 43.45 -7.02 -2.35
C PRO F 34 44.88 -7.40 -1.92
N VAL F 35 45.08 -8.69 -1.64
CA VAL F 35 46.40 -9.26 -1.27
C VAL F 35 46.68 -10.40 -2.24
N ILE F 36 47.51 -10.14 -3.25
CA ILE F 36 47.84 -11.13 -4.31
C ILE F 36 48.96 -12.05 -3.79
N ILE F 37 48.75 -13.36 -3.91
CA ILE F 37 49.77 -14.41 -3.65
C ILE F 37 49.77 -15.33 -4.87
N THR F 38 50.89 -15.40 -5.59
CA THR F 38 50.99 -16.23 -6.82
C THR F 38 51.66 -17.55 -6.45
N THR F 39 51.40 -18.59 -7.25
CA THR F 39 52.02 -19.93 -7.12
C THR F 39 52.89 -20.19 -8.34
N GLY F 40 52.95 -19.23 -9.28
CA GLY F 40 53.74 -19.33 -10.54
C GLY F 40 55.21 -19.05 -10.29
N LEU F 46 53.33 -14.10 -16.98
CA LEU F 46 52.57 -13.52 -15.84
C LEU F 46 52.96 -12.06 -15.59
N ASP F 47 54.27 -11.75 -15.61
CA ASP F 47 54.82 -10.39 -15.39
C ASP F 47 54.24 -9.41 -16.41
N GLU F 48 54.00 -9.86 -17.65
CA GLU F 48 53.38 -9.05 -18.74
C GLU F 48 51.99 -8.59 -18.29
N ILE F 49 51.18 -9.54 -17.76
CA ILE F 49 49.76 -9.30 -17.36
C ILE F 49 49.74 -8.49 -16.07
N ASN F 50 50.61 -8.83 -15.11
CA ASN F 50 50.78 -8.08 -13.83
C ASN F 50 51.04 -6.60 -14.16
N GLU F 51 51.97 -6.33 -15.10
CA GLU F 51 52.36 -4.96 -15.52
C GLU F 51 51.16 -4.25 -16.18
N LEU F 52 50.50 -4.92 -17.13
CA LEU F 52 49.38 -4.36 -17.92
C LEU F 52 48.25 -3.87 -17.00
N PHE F 53 47.91 -4.61 -15.95
CA PHE F 53 46.76 -4.32 -15.05
C PHE F 53 47.23 -3.71 -13.73
N GLY F 54 48.54 -3.56 -13.54
CA GLY F 54 49.13 -2.96 -12.31
C GLY F 54 48.93 -3.84 -11.09
N LEU F 55 48.95 -5.18 -11.29
CA LEU F 55 48.92 -6.19 -10.20
C LEU F 55 50.32 -6.24 -9.57
N ARG F 56 50.41 -6.12 -8.24
CA ARG F 56 51.69 -6.17 -7.48
C ARG F 56 51.61 -7.28 -6.44
N PRO F 57 52.09 -8.51 -6.78
CA PRO F 57 52.06 -9.63 -5.83
C PRO F 57 52.81 -9.36 -4.51
N ARG F 58 52.18 -9.65 -3.38
CA ARG F 58 52.79 -9.49 -2.01
C ARG F 58 53.73 -10.66 -1.75
N HIS F 59 53.42 -11.86 -2.25
CA HIS F 59 54.32 -13.05 -2.21
C HIS F 59 54.20 -13.85 -3.51
N ASN F 60 55.31 -14.47 -3.92
CA ASN F 60 55.41 -15.43 -5.06
C ASN F 60 56.03 -16.72 -4.52
N LEU F 61 55.21 -17.71 -4.16
CA LEU F 61 55.71 -19.08 -3.88
C LEU F 61 56.23 -19.65 -5.21
N ASP F 62 57.36 -20.33 -5.19
CA ASP F 62 58.04 -20.77 -6.43
C ASP F 62 57.73 -22.25 -6.65
N ILE F 63 56.44 -22.58 -6.75
CA ILE F 63 55.94 -23.98 -6.62
C ILE F 63 55.75 -24.62 -8.00
N MET F 64 55.12 -23.92 -8.95
CA MET F 64 54.75 -24.50 -10.28
C MET F 64 55.93 -24.44 -11.26
N ARG F 65 56.30 -25.58 -11.86
CA ARG F 65 57.21 -25.66 -13.03
C ARG F 65 56.64 -26.67 -14.02
N PRO F 66 57.09 -26.69 -15.30
CA PRO F 66 56.75 -27.80 -16.19
C PRO F 66 57.38 -29.10 -15.67
N GLY F 67 56.69 -30.23 -15.89
CA GLY F 67 57.15 -31.58 -15.54
C GLY F 67 57.23 -31.79 -14.04
N GLN F 68 56.17 -31.39 -13.31
CA GLN F 68 55.97 -31.75 -11.88
C GLN F 68 54.67 -32.55 -11.78
N ARG F 69 54.67 -33.58 -10.92
CA ARG F 69 53.47 -34.38 -10.59
C ARG F 69 52.42 -33.49 -9.91
N LEU F 70 51.14 -33.72 -10.21
CA LEU F 70 49.99 -33.01 -9.60
C LEU F 70 50.08 -33.11 -8.07
N SER F 71 50.34 -34.32 -7.53
CA SER F 71 50.41 -34.60 -6.07
C SER F 71 51.48 -33.70 -5.39
N ALA F 72 52.65 -33.57 -6.00
CA ALA F 72 53.77 -32.76 -5.45
C ALA F 72 53.35 -31.29 -5.42
N MET F 73 52.75 -30.80 -6.51
CA MET F 73 52.33 -29.39 -6.64
C MET F 73 51.28 -29.07 -5.57
N ALA F 74 50.22 -29.88 -5.50
CA ALA F 74 49.09 -29.73 -4.54
C ALA F 74 49.63 -29.77 -3.11
N SER F 75 50.49 -30.75 -2.82
CA SER F 75 51.15 -30.95 -1.52
C SER F 75 51.85 -29.66 -1.09
N ARG F 76 52.56 -29.01 -2.00
CA ARG F 76 53.36 -27.80 -1.67
C ARG F 76 52.43 -26.64 -1.39
N ILE F 77 51.39 -26.43 -2.21
CA ILE F 77 50.42 -25.30 -2.03
C ILE F 77 49.68 -25.49 -0.69
N VAL F 78 49.16 -26.68 -0.43
CA VAL F 78 48.46 -27.04 0.84
C VAL F 78 49.41 -26.78 2.03
N GLY F 79 50.67 -27.19 1.87
CA GLY F 79 51.70 -27.09 2.91
C GLY F 79 52.10 -25.65 3.22
N GLU F 80 52.18 -24.79 2.22
CA GLU F 80 52.98 -23.54 2.30
C GLU F 80 52.14 -22.26 2.14
N LEU F 81 50.89 -22.34 1.68
CA LEU F 81 50.12 -21.10 1.40
C LEU F 81 49.53 -20.54 2.69
N GLY F 82 49.29 -21.37 3.71
CA GLY F 82 48.73 -20.93 5.00
C GLY F 82 49.49 -19.75 5.59
N ASP F 83 50.82 -19.84 5.65
CA ASP F 83 51.70 -18.86 6.34
C ASP F 83 51.50 -17.48 5.71
N PRO F 84 51.78 -17.30 4.40
CA PRO F 84 51.56 -16.00 3.76
C PRO F 84 50.13 -15.48 3.93
N LEU F 85 49.12 -16.35 3.94
CA LEU F 85 47.72 -15.92 4.17
C LEU F 85 47.58 -15.36 5.59
N LEU F 86 48.25 -15.97 6.57
CA LEU F 86 48.17 -15.53 7.99
C LEU F 86 48.99 -14.24 8.18
N ASP F 87 50.24 -14.22 7.68
CA ASP F 87 51.17 -13.06 7.75
C ASP F 87 50.53 -11.80 7.14
N GLU F 88 49.79 -11.95 6.05
CA GLU F 88 49.16 -10.82 5.32
C GLU F 88 47.78 -10.53 5.90
N LEU F 89 47.37 -11.26 6.93
CA LEU F 89 46.13 -10.98 7.71
C LEU F 89 44.92 -11.02 6.78
N VAL F 90 44.86 -12.04 5.92
CA VAL F 90 43.76 -12.26 4.94
C VAL F 90 42.51 -12.69 5.70
N ASP F 91 41.38 -12.05 5.38
CA ASP F 91 40.07 -12.32 6.02
C ASP F 91 39.26 -13.30 5.14
N VAL F 92 39.44 -13.21 3.82
CA VAL F 92 38.67 -13.95 2.79
C VAL F 92 39.61 -14.23 1.63
N ALA F 93 39.56 -15.44 1.06
CA ALA F 93 40.40 -15.80 -0.11
C ALA F 93 39.50 -16.02 -1.32
N VAL F 94 39.91 -15.49 -2.46
CA VAL F 94 39.24 -15.69 -3.77
C VAL F 94 40.16 -16.55 -4.64
N VAL F 95 39.62 -17.63 -5.21
CA VAL F 95 40.31 -18.45 -6.24
C VAL F 95 39.42 -18.42 -7.49
N GLN F 96 40.02 -18.62 -8.65
CA GLN F 96 39.33 -18.54 -9.96
C GLN F 96 39.42 -19.89 -10.68
N GLY F 97 38.29 -20.33 -11.25
CA GLY F 97 38.24 -21.35 -12.32
C GLY F 97 38.42 -22.76 -11.80
N ASP F 98 39.20 -23.55 -12.55
CA ASP F 98 39.26 -25.03 -12.44
C ASP F 98 40.70 -25.50 -12.19
N THR F 99 41.63 -24.60 -11.90
CA THR F 99 43.08 -24.92 -11.79
C THR F 99 43.33 -25.71 -10.49
N SER F 100 44.38 -26.51 -10.47
CA SER F 100 44.81 -27.26 -9.27
C SER F 100 45.27 -26.28 -8.18
N THR F 101 45.72 -25.08 -8.58
CA THR F 101 46.04 -23.99 -7.64
C THR F 101 44.77 -23.56 -6.91
N ALA F 102 43.70 -23.25 -7.65
CA ALA F 102 42.43 -22.78 -7.07
C ALA F 102 41.95 -23.79 -6.03
N PHE F 103 42.06 -25.09 -6.32
CA PHE F 103 41.62 -26.14 -5.38
C PHE F 103 42.55 -26.17 -4.16
N ALA F 104 43.84 -26.36 -4.37
CA ALA F 104 44.82 -26.51 -3.27
C ALA F 104 44.81 -25.26 -2.39
N ALA F 105 44.77 -24.07 -2.99
CA ALA F 105 44.72 -22.78 -2.26
C ALA F 105 43.44 -22.71 -1.43
N ALA F 106 42.30 -23.11 -2.00
CA ALA F 106 41.01 -23.09 -1.30
C ALA F 106 41.09 -24.03 -0.09
N TYR F 107 41.67 -25.23 -0.26
CA TYR F 107 41.83 -26.19 0.86
C TYR F 107 42.74 -25.57 1.94
N ALA F 108 43.85 -24.97 1.55
CA ALA F 108 44.80 -24.29 2.47
C ALA F 108 44.05 -23.21 3.26
N ALA F 109 43.28 -22.38 2.57
CA ALA F 109 42.48 -21.31 3.21
C ALA F 109 41.56 -21.95 4.25
N ALA F 110 40.86 -23.03 3.88
CA ALA F 110 39.86 -23.69 4.73
C ALA F 110 40.54 -24.24 6.00
N CYS F 111 41.74 -24.80 5.88
CA CYS F 111 42.55 -25.30 7.02
C CYS F 111 42.78 -24.19 8.06
N GLU F 112 42.95 -22.94 7.62
CA GLU F 112 43.17 -21.76 8.51
C GLU F 112 41.84 -21.09 8.84
N ARG F 113 40.70 -21.73 8.55
CA ARG F 113 39.34 -21.19 8.79
C ARG F 113 39.17 -19.82 8.11
N ILE F 114 39.87 -19.60 7.00
CA ILE F 114 39.69 -18.42 6.10
C ILE F 114 38.58 -18.74 5.11
N PRO F 115 37.43 -18.03 5.16
CA PRO F 115 36.36 -18.25 4.19
C PRO F 115 36.87 -18.05 2.75
N VAL F 116 36.30 -18.82 1.82
CA VAL F 116 36.70 -18.83 0.38
C VAL F 116 35.50 -18.38 -0.48
N ALA F 117 35.79 -17.54 -1.46
CA ALA F 117 34.86 -17.20 -2.56
C ALA F 117 35.47 -17.73 -3.85
N HIS F 118 34.61 -18.22 -4.75
CA HIS F 118 35.02 -18.86 -6.03
C HIS F 118 34.56 -17.99 -7.19
N LEU F 119 35.50 -17.42 -7.94
CA LEU F 119 35.22 -16.61 -9.15
C LEU F 119 35.12 -17.58 -10.35
N GLU F 120 34.03 -17.47 -11.10
CA GLU F 120 33.68 -18.30 -12.28
C GLU F 120 33.27 -19.69 -11.80
N ALA F 121 32.16 -19.79 -11.08
CA ALA F 121 31.68 -21.02 -10.42
C ALA F 121 30.52 -21.63 -11.23
N GLY F 122 30.47 -22.97 -11.29
CA GLY F 122 29.31 -23.74 -11.79
C GLY F 122 29.44 -24.25 -13.21
N LEU F 123 30.49 -23.91 -13.96
CA LEU F 123 30.66 -24.45 -15.34
C LEU F 123 30.86 -25.97 -15.23
N ARG F 124 30.09 -26.73 -16.01
CA ARG F 124 30.13 -28.22 -16.02
C ARG F 124 30.06 -28.69 -17.47
N THR F 125 30.84 -29.71 -17.83
CA THR F 125 30.73 -30.47 -19.11
C THR F 125 29.58 -31.47 -18.97
N GLY F 126 29.47 -32.10 -17.80
CA GLY F 126 28.49 -33.17 -17.50
C GLY F 126 29.11 -34.56 -17.62
N ASP F 127 30.39 -34.66 -18.01
CA ASP F 127 31.15 -35.93 -18.18
C ASP F 127 32.22 -35.99 -17.08
N ARG F 128 32.18 -37.05 -16.26
CA ARG F 128 32.99 -37.19 -15.00
C ARG F 128 34.49 -37.35 -15.33
N PHE F 129 35.35 -36.59 -14.62
CA PHE F 129 36.84 -36.59 -14.73
C PHE F 129 37.27 -36.28 -16.18
N GLU F 130 36.42 -35.56 -16.90
CA GLU F 130 36.62 -35.19 -18.33
C GLU F 130 36.36 -33.70 -18.50
N PRO F 131 37.40 -32.84 -18.59
CA PRO F 131 38.81 -33.24 -18.49
C PRO F 131 39.28 -33.44 -17.04
N PHE F 132 40.44 -34.07 -16.86
CA PHE F 132 41.09 -34.28 -15.54
C PHE F 132 42.36 -33.44 -15.50
N PRO F 133 42.63 -32.69 -14.42
CA PRO F 133 41.78 -32.67 -13.22
C PRO F 133 40.74 -31.54 -13.10
N GLU F 134 40.48 -30.80 -14.17
CA GLU F 134 39.69 -29.53 -14.11
C GLU F 134 38.29 -29.79 -13.54
N GLU F 135 37.62 -30.84 -14.00
CA GLU F 135 36.20 -31.09 -13.65
C GLU F 135 36.11 -31.44 -12.16
N ILE F 136 37.04 -32.25 -11.64
CA ILE F 136 37.03 -32.63 -10.19
C ILE F 136 37.43 -31.41 -9.34
N ASN F 137 38.34 -30.58 -9.83
CA ASN F 137 38.76 -29.35 -9.10
C ASN F 137 37.55 -28.45 -8.83
N ARG F 138 36.75 -28.17 -9.87
CA ARG F 138 35.53 -27.34 -9.77
C ARG F 138 34.61 -27.92 -8.68
N ARG F 139 34.38 -29.23 -8.69
CA ARG F 139 33.44 -29.88 -7.74
C ARG F 139 34.00 -29.81 -6.31
N LEU F 140 35.33 -29.87 -6.15
CA LEU F 140 35.98 -29.80 -4.81
C LEU F 140 35.94 -28.35 -4.32
N ILE F 141 36.33 -27.39 -5.16
CA ILE F 141 36.28 -25.94 -4.81
C ILE F 141 34.85 -25.59 -4.41
N THR F 142 33.87 -26.15 -5.12
CA THR F 142 32.42 -25.87 -4.94
C THR F 142 32.02 -26.17 -3.50
N GLN F 143 32.52 -27.27 -2.92
CA GLN F 143 32.20 -27.66 -1.51
C GLN F 143 32.99 -26.80 -0.52
N LEU F 144 34.18 -26.31 -0.89
CA LEU F 144 35.06 -25.52 0.03
C LEU F 144 34.55 -24.07 0.10
N ALA F 145 34.12 -23.50 -1.02
CA ALA F 145 33.72 -22.08 -1.12
C ALA F 145 32.46 -21.78 -0.30
N ASP F 146 32.45 -20.66 0.43
CA ASP F 146 31.25 -20.13 1.14
C ASP F 146 30.40 -19.33 0.15
N LEU F 147 31.04 -18.76 -0.87
CA LEU F 147 30.42 -17.81 -1.81
C LEU F 147 30.85 -18.18 -3.23
N HIS F 148 29.91 -18.18 -4.18
CA HIS F 148 30.10 -18.61 -5.57
C HIS F 148 29.65 -17.49 -6.52
N PHE F 149 30.58 -16.92 -7.28
CA PHE F 149 30.29 -15.91 -8.34
C PHE F 149 30.08 -16.65 -9.67
N ALA F 150 28.83 -17.04 -9.94
CA ALA F 150 28.41 -17.73 -11.18
C ALA F 150 28.35 -16.73 -12.32
N PRO F 151 28.83 -17.06 -13.52
CA PRO F 151 28.75 -16.17 -14.66
C PRO F 151 27.40 -16.18 -15.42
N THR F 152 26.58 -17.22 -15.22
CA THR F 152 25.27 -17.37 -15.90
C THR F 152 24.29 -18.05 -14.95
N ALA F 153 23.00 -18.03 -15.30
CA ALA F 153 21.93 -18.72 -14.54
C ALA F 153 22.13 -20.24 -14.66
N ASP F 154 22.54 -20.73 -15.83
CA ASP F 154 22.86 -22.16 -16.07
C ASP F 154 23.89 -22.64 -15.02
N ALA F 155 25.00 -21.89 -14.87
CA ALA F 155 26.09 -22.19 -13.92
C ALA F 155 25.55 -22.21 -12.48
N ALA F 156 24.70 -21.24 -12.13
CA ALA F 156 24.06 -21.17 -10.80
C ALA F 156 23.27 -22.45 -10.55
N GLY F 157 22.54 -22.93 -11.56
CA GLY F 157 21.75 -24.17 -11.45
C GLY F 157 22.62 -25.36 -11.12
N ASN F 158 23.78 -25.47 -11.78
CA ASN F 158 24.74 -26.58 -11.56
C ASN F 158 25.19 -26.62 -10.10
N LEU F 159 25.41 -25.45 -9.50
CA LEU F 159 25.81 -25.36 -8.07
C LEU F 159 24.68 -25.87 -7.17
N LEU F 160 23.43 -25.47 -7.43
CA LEU F 160 22.24 -25.91 -6.64
C LEU F 160 22.15 -27.44 -6.68
N ALA F 161 22.47 -28.04 -7.83
CA ALA F 161 22.38 -29.51 -8.06
C ALA F 161 23.45 -30.25 -7.24
N GLU F 162 24.50 -29.56 -6.79
CA GLU F 162 25.58 -30.15 -5.97
C GLU F 162 25.43 -29.73 -4.50
N GLY F 163 24.28 -29.14 -4.15
CA GLY F 163 23.83 -29.00 -2.76
C GLY F 163 24.15 -27.64 -2.17
N VAL F 164 24.63 -26.71 -2.99
CA VAL F 164 24.94 -25.33 -2.53
C VAL F 164 23.63 -24.60 -2.25
N ARG F 165 23.55 -23.92 -1.10
CA ARG F 165 22.41 -23.04 -0.72
C ARG F 165 22.31 -21.87 -1.71
N SER F 166 21.11 -21.58 -2.18
CA SER F 166 20.82 -20.47 -3.13
C SER F 166 21.40 -19.13 -2.65
N ASP F 167 21.41 -18.86 -1.34
CA ASP F 167 21.89 -17.55 -0.79
C ASP F 167 23.41 -17.41 -0.94
N ASP F 168 24.12 -18.49 -1.27
CA ASP F 168 25.61 -18.49 -1.41
C ASP F 168 25.99 -18.29 -2.88
N VAL F 169 25.01 -18.21 -3.79
CA VAL F 169 25.26 -18.09 -5.25
C VAL F 169 24.81 -16.71 -5.74
N TYR F 170 25.73 -15.93 -6.30
CA TYR F 170 25.44 -14.68 -7.01
C TYR F 170 25.76 -14.90 -8.50
N VAL F 171 24.80 -14.62 -9.39
CA VAL F 171 25.04 -14.56 -10.85
C VAL F 171 25.64 -13.18 -11.16
N THR F 172 26.96 -13.09 -11.23
CA THR F 172 27.73 -11.83 -11.39
C THR F 172 28.12 -11.59 -12.85
N GLY F 173 27.97 -12.60 -13.71
CA GLY F 173 28.59 -12.61 -15.05
C GLY F 173 30.09 -12.84 -14.95
N ASN F 174 30.77 -12.87 -16.10
CA ASN F 174 32.20 -13.26 -16.17
C ASN F 174 33.07 -12.00 -16.21
N THR F 175 34.10 -11.97 -15.36
CA THR F 175 35.05 -10.83 -15.24
C THR F 175 35.90 -10.73 -16.50
N VAL F 176 35.96 -11.78 -17.32
CA VAL F 176 36.75 -11.76 -18.58
C VAL F 176 36.20 -10.66 -19.49
N ILE F 177 34.90 -10.37 -19.40
CA ILE F 177 34.25 -9.29 -20.19
C ILE F 177 34.76 -7.93 -19.69
N ASP F 178 34.77 -7.72 -18.37
CA ASP F 178 35.36 -6.51 -17.73
C ASP F 178 36.77 -6.30 -18.28
N ALA F 179 37.57 -7.37 -18.30
CA ALA F 179 39.02 -7.36 -18.64
C ALA F 179 39.20 -6.94 -20.09
N MET F 180 38.38 -7.50 -20.99
CA MET F 180 38.33 -7.10 -22.42
C MET F 180 38.15 -5.59 -22.53
N HIS F 181 37.13 -5.04 -21.84
CA HIS F 181 36.77 -3.60 -21.90
C HIS F 181 37.95 -2.75 -21.41
N LEU F 182 38.69 -3.23 -20.41
CA LEU F 182 39.84 -2.50 -19.82
C LEU F 182 41.02 -2.43 -20.80
N VAL F 183 41.08 -3.25 -21.84
CA VAL F 183 42.22 -3.24 -22.83
C VAL F 183 41.75 -2.68 -24.17
N LEU F 184 40.45 -2.56 -24.43
CA LEU F 184 39.92 -1.94 -25.68
C LEU F 184 40.04 -0.42 -25.58
N ASP F 185 40.06 0.15 -24.36
CA ASP F 185 40.46 1.56 -24.08
C ASP F 185 41.95 1.72 -24.41
N ASN F 192 50.52 -3.10 -32.84
CA ASN F 192 51.49 -4.19 -33.11
C ASN F 192 51.90 -4.16 -34.59
N ARG F 193 53.13 -3.75 -34.88
CA ARG F 193 53.64 -3.45 -36.25
C ARG F 193 53.46 -4.67 -37.17
N GLU F 194 54.10 -5.79 -36.87
CA GLU F 194 54.20 -6.96 -37.77
C GLU F 194 52.84 -7.64 -37.91
N LEU F 195 52.05 -7.66 -36.82
CA LEU F 195 50.71 -8.29 -36.80
C LEU F 195 49.78 -7.53 -37.75
N ASP F 196 49.80 -6.19 -37.67
CA ASP F 196 49.01 -5.28 -38.55
C ASP F 196 49.47 -5.45 -39.99
N ALA F 197 50.78 -5.39 -40.24
CA ALA F 197 51.41 -5.63 -41.55
C ALA F 197 50.88 -6.92 -42.16
N PHE F 198 50.74 -7.99 -41.36
CA PHE F 198 50.37 -9.35 -41.83
C PHE F 198 48.85 -9.42 -42.13
N THR F 199 48.02 -8.71 -41.36
CA THR F 199 46.53 -8.83 -41.40
C THR F 199 45.92 -7.77 -42.33
N GLU F 200 46.41 -6.52 -42.27
CA GLU F 200 46.02 -5.37 -43.15
C GLU F 200 45.42 -5.85 -44.48
N GLY F 201 44.15 -5.57 -44.68
CA GLY F 201 43.44 -5.81 -45.96
C GLY F 201 43.34 -7.26 -46.34
N ARG F 202 43.33 -8.18 -45.36
CA ARG F 202 43.15 -9.64 -45.57
C ARG F 202 42.15 -10.20 -44.56
N GLN F 203 41.38 -11.20 -44.97
CA GLN F 203 40.51 -12.03 -44.10
C GLN F 203 41.39 -12.93 -43.22
N THR F 204 41.42 -12.65 -41.92
CA THR F 204 42.33 -13.30 -40.92
C THR F 204 41.53 -14.19 -39.94
N VAL F 205 41.85 -15.49 -39.91
CA VAL F 205 41.31 -16.43 -38.88
C VAL F 205 42.26 -16.44 -37.67
N LEU F 206 41.73 -16.30 -36.46
CA LEU F 206 42.49 -16.45 -35.20
C LEU F 206 42.31 -17.88 -34.67
N LEU F 207 43.42 -18.58 -34.43
CA LEU F 207 43.41 -19.96 -33.86
C LEU F 207 44.33 -20.03 -32.64
N THR F 208 43.81 -20.51 -31.50
CA THR F 208 44.57 -20.91 -30.29
C THR F 208 44.10 -22.33 -29.92
N MET F 209 45.05 -23.19 -29.58
CA MET F 209 44.75 -24.59 -29.19
C MET F 209 45.83 -25.03 -28.19
N HIS F 210 45.41 -25.53 -27.03
CA HIS F 210 46.34 -25.77 -25.88
C HIS F 210 45.94 -26.98 -25.04
N ARG F 211 44.72 -27.46 -25.10
CA ARG F 211 44.23 -28.52 -24.17
C ARG F 211 45.15 -29.76 -24.27
N ARG F 212 45.58 -30.29 -23.12
CA ARG F 212 46.56 -31.41 -23.01
C ARG F 212 46.00 -32.64 -23.72
N GLU F 213 44.71 -32.93 -23.59
CA GLU F 213 44.07 -34.13 -24.19
C GLU F 213 44.10 -34.08 -25.73
N SER F 214 44.54 -32.97 -26.34
CA SER F 214 44.58 -32.76 -27.81
C SER F 214 46.01 -32.77 -28.35
N TRP F 215 47.01 -32.79 -27.46
CA TRP F 215 48.45 -32.80 -27.84
C TRP F 215 48.73 -33.99 -28.78
N GLY F 216 49.62 -33.79 -29.75
CA GLY F 216 50.05 -34.82 -30.70
C GLY F 216 49.13 -34.92 -31.90
N ILE F 217 48.50 -36.09 -32.10
CA ILE F 217 47.76 -36.41 -33.35
C ILE F 217 46.67 -35.37 -33.57
N PRO F 218 45.77 -35.11 -32.58
CA PRO F 218 44.62 -34.23 -32.80
C PRO F 218 45.04 -32.82 -33.24
N MET F 219 46.07 -32.25 -32.62
CA MET F 219 46.63 -30.94 -33.05
C MET F 219 47.14 -31.03 -34.49
N GLY F 220 47.80 -32.12 -34.85
CA GLY F 220 48.24 -32.41 -36.22
C GLY F 220 47.08 -32.33 -37.19
N ARG F 221 45.96 -32.94 -36.84
CA ARG F 221 44.73 -32.91 -37.67
C ARG F 221 44.25 -31.46 -37.85
N VAL F 222 44.27 -30.65 -36.79
CA VAL F 222 43.83 -29.22 -36.85
C VAL F 222 44.81 -28.43 -37.72
N ALA F 223 46.13 -28.70 -37.61
CA ALA F 223 47.17 -28.04 -38.42
C ALA F 223 46.99 -28.44 -39.89
N ALA F 224 46.62 -29.69 -40.17
CA ALA F 224 46.32 -30.20 -41.52
C ALA F 224 45.14 -29.39 -42.12
N ALA F 225 44.08 -29.20 -41.33
CA ALA F 225 42.87 -28.43 -41.73
C ALA F 225 43.27 -26.99 -42.10
N VAL F 226 44.16 -26.36 -41.32
CA VAL F 226 44.63 -24.97 -41.59
C VAL F 226 45.39 -24.97 -42.92
N ALA F 227 46.18 -26.02 -43.19
CA ALA F 227 46.97 -26.19 -44.43
C ALA F 227 46.03 -26.31 -45.64
N GLU F 228 45.05 -27.21 -45.58
CA GLU F 228 44.07 -27.42 -46.67
C GLU F 228 43.35 -26.10 -46.99
N LEU F 229 42.80 -25.44 -45.98
CA LEU F 229 42.10 -24.13 -46.11
C LEU F 229 43.03 -23.11 -46.78
N CYS F 230 44.30 -23.08 -46.39
CA CYS F 230 45.29 -22.08 -46.87
C CYS F 230 45.54 -22.24 -48.38
N ARG F 231 45.79 -23.47 -48.84
CA ARG F 231 46.09 -23.78 -50.25
C ARG F 231 44.83 -23.50 -51.09
N SER F 232 43.64 -23.89 -50.59
CA SER F 232 42.33 -23.72 -51.25
C SER F 232 41.96 -22.24 -51.40
N ARG F 233 42.47 -21.34 -50.53
CA ARG F 233 41.97 -19.94 -50.42
C ARG F 233 43.14 -18.98 -50.29
N PRO F 234 43.87 -18.70 -51.38
CA PRO F 234 45.10 -17.89 -51.35
C PRO F 234 45.04 -16.54 -50.60
N THR F 235 43.86 -15.92 -50.48
CA THR F 235 43.70 -14.59 -49.81
C THR F 235 43.52 -14.78 -48.30
N LEU F 236 43.24 -16.01 -47.86
CA LEU F 236 42.98 -16.33 -46.42
C LEU F 236 44.31 -16.29 -45.64
N ARG F 237 44.27 -15.71 -44.45
CA ARG F 237 45.41 -15.65 -43.51
C ARG F 237 44.98 -16.25 -42.16
N PHE F 238 45.94 -16.89 -41.48
CA PHE F 238 45.80 -17.38 -40.08
C PHE F 238 46.89 -16.75 -39.22
N VAL F 239 46.50 -16.30 -38.03
CA VAL F 239 47.44 -15.94 -36.93
C VAL F 239 47.22 -16.97 -35.83
N ILE F 240 48.29 -17.65 -35.41
CA ILE F 240 48.25 -18.75 -34.40
C ILE F 240 49.27 -18.44 -33.31
N PRO F 241 48.83 -17.79 -32.21
CA PRO F 241 49.64 -17.65 -31.01
C PRO F 241 49.75 -19.03 -30.34
N LEU F 242 50.98 -19.50 -30.16
CA LEU F 242 51.30 -20.87 -29.70
C LEU F 242 51.40 -20.87 -28.18
N HIS F 243 50.68 -21.79 -27.55
CA HIS F 243 50.81 -22.13 -26.11
C HIS F 243 52.27 -22.46 -25.81
N PRO F 244 52.86 -21.95 -24.70
CA PRO F 244 54.26 -22.16 -24.40
C PRO F 244 54.50 -23.58 -23.87
N ASN F 245 54.56 -24.53 -24.80
CA ASN F 245 55.00 -25.92 -24.58
C ASN F 245 55.70 -26.37 -25.85
N PRO F 246 56.94 -26.93 -25.80
CA PRO F 246 57.67 -27.26 -27.01
C PRO F 246 57.02 -28.35 -27.89
N GLU F 247 56.20 -29.23 -27.31
CA GLU F 247 55.48 -30.31 -28.05
C GLU F 247 54.32 -29.69 -28.86
N VAL F 248 53.67 -28.67 -28.33
CA VAL F 248 52.59 -27.92 -29.04
C VAL F 248 53.21 -27.10 -30.18
N ARG F 249 54.31 -26.40 -29.89
CA ARG F 249 55.02 -25.54 -30.87
C ARG F 249 55.54 -26.42 -32.03
N ARG F 250 55.96 -27.64 -31.77
CA ARG F 250 56.62 -28.51 -32.78
C ARG F 250 55.56 -29.00 -33.78
N VAL F 251 54.39 -29.39 -33.30
CA VAL F 251 53.32 -29.92 -34.19
C VAL F 251 52.89 -28.81 -35.16
N PHE F 252 52.68 -27.58 -34.69
CA PHE F 252 52.26 -26.44 -35.55
C PHE F 252 53.42 -26.03 -36.47
N ARG F 253 54.63 -25.89 -35.93
CA ARG F 253 55.84 -25.44 -36.67
C ARG F 253 56.11 -26.43 -37.82
N SER F 254 56.08 -27.72 -37.54
CA SER F 254 56.43 -28.80 -38.51
C SER F 254 55.36 -28.90 -39.61
N HIS F 255 54.13 -28.44 -39.35
CA HIS F 255 53.00 -28.53 -40.32
C HIS F 255 52.84 -27.21 -41.12
N LEU F 256 53.19 -26.04 -40.56
CA LEU F 256 52.72 -24.73 -41.10
C LEU F 256 53.83 -23.68 -41.28
N SER F 257 55.07 -23.92 -40.84
CA SER F 257 56.09 -22.83 -40.72
C SER F 257 56.53 -22.34 -42.11
N SER F 258 56.29 -23.11 -43.18
CA SER F 258 56.68 -22.76 -44.59
C SER F 258 55.58 -21.94 -45.29
N LEU F 259 54.31 -22.12 -44.90
CA LEU F 259 53.14 -21.41 -45.50
C LEU F 259 53.15 -19.95 -45.07
N THR F 260 53.30 -19.01 -46.01
CA THR F 260 53.38 -17.55 -45.70
C THR F 260 51.98 -17.00 -45.41
N GLN F 261 50.92 -17.80 -45.60
CA GLN F 261 49.52 -17.45 -45.23
C GLN F 261 49.30 -17.60 -43.72
N VAL F 262 50.15 -18.37 -43.02
CA VAL F 262 50.09 -18.61 -41.55
C VAL F 262 51.19 -17.78 -40.89
N LEU F 263 50.84 -17.01 -39.85
CA LEU F 263 51.83 -16.38 -38.94
C LEU F 263 51.75 -17.07 -37.57
N LEU F 264 52.68 -17.98 -37.30
CA LEU F 264 52.83 -18.59 -35.95
C LEU F 264 53.44 -17.51 -35.04
N CYS F 265 52.89 -17.33 -33.83
CA CYS F 265 53.29 -16.27 -32.89
C CYS F 265 53.71 -16.86 -31.54
N GLU F 266 54.53 -16.11 -30.79
CA GLU F 266 54.68 -16.28 -29.32
C GLU F 266 53.34 -15.87 -28.69
N PRO F 267 53.04 -16.31 -27.46
CA PRO F 267 51.89 -15.78 -26.73
C PRO F 267 51.87 -14.26 -26.84
N LEU F 268 50.71 -13.67 -27.12
CA LEU F 268 50.53 -12.20 -27.28
C LEU F 268 50.05 -11.63 -25.96
N ARG F 269 50.53 -10.42 -25.61
CA ARG F 269 50.04 -9.65 -24.45
C ARG F 269 48.54 -9.43 -24.65
N TYR F 270 47.77 -9.41 -23.56
CA TYR F 270 46.29 -9.51 -23.58
C TYR F 270 45.71 -8.42 -24.51
N SER F 271 46.25 -7.20 -24.46
CA SER F 271 45.81 -6.06 -25.30
C SER F 271 46.00 -6.41 -26.78
N GLU F 272 47.23 -6.76 -27.19
CA GLU F 272 47.57 -7.17 -28.57
C GLU F 272 46.61 -8.29 -29.01
N PHE F 273 46.32 -9.24 -28.13
CA PHE F 273 45.54 -10.46 -28.46
C PHE F 273 44.07 -10.09 -28.70
N ILE F 274 43.50 -9.25 -27.83
CA ILE F 274 42.07 -8.81 -27.94
C ILE F 274 41.91 -7.93 -29.19
N ARG F 275 42.87 -7.07 -29.48
CA ARG F 275 42.92 -6.25 -30.71
C ARG F 275 42.87 -7.18 -31.92
N LEU F 276 43.73 -8.21 -31.97
CA LEU F 276 43.78 -9.18 -33.10
C LEU F 276 42.42 -9.88 -33.22
N MET F 277 41.79 -10.24 -32.10
CA MET F 277 40.50 -10.99 -32.12
C MET F 277 39.44 -10.09 -32.75
N HIS F 278 39.54 -8.78 -32.51
CA HIS F 278 38.64 -7.71 -33.02
C HIS F 278 38.74 -7.62 -34.55
N ARG F 279 39.93 -7.82 -35.12
CA ARG F 279 40.23 -7.74 -36.58
C ARG F 279 39.94 -9.08 -37.27
N ALA F 280 39.86 -10.17 -36.52
CA ALA F 280 39.70 -11.54 -37.07
C ALA F 280 38.30 -11.66 -37.68
N VAL F 281 38.17 -12.44 -38.75
CA VAL F 281 36.84 -12.72 -39.36
C VAL F 281 36.14 -13.80 -38.53
N LEU F 282 36.90 -14.76 -38.00
CA LEU F 282 36.33 -15.77 -37.07
C LEU F 282 37.44 -16.40 -36.22
N VAL F 283 37.06 -17.21 -35.23
CA VAL F 283 37.97 -17.72 -34.16
C VAL F 283 37.80 -19.24 -34.05
N LEU F 284 38.91 -19.97 -34.19
CA LEU F 284 39.02 -21.41 -33.85
C LEU F 284 39.81 -21.53 -32.54
N THR F 285 39.27 -22.21 -31.53
CA THR F 285 39.90 -22.27 -30.20
C THR F 285 39.39 -23.46 -29.40
N ASP F 286 40.21 -23.97 -28.47
CA ASP F 286 39.76 -24.87 -27.38
C ASP F 286 39.86 -24.12 -26.05
N SER F 287 40.19 -22.83 -26.09
CA SER F 287 40.27 -21.95 -24.90
C SER F 287 38.87 -21.69 -24.33
N GLY F 288 38.73 -21.71 -23.02
CA GLY F 288 37.49 -21.31 -22.31
C GLY F 288 37.31 -19.79 -22.37
N GLY F 289 38.37 -19.04 -22.08
CA GLY F 289 38.38 -17.56 -22.12
C GLY F 289 37.96 -17.06 -23.48
N VAL F 290 38.59 -17.55 -24.54
CA VAL F 290 38.35 -17.07 -25.92
C VAL F 290 36.89 -17.37 -26.30
N GLN F 291 36.35 -18.51 -25.87
CA GLN F 291 34.93 -18.87 -26.11
C GLN F 291 33.97 -17.84 -25.51
N GLU F 292 34.43 -17.09 -24.50
CA GLU F 292 33.63 -16.07 -23.76
C GLU F 292 33.86 -14.70 -24.42
N GLU F 293 35.10 -14.42 -24.83
CA GLU F 293 35.55 -13.11 -25.36
C GLU F 293 35.05 -12.92 -26.79
N ALA F 294 35.29 -13.90 -27.68
CA ALA F 294 35.03 -13.78 -29.13
C ALA F 294 33.55 -13.49 -29.41
N PRO F 295 32.58 -14.25 -28.84
CA PRO F 295 31.16 -13.94 -29.06
C PRO F 295 30.80 -12.50 -28.71
N THR F 296 31.42 -11.96 -27.66
CA THR F 296 31.19 -10.58 -27.15
C THR F 296 31.67 -9.54 -28.16
N LEU F 297 32.62 -9.87 -29.05
CA LEU F 297 33.08 -8.99 -30.16
C LEU F 297 32.35 -9.37 -31.47
N GLY F 298 31.30 -10.18 -31.39
CA GLY F 298 30.53 -10.67 -32.55
C GLY F 298 31.38 -11.43 -33.55
N LYS F 299 32.38 -12.20 -33.08
CA LYS F 299 33.15 -13.14 -33.94
C LYS F 299 32.60 -14.55 -33.73
N PRO F 300 32.15 -15.22 -34.81
CA PRO F 300 31.75 -16.63 -34.71
C PRO F 300 32.93 -17.46 -34.16
N VAL F 301 32.63 -18.44 -33.32
CA VAL F 301 33.64 -19.33 -32.68
C VAL F 301 33.36 -20.76 -33.12
N LEU F 302 34.37 -21.41 -33.68
CA LEU F 302 34.39 -22.88 -33.89
C LEU F 302 35.26 -23.48 -32.77
N VAL F 303 34.66 -24.29 -31.91
CA VAL F 303 35.31 -24.85 -30.70
C VAL F 303 35.97 -26.18 -31.08
N LEU F 304 37.29 -26.25 -30.88
CA LEU F 304 38.15 -27.39 -31.26
C LEU F 304 38.11 -28.44 -30.14
N ARG F 305 36.92 -28.90 -29.77
CA ARG F 305 36.69 -29.83 -28.65
C ARG F 305 35.42 -30.63 -28.92
N ASP F 306 35.25 -31.75 -28.20
CA ASP F 306 34.11 -32.70 -28.33
C ASP F 306 33.03 -32.36 -27.30
N ARG F 307 33.33 -31.43 -26.39
CA ARG F 307 32.45 -31.00 -25.27
C ARG F 307 32.89 -29.59 -24.87
N THR F 308 32.06 -28.86 -24.13
CA THR F 308 32.39 -27.53 -23.58
C THR F 308 31.68 -27.36 -22.23
N GLU F 309 32.26 -26.57 -21.32
CA GLU F 309 31.62 -26.16 -20.04
C GLU F 309 30.82 -24.89 -20.31
N ARG F 310 30.83 -24.41 -21.57
CA ARG F 310 30.16 -23.16 -22.02
C ARG F 310 29.06 -23.49 -23.03
N PRO F 311 27.94 -24.14 -22.62
CA PRO F 311 26.87 -24.51 -23.56
C PRO F 311 25.98 -23.34 -23.98
N GLU F 312 26.06 -22.21 -23.28
CA GLU F 312 25.26 -20.98 -23.54
C GLU F 312 25.52 -20.51 -24.97
N GLY F 313 26.79 -20.39 -25.38
CA GLY F 313 27.18 -19.98 -26.74
C GLY F 313 26.74 -21.00 -27.79
N ILE F 314 26.72 -22.29 -27.42
CA ILE F 314 26.25 -23.40 -28.31
C ILE F 314 24.75 -23.18 -28.56
N ALA F 315 23.98 -23.06 -27.49
CA ALA F 315 22.49 -22.94 -27.50
C ALA F 315 22.08 -21.68 -28.28
N ALA F 316 22.79 -20.56 -28.10
CA ALA F 316 22.48 -19.26 -28.73
C ALA F 316 22.93 -19.24 -30.19
N GLY F 317 23.75 -20.23 -30.61
CA GLY F 317 24.30 -20.32 -31.97
C GLY F 317 25.52 -19.43 -32.19
N CYS F 318 26.07 -18.77 -31.15
CA CYS F 318 27.33 -17.96 -31.19
C CYS F 318 28.54 -18.85 -31.56
N ALA F 319 28.45 -20.15 -31.23
CA ALA F 319 29.60 -21.09 -31.20
C ALA F 319 29.11 -22.49 -31.59
N ARG F 320 29.96 -23.26 -32.26
CA ARG F 320 29.65 -24.65 -32.67
C ARG F 320 30.84 -25.54 -32.31
N LEU F 321 30.53 -26.71 -31.73
CA LEU F 321 31.51 -27.81 -31.56
C LEU F 321 31.92 -28.32 -32.93
N VAL F 322 33.21 -28.56 -33.10
CA VAL F 322 33.88 -28.89 -34.38
C VAL F 322 34.89 -30.01 -34.13
N GLY F 323 35.33 -30.18 -32.87
CA GLY F 323 36.31 -31.21 -32.47
C GLY F 323 37.62 -31.01 -33.20
N THR F 324 38.28 -32.12 -33.57
CA THR F 324 39.63 -32.15 -34.20
C THR F 324 39.54 -32.91 -35.52
N ASP F 325 38.36 -32.93 -36.16
CA ASP F 325 38.11 -33.57 -37.47
C ASP F 325 38.44 -32.55 -38.56
N PRO F 326 39.47 -32.80 -39.40
CA PRO F 326 39.88 -31.82 -40.41
C PRO F 326 38.81 -31.53 -41.46
N ALA F 327 38.11 -32.56 -41.95
CA ALA F 327 37.01 -32.43 -42.95
C ALA F 327 35.97 -31.42 -42.42
N LEU F 328 35.52 -31.59 -41.18
CA LEU F 328 34.47 -30.75 -40.54
C LEU F 328 34.99 -29.32 -40.32
N ILE F 329 36.23 -29.15 -39.89
CA ILE F 329 36.84 -27.80 -39.69
C ILE F 329 36.86 -27.06 -41.03
N VAL F 330 37.32 -27.73 -42.08
CA VAL F 330 37.40 -27.18 -43.47
C VAL F 330 35.99 -26.76 -43.91
N LYS F 331 35.02 -27.67 -43.83
CA LYS F 331 33.60 -27.43 -44.21
C LYS F 331 33.08 -26.21 -43.45
N GLU F 332 33.22 -26.22 -42.12
CA GLU F 332 32.61 -25.24 -41.18
C GLU F 332 33.21 -23.86 -41.41
N VAL F 333 34.54 -23.78 -41.62
CA VAL F 333 35.25 -22.49 -41.88
C VAL F 333 34.82 -21.96 -43.25
N GLY F 334 34.73 -22.84 -44.25
CA GLY F 334 34.29 -22.51 -45.62
C GLY F 334 32.87 -21.95 -45.60
N ARG F 335 31.92 -22.71 -45.07
CA ARG F 335 30.52 -22.29 -44.85
C ARG F 335 30.52 -20.81 -44.41
N LEU F 336 31.23 -20.47 -43.32
CA LEU F 336 31.20 -19.10 -42.73
C LEU F 336 31.87 -18.07 -43.65
N LEU F 337 32.82 -18.48 -44.50
CA LEU F 337 33.59 -17.54 -45.36
C LEU F 337 32.81 -17.23 -46.64
N ASP F 338 32.09 -18.23 -47.16
CA ASP F 338 31.36 -18.16 -48.45
C ASP F 338 29.96 -17.59 -48.23
N ASP F 339 29.18 -18.23 -47.36
CA ASP F 339 27.71 -18.03 -47.16
C ASP F 339 27.47 -16.99 -46.07
N PRO F 340 27.22 -15.70 -46.40
CA PRO F 340 27.03 -14.65 -45.38
C PRO F 340 25.82 -14.84 -44.47
N GLU F 341 24.90 -15.74 -44.83
CA GLU F 341 23.68 -16.04 -44.04
C GLU F 341 24.09 -16.90 -42.83
N ALA F 342 24.91 -17.93 -43.05
CA ALA F 342 25.48 -18.80 -41.99
C ALA F 342 26.38 -17.97 -41.05
N TYR F 343 27.13 -17.03 -41.61
CA TYR F 343 28.02 -16.11 -40.85
C TYR F 343 27.19 -15.27 -39.88
N GLU F 344 26.11 -14.63 -40.36
CA GLU F 344 25.28 -13.70 -39.56
C GLU F 344 24.46 -14.50 -38.54
N ALA F 345 24.19 -15.77 -38.83
CA ALA F 345 23.47 -16.69 -37.92
C ALA F 345 24.29 -16.95 -36.64
N MET F 346 25.59 -16.66 -36.65
CA MET F 346 26.50 -16.90 -35.50
C MET F 346 26.88 -15.57 -34.83
N ARG F 347 26.15 -14.48 -35.10
CA ARG F 347 26.38 -13.16 -34.43
C ARG F 347 25.13 -12.69 -33.65
N VAL F 352 23.89 -10.95 -24.90
CA VAL F 352 25.14 -11.22 -24.12
C VAL F 352 24.93 -12.53 -23.34
N CYS F 353 25.75 -13.54 -23.67
CA CYS F 353 25.71 -14.88 -23.05
C CYS F 353 26.39 -14.86 -21.67
N TYR F 354 27.44 -14.04 -21.46
CA TYR F 354 28.42 -14.22 -20.35
C TYR F 354 28.59 -12.98 -19.47
N GLY F 355 27.62 -12.05 -19.47
CA GLY F 355 27.63 -10.83 -18.62
C GLY F 355 27.96 -9.56 -19.40
N GLU F 356 27.76 -8.41 -18.75
CA GLU F 356 27.72 -7.05 -19.39
C GLU F 356 29.07 -6.35 -19.28
N GLY F 357 29.96 -6.80 -18.39
CA GLY F 357 31.29 -6.22 -18.16
C GLY F 357 31.36 -5.44 -16.86
N ASP F 358 30.45 -5.72 -15.92
CA ASP F 358 30.33 -5.06 -14.59
C ASP F 358 30.37 -6.14 -13.49
N ALA F 359 31.00 -7.27 -13.77
CA ALA F 359 31.03 -8.46 -12.88
C ALA F 359 31.88 -8.17 -11.64
N ALA F 360 32.99 -7.46 -11.79
CA ALA F 360 33.87 -7.07 -10.66
C ALA F 360 33.02 -6.38 -9.58
N ALA F 361 32.21 -5.40 -9.99
CA ALA F 361 31.33 -4.62 -9.08
C ALA F 361 30.33 -5.55 -8.39
N ARG F 362 29.68 -6.45 -9.13
CA ARG F 362 28.65 -7.37 -8.60
C ARG F 362 29.31 -8.34 -7.60
N CYS F 363 30.56 -8.73 -7.83
CA CYS F 363 31.36 -9.54 -6.87
C CYS F 363 31.55 -8.75 -5.57
N LEU F 364 31.91 -7.48 -5.69
CA LEU F 364 32.19 -6.57 -4.54
C LEU F 364 30.94 -6.50 -3.66
N GLU F 365 29.78 -6.29 -4.26
CA GLU F 365 28.50 -6.14 -3.53
C GLU F 365 28.17 -7.45 -2.79
N ALA F 366 28.51 -8.60 -3.39
CA ALA F 366 28.34 -9.92 -2.76
C ALA F 366 29.25 -10.03 -1.54
N LEU F 367 30.53 -9.66 -1.69
CA LEU F 367 31.52 -9.70 -0.59
C LEU F 367 31.07 -8.78 0.55
N ARG F 368 30.72 -7.53 0.22
CA ARG F 368 30.23 -6.50 1.18
C ARG F 368 29.02 -7.07 1.94
N GLU F 369 28.01 -7.52 1.20
CA GLU F 369 26.78 -8.09 1.78
C GLU F 369 27.13 -9.21 2.78
N ARG F 370 28.06 -10.11 2.41
CA ARG F 370 28.30 -11.37 3.18
C ARG F 370 29.23 -11.10 4.37
N TRP F 371 30.32 -10.34 4.19
CA TRP F 371 31.41 -10.25 5.20
C TRP F 371 31.63 -8.81 5.71
N LEU F 372 30.81 -7.84 5.30
CA LEU F 372 30.89 -6.44 5.82
C LEU F 372 29.49 -5.99 6.23
N SER F 373 28.76 -6.88 6.90
CA SER F 373 27.44 -6.61 7.51
C SER F 373 27.26 -7.44 8.78
N SER F 374 26.37 -7.00 9.67
CA SER F 374 26.15 -7.56 11.02
C SER F 374 24.67 -7.58 11.32
N PRO F 375 24.16 -8.57 12.08
CA PRO F 375 22.74 -8.63 12.44
C PRO F 375 22.33 -7.55 13.46
N HIS G 1 -63.01 -46.11 27.34
CA HIS G 1 -63.30 -44.93 28.24
C HIS G 1 -62.22 -43.85 28.07
N MET G 2 -62.63 -42.58 28.17
CA MET G 2 -61.76 -41.40 27.92
C MET G 2 -60.68 -41.33 28.99
N ALA G 3 -59.41 -41.34 28.57
CA ALA G 3 -58.20 -41.09 29.38
C ALA G 3 -57.72 -39.66 29.09
N LEU G 4 -57.28 -38.92 30.12
CA LEU G 4 -56.50 -37.66 29.92
C LEU G 4 -55.17 -38.01 29.26
N ARG G 5 -55.01 -37.60 27.99
CA ARG G 5 -53.79 -37.85 27.20
C ARG G 5 -52.75 -36.79 27.58
N VAL G 6 -51.72 -37.22 28.32
CA VAL G 6 -50.68 -36.36 28.92
C VAL G 6 -49.43 -36.46 28.06
N GLY G 7 -49.13 -35.41 27.30
CA GLY G 7 -47.88 -35.26 26.53
C GLY G 7 -46.70 -35.16 27.46
N ILE G 8 -45.63 -35.89 27.15
CA ILE G 8 -44.35 -35.91 27.92
C ILE G 8 -43.24 -35.58 26.93
N VAL G 9 -42.64 -34.40 27.04
CA VAL G 9 -41.65 -33.91 26.05
C VAL G 9 -40.30 -33.71 26.74
N TYR G 10 -39.26 -34.35 26.22
CA TYR G 10 -37.88 -34.25 26.75
C TYR G 10 -36.87 -34.51 25.62
N GLY G 11 -35.60 -34.18 25.86
CA GLY G 11 -34.52 -34.39 24.88
C GLY G 11 -33.25 -34.98 25.46
N THR G 12 -33.16 -35.15 26.78
CA THR G 12 -31.89 -35.42 27.50
C THR G 12 -32.11 -36.44 28.62
N ARG G 13 -31.04 -37.14 29.01
CA ARG G 13 -30.98 -38.13 30.12
C ARG G 13 -31.63 -37.52 31.37
N PRO G 14 -31.14 -36.37 31.88
CA PRO G 14 -31.67 -35.79 33.13
C PRO G 14 -33.19 -35.61 33.11
N GLU G 15 -33.74 -35.08 32.02
CA GLU G 15 -35.21 -34.89 31.85
C GLU G 15 -35.88 -36.26 31.92
N ALA G 16 -35.35 -37.25 31.20
CA ALA G 16 -35.95 -38.59 31.07
C ALA G 16 -36.05 -39.26 32.44
N ILE G 17 -34.95 -39.25 33.21
CA ILE G 17 -34.89 -39.85 34.58
C ILE G 17 -35.97 -39.21 35.44
N LYS G 18 -36.09 -37.89 35.43
CA LYS G 18 -37.05 -37.15 36.29
C LYS G 18 -38.49 -37.37 35.81
N LEU G 19 -38.69 -37.60 34.52
CA LEU G 19 -40.06 -37.76 33.93
C LEU G 19 -40.50 -39.23 34.02
N ALA G 20 -39.56 -40.19 34.12
CA ALA G 20 -39.85 -41.64 34.08
C ALA G 20 -40.88 -42.02 35.16
N PRO G 21 -40.67 -41.64 36.45
CA PRO G 21 -41.64 -41.96 37.49
C PRO G 21 -43.07 -41.53 37.15
N LEU G 22 -43.20 -40.35 36.54
CA LEU G 22 -44.50 -39.72 36.17
C LEU G 22 -45.11 -40.52 35.01
N VAL G 23 -44.30 -40.85 33.99
CA VAL G 23 -44.76 -41.73 32.87
C VAL G 23 -45.31 -43.04 33.46
N LEU G 24 -44.55 -43.69 34.34
CA LEU G 24 -44.93 -45.00 34.92
C LEU G 24 -46.26 -44.87 35.68
N ALA G 25 -46.41 -43.84 36.52
CA ALA G 25 -47.64 -43.56 37.30
C ALA G 25 -48.82 -43.34 36.33
N LEU G 26 -48.61 -42.54 35.28
CA LEU G 26 -49.64 -42.25 34.25
C LEU G 26 -50.04 -43.55 33.54
N ASP G 27 -49.08 -44.45 33.30
CA ASP G 27 -49.29 -45.76 32.62
C ASP G 27 -50.12 -46.68 33.52
N ALA G 28 -49.79 -46.72 34.82
CA ALA G 28 -50.45 -47.55 35.85
C ALA G 28 -51.90 -47.12 36.05
N ASP G 29 -52.17 -45.82 36.18
CA ASP G 29 -53.53 -45.30 36.50
C ASP G 29 -54.35 -45.31 35.20
N PRO G 30 -55.58 -45.89 35.22
CA PRO G 30 -56.39 -46.00 33.99
C PRO G 30 -57.00 -44.68 33.49
N GLY G 31 -57.06 -43.64 34.33
CA GLY G 31 -57.63 -42.31 33.99
C GLY G 31 -56.74 -41.48 33.06
N PHE G 32 -55.49 -41.88 32.83
CA PHE G 32 -54.44 -41.12 32.10
C PHE G 32 -53.73 -42.02 31.07
N GLU G 33 -53.26 -41.42 29.98
CA GLU G 33 -52.36 -42.08 29.00
C GLU G 33 -51.17 -41.18 28.72
N PRO G 34 -49.93 -41.61 29.03
CA PRO G 34 -48.74 -40.84 28.68
C PRO G 34 -48.43 -40.96 27.19
N VAL G 35 -48.10 -39.84 26.56
CA VAL G 35 -47.70 -39.76 25.13
C VAL G 35 -46.34 -39.08 25.05
N ILE G 36 -45.29 -39.89 24.91
CA ILE G 36 -43.89 -39.39 24.90
C ILE G 36 -43.55 -38.88 23.49
N ILE G 37 -43.03 -37.67 23.41
CA ILE G 37 -42.45 -37.07 22.18
C ILE G 37 -41.05 -36.56 22.54
N THR G 38 -40.00 -37.11 21.94
CA THR G 38 -38.62 -36.70 22.25
C THR G 38 -38.16 -35.70 21.19
N THR G 39 -37.17 -34.87 21.55
CA THR G 39 -36.52 -33.89 20.64
C THR G 39 -35.07 -34.30 20.43
N GLY G 40 -34.63 -35.40 21.06
CA GLY G 40 -33.26 -35.94 20.98
C GLY G 40 -33.08 -36.73 19.69
N MET G 45 -27.36 -42.52 24.85
CA MET G 45 -27.53 -42.23 26.30
C MET G 45 -29.02 -42.33 26.70
N LEU G 46 -29.94 -42.02 25.78
CA LEU G 46 -31.41 -41.96 26.00
C LEU G 46 -32.06 -43.34 25.86
N ASP G 47 -31.68 -44.12 24.85
CA ASP G 47 -32.22 -45.49 24.60
C ASP G 47 -31.98 -46.38 25.82
N GLU G 48 -30.85 -46.21 26.50
CA GLU G 48 -30.49 -46.94 27.75
C GLU G 48 -31.56 -46.66 28.82
N ILE G 49 -31.94 -45.40 29.02
CA ILE G 49 -32.89 -44.94 30.07
C ILE G 49 -34.31 -45.32 29.65
N ASN G 50 -34.64 -45.14 28.37
CA ASN G 50 -35.95 -45.54 27.80
C ASN G 50 -36.18 -47.04 28.09
N GLU G 51 -35.15 -47.88 27.83
CA GLU G 51 -35.20 -49.35 28.04
C GLU G 51 -35.37 -49.66 29.54
N LEU G 52 -34.55 -49.04 30.38
CA LEU G 52 -34.51 -49.29 31.85
C LEU G 52 -35.89 -49.06 32.48
N PHE G 53 -36.61 -48.01 32.08
CA PHE G 53 -37.90 -47.58 32.69
C PHE G 53 -39.09 -47.97 31.80
N GLY G 54 -38.83 -48.58 30.63
CA GLY G 54 -39.88 -49.04 29.71
C GLY G 54 -40.61 -47.88 29.06
N LEU G 55 -39.92 -46.76 28.82
CA LEU G 55 -40.44 -45.60 28.07
C LEU G 55 -40.44 -45.94 26.58
N ARG G 56 -41.57 -45.74 25.89
CA ARG G 56 -41.74 -46.02 24.44
C ARG G 56 -42.19 -44.73 23.75
N PRO G 57 -41.26 -43.93 23.19
CA PRO G 57 -41.61 -42.72 22.45
C PRO G 57 -42.57 -42.97 21.28
N ARG G 58 -43.65 -42.18 21.16
CA ARG G 58 -44.61 -42.24 20.03
C ARG G 58 -44.00 -41.52 18.82
N HIS G 59 -43.23 -40.45 19.04
CA HIS G 59 -42.49 -39.72 17.97
C HIS G 59 -41.14 -39.24 18.49
N ASN G 60 -40.14 -39.24 17.60
CA ASN G 60 -38.78 -38.70 17.84
C ASN G 60 -38.48 -37.66 16.76
N LEU G 61 -38.69 -36.38 17.04
CA LEU G 61 -38.19 -35.28 16.16
C LEU G 61 -36.66 -35.31 16.25
N ASP G 62 -35.97 -35.15 15.14
CA ASP G 62 -34.49 -35.32 15.11
C ASP G 62 -33.87 -33.92 15.09
N ILE G 63 -34.13 -33.15 16.14
CA ILE G 63 -33.88 -31.68 16.16
C ILE G 63 -32.55 -31.38 16.85
N MET G 64 -32.26 -31.97 18.00
CA MET G 64 -31.06 -31.65 18.82
C MET G 64 -29.83 -32.42 18.35
N ARG G 65 -28.73 -31.72 18.04
CA ARG G 65 -27.38 -32.34 17.86
C ARG G 65 -26.34 -31.44 18.52
N PRO G 66 -25.10 -31.90 18.78
CA PRO G 66 -24.02 -31.01 19.20
C PRO G 66 -23.73 -29.97 18.08
N GLY G 67 -23.34 -28.75 18.48
CA GLY G 67 -22.95 -27.67 17.55
C GLY G 67 -24.11 -27.17 16.72
N GLN G 68 -25.24 -26.88 17.38
CA GLN G 68 -26.39 -26.16 16.79
C GLN G 68 -26.63 -24.87 17.58
N ARG G 69 -26.97 -23.78 16.89
CA ARG G 69 -27.37 -22.49 17.48
C ARG G 69 -28.67 -22.68 18.28
N LEU G 70 -28.78 -22.02 19.43
CA LEU G 70 -30.00 -22.09 20.29
C LEU G 70 -31.24 -21.69 19.48
N SER G 71 -31.15 -20.59 18.72
CA SER G 71 -32.25 -20.02 17.89
C SER G 71 -32.76 -21.05 16.88
N ALA G 72 -31.86 -21.79 16.22
CA ALA G 72 -32.24 -22.81 15.21
C ALA G 72 -32.99 -23.95 15.90
N MET G 73 -32.49 -24.40 17.05
CA MET G 73 -33.11 -25.51 17.80
C MET G 73 -34.52 -25.10 18.26
N ALA G 74 -34.64 -23.95 18.92
CA ALA G 74 -35.91 -23.41 19.45
C ALA G 74 -36.91 -23.25 18.30
N SER G 75 -36.45 -22.65 17.20
CA SER G 75 -37.23 -22.42 15.96
C SER G 75 -37.86 -23.75 15.50
N ARG G 76 -37.08 -24.83 15.50
CA ARG G 76 -37.52 -26.13 14.96
C ARG G 76 -38.57 -26.72 15.90
N ILE G 77 -38.35 -26.68 17.22
CA ILE G 77 -39.30 -27.26 18.22
C ILE G 77 -40.62 -26.50 18.15
N VAL G 78 -40.56 -25.16 18.18
CA VAL G 78 -41.76 -24.27 18.07
C VAL G 78 -42.50 -24.59 16.77
N GLY G 79 -41.74 -24.76 15.68
CA GLY G 79 -42.27 -25.00 14.33
C GLY G 79 -42.95 -26.34 14.19
N GLU G 80 -42.43 -27.40 14.82
CA GLU G 80 -42.72 -28.79 14.40
C GLU G 80 -43.41 -29.61 15.48
N LEU G 81 -43.44 -29.18 16.75
CA LEU G 81 -43.97 -30.06 17.83
C LEU G 81 -45.50 -30.03 17.85
N GLY G 82 -46.12 -28.95 17.36
CA GLY G 82 -47.58 -28.82 17.31
C GLY G 82 -48.26 -30.03 16.68
N ASP G 83 -47.80 -30.45 15.50
CA ASP G 83 -48.44 -31.51 14.67
C ASP G 83 -48.50 -32.81 15.47
N PRO G 84 -47.36 -33.40 15.91
CA PRO G 84 -47.40 -34.61 16.71
C PRO G 84 -48.28 -34.48 17.96
N LEU G 85 -48.33 -33.31 18.60
CA LEU G 85 -49.20 -33.10 19.78
C LEU G 85 -50.67 -33.20 19.36
N LEU G 86 -51.01 -32.68 18.18
CA LEU G 86 -52.41 -32.69 17.67
C LEU G 86 -52.76 -34.11 17.20
N ASP G 87 -51.90 -34.74 16.38
CA ASP G 87 -52.06 -36.12 15.84
C ASP G 87 -52.29 -37.12 16.98
N GLU G 88 -51.57 -36.97 18.09
CA GLU G 88 -51.63 -37.91 19.24
C GLU G 88 -52.75 -37.49 20.20
N LEU G 89 -53.50 -36.43 19.88
CA LEU G 89 -54.72 -36.02 20.61
C LEU G 89 -54.35 -35.73 22.07
N VAL G 90 -53.25 -35.00 22.29
CA VAL G 90 -52.74 -34.61 23.63
C VAL G 90 -53.69 -33.56 24.20
N ASP G 91 -54.08 -33.75 25.46
CA ASP G 91 -55.01 -32.85 26.19
C ASP G 91 -54.19 -31.87 27.03
N VAL G 92 -53.04 -32.32 27.55
CA VAL G 92 -52.17 -31.60 28.52
C VAL G 92 -50.73 -32.00 28.23
N ALA G 93 -49.79 -31.05 28.27
CA ALA G 93 -48.37 -31.33 28.04
C ALA G 93 -47.59 -31.07 29.33
N VAL G 94 -46.68 -31.97 29.67
CA VAL G 94 -45.73 -31.82 30.81
C VAL G 94 -44.33 -31.65 30.25
N VAL G 95 -43.61 -30.64 30.72
CA VAL G 95 -42.17 -30.41 30.43
C VAL G 95 -41.45 -30.40 31.77
N GLN G 96 -40.16 -30.72 31.78
CA GLN G 96 -39.36 -30.81 33.02
C GLN G 96 -38.18 -29.83 32.97
N GLY G 97 -37.94 -29.12 34.07
CA GLY G 97 -36.66 -28.47 34.38
C GLY G 97 -36.48 -27.15 33.64
N ASP G 98 -35.27 -26.93 33.15
CA ASP G 98 -34.75 -25.62 32.69
C ASP G 98 -34.25 -25.71 31.24
N THR G 99 -34.53 -26.80 30.54
CA THR G 99 -33.95 -27.07 29.19
C THR G 99 -34.65 -26.16 28.16
N SER G 100 -33.96 -25.85 27.06
CA SER G 100 -34.53 -25.06 25.95
C SER G 100 -35.65 -25.87 25.29
N THR G 101 -35.63 -27.19 25.39
CA THR G 101 -36.73 -28.08 24.93
C THR G 101 -37.99 -27.78 25.76
N ALA G 102 -37.87 -27.81 27.09
CA ALA G 102 -39.01 -27.58 28.00
C ALA G 102 -39.67 -26.24 27.65
N PHE G 103 -38.87 -25.21 27.39
CA PHE G 103 -39.40 -23.88 27.04
C PHE G 103 -40.08 -23.92 25.66
N ALA G 104 -39.36 -24.32 24.63
CA ALA G 104 -39.87 -24.30 23.24
C ALA G 104 -41.09 -25.21 23.12
N ALA G 105 -41.06 -26.39 23.73
CA ALA G 105 -42.21 -27.33 23.74
C ALA G 105 -43.41 -26.69 24.43
N ALA G 106 -43.19 -26.03 25.58
CA ALA G 106 -44.27 -25.37 26.32
C ALA G 106 -44.89 -24.28 25.43
N TYR G 107 -44.07 -23.48 24.74
CA TYR G 107 -44.58 -22.43 23.83
C TYR G 107 -45.39 -23.08 22.70
N ALA G 108 -44.88 -24.15 22.09
CA ALA G 108 -45.57 -24.90 21.01
C ALA G 108 -46.93 -25.38 21.52
N ALA G 109 -46.96 -25.99 22.70
CA ALA G 109 -48.22 -26.47 23.32
C ALA G 109 -49.19 -25.29 23.44
N ALA G 110 -48.71 -24.16 23.95
CA ALA G 110 -49.54 -22.96 24.22
C ALA G 110 -50.14 -22.43 22.92
N CYS G 111 -49.37 -22.44 21.82
CA CYS G 111 -49.85 -22.02 20.46
C CYS G 111 -51.07 -22.85 20.06
N GLU G 112 -51.13 -24.14 20.42
CA GLU G 112 -52.26 -25.06 20.09
C GLU G 112 -53.29 -25.06 21.22
N ARG G 113 -53.21 -24.13 22.17
CA ARG G 113 -54.13 -24.03 23.33
C ARG G 113 -54.16 -25.35 24.11
N ILE G 114 -53.05 -26.08 24.11
CA ILE G 114 -52.81 -27.28 24.99
C ILE G 114 -52.28 -26.78 26.33
N PRO G 115 -53.02 -26.95 27.44
CA PRO G 115 -52.52 -26.56 28.76
C PRO G 115 -51.20 -27.26 29.09
N VAL G 116 -50.32 -26.58 29.84
CA VAL G 116 -48.95 -27.06 30.18
C VAL G 116 -48.83 -27.18 31.70
N ALA G 117 -48.22 -28.27 32.13
CA ALA G 117 -47.76 -28.47 33.52
C ALA G 117 -46.23 -28.55 33.51
N HIS G 118 -45.60 -27.99 34.54
CA HIS G 118 -44.13 -27.91 34.66
C HIS G 118 -43.67 -28.77 35.82
N LEU G 119 -42.90 -29.82 35.54
CA LEU G 119 -42.29 -30.71 36.57
C LEU G 119 -40.95 -30.10 36.98
N GLU G 120 -40.75 -29.94 38.29
CA GLU G 120 -39.56 -29.35 38.97
C GLU G 120 -39.56 -27.84 38.73
N ALA G 121 -40.55 -27.14 39.29
CA ALA G 121 -40.82 -25.70 39.06
C ALA G 121 -40.33 -24.89 40.26
N GLY G 122 -39.75 -23.71 40.01
CA GLY G 122 -39.48 -22.67 41.03
C GLY G 122 -38.02 -22.61 41.49
N LEU G 123 -37.14 -23.52 41.06
CA LEU G 123 -35.71 -23.44 41.44
C LEU G 123 -35.13 -22.12 40.87
N ARG G 124 -34.45 -21.33 41.69
CA ARG G 124 -33.84 -20.04 41.31
C ARG G 124 -32.46 -19.92 41.94
N THR G 125 -31.48 -19.42 41.18
CA THR G 125 -30.14 -19.02 41.67
C THR G 125 -30.27 -17.64 42.32
N GLY G 126 -31.04 -16.75 41.68
CA GLY G 126 -31.21 -15.34 42.08
C GLY G 126 -30.33 -14.39 41.27
N ASP G 127 -29.49 -14.92 40.39
CA ASP G 127 -28.55 -14.14 39.52
C ASP G 127 -29.04 -14.24 38.07
N ARG G 128 -29.32 -13.09 37.43
CA ARG G 128 -30.03 -12.98 36.12
C ARG G 128 -29.15 -13.53 34.98
N PHE G 129 -29.73 -14.37 34.11
CA PHE G 129 -29.10 -15.01 32.91
C PHE G 129 -27.84 -15.80 33.34
N GLU G 130 -27.81 -16.27 34.58
CA GLU G 130 -26.69 -17.01 35.20
C GLU G 130 -27.24 -18.26 35.90
N PRO G 131 -27.14 -19.46 35.28
CA PRO G 131 -26.53 -19.66 33.97
C PRO G 131 -27.49 -19.34 32.81
N PHE G 132 -26.96 -19.21 31.59
CA PHE G 132 -27.75 -18.95 30.35
C PHE G 132 -27.68 -20.19 29.47
N PRO G 133 -28.81 -20.69 28.92
CA PRO G 133 -30.11 -20.04 29.07
C PRO G 133 -31.05 -20.61 30.16
N GLU G 134 -30.54 -21.42 31.07
CA GLU G 134 -31.39 -22.21 32.02
C GLU G 134 -32.27 -21.29 32.85
N GLU G 135 -31.70 -20.19 33.37
CA GLU G 135 -32.41 -19.32 34.34
C GLU G 135 -33.57 -18.62 33.62
N ILE G 136 -33.36 -18.14 32.40
CA ILE G 136 -34.43 -17.45 31.61
C ILE G 136 -35.48 -18.49 31.18
N ASN G 137 -35.07 -19.71 30.86
CA ASN G 137 -36.01 -20.79 30.45
C ASN G 137 -37.03 -21.05 31.56
N ARG G 138 -36.56 -21.23 32.80
CA ARG G 138 -37.41 -21.44 34.00
C ARG G 138 -38.43 -20.32 34.09
N ARG G 139 -38.00 -19.07 33.96
CA ARG G 139 -38.91 -17.90 34.13
C ARG G 139 -39.92 -17.85 32.99
N LEU G 140 -39.55 -18.27 31.77
CA LEU G 140 -40.46 -18.29 30.60
C LEU G 140 -41.46 -19.45 30.76
N ILE G 141 -40.99 -20.64 31.09
CA ILE G 141 -41.88 -21.82 31.30
C ILE G 141 -42.88 -21.46 32.40
N THR G 142 -42.41 -20.76 33.42
CA THR G 142 -43.22 -20.39 34.61
C THR G 142 -44.45 -19.60 34.18
N GLN G 143 -44.32 -18.69 33.20
CA GLN G 143 -45.45 -17.87 32.69
C GLN G 143 -46.33 -18.70 31.76
N LEU G 144 -45.79 -19.71 31.07
CA LEU G 144 -46.55 -20.54 30.10
C LEU G 144 -47.39 -21.59 30.83
N ALA G 145 -46.84 -22.19 31.89
CA ALA G 145 -47.46 -23.35 32.59
C ALA G 145 -48.74 -22.91 33.33
N ASP G 146 -49.79 -23.74 33.26
CA ASP G 146 -51.05 -23.58 34.03
C ASP G 146 -50.87 -24.17 35.43
N LEU G 147 -50.00 -25.17 35.54
CA LEU G 147 -49.81 -26.01 36.74
C LEU G 147 -48.31 -26.17 36.97
N HIS G 148 -47.86 -26.02 38.22
CA HIS G 148 -46.43 -26.06 38.63
C HIS G 148 -46.24 -27.10 39.73
N PHE G 149 -45.48 -28.16 39.48
CA PHE G 149 -45.09 -29.19 40.47
C PHE G 149 -43.77 -28.76 41.10
N ALA G 150 -43.84 -27.98 42.18
CA ALA G 150 -42.69 -27.48 42.96
C ALA G 150 -42.14 -28.64 43.80
N PRO G 151 -40.79 -28.79 43.90
CA PRO G 151 -40.21 -29.84 44.72
C PRO G 151 -40.06 -29.49 46.21
N THR G 152 -40.14 -28.21 46.56
CA THR G 152 -39.98 -27.71 47.95
C THR G 152 -40.88 -26.50 48.16
N ALA G 153 -41.07 -26.10 49.42
CA ALA G 153 -41.84 -24.89 49.79
C ALA G 153 -41.07 -23.63 49.32
N ASP G 154 -39.74 -23.64 49.41
CA ASP G 154 -38.86 -22.56 48.91
C ASP G 154 -39.17 -22.29 47.42
N ALA G 155 -39.19 -23.35 46.60
CA ALA G 155 -39.48 -23.27 45.15
C ALA G 155 -40.88 -22.70 44.92
N ALA G 156 -41.87 -23.15 45.70
CA ALA G 156 -43.26 -22.65 45.60
C ALA G 156 -43.27 -21.14 45.86
N GLY G 157 -42.50 -20.67 46.83
CA GLY G 157 -42.39 -19.23 47.14
C GLY G 157 -41.88 -18.44 45.96
N ASN G 158 -40.86 -18.95 45.28
CA ASN G 158 -40.24 -18.30 44.09
C ASN G 158 -41.29 -18.11 43.00
N LEU G 159 -42.19 -19.08 42.82
CA LEU G 159 -43.28 -18.98 41.81
C LEU G 159 -44.24 -17.86 42.21
N LEU G 160 -44.65 -17.78 43.48
CA LEU G 160 -45.57 -16.71 43.98
C LEU G 160 -44.95 -15.33 43.70
N ALA G 161 -43.64 -15.21 43.86
CA ALA G 161 -42.89 -13.94 43.68
C ALA G 161 -42.88 -13.51 42.19
N GLU G 162 -43.16 -14.44 41.27
CA GLU G 162 -43.21 -14.15 39.82
C GLU G 162 -44.66 -14.11 39.35
N GLY G 163 -45.60 -14.08 40.28
CA GLY G 163 -47.01 -13.68 40.02
C GLY G 163 -47.93 -14.87 39.83
N VAL G 164 -47.44 -16.08 40.02
CA VAL G 164 -48.25 -17.32 39.87
C VAL G 164 -49.27 -17.39 41.02
N ARG G 165 -50.52 -17.69 40.68
CA ARG G 165 -51.62 -17.93 41.67
C ARG G 165 -51.28 -19.17 42.51
N SER G 166 -51.43 -19.07 43.82
CA SER G 166 -51.18 -20.16 44.79
C SER G 166 -51.89 -21.46 44.40
N ASP G 167 -53.10 -21.41 43.83
CA ASP G 167 -53.89 -22.62 43.48
C ASP G 167 -53.29 -23.37 42.30
N ASP G 168 -52.33 -22.77 41.59
CA ASP G 168 -51.66 -23.39 40.41
C ASP G 168 -50.35 -24.07 40.85
N VAL G 169 -49.97 -23.98 42.13
CA VAL G 169 -48.69 -24.54 42.67
C VAL G 169 -48.99 -25.70 43.61
N TYR G 170 -48.49 -26.89 43.28
CA TYR G 170 -48.47 -28.08 44.17
C TYR G 170 -47.02 -28.35 44.57
N VAL G 171 -46.73 -28.44 45.87
CA VAL G 171 -45.43 -28.91 46.40
C VAL G 171 -45.48 -30.44 46.40
N THR G 172 -44.97 -31.07 45.33
CA THR G 172 -45.04 -32.53 45.08
C THR G 172 -43.75 -33.24 45.52
N GLY G 173 -42.69 -32.48 45.80
CA GLY G 173 -41.32 -33.03 45.93
C GLY G 173 -40.77 -33.40 44.56
N ASN G 174 -39.54 -33.92 44.51
CA ASN G 174 -38.79 -34.16 43.27
C ASN G 174 -38.93 -35.64 42.88
N THR G 175 -39.27 -35.89 41.61
CA THR G 175 -39.47 -37.24 41.03
C THR G 175 -38.13 -37.97 40.94
N VAL G 176 -37.01 -37.25 41.04
CA VAL G 176 -35.65 -37.89 40.99
C VAL G 176 -35.53 -38.87 42.17
N ILE G 177 -36.22 -38.59 43.29
CA ILE G 177 -36.21 -39.49 44.48
C ILE G 177 -37.00 -40.77 44.14
N ASP G 178 -38.18 -40.64 43.55
CA ASP G 178 -38.98 -41.79 43.03
C ASP G 178 -38.07 -42.67 42.15
N ALA G 179 -37.32 -42.04 41.25
CA ALA G 179 -36.50 -42.70 40.20
C ALA G 179 -35.38 -43.50 40.86
N MET G 180 -34.71 -42.90 41.85
CA MET G 180 -33.70 -43.58 42.70
C MET G 180 -34.29 -44.88 43.25
N HIS G 181 -35.46 -44.80 43.89
CA HIS G 181 -36.13 -45.94 44.57
C HIS G 181 -36.43 -47.03 43.53
N LEU G 182 -36.80 -46.65 42.30
CA LEU G 182 -37.15 -47.61 41.22
C LEU G 182 -35.91 -48.37 40.72
N VAL G 183 -34.67 -47.94 41.01
CA VAL G 183 -33.47 -48.65 40.45
C VAL G 183 -32.85 -49.88 41.21
N LEU G 184 -33.35 -51.02 40.75
CA LEU G 184 -32.84 -52.36 41.11
C LEU G 184 -31.52 -52.66 40.37
N ASP G 185 -30.54 -53.15 41.13
CA ASP G 185 -29.23 -53.72 40.69
C ASP G 185 -29.48 -54.96 39.82
N GLU G 194 -15.88 -54.53 37.10
CA GLU G 194 -14.69 -53.63 37.09
C GLU G 194 -14.89 -52.51 38.11
N LEU G 195 -16.11 -51.97 38.21
CA LEU G 195 -16.42 -50.83 39.13
C LEU G 195 -16.28 -51.33 40.57
N ASP G 196 -16.85 -52.51 40.85
CA ASP G 196 -16.81 -53.18 42.17
C ASP G 196 -15.35 -53.54 42.48
N ALA G 197 -14.64 -54.16 41.55
CA ALA G 197 -13.20 -54.49 41.65
C ALA G 197 -12.41 -53.25 42.08
N PHE G 198 -12.73 -52.08 41.52
CA PHE G 198 -11.96 -50.82 41.73
C PHE G 198 -12.29 -50.21 43.10
N THR G 199 -13.53 -50.34 43.57
CA THR G 199 -14.06 -49.65 44.79
C THR G 199 -13.93 -50.56 46.03
N GLU G 200 -14.25 -51.84 45.90
CA GLU G 200 -14.11 -52.91 46.94
C GLU G 200 -13.09 -52.54 48.01
N GLY G 201 -13.54 -52.29 49.25
CA GLY G 201 -12.67 -52.06 50.41
C GLY G 201 -11.76 -50.83 50.27
N ARG G 202 -12.21 -49.80 49.55
CA ARG G 202 -11.50 -48.51 49.40
C ARG G 202 -12.47 -47.35 49.61
N GLN G 203 -11.98 -46.26 50.20
CA GLN G 203 -12.69 -44.95 50.27
C GLN G 203 -12.69 -44.34 48.85
N THR G 204 -13.89 -44.28 48.25
CA THR G 204 -14.11 -43.85 46.85
C THR G 204 -14.89 -42.52 46.82
N VAL G 205 -14.29 -41.49 46.22
CA VAL G 205 -14.98 -40.21 45.91
C VAL G 205 -15.64 -40.32 44.53
N LEU G 206 -16.92 -39.97 44.42
CA LEU G 206 -17.64 -39.87 43.12
C LEU G 206 -17.60 -38.41 42.66
N LEU G 207 -17.10 -38.16 41.44
CA LEU G 207 -17.03 -36.81 40.83
C LEU G 207 -17.70 -36.84 39.45
N THR G 208 -18.66 -35.96 39.22
CA THR G 208 -19.25 -35.64 37.90
C THR G 208 -19.19 -34.13 37.72
N MET G 209 -18.80 -33.66 36.54
CA MET G 209 -18.69 -32.21 36.25
C MET G 209 -18.98 -32.02 34.76
N HIS G 210 -19.91 -31.13 34.40
CA HIS G 210 -20.44 -31.01 33.02
C HIS G 210 -20.85 -29.59 32.66
N ARG G 211 -21.05 -28.68 33.60
CA ARG G 211 -21.61 -27.34 33.30
C ARG G 211 -20.69 -26.62 32.30
N ARG G 212 -21.28 -26.06 31.24
CA ARG G 212 -20.58 -25.41 30.09
C ARG G 212 -19.70 -24.27 30.59
N GLU G 213 -20.18 -23.48 31.54
CA GLU G 213 -19.45 -22.29 32.08
C GLU G 213 -18.15 -22.71 32.79
N SER G 214 -17.91 -24.01 33.00
CA SER G 214 -16.74 -24.54 33.73
C SER G 214 -15.75 -25.22 32.79
N TRP G 215 -16.12 -25.41 31.52
CA TRP G 215 -15.26 -26.07 30.50
C TRP G 215 -13.91 -25.34 30.41
N GLY G 216 -12.83 -26.08 30.17
CA GLY G 216 -11.47 -25.55 30.02
C GLY G 216 -10.76 -25.36 31.36
N ILE G 217 -10.38 -24.12 31.67
CA ILE G 217 -9.47 -23.81 32.82
C ILE G 217 -10.09 -24.35 34.10
N PRO G 218 -11.36 -23.99 34.44
CA PRO G 218 -11.94 -24.36 35.72
C PRO G 218 -11.97 -25.88 35.95
N MET G 219 -12.33 -26.67 34.94
CA MET G 219 -12.26 -28.16 35.00
C MET G 219 -10.82 -28.61 35.27
N GLY G 220 -9.85 -27.99 34.61
CA GLY G 220 -8.41 -28.21 34.84
C GLY G 220 -8.07 -28.04 36.30
N ARG G 221 -8.55 -26.96 36.92
CA ARG G 221 -8.32 -26.68 38.36
C ARG G 221 -8.90 -27.82 39.21
N VAL G 222 -10.11 -28.30 38.89
CA VAL G 222 -10.77 -29.41 39.63
C VAL G 222 -9.97 -30.70 39.44
N ALA G 223 -9.48 -30.97 38.23
CA ALA G 223 -8.65 -32.15 37.92
C ALA G 223 -7.32 -32.07 38.69
N ALA G 224 -6.74 -30.87 38.81
CA ALA G 224 -5.53 -30.60 39.62
C ALA G 224 -5.78 -30.98 41.08
N ALA G 225 -6.91 -30.55 41.64
CA ALA G 225 -7.35 -30.84 43.02
C ALA G 225 -7.44 -32.36 43.23
N VAL G 226 -8.00 -33.10 42.28
CA VAL G 226 -8.14 -34.58 42.35
C VAL G 226 -6.73 -35.19 42.37
N ALA G 227 -5.80 -34.64 41.59
CA ALA G 227 -4.39 -35.08 41.49
C ALA G 227 -3.69 -34.88 42.85
N GLU G 228 -3.77 -33.68 43.40
CA GLU G 228 -3.13 -33.35 44.71
C GLU G 228 -3.65 -34.31 45.78
N LEU G 229 -4.97 -34.45 45.93
CA LEU G 229 -5.62 -35.36 46.91
C LEU G 229 -5.11 -36.79 46.70
N CYS G 230 -4.97 -37.24 45.45
CA CYS G 230 -4.58 -38.64 45.12
C CYS G 230 -3.16 -38.94 45.62
N ARG G 231 -2.20 -38.06 45.31
CA ARG G 231 -0.77 -38.23 45.68
C ARG G 231 -0.64 -38.16 47.20
N SER G 232 -1.36 -37.22 47.84
CA SER G 232 -1.35 -36.99 49.31
C SER G 232 -1.95 -38.17 50.07
N ARG G 233 -2.83 -38.97 49.47
CA ARG G 233 -3.67 -39.97 50.19
C ARG G 233 -3.73 -41.28 49.40
N PRO G 234 -2.64 -42.07 49.39
CA PRO G 234 -2.54 -43.29 48.58
C PRO G 234 -3.72 -44.27 48.61
N THR G 235 -4.50 -44.31 49.70
CA THR G 235 -5.66 -45.25 49.85
C THR G 235 -6.91 -44.68 49.18
N LEU G 236 -6.91 -43.38 48.87
CA LEU G 236 -8.07 -42.66 48.29
C LEU G 236 -8.24 -43.07 46.82
N ARG G 237 -9.48 -43.29 46.40
CA ARG G 237 -9.86 -43.61 45.01
C ARG G 237 -10.90 -42.59 44.54
N PHE G 238 -10.87 -42.26 43.25
CA PHE G 238 -11.91 -41.46 42.54
C PHE G 238 -12.48 -42.28 41.38
N VAL G 239 -13.80 -42.28 41.24
CA VAL G 239 -14.51 -42.70 40.00
C VAL G 239 -15.11 -41.44 39.39
N ILE G 240 -14.79 -41.17 38.11
CA ILE G 240 -15.24 -39.97 37.37
C ILE G 240 -15.91 -40.43 36.07
N PRO G 241 -17.25 -40.57 36.07
CA PRO G 241 -18.01 -40.74 34.83
C PRO G 241 -18.00 -39.40 34.07
N LEU G 242 -17.48 -39.44 32.84
CA LEU G 242 -17.22 -38.24 32.01
C LEU G 242 -18.45 -37.93 31.17
N HIS G 243 -18.90 -36.68 31.23
CA HIS G 243 -19.93 -36.10 30.32
C HIS G 243 -19.49 -36.35 28.88
N PRO G 244 -20.40 -36.79 27.98
CA PRO G 244 -20.01 -37.15 26.61
C PRO G 244 -19.83 -35.89 25.76
N ASN G 245 -18.70 -35.22 25.96
CA ASN G 245 -18.21 -34.08 25.14
C ASN G 245 -16.69 -34.22 25.06
N PRO G 246 -16.06 -34.17 23.87
CA PRO G 246 -14.62 -34.43 23.75
C PRO G 246 -13.74 -33.40 24.48
N GLU G 247 -14.21 -32.16 24.68
CA GLU G 247 -13.47 -31.08 25.39
C GLU G 247 -13.43 -31.37 26.89
N VAL G 248 -14.52 -31.93 27.44
CA VAL G 248 -14.61 -32.33 28.87
C VAL G 248 -13.70 -33.55 29.09
N ARG G 249 -13.80 -34.54 28.20
CA ARG G 249 -13.02 -35.80 28.30
C ARG G 249 -11.52 -35.49 28.20
N ARG G 250 -11.12 -34.50 27.42
CA ARG G 250 -9.69 -34.21 27.14
C ARG G 250 -9.05 -33.60 28.40
N VAL G 251 -9.75 -32.68 29.06
CA VAL G 251 -9.21 -31.99 30.26
C VAL G 251 -8.96 -33.02 31.36
N PHE G 252 -9.91 -33.93 31.61
CA PHE G 252 -9.78 -34.98 32.66
C PHE G 252 -8.72 -36.00 32.24
N ARG G 253 -8.78 -36.48 30.99
CA ARG G 253 -7.87 -37.54 30.46
C ARG G 253 -6.42 -37.03 30.54
N SER G 254 -6.17 -35.79 30.11
CA SER G 254 -4.81 -35.19 30.03
C SER G 254 -4.26 -34.93 31.43
N HIS G 255 -5.11 -34.80 32.45
CA HIS G 255 -4.69 -34.51 33.85
C HIS G 255 -4.58 -35.80 34.69
N LEU G 256 -5.36 -36.84 34.42
CA LEU G 256 -5.60 -37.94 35.41
C LEU G 256 -5.47 -39.36 34.83
N SER G 257 -5.28 -39.55 33.51
CA SER G 257 -5.39 -40.88 32.88
C SER G 257 -4.26 -41.82 33.33
N SER G 258 -3.16 -41.28 33.87
CA SER G 258 -1.97 -42.05 34.33
C SER G 258 -2.10 -42.50 35.79
N LEU G 259 -2.86 -41.77 36.61
CA LEU G 259 -3.07 -42.05 38.05
C LEU G 259 -3.99 -43.26 38.21
N THR G 260 -3.52 -44.38 38.76
CA THR G 260 -4.33 -45.63 38.90
C THR G 260 -5.26 -45.51 40.11
N GLN G 261 -5.17 -44.42 40.88
CA GLN G 261 -6.15 -44.09 41.96
C GLN G 261 -7.46 -43.53 41.37
N VAL G 262 -7.42 -43.03 40.13
CA VAL G 262 -8.59 -42.46 39.40
C VAL G 262 -9.05 -43.48 38.36
N LEU G 263 -10.35 -43.79 38.33
CA LEU G 263 -10.99 -44.54 37.23
C LEU G 263 -11.91 -43.58 36.45
N LEU G 264 -11.44 -43.09 35.30
CA LEU G 264 -12.27 -42.30 34.36
C LEU G 264 -13.22 -43.29 33.68
N CYS G 265 -14.51 -42.96 33.58
CA CYS G 265 -15.56 -43.87 33.04
C CYS G 265 -16.32 -43.19 31.90
N GLU G 266 -16.96 -43.99 31.06
CA GLU G 266 -18.09 -43.55 30.18
C GLU G 266 -19.25 -43.26 31.12
N PRO G 267 -20.26 -42.45 30.71
CA PRO G 267 -21.49 -42.35 31.48
C PRO G 267 -21.98 -43.75 31.86
N LEU G 268 -22.40 -43.94 33.11
CA LEU G 268 -22.97 -45.21 33.62
C LEU G 268 -24.50 -45.17 33.51
N ARG G 269 -25.10 -46.33 33.25
CA ARG G 269 -26.57 -46.54 33.29
C ARG G 269 -27.05 -46.15 34.69
N TYR G 270 -28.26 -45.61 34.80
CA TYR G 270 -28.76 -44.94 36.02
C TYR G 270 -28.62 -45.85 37.23
N SER G 271 -28.94 -47.14 37.08
CA SER G 271 -28.84 -48.17 38.16
C SER G 271 -27.38 -48.28 38.62
N GLU G 272 -26.46 -48.56 37.71
CA GLU G 272 -25.00 -48.65 37.99
C GLU G 272 -24.53 -47.38 38.70
N PHE G 273 -25.02 -46.21 38.28
CA PHE G 273 -24.56 -44.88 38.78
C PHE G 273 -25.05 -44.68 40.22
N ILE G 274 -26.32 -45.00 40.49
CA ILE G 274 -26.93 -44.84 41.85
C ILE G 274 -26.26 -45.83 42.81
N ARG G 275 -26.00 -47.05 42.36
CA ARG G 275 -25.25 -48.08 43.13
C ARG G 275 -23.88 -47.50 43.52
N LEU G 276 -23.13 -46.95 42.56
CA LEU G 276 -21.79 -46.36 42.79
C LEU G 276 -21.91 -45.22 43.83
N MET G 277 -22.95 -44.39 43.73
CA MET G 277 -23.12 -43.24 44.63
C MET G 277 -23.34 -43.75 46.06
N HIS G 278 -24.02 -44.90 46.18
CA HIS G 278 -24.32 -45.60 47.46
C HIS G 278 -23.02 -46.07 48.14
N ARG G 279 -22.02 -46.49 47.36
CA ARG G 279 -20.71 -47.02 47.82
C ARG G 279 -19.73 -45.87 48.08
N ALA G 280 -19.96 -44.69 47.50
CA ALA G 280 -19.03 -43.54 47.56
C ALA G 280 -19.01 -43.02 49.00
N VAL G 281 -17.87 -42.51 49.47
CA VAL G 281 -17.77 -41.88 50.81
C VAL G 281 -18.31 -40.45 50.73
N LEU G 282 -18.08 -39.78 49.61
CA LEU G 282 -18.67 -38.43 49.37
C LEU G 282 -18.70 -38.13 47.86
N VAL G 283 -19.38 -37.04 47.49
CA VAL G 283 -19.72 -36.70 46.08
C VAL G 283 -19.28 -35.26 45.79
N LEU G 284 -18.46 -35.09 44.75
CA LEU G 284 -18.15 -33.77 44.12
C LEU G 284 -18.89 -33.69 42.80
N THR G 285 -19.68 -32.64 42.58
CA THR G 285 -20.56 -32.55 41.39
C THR G 285 -20.95 -31.10 41.12
N ASP G 286 -21.23 -30.77 39.86
CA ASP G 286 -21.97 -29.54 39.49
C ASP G 286 -23.35 -29.95 38.95
N SER G 287 -23.70 -31.23 39.03
CA SER G 287 -25.01 -31.78 38.61
C SER G 287 -26.12 -31.33 39.57
N GLY G 288 -27.28 -30.94 39.03
CA GLY G 288 -28.48 -30.63 39.81
C GLY G 288 -29.10 -31.90 40.38
N GLY G 289 -29.25 -32.93 39.53
CA GLY G 289 -29.77 -34.25 39.90
C GLY G 289 -28.98 -34.86 41.03
N VAL G 290 -27.65 -34.91 40.91
CA VAL G 290 -26.77 -35.57 41.91
C VAL G 290 -26.88 -34.81 43.24
N GLN G 291 -27.02 -33.48 43.21
CA GLN G 291 -27.19 -32.65 44.43
C GLN G 291 -28.47 -33.04 45.19
N GLU G 292 -29.44 -33.66 44.49
CA GLU G 292 -30.75 -34.07 45.06
C GLU G 292 -30.65 -35.53 45.52
N GLU G 293 -29.95 -36.36 44.75
CA GLU G 293 -29.85 -37.83 44.95
C GLU G 293 -28.91 -38.12 46.12
N ALA G 294 -27.69 -37.55 46.12
CA ALA G 294 -26.61 -37.90 47.07
C ALA G 294 -27.06 -37.63 48.51
N PRO G 295 -27.62 -36.44 48.86
CA PRO G 295 -28.08 -36.18 50.22
C PRO G 295 -29.07 -37.25 50.71
N THR G 296 -29.93 -37.73 49.82
CA THR G 296 -30.99 -38.74 50.11
C THR G 296 -30.36 -40.09 50.46
N LEU G 297 -29.12 -40.38 50.03
CA LEU G 297 -28.36 -41.60 50.43
C LEU G 297 -27.38 -41.27 51.56
N GLY G 298 -27.54 -40.11 52.20
CA GLY G 298 -26.65 -39.62 53.28
C GLY G 298 -25.20 -39.51 52.85
N LYS G 299 -24.91 -39.13 51.61
CA LYS G 299 -23.54 -38.78 51.15
C LYS G 299 -23.37 -37.27 51.16
N PRO G 300 -22.39 -36.73 51.89
CA PRO G 300 -22.07 -35.31 51.81
C PRO G 300 -21.76 -34.92 50.36
N VAL G 301 -22.18 -33.73 49.95
CA VAL G 301 -21.99 -33.19 48.57
C VAL G 301 -21.17 -31.92 48.65
N LEU G 302 -20.07 -31.87 47.92
CA LEU G 302 -19.33 -30.63 47.63
C LEU G 302 -19.69 -30.19 46.21
N VAL G 303 -20.33 -29.03 46.09
CA VAL G 303 -20.88 -28.52 44.81
C VAL G 303 -19.81 -27.69 44.10
N LEU G 304 -19.44 -28.11 42.90
CA LEU G 304 -18.35 -27.51 42.08
C LEU G 304 -18.91 -26.32 41.30
N ARG G 305 -19.49 -25.36 42.01
CA ARG G 305 -20.16 -24.17 41.42
C ARG G 305 -20.09 -23.01 42.40
N ASP G 306 -20.31 -21.78 41.92
CA ASP G 306 -20.27 -20.52 42.71
C ASP G 306 -21.68 -20.16 43.20
N ARG G 307 -22.69 -20.89 42.73
CA ARG G 307 -24.13 -20.67 43.03
C ARG G 307 -24.84 -22.01 42.82
N THR G 308 -26.04 -22.16 43.36
CA THR G 308 -26.91 -23.35 43.13
C THR G 308 -28.37 -22.89 43.12
N GLU G 309 -29.24 -23.61 42.39
CA GLU G 309 -30.70 -23.41 42.42
C GLU G 309 -31.27 -24.29 43.53
N ARG G 310 -30.39 -25.02 44.24
CA ARG G 310 -30.74 -25.95 45.35
C ARG G 310 -30.18 -25.44 46.68
N PRO G 311 -30.68 -24.33 47.25
CA PRO G 311 -30.15 -23.78 48.50
C PRO G 311 -30.59 -24.57 49.75
N GLU G 312 -31.60 -25.43 49.62
CA GLU G 312 -32.18 -26.24 50.72
C GLU G 312 -31.07 -27.11 51.32
N GLY G 313 -30.31 -27.82 50.49
CA GLY G 313 -29.17 -28.66 50.94
C GLY G 313 -28.06 -27.82 51.55
N ILE G 314 -27.85 -26.59 51.08
CA ILE G 314 -26.85 -25.64 51.63
C ILE G 314 -27.29 -25.31 53.07
N ALA G 315 -28.53 -24.83 53.22
CA ALA G 315 -29.11 -24.35 54.49
C ALA G 315 -29.12 -25.49 55.53
N ALA G 316 -29.47 -26.71 55.11
CA ALA G 316 -29.58 -27.89 56.01
C ALA G 316 -28.20 -28.47 56.32
N GLY G 317 -27.16 -28.01 55.63
CA GLY G 317 -25.76 -28.48 55.81
C GLY G 317 -25.44 -29.79 55.09
N CYS G 318 -26.37 -30.34 54.29
CA CYS G 318 -26.17 -31.56 53.43
C CYS G 318 -25.06 -31.32 52.38
N ALA G 319 -24.86 -30.06 51.98
CA ALA G 319 -24.08 -29.67 50.79
C ALA G 319 -23.39 -28.33 51.03
N ARG G 320 -22.20 -28.15 50.46
CA ARG G 320 -21.43 -26.88 50.57
C ARG G 320 -20.95 -26.48 49.18
N LEU G 321 -21.09 -25.19 48.85
CA LEU G 321 -20.45 -24.57 47.67
C LEU G 321 -18.94 -24.59 47.87
N VAL G 322 -18.22 -24.92 46.80
CA VAL G 322 -16.76 -25.18 46.79
C VAL G 322 -16.16 -24.54 45.53
N GLY G 323 -16.99 -24.29 44.51
CA GLY G 323 -16.55 -23.67 43.25
C GLY G 323 -15.51 -24.53 42.56
N THR G 324 -14.53 -23.88 41.92
CA THR G 324 -13.48 -24.53 41.10
C THR G 324 -12.10 -24.09 41.61
N ASP G 325 -12.02 -23.72 42.90
CA ASP G 325 -10.75 -23.35 43.59
C ASP G 325 -10.10 -24.62 44.12
N PRO G 326 -8.90 -25.00 43.61
CA PRO G 326 -8.28 -26.27 44.00
C PRO G 326 -7.91 -26.32 45.50
N ALA G 327 -7.37 -25.23 46.06
CA ALA G 327 -7.00 -25.12 47.49
C ALA G 327 -8.22 -25.50 48.36
N LEU G 328 -9.37 -24.87 48.08
CA LEU G 328 -10.62 -25.06 48.85
C LEU G 328 -11.16 -26.49 48.68
N ILE G 329 -11.12 -27.05 47.46
CA ILE G 329 -11.60 -28.45 47.19
C ILE G 329 -10.74 -29.41 48.02
N VAL G 330 -9.42 -29.24 47.98
CA VAL G 330 -8.43 -30.08 48.74
C VAL G 330 -8.75 -29.99 50.24
N LYS G 331 -8.84 -28.77 50.78
CA LYS G 331 -9.15 -28.51 52.21
C LYS G 331 -10.46 -29.22 52.58
N GLU G 332 -11.52 -28.95 51.82
CA GLU G 332 -12.91 -29.36 52.11
C GLU G 332 -13.03 -30.89 52.04
N VAL G 333 -12.39 -31.53 51.07
CA VAL G 333 -12.40 -33.02 50.91
C VAL G 333 -11.62 -33.64 52.08
N GLY G 334 -10.47 -33.05 52.43
CA GLY G 334 -9.63 -33.48 53.56
C GLY G 334 -10.40 -33.42 54.87
N ARG G 335 -10.91 -32.24 55.21
CA ARG G 335 -11.80 -32.02 56.38
C ARG G 335 -12.73 -33.22 56.52
N LEU G 336 -13.50 -33.55 55.49
CA LEU G 336 -14.55 -34.61 55.54
C LEU G 336 -13.94 -36.01 55.69
N LEU G 337 -12.72 -36.22 55.20
CA LEU G 337 -12.08 -37.57 55.21
C LEU G 337 -11.40 -37.84 56.55
N ASP G 338 -10.86 -36.80 57.18
CA ASP G 338 -10.07 -36.89 58.44
C ASP G 338 -11.01 -36.79 59.64
N ASP G 339 -11.79 -35.71 59.72
CA ASP G 339 -12.60 -35.28 60.90
C ASP G 339 -14.01 -35.87 60.81
N PRO G 340 -14.33 -36.99 61.51
CA PRO G 340 -15.65 -37.60 61.42
C PRO G 340 -16.81 -36.76 61.95
N GLU G 341 -16.51 -35.68 62.69
CA GLU G 341 -17.52 -34.75 63.25
C GLU G 341 -18.06 -33.88 62.11
N ALA G 342 -17.18 -33.32 61.27
CA ALA G 342 -17.52 -32.53 60.07
C ALA G 342 -18.29 -33.41 59.07
N TYR G 343 -17.89 -34.67 58.93
CA TYR G 343 -18.54 -35.66 58.04
C TYR G 343 -19.99 -35.88 58.47
N GLU G 344 -20.23 -36.13 59.76
CA GLU G 344 -21.59 -36.45 60.29
C GLU G 344 -22.44 -35.19 60.29
N ALA G 345 -21.82 -34.00 60.35
CA ALA G 345 -22.50 -32.69 60.29
C ALA G 345 -23.16 -32.49 58.92
N MET G 346 -22.77 -33.27 57.89
CA MET G 346 -23.30 -33.16 56.50
C MET G 346 -24.24 -34.33 56.19
N ARG G 347 -24.69 -35.07 57.20
CA ARG G 347 -25.72 -36.15 57.08
C ARG G 347 -26.81 -35.93 58.13
N ARG G 348 -28.06 -36.29 57.85
CA ARG G 348 -29.18 -36.30 58.83
C ARG G 348 -29.94 -37.62 58.72
N CYS G 353 -34.92 -33.08 52.29
CA CYS G 353 -34.84 -31.74 51.64
C CYS G 353 -35.72 -31.71 50.36
N TYR G 354 -35.83 -32.81 49.60
CA TYR G 354 -36.33 -32.79 48.19
C TYR G 354 -37.48 -33.79 47.96
N GLY G 355 -38.20 -34.22 49.00
CA GLY G 355 -39.38 -35.09 48.88
C GLY G 355 -39.12 -36.54 49.30
N GLU G 356 -40.19 -37.33 49.44
CA GLU G 356 -40.20 -38.66 50.11
C GLU G 356 -40.09 -39.79 49.09
N GLY G 357 -40.33 -39.52 47.80
CA GLY G 357 -40.24 -40.52 46.72
C GLY G 357 -41.61 -40.94 46.22
N ASP G 358 -42.64 -40.11 46.47
CA ASP G 358 -44.06 -40.33 46.08
C ASP G 358 -44.54 -39.12 45.26
N ALA G 359 -43.62 -38.42 44.59
CA ALA G 359 -43.88 -37.17 43.85
C ALA G 359 -44.75 -37.45 42.61
N ALA G 360 -44.48 -38.56 41.91
CA ALA G 360 -45.25 -38.98 40.73
C ALA G 360 -46.74 -39.02 41.09
N ALA G 361 -47.09 -39.67 42.20
CA ALA G 361 -48.48 -39.81 42.69
C ALA G 361 -49.08 -38.42 42.97
N ARG G 362 -48.35 -37.56 43.66
CA ARG G 362 -48.83 -36.20 44.04
C ARG G 362 -49.06 -35.37 42.78
N CYS G 363 -48.23 -35.56 41.73
CA CYS G 363 -48.43 -34.91 40.41
C CYS G 363 -49.75 -35.40 39.80
N LEU G 364 -50.01 -36.71 39.86
CA LEU G 364 -51.23 -37.33 39.28
C LEU G 364 -52.47 -36.72 39.93
N GLU G 365 -52.49 -36.61 41.25
CA GLU G 365 -53.65 -36.06 42.00
C GLU G 365 -53.87 -34.60 41.61
N ALA G 366 -52.80 -33.85 41.34
CA ALA G 366 -52.90 -32.45 40.87
C ALA G 366 -53.54 -32.42 39.48
N LEU G 367 -53.08 -33.28 38.57
CA LEU G 367 -53.62 -33.38 37.18
C LEU G 367 -55.10 -33.77 37.24
N ARG G 368 -55.42 -34.83 38.00
CA ARG G 368 -56.81 -35.33 38.20
C ARG G 368 -57.68 -34.17 38.72
N GLU G 369 -57.26 -33.54 39.81
CA GLU G 369 -57.99 -32.43 40.43
C GLU G 369 -58.28 -31.33 39.39
N ARG G 370 -57.29 -30.97 38.57
CA ARG G 370 -57.35 -29.77 37.68
C ARG G 370 -58.14 -30.10 36.40
N TRP G 371 -57.86 -31.25 35.75
CA TRP G 371 -58.36 -31.53 34.38
C TRP G 371 -59.24 -32.78 34.30
N LEU G 372 -59.59 -33.42 35.43
CA LEU G 372 -60.51 -34.57 35.48
C LEU G 372 -61.56 -34.35 36.57
N SER G 373 -62.05 -33.11 36.66
CA SER G 373 -63.15 -32.73 37.58
C SER G 373 -64.01 -31.63 36.94
N SER G 374 -65.25 -31.49 37.43
CA SER G 374 -66.27 -30.55 36.89
C SER G 374 -66.99 -29.87 38.06
N PRO G 375 -67.35 -28.59 37.92
CA PRO G 375 -67.84 -27.80 39.05
C PRO G 375 -69.29 -28.17 39.42
N HIS H 1 45.40 -66.04 -11.53
CA HIS H 1 44.25 -65.22 -12.07
C HIS H 1 44.23 -63.83 -11.40
N MET H 2 43.82 -62.81 -12.16
CA MET H 2 43.88 -61.39 -11.81
C MET H 2 42.96 -61.10 -10.60
N ALA H 3 43.57 -60.58 -9.53
CA ALA H 3 42.86 -60.01 -8.37
C ALA H 3 42.80 -58.49 -8.49
N LEU H 4 41.61 -57.89 -8.26
CA LEU H 4 41.46 -56.43 -8.06
C LEU H 4 42.21 -56.05 -6.77
N ARG H 5 43.31 -55.33 -6.89
CA ARG H 5 44.13 -54.87 -5.73
C ARG H 5 43.45 -53.63 -5.12
N VAL H 6 42.84 -53.82 -3.95
CA VAL H 6 42.01 -52.81 -3.25
C VAL H 6 42.84 -52.19 -2.13
N GLY H 7 43.26 -50.94 -2.33
CA GLY H 7 43.93 -50.14 -1.29
C GLY H 7 42.97 -49.84 -0.16
N ILE H 8 43.46 -49.99 1.07
CA ILE H 8 42.70 -49.73 2.33
C ILE H 8 43.54 -48.73 3.13
N VAL H 9 43.08 -47.49 3.26
CA VAL H 9 43.88 -46.40 3.90
C VAL H 9 43.12 -45.90 5.12
N TYR H 10 43.78 -45.93 6.28
CA TYR H 10 43.23 -45.44 7.56
C TYR H 10 44.36 -44.98 8.48
N GLY H 11 44.02 -44.26 9.54
CA GLY H 11 44.98 -43.73 10.53
C GLY H 11 44.58 -43.96 11.97
N THR H 12 43.37 -44.46 12.24
CA THR H 12 42.74 -44.41 13.59
C THR H 12 41.98 -45.71 13.85
N ARG H 13 41.79 -46.03 15.14
CA ARG H 13 41.00 -47.19 15.66
C ARG H 13 39.64 -47.24 14.96
N PRO H 14 38.82 -46.17 15.04
CA PRO H 14 37.48 -46.18 14.46
C PRO H 14 37.46 -46.60 12.99
N GLU H 15 38.35 -46.05 12.17
CA GLU H 15 38.48 -46.38 10.73
C GLU H 15 38.81 -47.87 10.62
N ALA H 16 39.77 -48.35 11.40
CA ALA H 16 40.31 -49.74 11.32
C ALA H 16 39.18 -50.74 11.60
N ILE H 17 38.42 -50.52 12.69
CA ILE H 17 37.28 -51.39 13.10
C ILE H 17 36.27 -51.47 11.95
N LYS H 18 35.91 -50.34 11.37
CA LYS H 18 34.87 -50.28 10.30
C LYS H 18 35.42 -50.89 9.00
N LEU H 19 36.72 -50.82 8.76
CA LEU H 19 37.34 -51.34 7.52
C LEU H 19 37.66 -52.83 7.65
N ALA H 20 37.83 -53.34 8.88
CA ALA H 20 38.28 -54.73 9.16
C ALA H 20 37.36 -55.74 8.48
N PRO H 21 36.01 -55.68 8.64
CA PRO H 21 35.12 -56.62 7.97
C PRO H 21 35.34 -56.69 6.46
N LEU H 22 35.57 -55.53 5.83
CA LEU H 22 35.80 -55.39 4.36
C LEU H 22 37.15 -56.01 3.99
N VAL H 23 38.20 -55.73 4.77
CA VAL H 23 39.53 -56.37 4.57
C VAL H 23 39.36 -57.88 4.61
N LEU H 24 38.68 -58.41 5.64
CA LEU H 24 38.51 -59.88 5.82
C LEU H 24 37.78 -60.47 4.61
N ALA H 25 36.68 -59.83 4.16
CA ALA H 25 35.89 -60.26 3.00
C ALA H 25 36.77 -60.25 1.73
N LEU H 26 37.54 -59.19 1.54
CA LEU H 26 38.47 -59.04 0.38
C LEU H 26 39.53 -60.15 0.42
N ASP H 27 39.99 -60.53 1.62
CA ASP H 27 41.03 -61.58 1.82
C ASP H 27 40.43 -62.95 1.50
N ALA H 28 39.19 -63.21 1.93
CA ALA H 28 38.46 -64.48 1.73
C ALA H 28 38.16 -64.70 0.24
N ASP H 29 37.66 -63.68 -0.46
CA ASP H 29 37.22 -63.80 -1.87
C ASP H 29 38.46 -63.79 -2.77
N PRO H 30 38.61 -64.76 -3.70
CA PRO H 30 39.79 -64.84 -4.56
C PRO H 30 39.90 -63.74 -5.65
N GLY H 31 38.81 -63.05 -5.97
CA GLY H 31 38.74 -61.99 -6.99
C GLY H 31 39.41 -60.67 -6.57
N PHE H 32 39.75 -60.51 -5.28
CA PHE H 32 40.26 -59.25 -4.66
C PHE H 32 41.48 -59.52 -3.79
N GLU H 33 42.38 -58.54 -3.66
CA GLU H 33 43.51 -58.54 -2.69
C GLU H 33 43.55 -57.21 -1.95
N PRO H 34 43.35 -57.21 -0.61
CA PRO H 34 43.44 -55.99 0.17
C PRO H 34 44.90 -55.58 0.37
N VAL H 35 45.19 -54.28 0.21
CA VAL H 35 46.53 -53.69 0.42
C VAL H 35 46.37 -52.54 1.41
N ILE H 36 46.74 -52.79 2.66
CA ILE H 36 46.56 -51.81 3.77
C ILE H 36 47.76 -50.86 3.77
N ILE H 37 47.50 -49.55 3.80
CA ILE H 37 48.50 -48.48 4.01
C ILE H 37 47.98 -47.58 5.12
N THR H 38 48.69 -47.48 6.24
CA THR H 38 48.25 -46.67 7.40
C THR H 38 48.97 -45.32 7.37
N THR H 39 48.38 -44.30 7.99
CA THR H 39 48.95 -42.94 8.13
C THR H 39 49.23 -42.69 9.62
N GLY H 40 48.93 -43.66 10.49
CA GLY H 40 49.14 -43.55 11.95
C GLY H 40 50.59 -43.77 12.34
N LEU H 46 46.40 -49.10 17.60
CA LEU H 46 46.13 -49.66 16.24
C LEU H 46 46.62 -51.12 16.14
N ASP H 47 47.82 -51.41 16.63
CA ASP H 47 48.45 -52.76 16.62
C ASP H 47 47.53 -53.78 17.32
N GLU H 48 46.85 -53.36 18.40
CA GLU H 48 45.86 -54.20 19.14
C GLU H 48 44.73 -54.65 18.18
N ILE H 49 44.18 -53.71 17.40
CA ILE H 49 43.03 -53.93 16.47
C ILE H 49 43.53 -54.72 15.25
N ASN H 50 44.70 -54.35 14.73
CA ASN H 50 45.36 -55.06 13.60
C ASN H 50 45.50 -56.54 13.98
N GLU H 51 45.99 -56.84 15.19
CA GLU H 51 46.20 -58.22 15.71
C GLU H 51 44.85 -58.94 15.83
N LEU H 52 43.86 -58.29 16.46
CA LEU H 52 42.52 -58.87 16.74
C LEU H 52 41.85 -59.36 15.44
N PHE H 53 41.95 -58.59 14.33
CA PHE H 53 41.25 -58.88 13.06
C PHE H 53 42.23 -59.46 12.01
N GLY H 54 43.51 -59.59 12.35
CA GLY H 54 44.54 -60.14 11.45
C GLY H 54 44.84 -59.23 10.27
N LEU H 55 44.75 -57.91 10.48
CA LEU H 55 45.15 -56.87 9.50
C LEU H 55 46.69 -56.78 9.48
N ARG H 56 47.30 -56.84 8.30
CA ARG H 56 48.77 -56.77 8.11
C ARG H 56 49.11 -55.60 7.18
N PRO H 57 49.41 -54.40 7.72
CA PRO H 57 49.80 -53.25 6.89
C PRO H 57 51.03 -53.53 6.00
N ARG H 58 50.95 -53.19 4.71
CA ARG H 58 52.08 -53.29 3.76
C ARG H 58 53.00 -52.09 3.97
N HIS H 59 52.47 -50.91 4.32
CA HIS H 59 53.26 -49.68 4.61
C HIS H 59 52.60 -48.88 5.73
N ASN H 60 53.43 -48.25 6.57
CA ASN H 60 53.02 -47.32 7.66
C ASN H 60 53.76 -46.01 7.47
N LEU H 61 53.14 -45.02 6.81
CA LEU H 61 53.67 -43.62 6.78
C LEU H 61 53.56 -43.07 8.21
N ASP H 62 54.57 -42.36 8.68
CA ASP H 62 54.63 -41.91 10.09
C ASP H 62 54.23 -40.43 10.12
N ILE H 63 53.01 -40.13 9.66
CA ILE H 63 52.58 -38.74 9.33
C ILE H 63 51.81 -38.13 10.50
N MET H 64 50.85 -38.85 11.10
CA MET H 64 49.94 -38.29 12.14
C MET H 64 50.59 -38.33 13.53
N ARG H 65 50.61 -37.20 14.23
CA ARG H 65 51.21 -36.99 15.57
C ARG H 65 50.25 -36.09 16.37
N GLN H 68 49.81 -31.43 15.54
CA GLN H 68 50.24 -31.03 14.18
C GLN H 68 49.10 -30.23 13.52
N ARG H 69 49.44 -29.20 12.74
CA ARG H 69 48.50 -28.40 11.92
C ARG H 69 47.85 -29.31 10.86
N LEU H 70 46.56 -29.11 10.61
CA LEU H 70 45.78 -29.90 9.61
C LEU H 70 46.47 -29.77 8.24
N SER H 71 46.86 -28.55 7.84
CA SER H 71 47.52 -28.25 6.53
C SER H 71 48.80 -29.07 6.36
N ALA H 72 49.63 -29.17 7.39
CA ALA H 72 50.90 -29.93 7.34
C ALA H 72 50.60 -31.42 7.16
N MET H 73 49.61 -31.94 7.91
CA MET H 73 49.24 -33.37 7.84
C MET H 73 48.73 -33.71 6.43
N ALA H 74 47.76 -32.94 5.94
CA ALA H 74 47.12 -33.11 4.62
C ALA H 74 48.20 -33.03 3.53
N SER H 75 49.06 -32.02 3.62
CA SER H 75 50.19 -31.78 2.70
C SER H 75 51.04 -33.05 2.60
N ARG H 76 51.35 -33.69 3.72
CA ARG H 76 52.25 -34.87 3.76
C ARG H 76 51.53 -36.06 3.12
N ILE H 77 50.26 -36.30 3.43
CA ILE H 77 49.49 -37.46 2.88
C ILE H 77 49.36 -37.29 1.37
N VAL H 78 48.95 -36.11 0.91
CA VAL H 78 48.83 -35.78 -0.55
C VAL H 78 50.19 -35.99 -1.22
N GLY H 79 51.27 -35.54 -0.57
CA GLY H 79 52.64 -35.59 -1.09
C GLY H 79 53.18 -37.00 -1.20
N GLU H 80 52.86 -37.89 -0.25
CA GLU H 80 53.66 -39.12 0.00
C GLU H 80 52.87 -40.42 -0.22
N LEU H 81 51.54 -40.38 -0.31
CA LEU H 81 50.75 -41.65 -0.37
C LEU H 81 50.77 -42.21 -1.79
N GLY H 82 50.97 -41.37 -2.81
CA GLY H 82 51.04 -41.81 -4.21
C GLY H 82 52.01 -42.99 -4.41
N ASP H 83 53.23 -42.87 -3.89
CA ASP H 83 54.34 -43.84 -4.14
C ASP H 83 53.93 -45.23 -3.66
N PRO H 84 53.61 -45.42 -2.35
CA PRO H 84 53.16 -46.72 -1.86
C PRO H 84 51.97 -47.27 -2.64
N LEU H 85 51.04 -46.42 -3.09
CA LEU H 85 49.88 -46.88 -3.88
C LEU H 85 50.37 -47.42 -5.23
N LEU H 86 51.38 -46.78 -5.83
CA LEU H 86 51.91 -47.18 -7.16
C LEU H 86 52.75 -48.46 -7.00
N ASP H 87 53.68 -48.48 -6.01
CA ASP H 87 54.58 -49.63 -5.71
C ASP H 87 53.76 -50.90 -5.45
N GLU H 88 52.62 -50.78 -4.76
CA GLU H 88 51.76 -51.94 -4.40
C GLU H 88 50.77 -52.25 -5.52
N LEU H 89 50.81 -51.51 -6.62
CA LEU H 89 50.02 -51.80 -7.84
C LEU H 89 48.53 -51.80 -7.48
N VAL H 90 48.09 -50.80 -6.72
CA VAL H 90 46.68 -50.64 -6.28
C VAL H 90 45.84 -50.24 -7.50
N ASP H 91 44.69 -50.90 -7.69
CA ASP H 91 43.76 -50.65 -8.82
C ASP H 91 42.64 -49.70 -8.35
N VAL H 92 42.25 -49.80 -7.08
CA VAL H 92 41.10 -49.09 -6.45
C VAL H 92 41.45 -48.82 -4.99
N ALA H 93 41.10 -47.64 -4.48
CA ALA H 93 41.36 -47.28 -3.06
C ALA H 93 40.02 -47.10 -2.34
N VAL H 94 39.94 -47.63 -1.13
CA VAL H 94 38.79 -47.44 -0.21
C VAL H 94 39.25 -46.59 0.96
N VAL H 95 38.51 -45.54 1.28
CA VAL H 95 38.69 -44.70 2.50
C VAL H 95 37.37 -44.77 3.27
N GLN H 96 37.44 -44.57 4.59
CA GLN H 96 36.26 -44.68 5.49
C GLN H 96 36.01 -43.35 6.20
N GLY H 97 34.74 -42.94 6.26
CA GLY H 97 34.23 -41.95 7.23
C GLY H 97 34.56 -40.52 6.82
N ASP H 98 34.96 -39.71 7.81
CA ASP H 98 35.02 -38.24 7.74
C ASP H 98 36.43 -37.73 8.10
N THR H 99 37.41 -38.61 8.21
CA THR H 99 38.77 -38.26 8.71
C THR H 99 39.52 -37.45 7.65
N SER H 100 40.46 -36.61 8.07
CA SER H 100 41.32 -35.83 7.14
C SER H 100 42.21 -36.78 6.35
N THR H 101 42.49 -37.98 6.88
CA THR H 101 43.21 -39.06 6.16
C THR H 101 42.36 -39.50 4.96
N ALA H 102 41.09 -39.84 5.18
CA ALA H 102 40.19 -40.33 4.12
C ALA H 102 40.16 -39.33 2.98
N PHE H 103 40.10 -38.03 3.31
CA PHE H 103 40.06 -36.97 2.28
C PHE H 103 41.41 -36.89 1.55
N ALA H 104 42.50 -36.68 2.28
CA ALA H 104 43.84 -36.47 1.69
C ALA H 104 44.25 -37.72 0.88
N ALA H 105 44.00 -38.92 1.42
CA ALA H 105 44.29 -40.20 0.72
C ALA H 105 43.48 -40.29 -0.57
N ALA H 106 42.19 -39.94 -0.51
CA ALA H 106 41.31 -39.97 -1.70
C ALA H 106 41.87 -39.02 -2.76
N TYR H 107 42.28 -37.82 -2.36
CA TYR H 107 42.88 -36.84 -3.32
C TYR H 107 44.16 -37.42 -3.93
N ALA H 108 45.03 -37.99 -3.10
CA ALA H 108 46.29 -38.64 -3.55
C ALA H 108 45.97 -39.73 -4.57
N ALA H 109 45.00 -40.60 -4.26
CA ALA H 109 44.56 -41.68 -5.18
C ALA H 109 44.13 -41.06 -6.51
N ALA H 110 43.32 -39.98 -6.45
CA ALA H 110 42.75 -39.34 -7.66
C ALA H 110 43.88 -38.76 -8.52
N CYS H 111 44.93 -38.19 -7.90
CA CYS H 111 46.13 -37.67 -8.62
C CYS H 111 46.78 -38.77 -9.46
N GLU H 112 46.77 -40.03 -9.00
CA GLU H 112 47.35 -41.19 -9.72
C GLU H 112 46.27 -41.88 -10.59
N ARG H 113 45.12 -41.25 -10.79
CA ARG H 113 43.97 -41.82 -11.55
C ARG H 113 43.56 -43.20 -11.01
N ILE H 114 43.76 -43.41 -9.71
CA ILE H 114 43.24 -44.60 -8.96
C ILE H 114 41.80 -44.31 -8.52
N PRO H 115 40.79 -45.04 -9.05
CA PRO H 115 39.42 -44.85 -8.61
C PRO H 115 39.27 -45.04 -7.10
N VAL H 116 38.36 -44.30 -6.48
CA VAL H 116 38.12 -44.30 -5.00
C VAL H 116 36.69 -44.77 -4.72
N ALA H 117 36.57 -45.62 -3.71
CA ALA H 117 35.27 -45.99 -3.09
C ALA H 117 35.27 -45.46 -1.66
N HIS H 118 34.12 -45.00 -1.20
CA HIS H 118 33.95 -44.39 0.14
C HIS H 118 33.07 -45.29 1.00
N LEU H 119 33.63 -45.86 2.07
CA LEU H 119 32.89 -46.67 3.06
C LEU H 119 32.27 -45.73 4.10
N GLU H 120 30.97 -45.87 4.34
CA GLU H 120 30.15 -45.06 5.28
C GLU H 120 29.95 -43.66 4.69
N ALA H 121 29.22 -43.57 3.57
CA ALA H 121 29.03 -42.33 2.78
C ALA H 121 27.63 -41.76 3.04
N GLY H 122 27.52 -40.42 3.08
CA GLY H 122 26.24 -39.69 3.04
C GLY H 122 25.76 -39.18 4.40
N LEU H 123 26.42 -39.52 5.51
CA LEU H 123 26.00 -38.98 6.83
C LEU H 123 26.17 -37.46 6.81
N ARG H 124 25.14 -36.71 7.22
CA ARG H 124 25.14 -35.21 7.25
C ARG H 124 24.49 -34.74 8.55
N THR H 125 25.06 -33.72 9.18
CA THR H 125 24.46 -32.99 10.34
C THR H 125 23.44 -31.99 9.78
N GLY H 126 23.79 -31.33 8.67
CA GLY H 126 22.99 -30.27 8.03
C GLY H 126 23.51 -28.88 8.38
N ASP H 127 24.51 -28.78 9.27
CA ASP H 127 25.10 -27.50 9.75
C ASP H 127 26.52 -27.40 9.19
N ARG H 128 26.80 -26.33 8.44
CA ARG H 128 28.04 -26.16 7.61
C ARG H 128 29.28 -25.99 8.51
N PHE H 129 30.36 -26.72 8.20
CA PHE H 129 31.68 -26.70 8.91
C PHE H 129 31.50 -27.05 10.40
N GLU H 130 30.43 -27.78 10.73
CA GLU H 130 30.03 -28.15 12.11
C GLU H 130 29.74 -29.65 12.15
N PRO H 131 30.65 -30.51 12.65
CA PRO H 131 31.97 -30.10 13.14
C PRO H 131 33.01 -29.88 12.02
N PHE H 132 34.13 -29.23 12.35
CA PHE H 132 35.26 -28.99 11.40
C PHE H 132 36.45 -29.83 11.86
N PRO H 133 37.14 -30.57 10.97
CA PRO H 133 36.84 -30.55 9.53
C PRO H 133 35.96 -31.69 8.99
N GLU H 134 35.29 -32.47 9.86
CA GLU H 134 34.63 -33.74 9.47
C GLU H 134 33.58 -33.49 8.38
N GLU H 135 32.77 -32.45 8.53
CA GLU H 135 31.60 -32.20 7.65
C GLU H 135 32.12 -31.85 6.25
N ILE H 136 33.15 -31.01 6.16
CA ILE H 136 33.72 -30.62 4.83
C ILE H 136 34.46 -31.83 4.21
N ASN H 137 35.10 -32.66 5.02
CA ASN H 137 35.82 -33.88 4.53
C ASN H 137 34.84 -34.79 3.79
N ARG H 138 33.70 -35.09 4.40
CA ARG H 138 32.62 -35.93 3.81
C ARG H 138 32.24 -35.36 2.44
N ARG H 139 32.01 -34.05 2.36
CA ARG H 139 31.54 -33.42 1.10
C ARG H 139 32.65 -33.46 0.04
N LEU H 140 33.92 -33.36 0.43
CA LEU H 140 35.08 -33.42 -0.50
C LEU H 140 35.27 -34.87 -0.98
N ILE H 141 35.29 -35.83 -0.05
CA ILE H 141 35.43 -37.27 -0.40
C ILE H 141 34.30 -37.63 -1.36
N THR H 142 33.10 -37.10 -1.12
CA THR H 142 31.87 -37.41 -1.89
C THR H 142 32.09 -37.08 -3.37
N GLN H 143 32.77 -35.96 -3.68
CA GLN H 143 33.04 -35.55 -5.07
C GLN H 143 34.20 -36.37 -5.66
N LEU H 144 35.13 -36.86 -4.84
CA LEU H 144 36.31 -37.63 -5.33
C LEU H 144 35.91 -39.08 -5.62
N ALA H 145 35.06 -39.68 -4.79
CA ALA H 145 34.70 -41.12 -4.86
C ALA H 145 33.89 -41.42 -6.12
N ASP H 146 34.21 -42.54 -6.79
CA ASP H 146 33.43 -43.09 -7.94
C ASP H 146 32.26 -43.90 -7.39
N LEU H 147 32.43 -44.48 -6.20
CA LEU H 147 31.50 -45.46 -5.60
C LEU H 147 31.30 -45.10 -4.13
N HIS H 148 30.04 -45.13 -3.66
CA HIS H 148 29.64 -44.71 -2.30
C HIS H 148 28.87 -45.84 -1.63
N PHE H 149 29.40 -46.41 -0.55
CA PHE H 149 28.72 -47.44 0.29
C PHE H 149 27.97 -46.72 1.41
N ALA H 150 26.72 -46.35 1.15
CA ALA H 150 25.81 -45.68 2.10
C ALA H 150 25.30 -46.71 3.12
N PRO H 151 25.24 -46.36 4.42
CA PRO H 151 24.73 -47.28 5.43
C PRO H 151 23.20 -47.30 5.57
N THR H 152 22.50 -46.30 5.05
CA THR H 152 21.02 -46.17 5.14
C THR H 152 20.49 -45.51 3.88
N ALA H 153 19.17 -45.57 3.67
CA ALA H 153 18.49 -44.91 2.54
C ALA H 153 18.58 -43.38 2.72
N ASP H 154 18.47 -42.89 3.97
CA ASP H 154 18.63 -41.46 4.31
C ASP H 154 19.99 -40.94 3.78
N ALA H 155 21.07 -41.65 4.08
CA ALA H 155 22.45 -41.32 3.66
C ALA H 155 22.54 -41.30 2.13
N ALA H 156 21.94 -42.28 1.46
CA ALA H 156 21.91 -42.36 -0.02
C ALA H 156 21.25 -41.09 -0.57
N GLY H 157 20.16 -40.64 0.06
CA GLY H 157 19.46 -39.41 -0.37
C GLY H 157 20.37 -38.19 -0.31
N ASN H 158 21.15 -38.08 0.76
CA ASN H 158 22.07 -36.93 0.98
C ASN H 158 23.10 -36.88 -0.16
N LEU H 159 23.56 -38.04 -0.64
CA LEU H 159 24.52 -38.11 -1.78
C LEU H 159 23.85 -37.60 -3.06
N LEU H 160 22.62 -38.03 -3.33
CA LEU H 160 21.85 -37.58 -4.54
C LEU H 160 21.72 -36.06 -4.53
N ALA H 161 21.52 -35.47 -3.35
CA ALA H 161 21.32 -34.01 -3.16
C ALA H 161 22.62 -33.24 -3.46
N GLU H 162 23.77 -33.91 -3.45
CA GLU H 162 25.09 -33.28 -3.75
C GLU H 162 25.55 -33.68 -5.15
N GLY H 163 24.65 -34.28 -5.95
CA GLY H 163 24.82 -34.40 -7.41
C GLY H 163 25.39 -35.74 -7.82
N VAL H 164 25.51 -36.68 -6.89
CA VAL H 164 26.04 -38.04 -7.18
C VAL H 164 24.97 -38.79 -8.00
N ARG H 165 25.38 -39.45 -9.06
CA ARG H 165 24.53 -40.34 -9.90
C ARG H 165 24.07 -41.54 -9.04
N SER H 166 22.78 -41.86 -9.10
CA SER H 166 22.14 -42.99 -8.38
C SER H 166 22.91 -44.31 -8.56
N ASP H 167 23.47 -44.57 -9.75
CA ASP H 167 24.18 -45.85 -10.06
C ASP H 167 25.50 -45.96 -9.30
N ASP H 168 25.98 -44.88 -8.69
CA ASP H 168 27.26 -44.85 -7.94
C ASP H 168 27.00 -45.07 -6.45
N VAL H 169 25.74 -45.17 -6.03
CA VAL H 169 25.36 -45.29 -4.59
C VAL H 169 24.77 -46.67 -4.31
N TYR H 170 25.40 -47.45 -3.43
CA TYR H 170 24.86 -48.72 -2.90
C TYR H 170 24.55 -48.53 -1.41
N VAL H 171 23.32 -48.87 -1.00
CA VAL H 171 22.93 -48.94 0.43
C VAL H 171 23.38 -50.29 0.98
N THR H 172 24.57 -50.36 1.57
CA THR H 172 25.23 -51.60 2.03
C THR H 172 25.00 -51.84 3.53
N GLY H 173 24.49 -50.86 4.25
CA GLY H 173 24.51 -50.85 5.73
C GLY H 173 25.91 -50.59 6.25
N ASN H 174 26.07 -50.56 7.57
CA ASN H 174 27.33 -50.16 8.23
C ASN H 174 28.12 -51.41 8.63
N THR H 175 29.41 -51.43 8.28
CA THR H 175 30.35 -52.55 8.54
C THR H 175 30.62 -52.64 10.05
N VAL H 176 30.32 -51.60 10.82
CA VAL H 176 30.54 -51.62 12.29
C VAL H 176 29.68 -52.75 12.90
N ILE H 177 28.54 -53.06 12.28
CA ILE H 177 27.64 -54.15 12.74
C ILE H 177 28.32 -55.51 12.48
N ASP H 178 28.88 -55.70 11.27
CA ASP H 178 29.69 -56.90 10.93
C ASP H 178 30.76 -57.09 12.01
N ALA H 179 31.46 -56.01 12.36
CA ALA H 179 32.65 -56.01 13.25
C ALA H 179 32.23 -56.44 14.66
N MET H 180 31.10 -55.90 15.14
CA MET H 180 30.47 -56.29 16.43
C MET H 180 30.29 -57.81 16.46
N HIS H 181 29.65 -58.37 15.42
CA HIS H 181 29.32 -59.82 15.34
C HIS H 181 30.59 -60.65 15.38
N LEU H 182 31.68 -60.16 14.77
CA LEU H 182 32.96 -60.89 14.70
C LEU H 182 33.65 -60.95 16.07
N VAL H 183 33.29 -60.12 17.05
CA VAL H 183 33.93 -60.10 18.39
C VAL H 183 32.97 -60.65 19.46
N LEU H 184 31.68 -60.82 19.16
CA LEU H 184 30.71 -61.43 20.11
C LEU H 184 30.91 -62.96 20.12
N ASP H 185 31.45 -63.53 19.03
CA ASP H 185 31.95 -64.93 18.95
C ASP H 185 33.16 -65.05 19.90
N ASN H 192 37.01 -60.59 31.01
CA ASN H 192 37.79 -59.51 31.67
C ASN H 192 37.49 -59.53 33.18
N ARG H 193 38.47 -59.93 33.99
CA ARG H 193 38.29 -60.23 35.44
C ARG H 193 37.71 -59.00 36.18
N GLU H 194 38.43 -57.89 36.18
CA GLU H 194 38.12 -56.71 37.02
C GLU H 194 36.83 -56.03 36.53
N LEU H 195 36.61 -56.02 35.21
CA LEU H 195 35.42 -55.37 34.60
C LEU H 195 34.16 -56.14 35.03
N ASP H 196 34.21 -57.47 34.98
CA ASP H 196 33.10 -58.37 35.42
C ASP H 196 32.87 -58.19 36.92
N ALA H 197 33.95 -58.25 37.72
CA ALA H 197 33.92 -58.01 39.18
C ALA H 197 33.19 -56.70 39.48
N PHE H 198 33.43 -55.64 38.70
CA PHE H 198 32.90 -54.28 38.95
C PHE H 198 31.42 -54.19 38.55
N THR H 199 31.00 -54.90 37.50
CA THR H 199 29.65 -54.78 36.89
C THR H 199 28.67 -55.83 37.44
N GLU H 200 29.12 -57.09 37.59
CA GLU H 200 28.33 -58.34 37.87
C GLU H 200 26.86 -58.03 38.12
N GLY H 201 26.39 -57.95 39.37
CA GLY H 201 24.96 -57.87 39.69
C GLY H 201 24.50 -56.44 39.81
N ARG H 202 25.00 -55.51 38.99
CA ARG H 202 24.77 -54.03 39.19
C ARG H 202 24.35 -53.37 37.88
N GLN H 203 23.49 -52.36 37.98
CA GLN H 203 23.10 -51.46 36.86
C GLN H 203 24.29 -50.57 36.51
N THR H 204 24.90 -50.82 35.34
CA THR H 204 26.15 -50.17 34.86
C THR H 204 25.85 -49.29 33.64
N VAL H 205 26.12 -47.99 33.74
CA VAL H 205 26.09 -47.04 32.60
C VAL H 205 27.46 -47.03 31.90
N LEU H 206 27.50 -47.19 30.58
CA LEU H 206 28.72 -47.05 29.76
C LEU H 206 28.76 -45.62 29.20
N LEU H 207 29.86 -44.90 29.46
CA LEU H 207 30.08 -43.52 28.95
C LEU H 207 31.43 -43.45 28.21
N THR H 208 31.40 -42.97 26.97
CA THR H 208 32.59 -42.54 26.19
C THR H 208 32.31 -41.13 25.67
N MET H 209 33.31 -40.25 25.72
CA MET H 209 33.19 -38.85 25.26
C MET H 209 34.57 -38.41 24.79
N HIS H 210 34.67 -37.90 23.55
CA HIS H 210 35.97 -37.65 22.88
C HIS H 210 35.95 -36.44 21.95
N ARG H 211 34.80 -35.95 21.51
CA ARG H 211 34.73 -34.90 20.47
C ARG H 211 35.50 -33.66 20.95
N ARG H 212 36.37 -33.12 20.10
CA ARG H 212 37.30 -31.99 20.41
C ARG H 212 36.49 -30.76 20.85
N GLU H 213 35.37 -30.48 20.21
CA GLU H 213 34.54 -29.27 20.51
C GLU H 213 33.94 -29.34 21.92
N SER H 214 34.09 -30.46 22.64
CA SER H 214 33.52 -30.69 23.99
C SER H 214 34.61 -30.69 25.07
N TRP H 215 35.88 -30.68 24.67
CA TRP H 215 37.04 -30.69 25.61
C TRP H 215 36.93 -29.52 26.59
N GLY H 216 37.34 -29.74 27.84
CA GLY H 216 37.35 -28.70 28.89
C GLY H 216 36.01 -28.59 29.60
N ILE H 217 35.37 -27.42 29.53
CA ILE H 217 34.19 -27.09 30.37
C ILE H 217 33.10 -28.12 30.11
N PRO H 218 32.67 -28.37 28.85
CA PRO H 218 31.53 -29.24 28.57
C PRO H 218 31.72 -30.66 29.12
N MET H 219 32.91 -31.24 28.97
CA MET H 219 33.24 -32.55 29.59
C MET H 219 33.11 -32.48 31.12
N GLY H 220 33.58 -31.38 31.73
CA GLY H 220 33.42 -31.10 33.16
C GLY H 220 31.95 -31.18 33.56
N ARG H 221 31.07 -30.55 32.78
CA ARG H 221 29.61 -30.58 33.03
C ARG H 221 29.11 -32.03 33.00
N VAL H 222 29.55 -32.83 32.03
CA VAL H 222 29.13 -34.26 31.90
C VAL H 222 29.65 -35.05 33.10
N ALA H 223 30.90 -34.80 33.53
CA ALA H 223 31.51 -35.45 34.71
C ALA H 223 30.74 -35.06 35.97
N ALA H 224 30.29 -33.80 36.08
CA ALA H 224 29.44 -33.30 37.19
C ALA H 224 28.13 -34.10 37.24
N ALA H 225 27.49 -34.29 36.08
CA ALA H 225 26.24 -35.07 35.93
C ALA H 225 26.45 -36.50 36.43
N VAL H 226 27.58 -37.13 36.10
CA VAL H 226 27.91 -38.52 36.53
C VAL H 226 28.04 -38.53 38.05
N ALA H 227 28.64 -37.47 38.63
CA ALA H 227 28.84 -37.30 40.09
C ALA H 227 27.48 -37.20 40.79
N GLU H 228 26.61 -36.30 40.33
CA GLU H 228 25.26 -36.10 40.92
C GLU H 228 24.50 -37.42 40.91
N LEU H 229 24.40 -38.08 39.75
CA LEU H 229 23.70 -39.38 39.58
C LEU H 229 24.28 -40.42 40.56
N CYS H 230 25.60 -40.44 40.73
CA CYS H 230 26.31 -41.46 41.58
C CYS H 230 25.90 -41.31 43.05
N ARG H 231 25.96 -40.09 43.58
CA ARG H 231 25.64 -39.79 45.00
C ARG H 231 24.15 -40.09 45.24
N SER H 232 23.28 -39.67 44.31
CA SER H 232 21.81 -39.83 44.38
C SER H 232 21.39 -41.31 44.33
N ARG H 233 22.20 -42.19 43.73
CA ARG H 233 21.79 -43.59 43.40
C ARG H 233 22.90 -44.58 43.75
N PRO H 234 23.11 -44.86 45.05
CA PRO H 234 24.24 -45.67 45.51
C PRO H 234 24.50 -47.02 44.80
N THR H 235 23.47 -47.64 44.20
CA THR H 235 23.59 -48.96 43.51
C THR H 235 24.05 -48.76 42.07
N LEU H 236 23.99 -47.54 41.55
CA LEU H 236 24.37 -47.21 40.14
C LEU H 236 25.90 -47.26 40.00
N ARG H 237 26.37 -47.82 38.88
CA ARG H 237 27.79 -47.89 38.52
C ARG H 237 27.99 -47.26 37.13
N PHE H 238 29.13 -46.63 36.90
CA PHE H 238 29.61 -46.14 35.59
C PHE H 238 30.96 -46.77 35.26
N VAL H 239 31.12 -47.22 34.01
CA VAL H 239 32.43 -47.57 33.40
C VAL H 239 32.70 -46.53 32.32
N ILE H 240 33.84 -45.85 32.39
CA ILE H 240 34.24 -44.76 31.46
C ILE H 240 35.62 -45.07 30.90
N PRO H 241 35.69 -45.73 29.71
CA PRO H 241 36.93 -45.86 28.97
C PRO H 241 37.30 -44.49 28.39
N LEU H 242 38.49 -44.01 28.74
CA LEU H 242 38.94 -42.63 28.45
C LEU H 242 39.66 -42.60 27.11
N HIS H 243 39.24 -41.67 26.24
CA HIS H 243 39.95 -41.31 24.98
C HIS H 243 41.41 -41.01 25.32
N PRO H 244 42.39 -41.51 24.53
CA PRO H 244 43.80 -41.32 24.85
C PRO H 244 44.25 -39.90 24.47
N ASN H 245 43.90 -38.94 25.31
CA ASN H 245 44.40 -37.56 25.31
C ASN H 245 44.53 -37.10 26.76
N PRO H 246 45.66 -36.52 27.20
CA PRO H 246 45.85 -36.19 28.61
C PRO H 246 44.88 -35.14 29.15
N GLU H 247 44.34 -34.25 28.29
CA GLU H 247 43.38 -33.19 28.68
C GLU H 247 42.00 -33.82 28.97
N VAL H 248 41.63 -34.85 28.21
CA VAL H 248 40.36 -35.60 28.40
C VAL H 248 40.48 -36.43 29.70
N ARG H 249 41.60 -37.12 29.88
CA ARG H 249 41.83 -37.97 31.07
C ARG H 249 41.84 -37.11 32.34
N ARG H 250 42.33 -35.89 32.28
CA ARG H 250 42.51 -35.03 33.48
C ARG H 250 41.13 -34.54 33.95
N VAL H 251 40.25 -34.13 33.03
CA VAL H 251 38.91 -33.61 33.40
C VAL H 251 38.13 -34.71 34.11
N PHE H 252 38.12 -35.95 33.60
CA PHE H 252 37.38 -37.09 34.20
C PHE H 252 38.06 -37.50 35.52
N ARG H 253 39.38 -37.65 35.52
CA ARG H 253 40.17 -38.10 36.71
C ARG H 253 39.93 -37.11 37.86
N SER H 254 40.04 -35.81 37.59
CA SER H 254 39.94 -34.74 38.61
C SER H 254 38.50 -34.62 39.15
N HIS H 255 37.50 -35.07 38.41
CA HIS H 255 36.07 -34.99 38.81
C HIS H 255 35.58 -36.29 39.47
N LEU H 256 36.13 -37.47 39.13
CA LEU H 256 35.45 -38.77 39.43
C LEU H 256 36.38 -39.83 40.05
N SER H 257 37.69 -39.59 40.18
CA SER H 257 38.66 -40.68 40.51
C SER H 257 38.45 -41.19 41.95
N SER H 258 37.77 -40.43 42.81
CA SER H 258 37.52 -40.78 44.24
C SER H 258 36.24 -41.60 44.41
N LEU H 259 35.26 -41.45 43.51
CA LEU H 259 33.96 -42.17 43.55
C LEU H 259 34.19 -43.64 43.15
N THR H 260 33.96 -44.59 44.06
CA THR H 260 34.18 -46.04 43.78
C THR H 260 32.99 -46.61 42.98
N GLN H 261 31.94 -45.80 42.74
CA GLN H 261 30.82 -46.13 41.81
C GLN H 261 31.25 -45.99 40.34
N VAL H 262 32.31 -45.21 40.07
CA VAL H 262 32.87 -44.96 38.72
C VAL H 262 34.15 -45.80 38.57
N LEU H 263 34.27 -46.55 37.49
CA LEU H 263 35.54 -47.20 37.06
C LEU H 263 36.04 -46.49 35.80
N LEU H 264 37.02 -45.60 35.95
CA LEU H 264 37.74 -44.97 34.81
C LEU H 264 38.65 -46.04 34.23
N CYS H 265 38.67 -46.20 32.90
CA CYS H 265 39.47 -47.24 32.19
C CYS H 265 40.40 -46.60 31.18
N GLU H 266 41.49 -47.31 30.85
CA GLU H 266 42.28 -47.12 29.61
C GLU H 266 41.37 -47.51 28.45
N PRO H 267 41.65 -47.05 27.22
CA PRO H 267 40.94 -47.53 26.04
C PRO H 267 40.87 -49.06 26.09
N LEU H 268 39.69 -49.64 25.83
CA LEU H 268 39.47 -51.11 25.89
C LEU H 268 39.61 -51.68 24.48
N ARG H 269 40.20 -52.87 24.37
CA ARG H 269 40.26 -53.67 23.12
C ARG H 269 38.80 -53.90 22.68
N TYR H 270 38.57 -53.95 21.37
CA TYR H 270 37.21 -53.85 20.77
C TYR H 270 36.31 -54.94 21.37
N SER H 271 36.83 -56.16 21.54
CA SER H 271 36.10 -57.30 22.14
C SER H 271 35.64 -56.97 23.55
N GLU H 272 36.58 -56.60 24.44
CA GLU H 272 36.30 -56.19 25.84
C GLU H 272 35.25 -55.08 25.86
N PHE H 273 35.34 -54.13 24.91
CA PHE H 273 34.47 -52.93 24.89
C PHE H 273 33.05 -53.32 24.50
N ILE H 274 32.90 -54.17 23.48
CA ILE H 274 31.58 -54.62 22.98
C ILE H 274 30.91 -55.50 24.05
N ARG H 275 31.68 -56.36 24.71
CA ARG H 275 31.22 -57.19 25.85
C ARG H 275 30.64 -56.26 26.93
N LEU H 276 31.38 -55.24 27.33
CA LEU H 276 30.95 -54.26 28.36
C LEU H 276 29.64 -53.58 27.92
N MET H 277 29.54 -53.21 26.64
CA MET H 277 28.35 -52.50 26.12
C MET H 277 27.13 -53.43 26.24
N HIS H 278 27.35 -54.73 26.07
CA HIS H 278 26.33 -55.81 26.15
C HIS H 278 25.78 -55.90 27.59
N ARG H 279 26.63 -55.70 28.60
CA ARG H 279 26.28 -55.77 30.05
C ARG H 279 25.71 -54.44 30.56
N ALA H 280 25.93 -53.33 29.84
CA ALA H 280 25.51 -51.98 30.27
C ALA H 280 23.99 -51.90 30.24
N VAL H 281 23.38 -51.14 31.15
CA VAL H 281 21.91 -50.92 31.14
C VAL H 281 21.60 -49.81 30.12
N LEU H 282 22.48 -48.83 29.97
CA LEU H 282 22.35 -47.80 28.89
C LEU H 282 23.71 -47.15 28.61
N VAL H 283 23.77 -46.34 27.54
CA VAL H 283 25.03 -45.80 26.97
C VAL H 283 24.90 -44.27 26.81
N LEU H 284 25.85 -43.54 27.40
CA LEU H 284 26.08 -42.09 27.14
C LEU H 284 27.34 -41.96 26.28
N THR H 285 27.26 -41.29 25.13
CA THR H 285 28.40 -41.22 24.18
C THR H 285 28.25 -40.01 23.25
N ASP H 286 29.37 -39.49 22.74
CA ASP H 286 29.38 -38.58 21.56
C ASP H 286 30.04 -39.32 20.38
N SER H 287 30.33 -40.61 20.55
CA SER H 287 30.92 -41.47 19.50
C SER H 287 29.89 -41.76 18.40
N GLY H 288 30.33 -41.72 17.14
CA GLY H 288 29.52 -42.13 15.99
C GLY H 288 29.33 -43.64 15.97
N GLY H 289 30.43 -44.38 16.14
CA GLY H 289 30.45 -45.85 16.17
C GLY H 289 29.51 -46.39 17.24
N VAL H 290 29.64 -45.88 18.47
CA VAL H 290 28.85 -46.40 19.63
C VAL H 290 27.36 -46.11 19.37
N GLN H 291 27.02 -44.97 18.75
CA GLN H 291 25.62 -44.63 18.39
C GLN H 291 25.03 -45.67 17.43
N GLU H 292 25.86 -46.40 16.71
CA GLU H 292 25.45 -47.43 15.71
C GLU H 292 25.43 -48.81 16.39
N GLU H 293 26.39 -49.07 17.27
CA GLU H 293 26.60 -50.38 17.93
C GLU H 293 25.55 -50.58 19.04
N ALA H 294 25.38 -49.61 19.94
CA ALA H 294 24.55 -49.74 21.16
C ALA H 294 23.09 -50.05 20.79
N PRO H 295 22.43 -49.30 19.87
CA PRO H 295 21.06 -49.62 19.48
C PRO H 295 20.90 -51.07 19.01
N THR H 296 21.90 -51.61 18.32
CA THR H 296 21.91 -52.98 17.77
C THR H 296 21.95 -54.02 18.89
N LEU H 297 22.44 -53.68 20.09
CA LEU H 297 22.39 -54.56 21.30
C LEU H 297 21.18 -54.18 22.18
N GLY H 298 20.25 -53.39 21.66
CA GLY H 298 19.06 -52.90 22.38
C GLY H 298 19.40 -52.14 23.64
N LYS H 299 20.49 -51.36 23.64
CA LYS H 299 20.83 -50.42 24.75
C LYS H 299 20.40 -49.02 24.34
N PRO H 300 19.52 -48.35 25.11
CA PRO H 300 19.20 -46.95 24.87
C PRO H 300 20.48 -46.11 24.86
N VAL H 301 20.55 -45.12 23.97
CA VAL H 301 21.71 -44.21 23.81
C VAL H 301 21.26 -42.78 24.10
N LEU H 302 21.94 -42.12 25.03
CA LEU H 302 21.86 -40.67 25.23
C LEU H 302 23.11 -40.05 24.59
N VAL H 303 22.92 -39.23 23.55
CA VAL H 303 24.01 -38.66 22.73
C VAL H 303 24.43 -37.32 23.33
N LEU H 304 25.71 -37.25 23.71
CA LEU H 304 26.32 -36.09 24.42
C LEU H 304 26.74 -35.04 23.39
N ARG H 305 25.79 -34.59 22.56
CA ARG H 305 26.03 -33.64 21.45
C ARG H 305 24.76 -32.83 21.18
N ASP H 306 24.89 -31.72 20.46
CA ASP H 306 23.77 -30.80 20.11
C ASP H 306 23.21 -31.15 18.73
N ARG H 307 23.88 -32.05 18.02
CA ARG H 307 23.55 -32.50 16.65
C ARG H 307 24.13 -33.91 16.47
N THR H 308 23.67 -34.64 15.46
CA THR H 308 24.21 -35.96 15.07
C THR H 308 24.12 -36.11 13.55
N GLU H 309 25.03 -36.88 12.95
CA GLU H 309 24.98 -37.28 11.53
C GLU H 309 24.16 -38.57 11.43
N ARG H 310 23.67 -39.06 12.58
CA ARG H 310 22.89 -40.32 12.72
C ARG H 310 21.46 -40.02 13.19
N PRO H 311 20.60 -39.38 12.35
CA PRO H 311 19.24 -39.02 12.76
C PRO H 311 18.27 -40.22 12.78
N GLU H 312 18.65 -41.34 12.16
CA GLU H 312 17.85 -42.58 12.04
C GLU H 312 17.48 -43.07 13.46
N GLY H 313 18.48 -43.18 14.34
CA GLY H 313 18.28 -43.60 15.75
C GLY H 313 17.43 -42.60 16.51
N ILE H 314 17.54 -41.31 16.20
CA ILE H 314 16.72 -40.22 16.82
C ILE H 314 15.27 -40.48 16.43
N ALA H 315 15.00 -40.57 15.13
CA ALA H 315 13.65 -40.72 14.53
C ALA H 315 12.97 -41.99 15.06
N ALA H 316 13.71 -43.10 15.16
CA ALA H 316 13.17 -44.42 15.57
C ALA H 316 13.03 -44.48 17.09
N GLY H 317 13.56 -43.49 17.82
CA GLY H 317 13.49 -43.41 19.29
C GLY H 317 14.55 -44.26 20.00
N CYS H 318 15.49 -44.89 19.28
CA CYS H 318 16.64 -45.66 19.83
C CYS H 318 17.57 -44.76 20.67
N ALA H 319 17.60 -43.46 20.35
CA ALA H 319 18.63 -42.50 20.80
C ALA H 319 18.02 -41.11 20.96
N ARG H 320 18.50 -40.34 21.93
CA ARG H 320 18.03 -38.95 22.18
C ARG H 320 19.25 -38.04 22.33
N LEU H 321 19.19 -36.87 21.69
CA LEU H 321 20.14 -35.76 21.93
C LEU H 321 19.94 -35.25 23.36
N VAL H 322 21.05 -34.99 24.04
CA VAL H 322 21.13 -34.65 25.49
C VAL H 322 22.14 -33.52 25.68
N GLY H 323 23.06 -33.33 24.73
CA GLY H 323 24.10 -32.29 24.78
C GLY H 323 25.00 -32.49 25.99
N THR H 324 25.43 -31.38 26.58
CA THR H 324 26.40 -31.35 27.71
C THR H 324 25.77 -30.57 28.88
N ASP H 325 24.44 -30.53 28.94
CA ASP H 325 23.66 -29.90 30.05
C ASP H 325 23.49 -30.93 31.17
N PRO H 326 24.07 -30.68 32.36
CA PRO H 326 24.03 -31.67 33.44
C PRO H 326 22.61 -31.96 33.95
N ALA H 327 21.78 -30.93 34.09
CA ALA H 327 20.37 -31.07 34.54
C ALA H 327 19.64 -32.08 33.64
N LEU H 328 19.75 -31.90 32.31
CA LEU H 328 19.06 -32.74 31.30
C LEU H 328 19.64 -34.16 31.31
N ILE H 329 20.96 -34.34 31.43
CA ILE H 329 21.60 -35.69 31.49
C ILE H 329 21.05 -36.43 32.72
N VAL H 330 21.03 -35.76 33.87
CA VAL H 330 20.52 -36.32 35.17
C VAL H 330 19.07 -36.75 34.98
N LYS H 331 18.22 -35.84 34.50
CA LYS H 331 16.76 -36.10 34.25
C LYS H 331 16.62 -37.31 33.34
N GLU H 332 17.30 -37.29 32.19
CA GLU H 332 17.15 -38.28 31.10
C GLU H 332 17.62 -39.66 31.55
N VAL H 333 18.73 -39.73 32.29
CA VAL H 333 19.28 -41.02 32.82
C VAL H 333 18.32 -41.56 33.89
N GLY H 334 17.82 -40.68 34.77
CA GLY H 334 16.83 -41.01 35.82
C GLY H 334 15.57 -41.60 35.22
N ARG H 335 14.92 -40.83 34.33
CA ARG H 335 13.74 -41.28 33.55
C ARG H 335 13.93 -42.75 33.16
N LEU H 336 15.03 -43.09 32.48
CA LEU H 336 15.28 -44.44 31.92
C LEU H 336 15.52 -45.47 33.02
N LEU H 337 16.03 -45.07 34.18
CA LEU H 337 16.40 -46.00 35.27
C LEU H 337 15.16 -46.33 36.13
N ASP H 338 14.27 -45.35 36.31
CA ASP H 338 13.07 -45.44 37.20
C ASP H 338 11.90 -46.05 36.41
N ASP H 339 11.53 -45.41 35.29
CA ASP H 339 10.28 -45.64 34.51
C ASP H 339 10.54 -46.66 33.42
N PRO H 340 10.19 -47.97 33.61
CA PRO H 340 10.46 -48.99 32.60
C PRO H 340 9.73 -48.82 31.27
N GLU H 341 8.72 -47.95 31.21
CA GLU H 341 7.93 -47.65 29.98
C GLU H 341 8.79 -46.79 29.05
N ALA H 342 9.43 -45.74 29.59
CA ALA H 342 10.38 -44.86 28.86
C ALA H 342 11.59 -45.67 28.37
N TYR H 343 12.07 -46.60 29.21
CA TYR H 343 13.21 -47.50 28.89
C TYR H 343 12.87 -48.36 27.67
N GLU H 344 11.70 -49.02 27.67
CA GLU H 344 11.30 -49.96 26.60
C GLU H 344 10.95 -49.18 25.32
N ALA H 345 10.56 -47.91 25.46
CA ALA H 345 10.27 -47.00 24.33
C ALA H 345 11.56 -46.72 23.51
N MET H 346 12.74 -46.99 24.07
CA MET H 346 14.06 -46.74 23.41
C MET H 346 14.70 -48.05 22.98
N ARG H 347 13.94 -49.16 22.95
CA ARG H 347 14.40 -50.48 22.44
C ARG H 347 13.38 -50.98 21.40
N ILE H 351 13.14 -53.47 14.21
CA ILE H 351 13.78 -52.56 13.20
C ILE H 351 15.29 -52.57 13.43
N VAL H 352 16.07 -52.57 12.33
CA VAL H 352 17.53 -52.27 12.30
C VAL H 352 17.70 -50.94 11.57
N CYS H 353 18.29 -49.96 12.25
CA CYS H 353 18.55 -48.61 11.68
C CYS H 353 19.78 -48.64 10.75
N TYR H 354 20.81 -49.46 11.01
CA TYR H 354 22.17 -49.29 10.42
C TYR H 354 22.70 -50.56 9.74
N GLY H 355 21.83 -51.51 9.35
CA GLY H 355 22.22 -52.72 8.61
C GLY H 355 22.19 -53.98 9.45
N GLU H 356 22.30 -55.15 8.79
CA GLU H 356 22.03 -56.49 9.36
C GLU H 356 23.34 -57.18 9.80
N GLY H 357 24.49 -56.68 9.33
CA GLY H 357 25.82 -57.24 9.67
C GLY H 357 26.42 -57.99 8.50
N ASP H 358 25.96 -57.72 7.28
CA ASP H 358 26.40 -58.36 6.00
C ASP H 358 26.87 -57.27 5.03
N ALA H 359 27.31 -56.13 5.55
CA ALA H 359 27.68 -54.94 4.75
C ALA H 359 28.97 -55.19 3.95
N ALA H 360 29.93 -55.90 4.55
CA ALA H 360 31.20 -56.25 3.88
C ALA H 360 30.87 -56.95 2.55
N ALA H 361 29.98 -57.95 2.59
CA ALA H 361 29.56 -58.73 1.40
C ALA H 361 28.94 -57.80 0.35
N ARG H 362 28.02 -56.94 0.78
CA ARG H 362 27.28 -56.02 -0.14
C ARG H 362 28.27 -55.04 -0.77
N CYS H 363 29.32 -54.63 -0.04
CA CYS H 363 30.42 -53.77 -0.58
C CYS H 363 31.14 -54.53 -1.69
N LEU H 364 31.46 -55.81 -1.44
CA LEU H 364 32.21 -56.67 -2.40
C LEU H 364 31.44 -56.76 -3.72
N GLU H 365 30.13 -57.01 -3.65
CA GLU H 365 29.27 -57.17 -4.84
C GLU H 365 29.24 -55.85 -5.62
N ALA H 366 29.27 -54.71 -4.93
CA ALA H 366 29.32 -53.37 -5.57
C ALA H 366 30.67 -53.21 -6.29
N LEU H 367 31.78 -53.56 -5.64
CA LEU H 367 33.14 -53.49 -6.24
C LEU H 367 33.21 -54.39 -7.47
N ARG H 368 32.79 -55.66 -7.33
CA ARG H 368 32.76 -56.68 -8.41
C ARG H 368 31.94 -56.12 -9.58
N GLU H 369 30.72 -55.70 -9.31
CA GLU H 369 29.82 -55.12 -10.34
C GLU H 369 30.51 -53.98 -11.09
N ARG H 370 31.19 -53.08 -10.39
CA ARG H 370 31.73 -51.82 -10.97
C ARG H 370 33.06 -52.07 -11.69
N TRP H 371 33.99 -52.81 -11.09
CA TRP H 371 35.39 -52.89 -11.58
C TRP H 371 35.80 -54.32 -11.97
N LEU H 372 34.89 -55.30 -11.95
CA LEU H 372 35.18 -56.68 -12.42
C LEU H 372 34.05 -57.11 -13.37
N SER H 373 33.60 -56.21 -14.24
CA SER H 373 32.62 -56.49 -15.31
C SER H 373 32.92 -55.62 -16.54
N SER H 374 32.35 -55.99 -17.69
CA SER H 374 32.46 -55.29 -18.99
C SER H 374 31.08 -55.24 -19.65
N PRO H 375 30.78 -54.19 -20.44
CA PRO H 375 29.48 -54.07 -21.10
C PRO H 375 29.27 -55.08 -22.24
N1 UDP I . -7.17 0.02 12.12
C2 UDP I . -8.06 0.91 11.46
N3 UDP I . -9.02 1.54 12.15
C4 UDP I . -9.20 1.27 13.46
C5 UDP I . -8.35 0.41 14.14
C6 UDP I . -7.33 -0.24 13.44
O2 UDP I . -7.94 1.13 10.24
O4 UDP I . -10.10 1.82 14.10
C1' UDP I . -6.15 -0.69 11.36
C2' UDP I . -4.75 -0.72 11.96
O2' UDP I . -4.04 0.52 11.79
C3' UDP I . -4.20 -1.91 11.19
C4' UDP I . -5.40 -2.81 11.01
O4' UDP I . -6.56 -2.06 11.26
O3' UDP I . -3.69 -1.60 9.89
C5' UDP I . -5.33 -3.91 12.05
O5' UDP I . -6.53 -4.65 11.99
PA UDP I . -6.99 -5.55 13.23
O1A UDP I . -6.30 -5.09 14.49
O2A UDP I . -8.47 -5.40 13.16
O3A UDP I . -6.56 -7.06 12.86
PB UDP I . -5.10 -7.65 12.96
O1B UDP I . -4.90 -7.69 14.43
O2B UDP I . -4.32 -6.59 12.22
O3B UDP I . -5.04 -9.01 12.28
NA NA J . -2.08 -2.00 -14.74
N1 UDP K . -55.60 4.31 13.88
C2 UDP K . -55.31 4.90 12.63
N3 UDP K . -56.20 4.82 11.63
C4 UDP K . -57.37 4.17 11.77
C5 UDP K . -57.67 3.56 12.97
C6 UDP K . -56.73 3.62 14.02
O2 UDP K . -54.23 5.51 12.44
O4 UDP K . -58.18 4.12 10.79
C1' UDP K . -54.62 4.32 14.96
C2' UDP K . -55.02 4.76 16.36
O2' UDP K . -54.73 6.15 16.57
C3' UDP K . -54.05 3.94 17.21
C4' UDP K . -53.74 2.69 16.40
O4' UDP K . -54.24 2.93 15.08
O3' UDP K . -52.86 4.71 17.42
C5' UDP K . -54.43 1.47 16.96
O5' UDP K . -54.59 0.42 16.00
PA UDP K . -55.36 -0.87 16.61
O1A UDP K . -56.64 -0.36 17.22
O2A UDP K . -55.52 -1.81 15.42
O3A UDP K . -54.34 -1.52 17.65
PB UDP K . -54.49 -1.73 19.20
O1B UDP K . -54.32 -0.32 19.73
O2B UDP K . -53.35 -2.66 19.56
O3B UDP K . -55.83 -2.26 19.59
NA NA L . -28.48 9.68 15.94
N1 UDP M . 30.49 12.28 -35.62
C2 UDP M . 29.51 11.29 -35.49
N3 UDP M . 28.94 10.70 -36.55
C4 UDP M . 29.30 11.03 -37.80
C5 UDP M . 30.25 12.01 -37.97
C6 UDP M . 30.84 12.65 -36.88
O2 UDP M . 29.18 10.99 -34.35
O4 UDP M . 28.76 10.48 -38.78
C1' UDP M . 31.05 12.95 -34.45
C2' UDP M . 32.57 12.87 -34.26
O2' UDP M . 33.01 11.71 -33.55
C3' UDP M . 32.85 14.16 -33.51
C4' UDP M . 31.74 15.11 -33.92
O4' UDP M . 30.78 14.35 -34.67
O3' UDP M . 32.73 13.95 -32.12
C5' UDP M . 32.25 16.28 -34.72
O5' UDP M . 31.55 16.36 -35.97
PA UDP M . 31.30 17.82 -36.54
O1A UDP M . 30.92 18.50 -35.33
O2A UDP M . 30.40 17.76 -37.74
O3A UDP M . 32.64 18.65 -36.71
PB UDP M . 33.12 19.84 -35.66
O1B UDP M . 33.62 19.13 -34.41
O2B UDP M . 32.02 20.83 -35.48
O3B UDP M . 34.20 20.59 -36.43
NA NA N . 23.41 14.73 -8.76
N1 UDP O . -45.50 33.57 40.73
C2 UDP O . -45.76 32.88 41.96
N3 UDP O . -46.97 32.89 42.50
C4 UDP O . -47.97 33.58 41.92
C5 UDP O . -47.76 34.28 40.70
C6 UDP O . -46.50 34.25 40.13
O2 UDP O . -44.87 32.24 42.56
O4 UDP O . -49.09 33.52 42.50
C1' UDP O . -44.11 33.49 40.23
C2' UDP O . -43.90 33.17 38.77
O2' UDP O . -43.71 31.79 38.54
C3' UDP O . -42.61 33.86 38.41
C4' UDP O . -42.68 35.10 39.29
O4' UDP O . -43.55 34.78 40.39
O3' UDP O . -41.44 33.07 38.63
C5' UDP O . -43.25 36.28 38.48
O5' UDP O . -43.45 37.44 39.29
PA UDP O . -44.13 38.78 38.68
O1A UDP O . -44.60 39.44 39.94
O2A UDP O . -45.07 38.51 37.57
O3A UDP O . -42.91 39.67 38.07
PB UDP O . -42.31 39.72 36.59
O1B UDP O . -41.09 40.57 36.82
O2B UDP O . -43.36 40.36 35.73
O3B UDP O . -41.90 38.37 36.14
NA NA P . -19.71 27.13 49.19
N1 UDP Q . 24.01 52.38 -63.81
C2 UDP Q . 23.91 53.66 -63.21
N3 UDP Q . 24.84 54.07 -62.37
C4 UDP Q . 25.83 53.27 -62.03
C5 UDP Q . 25.96 51.99 -62.56
C6 UDP Q . 25.01 51.56 -63.47
O2 UDP Q . 23.01 54.51 -63.49
O4 UDP Q . 26.63 53.72 -61.19
C1' UDP Q . 22.97 51.90 -64.72
C2' UDP Q . 23.35 51.46 -66.13
O2' UDP Q . 23.28 52.57 -67.01
C3' UDP Q . 22.29 50.41 -66.49
C4' UDP Q . 21.88 49.86 -65.12
O4' UDP Q . 22.42 50.73 -64.14
O3' UDP Q . 21.17 50.96 -67.22
C5' UDP Q . 22.46 48.48 -64.83
O5' UDP Q . 22.57 48.23 -63.40
PA UDP Q . 23.22 46.83 -62.91
O1A UDP Q . 23.26 46.78 -61.40
O2A UDP Q . 24.55 46.69 -63.65
O3A UDP Q . 22.11 45.82 -63.41
PB UDP Q . 22.11 44.63 -64.50
O1B UDP Q . 20.86 43.91 -64.04
O2B UDP Q . 23.31 43.76 -64.48
O3B UDP Q . 21.86 45.34 -65.79
NA NA R . -2.34 58.77 -70.15
N1 UDP S . 45.13 -15.08 -24.34
C2 UDP S . 46.18 -14.10 -24.39
N3 UDP S . 47.13 -14.21 -25.32
C4 UDP S . 47.14 -15.25 -26.18
C5 UDP S . 46.15 -16.22 -26.13
C6 UDP S . 45.14 -16.12 -25.19
O2 UDP S . 46.24 -13.11 -23.64
O4 UDP S . 48.06 -15.33 -27.03
C1' UDP S . 44.06 -15.01 -23.34
C2' UDP S . 42.62 -15.00 -23.80
O2' UDP S . 42.24 -13.68 -24.23
C3' UDP S . 41.88 -15.53 -22.57
C4' UDP S . 42.92 -16.39 -21.84
O4' UDP S . 44.11 -16.22 -22.61
O3' UDP S . 41.46 -14.54 -21.61
C5' UDP S . 42.66 -17.90 -21.72
O5' UDP S . 43.91 -18.56 -21.93
PA UDP S . 44.00 -20.14 -22.11
O1A UDP S . 45.44 -20.54 -22.10
O2A UDP S . 43.40 -20.52 -23.42
O3A UDP S . 43.28 -20.70 -20.79
PB UDP S . 41.80 -21.37 -20.69
O1B UDP S . 41.76 -22.27 -19.49
O2B UDP S . 40.94 -20.13 -20.66
O3B UDP S . 41.69 -22.23 -21.91
NA NA T . 41.13 0.01 -1.45
N1 UDP U . -26.17 -39.72 35.96
C2 UDP U . -26.00 -40.97 35.33
N3 UDP U . -24.83 -41.40 34.92
C4 UDP U . -23.75 -40.64 35.09
C5 UDP U . -23.86 -39.39 35.71
C6 UDP U . -25.10 -38.94 36.14
O2 UDP U . -26.96 -41.74 35.11
O4 UDP U . -22.64 -41.06 34.68
C1' UDP U . -27.50 -39.26 36.39
C2' UDP U . -27.63 -38.72 37.81
O2' UDP U . -28.16 -39.69 38.70
C3' UDP U . -28.75 -37.72 37.68
C4' UDP U . -28.71 -37.25 36.24
O4' UDP U . -27.91 -38.20 35.51
O3' UDP U . -30.01 -38.37 37.87
C5' UDP U . -28.13 -35.83 36.20
O5' UDP U . -27.64 -35.62 34.90
PA UDP U . -26.77 -34.30 34.59
O1A UDP U . -25.83 -34.06 35.72
O2A UDP U . -26.23 -34.48 33.20
O3A UDP U . -27.91 -33.17 34.49
PB UDP U . -28.19 -31.98 35.51
O1B UDP U . -28.62 -32.67 36.80
O2B UDP U . -26.93 -31.15 35.71
O3B UDP U . -29.30 -31.44 34.66
NA NA V . -53.00 -45.68 31.73
N1 UDP W . 35.73 -48.48 21.03
C2 UDP W . 36.59 -49.44 21.54
N3 UDP W . 37.13 -49.31 22.75
C4 UDP W . 36.87 -48.22 23.49
C5 UDP W . 36.04 -47.21 23.00
C6 UDP W . 35.47 -47.36 21.75
O2 UDP W . 36.83 -50.44 20.87
O4 UDP W . 37.41 -48.10 24.64
C1' UDP W . 35.19 -48.66 19.68
C2' UDP W . 33.67 -48.60 19.57
O2' UDP W . 33.04 -49.88 19.79
C3' UDP W . 33.50 -47.99 18.17
C4' UDP W . 34.69 -47.07 18.01
O4' UDP W . 35.68 -47.57 18.91
O3' UDP W . 33.61 -48.95 17.09
C5' UDP W . 34.35 -45.63 18.33
O5' UDP W . 35.46 -44.81 17.93
PA UDP W . 35.59 -43.34 18.54
O1A UDP W . 34.45 -42.99 19.45
O2A UDP W . 36.94 -43.28 19.16
O3A UDP W . 35.45 -42.52 17.18
PB UDP W . 34.06 -42.16 16.46
O1B UDP W . 33.47 -41.14 17.36
O2B UDP W . 33.33 -43.48 16.27
O3B UDP W . 34.50 -41.56 15.15
NA NA X . 41.62 -62.75 -1.95
#